data_6DM8
#
_entry.id   6DM8
#
_cell.length_a   76.206
_cell.length_b   104.153
_cell.length_c   146.206
_cell.angle_alpha   89.86
_cell.angle_beta   89.80
_cell.angle_gamma   89.97
#
_symmetry.space_group_name_H-M   'P 1'
#
loop_
_entity.id
_entity.type
_entity.pdbx_description
1 polymer 'Induced myeloid leukemia cell differentiation protein Mcl-1 homolog - MBP chimera'
2 branched alpha-D-glucopyranose-(1-4)-alpha-D-glucopyranose
3 non-polymer '4-{8-chloro-11-[3-(4-chloro-3,5-dimethylphenoxy)propyl]-1-oxo-7-(1,3,5-trimethyl-1H-pyrazol-4-yl)-4,5-dihydro-1H-[1,4]diazepino[1,2-a]indol-2(3H)-yl}-1-methyl-1H-indole-6-carboxylic acid'
4 water water
#
_entity_poly.entity_id   1
_entity_poly.type   'polypeptide(L)'
_entity_poly.pdbx_seq_one_letter_code
;GKIEEGKLVIWINGDKGYNGLAEVGKKFEKDTGIKVTVEHPDKLEEKFPQVAATGDGPDIIFWAHDRFGGYAQSGLLAEI
TPDKAFQDKLYPFTWDAVRYNGKLIAYPIAVEALSLIYNKDLLPNPPKTWEEIPALDKELKAKGKSALMFNLQEPYFTWP
LIAADGGYAFKYENGKYDIKDVGVDNAGAKAGLTFLVDLIKNKHMNADTDYSIAEAAFNKGETAMTINGPWAWSNIDTSK
VNYGVTVLPTFKGQPSKPFVGVLSAGINAASPNKELAKEFLENYLLTDEGLEAVNKDKPLGAVALKSYEEELAKDPRIAA
TMENAQKGEIMPNIPQMSAFWYAVRTAVINAASGRQTVDEALKDAQTGSDLYRQSLEIISRYLREQATGSKDSKPLGEAG
AAGRRALETLRRVGDGVQRNHETAFQGMLRKLDIKNEGDVKSFSRVMVHVFKDGVTNWGRIVTLISFGAFVAKHLKSVNQ
ESFIEPLAETITDVLVRTKRDWLVKQRGWDGFVEFFHV
;
_entity_poly.pdbx_strand_id   A,B,C,D,E,F,G,H
#
loop_
_chem_comp.id
_chem_comp.type
_chem_comp.name
_chem_comp.formula
6AK non-polymer '4-{8-chloro-11-[3-(4-chloro-3,5-dimethylphenoxy)propyl]-1-oxo-7-(1,3,5-trimethyl-1H-pyrazol-4-yl)-4,5-dihydro-1H-[1,4]diazepino[1,2-a]indol-2(3H)-yl}-1-methyl-1H-indole-6-carboxylic acid' 'C39 H39 Cl2 N5 O4'
GLC D-saccharide, alpha linking alpha-D-glucopyranose 'C6 H12 O6'
#
# COMPACT_ATOMS: atom_id res chain seq x y z
N GLY A 1 -8.19 47.36 5.38
CA GLY A 1 -7.98 46.11 4.67
C GLY A 1 -8.10 44.89 5.56
N LYS A 2 -7.75 43.72 5.00
CA LYS A 2 -7.79 42.46 5.73
C LYS A 2 -6.41 41.92 6.06
N ILE A 3 -5.35 42.52 5.55
CA ILE A 3 -3.99 42.12 5.88
C ILE A 3 -3.43 43.11 6.89
N GLU A 4 -2.87 42.58 7.98
CA GLU A 4 -2.33 43.42 9.04
C GLU A 4 -1.09 44.17 8.56
N GLU A 5 -0.99 45.44 8.93
CA GLU A 5 0.17 46.25 8.60
C GLU A 5 1.17 46.23 9.74
N GLY A 6 2.45 46.14 9.39
CA GLY A 6 3.52 46.06 10.36
C GLY A 6 4.16 44.71 10.51
N LYS A 7 3.82 43.74 9.66
CA LYS A 7 4.39 42.40 9.74
C LYS A 7 4.26 41.74 8.37
N LEU A 8 4.98 40.64 8.20
CA LEU A 8 4.96 39.85 6.98
C LEU A 8 4.48 38.45 7.30
N VAL A 9 3.47 37.99 6.55
CA VAL A 9 2.98 36.62 6.63
C VAL A 9 3.29 35.96 5.30
N ILE A 10 4.02 34.84 5.35
CA ILE A 10 4.55 34.19 4.16
C ILE A 10 3.97 32.78 4.06
N TRP A 11 3.58 32.40 2.85
CA TRP A 11 3.05 31.07 2.56
C TRP A 11 4.06 30.29 1.72
N ILE A 12 4.56 29.19 2.28
CA ILE A 12 5.50 28.32 1.59
C ILE A 12 5.08 26.87 1.83
N ASN A 13 5.34 26.01 0.85
CA ASN A 13 4.88 24.63 0.96
C ASN A 13 5.64 23.88 2.05
N GLY A 14 5.02 22.78 2.50
CA GLY A 14 5.55 22.07 3.65
C GLY A 14 6.79 21.24 3.37
N ASP A 15 6.98 20.83 2.12
CA ASP A 15 8.19 20.06 1.81
C ASP A 15 9.42 20.93 1.70
N LYS A 16 9.27 22.25 1.65
CA LYS A 16 10.40 23.16 1.57
C LYS A 16 10.86 23.56 2.97
N GLY A 17 11.97 24.31 3.00
CA GLY A 17 12.53 24.75 4.27
C GLY A 17 11.78 25.90 4.89
N TYR A 18 10.58 25.62 5.41
CA TYR A 18 9.80 26.69 6.03
C TYR A 18 10.40 27.13 7.36
N ASN A 19 11.05 26.21 8.09
CA ASN A 19 11.73 26.60 9.31
C ASN A 19 12.97 27.43 8.99
N GLY A 20 13.78 26.97 8.03
CA GLY A 20 14.95 27.74 7.63
C GLY A 20 14.59 29.14 7.16
N LEU A 21 13.44 29.28 6.50
CA LEU A 21 12.95 30.61 6.14
C LEU A 21 12.49 31.37 7.37
N ALA A 22 11.95 30.67 8.38
CA ALA A 22 11.44 31.34 9.57
C ALA A 22 12.56 31.99 10.36
N GLU A 23 13.73 31.35 10.43
CA GLU A 23 14.86 31.95 11.12
C GLU A 23 15.46 33.11 10.34
N VAL A 24 15.23 33.17 9.03
CA VAL A 24 15.53 34.40 8.28
C VAL A 24 14.62 35.52 8.76
N GLY A 25 13.35 35.20 9.05
CA GLY A 25 12.45 36.20 9.59
C GLY A 25 12.78 36.60 11.01
N LYS A 26 13.28 35.65 11.81
CA LYS A 26 13.80 36.00 13.12
C LYS A 26 14.97 36.97 12.99
N LYS A 27 15.87 36.72 12.03
CA LYS A 27 16.89 37.70 11.71
C LYS A 27 16.26 38.99 11.20
N PHE A 28 15.19 38.88 10.40
CA PHE A 28 14.50 40.08 9.97
C PHE A 28 13.88 40.82 11.15
N GLU A 29 13.41 40.09 12.16
CA GLU A 29 12.85 40.77 13.32
C GLU A 29 13.92 41.36 14.22
N LYS A 30 15.13 40.79 14.19
CA LYS A 30 16.14 41.18 15.17
C LYS A 30 16.78 42.52 14.82
N ASP A 31 17.07 42.75 13.54
CA ASP A 31 17.57 44.05 13.10
C ASP A 31 16.46 45.07 12.90
N THR A 32 15.24 44.62 12.62
CA THR A 32 14.17 45.48 12.16
C THR A 32 13.07 45.70 13.19
N GLY A 33 12.78 44.71 14.02
CA GLY A 33 11.68 44.80 14.95
C GLY A 33 10.34 44.37 14.40
N ILE A 34 10.25 44.13 13.10
CA ILE A 34 9.00 43.70 12.46
C ILE A 34 8.94 42.18 12.51
N LYS A 35 7.82 41.66 13.00
CA LYS A 35 7.64 40.22 13.10
C LYS A 35 7.34 39.61 11.74
N VAL A 36 7.87 38.42 11.51
CA VAL A 36 7.65 37.68 10.27
C VAL A 36 7.12 36.29 10.64
N THR A 37 5.91 35.98 10.17
CA THR A 37 5.26 34.71 10.46
C THR A 37 5.22 33.88 9.19
N VAL A 38 5.81 32.69 9.24
CA VAL A 38 5.82 31.76 8.11
C VAL A 38 4.92 30.59 8.42
N GLU A 39 3.98 30.31 7.53
CA GLU A 39 3.09 29.17 7.66
C GLU A 39 3.19 28.30 6.41
N HIS A 40 2.83 27.03 6.58
CA HIS A 40 2.86 26.07 5.47
C HIS A 40 1.48 25.41 5.35
N PRO A 41 0.54 26.10 4.71
CA PRO A 41 -0.80 25.51 4.52
C PRO A 41 -0.78 24.41 3.48
N ASP A 42 -1.76 23.54 3.59
CA ASP A 42 -1.96 22.45 2.64
C ASP A 42 -2.81 22.94 1.47
N LYS A 43 -2.56 22.37 0.29
CA LYS A 43 -3.18 22.82 -0.96
C LYS A 43 -2.95 24.31 -1.15
N LEU A 44 -1.69 24.71 -1.00
CA LEU A 44 -1.34 26.13 -1.05
C LEU A 44 -1.62 26.72 -2.42
N GLU A 45 -1.36 25.94 -3.48
CA GLU A 45 -1.48 26.46 -4.84
C GLU A 45 -2.92 26.80 -5.19
N GLU A 46 -3.89 26.19 -4.52
CA GLU A 46 -5.30 26.47 -4.78
C GLU A 46 -5.89 27.48 -3.81
N LYS A 47 -5.41 27.52 -2.57
CA LYS A 47 -6.01 28.40 -1.58
C LYS A 47 -5.53 29.84 -1.71
N PHE A 48 -4.32 30.05 -2.26
CA PHE A 48 -3.88 31.43 -2.47
C PHE A 48 -4.74 32.18 -3.47
N PRO A 49 -5.00 31.68 -4.68
CA PRO A 49 -5.83 32.46 -5.61
C PRO A 49 -7.26 32.67 -5.13
N GLN A 50 -7.78 31.79 -4.27
CA GLN A 50 -9.14 31.96 -3.77
C GLN A 50 -9.20 33.10 -2.76
N VAL A 51 -8.29 33.12 -1.79
CA VAL A 51 -8.32 34.17 -0.77
C VAL A 51 -7.70 35.47 -1.25
N ALA A 52 -6.84 35.43 -2.28
CA ALA A 52 -6.23 36.67 -2.78
C ALA A 52 -7.16 37.44 -3.70
N ALA A 53 -8.09 36.73 -4.37
CA ALA A 53 -9.07 37.43 -5.21
C ALA A 53 -10.03 38.25 -4.37
N THR A 54 -10.26 37.84 -3.12
CA THR A 54 -11.09 38.61 -2.20
C THR A 54 -10.28 39.66 -1.42
N GLY A 55 -9.01 39.86 -1.79
CA GLY A 55 -8.21 40.87 -1.13
C GLY A 55 -7.65 40.48 0.21
N ASP A 56 -7.36 39.19 0.41
CA ASP A 56 -6.73 38.70 1.63
C ASP A 56 -5.63 37.72 1.25
N GLY A 57 -4.95 37.19 2.26
CA GLY A 57 -3.91 36.21 2.05
C GLY A 57 -2.59 36.64 2.66
N PRO A 58 -1.52 35.96 2.28
CA PRO A 58 -0.20 36.30 2.81
C PRO A 58 0.39 37.50 2.10
N ASP A 59 1.44 38.05 2.72
CA ASP A 59 2.20 39.12 2.06
C ASP A 59 3.06 38.54 0.94
N ILE A 60 3.67 37.38 1.17
CA ILE A 60 4.53 36.72 0.20
C ILE A 60 4.06 35.28 0.05
N ILE A 61 4.03 34.79 -1.18
CA ILE A 61 3.64 33.43 -1.50
C ILE A 61 4.81 32.73 -2.20
N PHE A 62 5.07 31.49 -1.80
CA PHE A 62 6.18 30.71 -2.34
C PHE A 62 5.64 29.49 -3.08
N TRP A 63 6.10 29.30 -4.32
CA TRP A 63 5.72 28.17 -5.15
C TRP A 63 6.60 28.18 -6.39
N ALA A 64 6.52 27.11 -7.17
CA ALA A 64 7.18 27.09 -8.47
C ALA A 64 6.53 28.13 -9.40
N HIS A 65 7.32 28.55 -10.40
CA HIS A 65 6.92 29.68 -11.24
C HIS A 65 5.67 29.40 -12.07
N ASP A 66 5.33 28.14 -12.30
CA ASP A 66 4.27 27.81 -13.25
C ASP A 66 2.93 28.40 -12.85
N ARG A 67 2.71 28.60 -11.55
CA ARG A 67 1.43 29.10 -11.07
C ARG A 67 1.33 30.62 -11.07
N PHE A 68 2.46 31.33 -11.08
CA PHE A 68 2.42 32.78 -10.88
C PHE A 68 1.81 33.50 -12.06
N GLY A 69 1.98 32.99 -13.28
CA GLY A 69 1.43 33.66 -14.45
C GLY A 69 -0.08 33.73 -14.41
N GLY A 70 -0.74 32.67 -13.94
CA GLY A 70 -2.17 32.73 -13.74
C GLY A 70 -2.56 33.72 -12.65
N TYR A 71 -1.83 33.67 -11.53
CA TYR A 71 -2.07 34.64 -10.46
C TYR A 71 -1.91 36.07 -10.97
N ALA A 72 -0.91 36.30 -11.82
CA ALA A 72 -0.73 37.63 -12.40
C ALA A 72 -1.89 37.99 -13.33
N GLN A 73 -2.32 37.05 -14.18
CA GLN A 73 -3.47 37.30 -15.05
C GLN A 73 -4.70 37.67 -14.27
N SER A 74 -4.86 37.09 -13.09
CA SER A 74 -5.96 37.39 -12.21
C SER A 74 -5.70 38.62 -11.36
N GLY A 75 -4.55 39.27 -11.55
CA GLY A 75 -4.24 40.48 -10.82
C GLY A 75 -4.03 40.28 -9.33
N LEU A 76 -3.37 39.20 -8.94
CA LEU A 76 -3.12 38.90 -7.54
C LEU A 76 -1.70 39.21 -7.11
N LEU A 77 -0.87 39.75 -8.00
CA LEU A 77 0.54 39.98 -7.71
C LEU A 77 0.91 41.42 -8.07
N ALA A 78 1.75 42.01 -7.23
CA ALA A 78 2.33 43.32 -7.52
C ALA A 78 3.67 43.16 -8.22
N GLU A 79 3.93 44.02 -9.20
CA GLU A 79 5.19 43.96 -9.92
C GLU A 79 6.34 44.23 -8.96
N ILE A 80 7.29 43.31 -8.90
CA ILE A 80 8.48 43.56 -8.09
C ILE A 80 9.35 44.57 -8.81
N THR A 81 10.05 45.39 -8.02
CA THR A 81 10.83 46.52 -8.55
C THR A 81 12.30 46.38 -8.21
N PRO A 82 13.01 45.40 -8.82
CA PRO A 82 14.45 45.31 -8.60
C PRO A 82 15.24 46.11 -9.62
N ASP A 83 16.23 46.85 -9.17
CA ASP A 83 17.12 47.55 -10.09
C ASP A 83 18.15 46.57 -10.67
N LYS A 84 18.80 46.99 -11.75
CA LYS A 84 19.76 46.10 -12.41
C LYS A 84 20.93 45.76 -11.49
N ALA A 85 21.25 46.63 -10.53
CA ALA A 85 22.27 46.31 -9.55
C ALA A 85 21.92 45.04 -8.78
N PHE A 86 20.64 44.82 -8.53
CA PHE A 86 20.20 43.58 -7.88
C PHE A 86 19.97 42.47 -8.89
N GLN A 87 19.42 42.80 -10.07
CA GLN A 87 19.18 41.78 -11.09
C GLN A 87 20.46 41.07 -11.48
N ASP A 88 21.59 41.78 -11.44
CA ASP A 88 22.89 41.17 -11.73
C ASP A 88 23.35 40.20 -10.65
N LYS A 89 22.61 40.04 -9.56
CA LYS A 89 22.99 39.08 -8.54
C LYS A 89 22.40 37.70 -8.76
N LEU A 90 21.33 37.60 -9.54
CA LEU A 90 20.71 36.32 -9.86
C LEU A 90 20.96 35.97 -11.33
N TYR A 91 20.94 34.67 -11.61
CA TYR A 91 21.14 34.19 -12.97
C TYR A 91 19.99 34.64 -13.87
N PRO A 92 20.28 34.86 -15.17
CA PRO A 92 19.21 35.37 -16.06
C PRO A 92 18.08 34.37 -16.29
N PHE A 93 18.35 33.07 -16.30
CA PHE A 93 17.28 32.10 -16.53
C PHE A 93 16.26 32.11 -15.40
N THR A 94 16.69 32.39 -14.16
CA THR A 94 15.76 32.52 -13.06
C THR A 94 14.86 33.74 -13.25
N TRP A 95 15.42 34.85 -13.73
CA TRP A 95 14.61 36.01 -14.09
C TRP A 95 13.65 35.67 -15.23
N ASP A 96 14.11 34.87 -16.19
CA ASP A 96 13.28 34.53 -17.33
C ASP A 96 12.05 33.72 -16.92
N ALA A 97 12.15 32.97 -15.83
CA ALA A 97 11.04 32.13 -15.38
C ALA A 97 9.95 32.92 -14.67
N VAL A 98 10.20 34.18 -14.31
CA VAL A 98 9.24 34.98 -13.55
C VAL A 98 8.75 36.18 -14.35
N ARG A 99 8.83 36.11 -15.68
CA ARG A 99 8.38 37.19 -16.56
C ARG A 99 7.07 36.79 -17.21
N TYR A 100 6.09 37.69 -17.14
CA TYR A 100 4.78 37.44 -17.73
C TYR A 100 4.23 38.77 -18.24
N ASN A 101 3.98 38.84 -19.55
CA ASN A 101 3.62 40.09 -20.23
C ASN A 101 4.69 41.16 -20.05
N GLY A 102 5.94 40.74 -19.96
CA GLY A 102 7.05 41.66 -19.84
C GLY A 102 7.30 42.23 -18.46
N LYS A 103 6.40 41.97 -17.50
CA LYS A 103 6.52 42.49 -16.15
C LYS A 103 6.92 41.39 -15.19
N LEU A 104 7.97 41.63 -14.41
CA LEU A 104 8.39 40.67 -13.40
C LEU A 104 7.37 40.61 -12.26
N ILE A 105 7.02 39.41 -11.84
CA ILE A 105 5.98 39.22 -10.83
C ILE A 105 6.49 38.57 -9.55
N ALA A 106 7.73 38.10 -9.51
CA ALA A 106 8.21 37.41 -8.33
C ALA A 106 9.74 37.36 -8.35
N TYR A 107 10.33 37.25 -7.16
CA TYR A 107 11.77 37.08 -7.04
C TYR A 107 12.11 35.60 -7.14
N PRO A 108 12.92 35.18 -8.12
CA PRO A 108 13.31 33.78 -8.18
C PRO A 108 14.28 33.40 -7.07
N ILE A 109 14.12 32.19 -6.55
CA ILE A 109 14.86 31.72 -5.39
C ILE A 109 15.81 30.58 -5.75
N ALA A 110 15.31 29.53 -6.40
CA ALA A 110 16.11 28.35 -6.66
C ALA A 110 15.47 27.52 -7.77
N VAL A 111 16.32 26.80 -8.50
CA VAL A 111 15.92 25.97 -9.61
C VAL A 111 15.81 24.53 -9.14
N GLU A 112 14.66 23.90 -9.38
CA GLU A 112 14.40 22.53 -8.97
C GLU A 112 14.27 21.62 -10.19
N ALA A 113 14.69 20.37 -10.02
CA ALA A 113 14.43 19.32 -10.99
C ALA A 113 14.51 17.97 -10.29
N LEU A 114 13.74 17.01 -10.80
CA LEU A 114 13.71 15.69 -10.21
C LEU A 114 14.94 14.88 -10.59
N SER A 115 15.34 14.00 -9.68
CA SER A 115 16.47 13.12 -9.92
C SER A 115 16.16 11.74 -9.35
N LEU A 116 16.96 10.75 -9.73
CA LEU A 116 16.82 9.40 -9.21
C LEU A 116 17.67 9.27 -7.96
N ILE A 117 17.03 8.87 -6.87
CA ILE A 117 17.68 8.68 -5.58
C ILE A 117 17.68 7.19 -5.27
N TYR A 118 18.87 6.62 -5.09
CA TYR A 118 19.02 5.18 -4.98
C TYR A 118 19.88 4.81 -3.77
N ASN A 119 19.54 3.68 -3.16
CA ASN A 119 20.23 3.16 -1.98
C ASN A 119 21.44 2.37 -2.46
N LYS A 120 22.64 2.87 -2.16
CA LYS A 120 23.86 2.22 -2.63
C LYS A 120 24.06 0.84 -2.00
N ASP A 121 23.48 0.59 -0.84
CA ASP A 121 23.65 -0.70 -0.18
C ASP A 121 22.73 -1.78 -0.73
N LEU A 122 21.60 -1.40 -1.32
CA LEU A 122 20.71 -2.37 -1.94
C LEU A 122 20.99 -2.56 -3.43
N LEU A 123 21.68 -1.61 -4.06
CA LEU A 123 22.19 -1.76 -5.41
C LEU A 123 23.25 -0.69 -5.66
N PRO A 124 24.51 -1.09 -5.84
CA PRO A 124 25.57 -0.10 -6.09
C PRO A 124 25.72 0.32 -7.55
N ASN A 125 24.88 -0.20 -8.44
CA ASN A 125 24.94 0.15 -9.87
C ASN A 125 23.53 0.48 -10.34
N PRO A 126 23.15 1.75 -10.38
CA PRO A 126 21.76 2.11 -10.71
C PRO A 126 21.44 1.82 -12.17
N PRO A 127 20.24 1.32 -12.45
CA PRO A 127 19.89 0.98 -13.83
C PRO A 127 19.76 2.23 -14.69
N LYS A 128 20.28 2.14 -15.91
CA LYS A 128 20.31 3.28 -16.83
C LYS A 128 19.04 3.43 -17.64
N THR A 129 18.12 2.46 -17.58
CA THR A 129 16.88 2.54 -18.35
C THR A 129 15.69 2.23 -17.45
N TRP A 130 14.50 2.66 -17.91
CA TRP A 130 13.26 2.28 -17.24
C TRP A 130 12.92 0.81 -17.49
N GLU A 131 13.33 0.28 -18.64
CA GLU A 131 13.02 -1.10 -19.01
C GLU A 131 13.74 -2.12 -18.15
N GLU A 132 14.78 -1.70 -17.41
CA GLU A 132 15.51 -2.59 -16.51
C GLU A 132 14.86 -2.73 -15.14
N ILE A 133 13.85 -1.93 -14.85
CA ILE A 133 13.27 -1.84 -13.50
C ILE A 133 12.42 -3.07 -13.16
N PRO A 134 11.58 -3.59 -14.06
CA PRO A 134 10.80 -4.79 -13.69
C PRO A 134 11.64 -5.99 -13.29
N ALA A 135 12.72 -6.27 -14.05
CA ALA A 135 13.57 -7.40 -13.71
C ALA A 135 14.28 -7.18 -12.38
N LEU A 136 14.76 -5.97 -12.13
CA LEU A 136 15.41 -5.66 -10.87
C LEU A 136 14.45 -5.78 -9.70
N ASP A 137 13.17 -5.47 -9.92
CA ASP A 137 12.17 -5.61 -8.87
C ASP A 137 11.95 -7.06 -8.47
N LYS A 138 12.09 -7.99 -9.42
CA LYS A 138 11.90 -9.39 -9.09
C LYS A 138 13.01 -9.90 -8.18
N GLU A 139 14.25 -9.45 -8.41
CA GLU A 139 15.37 -9.94 -7.61
C GLU A 139 15.27 -9.43 -6.17
N LEU A 140 14.90 -8.17 -5.99
CA LEU A 140 14.82 -7.62 -4.64
C LEU A 140 13.60 -8.09 -3.89
N LYS A 141 12.51 -8.42 -4.61
CA LYS A 141 11.34 -8.98 -3.94
C LYS A 141 11.65 -10.36 -3.37
N ALA A 142 12.62 -11.07 -3.95
CA ALA A 142 13.12 -12.29 -3.32
C ALA A 142 13.94 -11.98 -2.08
N LYS A 143 14.59 -10.81 -2.04
CA LYS A 143 15.28 -10.35 -0.86
C LYS A 143 14.36 -9.59 0.09
N GLY A 144 13.07 -9.51 -0.21
CA GLY A 144 12.09 -8.94 0.68
C GLY A 144 11.82 -7.47 0.52
N LYS A 145 12.29 -6.86 -0.56
CA LYS A 145 12.20 -5.40 -0.74
C LYS A 145 11.78 -5.12 -2.19
N SER A 146 11.70 -3.84 -2.54
CA SER A 146 11.21 -3.41 -3.84
C SER A 146 12.26 -2.58 -4.56
N ALA A 147 12.03 -2.37 -5.86
CA ALA A 147 12.97 -1.62 -6.69
C ALA A 147 12.71 -0.12 -6.66
N LEU A 148 11.47 0.30 -6.90
CA LEU A 148 11.16 1.72 -7.04
C LEU A 148 9.81 2.03 -6.41
N MET A 149 9.74 3.15 -5.70
CA MET A 149 8.50 3.64 -5.08
C MET A 149 8.52 5.16 -5.08
N PHE A 150 7.70 5.79 -5.91
CA PHE A 150 7.62 7.25 -5.90
C PHE A 150 6.18 7.69 -5.91
N ASN A 151 5.97 8.97 -5.59
CA ASN A 151 4.64 9.52 -5.43
C ASN A 151 3.90 9.54 -6.76
N LEU A 152 2.77 8.82 -6.81
CA LEU A 152 1.92 8.79 -8.00
C LEU A 152 0.64 9.58 -7.83
N GLN A 153 0.51 10.35 -6.76
CA GLN A 153 -0.67 11.18 -6.56
C GLN A 153 -0.55 12.56 -7.20
N GLU A 154 0.67 13.01 -7.48
CA GLU A 154 0.88 14.26 -8.17
C GLU A 154 1.64 14.00 -9.47
N PRO A 155 1.12 14.46 -10.61
CA PRO A 155 1.72 14.11 -11.90
C PRO A 155 3.11 14.69 -12.13
N TYR A 156 3.60 15.53 -11.21
CA TYR A 156 4.93 16.09 -11.35
C TYR A 156 6.00 15.00 -11.38
N PHE A 157 5.78 13.89 -10.66
CA PHE A 157 6.76 12.82 -10.56
C PHE A 157 6.67 11.81 -11.70
N THR A 158 5.58 11.81 -12.46
CA THR A 158 5.45 10.91 -13.61
C THR A 158 5.75 11.58 -14.94
N TRP A 159 5.63 12.90 -15.03
CA TRP A 159 5.88 13.58 -16.29
C TRP A 159 7.26 13.31 -16.90
N PRO A 160 8.35 13.15 -16.13
CA PRO A 160 9.61 12.75 -16.77
C PRO A 160 9.48 11.53 -17.67
N LEU A 161 8.72 10.52 -17.26
CA LEU A 161 8.54 9.33 -18.07
C LEU A 161 7.56 9.57 -19.21
N ILE A 162 6.51 10.35 -18.95
CA ILE A 162 5.50 10.63 -19.97
C ILE A 162 6.09 11.45 -21.11
N ALA A 163 6.96 12.41 -20.79
CA ALA A 163 7.57 13.27 -21.79
C ALA A 163 8.75 12.63 -22.51
N ALA A 164 9.16 11.42 -22.11
CA ALA A 164 10.39 10.83 -22.65
C ALA A 164 10.28 10.56 -24.14
N ASP A 165 9.18 9.95 -24.57
CA ASP A 165 9.02 9.49 -25.94
C ASP A 165 8.30 10.50 -26.83
N GLY A 166 8.07 11.72 -26.34
CA GLY A 166 7.49 12.74 -27.18
C GLY A 166 6.36 13.53 -26.55
N GLY A 167 6.12 13.31 -25.25
CA GLY A 167 5.07 14.04 -24.57
C GLY A 167 5.49 15.45 -24.20
N TYR A 168 4.53 16.36 -24.25
CA TYR A 168 4.78 17.75 -23.89
C TYR A 168 3.47 18.40 -23.45
N ALA A 169 3.59 19.55 -22.79
CA ALA A 169 2.41 20.27 -22.30
C ALA A 169 1.86 21.18 -23.39
N PHE A 170 2.52 22.28 -23.70
CA PHE A 170 2.09 23.18 -24.74
C PHE A 170 3.28 23.38 -25.62
N LYS A 171 3.10 23.38 -26.94
CA LYS A 171 4.18 23.52 -27.89
C LYS A 171 4.78 24.89 -27.96
N TYR A 172 6.10 24.98 -28.08
CA TYR A 172 6.77 26.26 -28.06
C TYR A 172 7.15 27.03 -29.36
N GLU A 173 6.74 26.59 -30.54
CA GLU A 173 7.04 27.37 -31.75
C GLU A 173 6.04 28.47 -31.55
N ASN A 174 6.24 29.66 -32.08
CA ASN A 174 7.37 30.02 -32.86
C ASN A 174 8.14 31.00 -32.05
N GLY A 175 7.43 31.84 -31.34
CA GLY A 175 8.05 32.81 -30.49
C GLY A 175 7.82 32.31 -29.10
N LYS A 176 6.65 31.80 -28.87
CA LYS A 176 6.32 31.26 -27.57
C LYS A 176 5.28 30.14 -27.62
N TYR A 177 4.65 29.81 -26.52
CA TYR A 177 3.76 28.67 -26.51
C TYR A 177 2.48 28.95 -27.29
N ASP A 178 2.01 27.93 -28.01
CA ASP A 178 0.71 27.97 -28.66
C ASP A 178 -0.26 27.13 -27.84
N ILE A 179 -1.50 27.62 -27.72
CA ILE A 179 -2.47 26.99 -26.81
C ILE A 179 -3.21 25.83 -27.46
N LYS A 180 -3.30 25.77 -28.79
CA LYS A 180 -4.20 24.82 -29.43
C LYS A 180 -3.65 23.39 -29.46
N ASP A 181 -2.33 23.22 -29.56
CA ASP A 181 -1.72 21.89 -29.62
C ASP A 181 -1.23 21.52 -28.23
N VAL A 182 -1.93 20.58 -27.58
CA VAL A 182 -1.53 20.02 -26.30
C VAL A 182 -1.12 18.57 -26.54
N GLY A 183 -0.03 18.16 -25.91
CA GLY A 183 0.49 16.83 -26.16
C GLY A 183 0.41 15.86 -24.99
N VAL A 184 -0.80 15.59 -24.52
CA VAL A 184 -0.98 14.66 -23.41
C VAL A 184 -1.40 13.29 -23.93
N ASP A 185 -2.03 13.25 -25.10
CA ASP A 185 -2.50 11.99 -25.67
C ASP A 185 -1.82 11.69 -26.99
N ASN A 186 -0.53 12.03 -27.08
CA ASN A 186 0.28 11.64 -28.23
C ASN A 186 0.77 10.20 -28.05
N ALA A 187 1.36 9.66 -29.12
CA ALA A 187 1.88 8.29 -29.05
C ALA A 187 2.98 8.16 -28.00
N GLY A 188 3.69 9.25 -27.70
CA GLY A 188 4.74 9.18 -26.69
C GLY A 188 4.19 9.05 -25.29
N ALA A 189 3.20 9.88 -24.95
CA ALA A 189 2.63 9.84 -23.60
C ALA A 189 1.85 8.55 -23.38
N LYS A 190 1.16 8.07 -24.41
CA LYS A 190 0.47 6.79 -24.30
C LYS A 190 1.45 5.66 -24.03
N ALA A 191 2.66 5.76 -24.59
CA ALA A 191 3.69 4.76 -24.31
C ALA A 191 4.29 4.95 -22.92
N GLY A 192 4.58 6.20 -22.55
CA GLY A 192 5.18 6.45 -21.24
C GLY A 192 4.24 6.10 -20.11
N LEU A 193 2.99 6.52 -20.21
CA LEU A 193 2.01 6.19 -19.18
C LEU A 193 1.73 4.69 -19.14
N THR A 194 1.79 4.01 -20.30
CA THR A 194 1.53 2.57 -20.33
C THR A 194 2.57 1.80 -19.53
N PHE A 195 3.85 2.19 -19.65
CA PHE A 195 4.89 1.50 -18.91
C PHE A 195 4.69 1.63 -17.41
N LEU A 196 4.23 2.79 -16.95
CA LEU A 196 3.94 2.96 -15.53
C LEU A 196 2.76 2.09 -15.12
N VAL A 197 1.67 2.12 -15.91
CA VAL A 197 0.51 1.30 -15.61
C VAL A 197 0.85 -0.18 -15.64
N ASP A 198 1.74 -0.57 -16.57
CA ASP A 198 2.17 -1.97 -16.61
C ASP A 198 3.01 -2.33 -15.39
N LEU A 199 3.81 -1.38 -14.89
CA LEU A 199 4.53 -1.61 -13.65
C LEU A 199 3.57 -1.81 -12.48
N ILE A 200 2.45 -1.10 -12.49
CA ILE A 200 1.48 -1.22 -11.40
C ILE A 200 0.75 -2.54 -11.49
N LYS A 201 0.35 -2.95 -12.69
CA LYS A 201 -0.46 -4.16 -12.84
C LYS A 201 0.34 -5.41 -12.54
N ASN A 202 1.62 -5.44 -12.93
CA ASN A 202 2.49 -6.56 -12.60
C ASN A 202 3.03 -6.49 -11.16
N LYS A 203 2.40 -5.68 -10.32
CA LYS A 203 2.69 -5.61 -8.88
C LYS A 203 4.16 -5.31 -8.61
N HIS A 204 4.72 -4.37 -9.38
CA HIS A 204 6.02 -3.80 -9.06
C HIS A 204 5.92 -2.43 -8.40
N MET A 205 4.75 -1.79 -8.49
CA MET A 205 4.46 -0.55 -7.78
C MET A 205 2.98 -0.52 -7.44
N ASN A 206 2.64 0.28 -6.42
CA ASN A 206 1.27 0.39 -5.94
C ASN A 206 0.68 1.71 -6.42
N ALA A 207 -0.53 1.64 -7.00
CA ALA A 207 -1.09 2.77 -7.72
C ALA A 207 -1.43 3.97 -6.83
N ASP A 208 -1.65 3.77 -5.54
CA ASP A 208 -1.99 4.87 -4.65
C ASP A 208 -0.87 5.22 -3.67
N THR A 209 0.35 4.79 -3.96
CA THR A 209 1.51 5.22 -3.19
C THR A 209 1.70 6.72 -3.33
N ASP A 210 1.80 7.42 -2.20
CA ASP A 210 1.94 8.87 -2.24
C ASP A 210 3.33 9.31 -1.76
N TYR A 211 3.44 10.60 -1.42
CA TYR A 211 4.74 11.18 -1.09
C TYR A 211 5.26 10.65 0.24
N SER A 212 4.42 10.64 1.27
CA SER A 212 4.88 10.30 2.61
CA SER A 212 4.88 10.30 2.61
C SER A 212 5.25 8.83 2.72
N ILE A 213 4.43 7.93 2.18
CA ILE A 213 4.74 6.52 2.32
C ILE A 213 5.91 6.12 1.42
N ALA A 214 6.14 6.86 0.33
CA ALA A 214 7.28 6.56 -0.52
C ALA A 214 8.58 7.06 0.09
N GLU A 215 8.54 8.23 0.71
CA GLU A 215 9.73 8.74 1.38
C GLU A 215 10.07 7.90 2.60
N ALA A 216 9.06 7.55 3.40
CA ALA A 216 9.28 6.67 4.54
C ALA A 216 9.86 5.34 4.10
N ALA A 217 9.34 4.79 2.99
CA ALA A 217 9.84 3.50 2.50
C ALA A 217 11.31 3.59 2.10
N PHE A 218 11.70 4.69 1.44
CA PHE A 218 13.10 4.81 1.04
C PHE A 218 14.00 5.11 2.23
N ASN A 219 13.53 5.97 3.15
CA ASN A 219 14.35 6.32 4.30
C ASN A 219 14.57 5.14 5.23
N LYS A 220 13.63 4.19 5.27
CA LYS A 220 13.81 2.99 6.07
C LYS A 220 14.67 1.93 5.38
N GLY A 221 14.98 2.11 4.10
CA GLY A 221 15.65 1.07 3.33
C GLY A 221 14.71 0.05 2.74
N GLU A 222 13.43 0.36 2.60
CA GLU A 222 12.44 -0.56 2.07
C GLU A 222 12.32 -0.52 0.55
N THR A 223 13.06 0.36 -0.11
CA THR A 223 13.06 0.39 -1.57
C THR A 223 14.45 0.77 -2.05
N ALA A 224 14.79 0.32 -3.26
CA ALA A 224 16.12 0.55 -3.79
C ALA A 224 16.23 1.89 -4.50
N MET A 225 15.12 2.42 -5.03
CA MET A 225 15.12 3.66 -5.77
C MET A 225 13.84 4.43 -5.47
N THR A 226 13.90 5.74 -5.70
CA THR A 226 12.70 6.56 -5.81
C THR A 226 13.09 7.90 -6.43
N ILE A 227 12.08 8.68 -6.81
CA ILE A 227 12.25 9.87 -7.63
C ILE A 227 11.72 11.07 -6.85
N ASN A 228 12.61 12.02 -6.55
CA ASN A 228 12.23 13.27 -5.91
C ASN A 228 13.36 14.28 -6.13
N GLY A 229 13.13 15.51 -5.68
CA GLY A 229 14.06 16.59 -5.89
C GLY A 229 14.90 16.91 -4.67
N PRO A 230 15.55 18.08 -4.69
CA PRO A 230 16.51 18.40 -3.63
C PRO A 230 15.90 18.47 -2.24
N TRP A 231 14.63 18.87 -2.11
CA TRP A 231 14.03 19.06 -0.79
C TRP A 231 13.98 17.79 0.04
N ALA A 232 14.19 16.62 -0.57
CA ALA A 232 14.14 15.35 0.15
C ALA A 232 15.49 14.93 0.70
N TRP A 233 16.59 15.58 0.30
CA TRP A 233 17.91 15.16 0.74
C TRP A 233 18.06 15.27 2.25
N SER A 234 17.42 16.26 2.87
CA SER A 234 17.63 16.53 4.29
C SER A 234 17.25 15.33 5.15
N ASN A 235 16.06 14.78 4.92
CA ASN A 235 15.59 13.68 5.75
C ASN A 235 16.22 12.34 5.37
N ILE A 236 16.79 12.22 4.17
CA ILE A 236 17.58 11.02 3.88
C ILE A 236 18.92 11.09 4.61
N ASP A 237 19.45 12.30 4.80
CA ASP A 237 20.66 12.46 5.62
C ASP A 237 20.41 11.97 7.04
N THR A 238 19.24 12.29 7.60
CA THR A 238 18.94 11.89 8.97
C THR A 238 18.75 10.39 9.10
N SER A 239 18.18 9.76 8.06
CA SER A 239 18.00 8.31 8.08
C SER A 239 19.30 7.56 7.91
N LYS A 240 20.40 8.25 7.61
CA LYS A 240 21.74 7.66 7.51
C LYS A 240 21.81 6.56 6.47
N VAL A 241 20.99 6.65 5.42
CA VAL A 241 21.03 5.70 4.31
C VAL A 241 22.10 6.15 3.32
N ASN A 242 23.02 5.25 2.99
CA ASN A 242 24.04 5.55 2.00
C ASN A 242 23.41 5.69 0.62
N TYR A 243 22.97 6.89 0.27
CA TYR A 243 22.20 7.13 -0.93
C TYR A 243 23.01 7.92 -1.95
N GLY A 244 22.61 7.81 -3.21
CA GLY A 244 23.20 8.58 -4.28
C GLY A 244 22.14 9.25 -5.12
N VAL A 245 22.52 10.35 -5.74
CA VAL A 245 21.67 11.11 -6.65
C VAL A 245 22.29 11.04 -8.03
N THR A 246 21.58 10.43 -8.98
CA THR A 246 22.10 10.22 -10.32
C THR A 246 21.04 10.61 -11.34
N VAL A 247 21.37 10.46 -12.62
CA VAL A 247 20.46 10.85 -13.69
C VAL A 247 19.32 9.84 -13.80
N LEU A 248 18.13 10.34 -14.14
CA LEU A 248 16.96 9.50 -14.22
C LEU A 248 17.12 8.45 -15.32
N PRO A 249 16.40 7.33 -15.21
CA PRO A 249 16.52 6.29 -16.24
C PRO A 249 16.01 6.79 -17.58
N THR A 250 16.50 6.16 -18.63
CA THR A 250 16.05 6.45 -19.98
C THR A 250 14.87 5.55 -20.33
N PHE A 251 14.01 6.05 -21.21
CA PHE A 251 12.83 5.31 -21.67
C PHE A 251 12.85 5.24 -23.18
N LYS A 252 12.86 4.01 -23.71
CA LYS A 252 12.92 3.77 -25.16
C LYS A 252 14.12 4.49 -25.78
N GLY A 253 15.27 4.35 -25.11
CA GLY A 253 16.49 4.98 -25.55
C GLY A 253 16.59 6.46 -25.28
N GLN A 254 15.47 7.14 -24.91
CA GLN A 254 15.47 8.58 -24.72
C GLN A 254 15.50 8.93 -23.24
N PRO A 255 16.17 10.02 -22.87
CA PRO A 255 16.23 10.41 -21.46
C PRO A 255 14.87 10.86 -20.95
N SER A 256 14.68 10.70 -19.65
CA SER A 256 13.49 11.24 -19.00
C SER A 256 13.63 12.75 -18.88
N LYS A 257 12.56 13.46 -19.22
CA LYS A 257 12.57 14.92 -19.34
C LYS A 257 11.75 15.53 -18.21
N PRO A 258 12.35 15.80 -17.05
CA PRO A 258 11.56 16.32 -15.93
C PRO A 258 11.15 17.76 -16.16
N PHE A 259 9.99 18.11 -15.61
CA PHE A 259 9.55 19.50 -15.58
C PHE A 259 10.49 20.29 -14.67
N VAL A 260 11.11 21.32 -15.21
CA VAL A 260 12.02 22.18 -14.46
C VAL A 260 11.21 23.27 -13.79
N GLY A 261 11.33 23.37 -12.47
CA GLY A 261 10.65 24.41 -11.71
C GLY A 261 11.64 25.40 -11.14
N VAL A 262 11.21 26.65 -11.03
CA VAL A 262 11.97 27.71 -10.38
C VAL A 262 11.08 28.25 -9.27
N LEU A 263 11.31 27.79 -8.04
CA LEU A 263 10.54 28.29 -6.91
C LEU A 263 10.80 29.78 -6.72
N SER A 264 9.71 30.55 -6.59
CA SER A 264 9.78 31.99 -6.61
C SER A 264 8.95 32.56 -5.47
N ALA A 265 9.15 33.85 -5.21
CA ALA A 265 8.48 34.56 -4.12
C ALA A 265 7.75 35.77 -4.69
N GLY A 266 6.43 35.69 -4.75
CA GLY A 266 5.61 36.79 -5.25
C GLY A 266 5.00 37.58 -4.11
N ILE A 267 4.71 38.85 -4.39
CA ILE A 267 4.18 39.78 -3.40
C ILE A 267 2.71 40.03 -3.72
N ASN A 268 1.85 39.85 -2.72
CA ASN A 268 0.41 40.01 -2.90
C ASN A 268 0.07 41.45 -3.26
N ALA A 269 -0.74 41.60 -4.31
CA ALA A 269 -1.17 42.94 -4.73
C ALA A 269 -2.04 43.63 -3.70
N ALA A 270 -2.74 42.87 -2.86
CA ALA A 270 -3.57 43.43 -1.81
C ALA A 270 -2.81 43.63 -0.50
N SER A 271 -1.49 43.47 -0.51
CA SER A 271 -0.72 43.57 0.72
C SER A 271 -0.36 45.03 1.00
N PRO A 272 -0.52 45.50 2.25
CA PRO A 272 -0.09 46.86 2.59
C PRO A 272 1.38 46.98 2.96
N ASN A 273 2.14 45.88 2.96
CA ASN A 273 3.54 45.92 3.36
C ASN A 273 4.43 45.53 2.19
N LYS A 274 4.19 46.14 1.02
CA LYS A 274 4.92 45.75 -0.18
C LYS A 274 6.39 46.17 -0.13
N GLU A 275 6.70 47.29 0.51
CA GLU A 275 8.09 47.73 0.56
C GLU A 275 8.91 46.91 1.55
N LEU A 276 8.32 46.51 2.68
CA LEU A 276 9.05 45.66 3.61
C LEU A 276 9.20 44.25 3.07
N ALA A 277 8.23 43.80 2.27
CA ALA A 277 8.39 42.52 1.58
C ALA A 277 9.54 42.57 0.58
N LYS A 278 9.73 43.71 -0.09
CA LYS A 278 10.88 43.86 -0.98
C LYS A 278 12.18 43.87 -0.19
N GLU A 279 12.22 44.62 0.92
CA GLU A 279 13.43 44.66 1.74
C GLU A 279 13.76 43.29 2.32
N PHE A 280 12.74 42.52 2.71
CA PHE A 280 13.00 41.18 3.23
C PHE A 280 13.54 40.27 2.13
N LEU A 281 12.95 40.32 0.94
CA LEU A 281 13.37 39.42 -0.13
C LEU A 281 14.69 39.84 -0.77
N GLU A 282 14.96 41.15 -0.84
CA GLU A 282 16.16 41.61 -1.53
C GLU A 282 17.39 41.56 -0.62
N ASN A 283 17.25 42.01 0.62
CA ASN A 283 18.40 42.23 1.50
C ASN A 283 18.49 41.22 2.64
N TYR A 284 17.68 40.17 2.62
CA TYR A 284 17.74 39.20 3.71
C TYR A 284 17.64 37.77 3.19
N LEU A 285 16.53 37.43 2.55
CA LEU A 285 16.39 36.08 2.01
C LEU A 285 17.41 35.82 0.91
N LEU A 286 17.37 36.62 -0.16
CA LEU A 286 18.28 36.42 -1.30
C LEU A 286 19.65 37.04 -1.01
N THR A 287 20.22 36.61 0.12
CA THR A 287 21.63 36.80 0.44
C THR A 287 22.23 35.44 0.75
N ASP A 288 23.56 35.39 0.87
CA ASP A 288 24.23 34.12 1.06
C ASP A 288 23.91 33.52 2.43
N GLU A 289 23.94 34.34 3.48
CA GLU A 289 23.59 33.82 4.81
C GLU A 289 22.12 33.45 4.87
N GLY A 290 21.25 34.23 4.22
CA GLY A 290 19.83 33.92 4.26
C GLY A 290 19.48 32.66 3.50
N LEU A 291 20.09 32.46 2.32
CA LEU A 291 19.80 31.26 1.54
C LEU A 291 20.43 30.02 2.19
N GLU A 292 21.58 30.18 2.84
CA GLU A 292 22.17 29.05 3.56
C GLU A 292 21.31 28.65 4.75
N ALA A 293 20.66 29.62 5.40
CA ALA A 293 19.73 29.30 6.48
C ALA A 293 18.59 28.42 5.98
N VAL A 294 18.09 28.69 4.78
CA VAL A 294 17.00 27.88 4.23
C VAL A 294 17.53 26.56 3.68
N ASN A 295 18.68 26.60 2.99
CA ASN A 295 19.22 25.39 2.37
C ASN A 295 19.66 24.37 3.42
N LYS A 296 20.11 24.83 4.58
CA LYS A 296 20.50 23.89 5.64
C LYS A 296 19.29 23.14 6.18
N ASP A 297 18.10 23.76 6.15
CA ASP A 297 16.88 23.10 6.56
C ASP A 297 16.48 22.03 5.54
N LYS A 298 15.99 22.47 4.39
CA LYS A 298 15.72 21.58 3.27
C LYS A 298 16.45 22.12 2.05
N PRO A 299 17.23 21.29 1.35
CA PRO A 299 18.00 21.80 0.21
C PRO A 299 17.11 22.41 -0.85
N LEU A 300 17.61 23.46 -1.49
CA LEU A 300 16.87 24.13 -2.55
C LEU A 300 17.28 23.67 -3.94
N GLY A 301 18.53 23.27 -4.12
CA GLY A 301 19.05 22.91 -5.42
C GLY A 301 20.01 23.96 -5.95
N ALA A 302 19.82 24.40 -7.19
CA ALA A 302 20.66 25.44 -7.78
C ALA A 302 20.07 26.79 -7.40
N VAL A 303 20.69 27.45 -6.42
CA VAL A 303 20.18 28.73 -5.95
C VAL A 303 20.19 29.76 -7.08
N ALA A 304 19.28 30.72 -6.98
CA ALA A 304 19.20 31.76 -8.00
C ALA A 304 20.31 32.79 -7.85
N LEU A 305 20.79 33.01 -6.64
CA LEU A 305 21.86 33.97 -6.39
C LEU A 305 23.20 33.38 -6.84
N LYS A 306 23.89 34.12 -7.71
CA LYS A 306 25.08 33.56 -8.37
C LYS A 306 26.22 33.32 -7.39
N SER A 307 26.35 34.15 -6.35
CA SER A 307 27.44 33.98 -5.40
C SER A 307 27.29 32.68 -4.62
N TYR A 308 26.07 32.33 -4.22
CA TYR A 308 25.86 31.10 -3.47
C TYR A 308 25.87 29.87 -4.36
N GLU A 309 25.50 30.01 -5.64
CA GLU A 309 25.60 28.88 -6.55
C GLU A 309 27.05 28.55 -6.87
N GLU A 310 27.92 29.56 -6.90
CA GLU A 310 29.34 29.32 -7.11
C GLU A 310 29.94 28.49 -5.97
N GLU A 311 29.37 28.61 -4.77
CA GLU A 311 29.88 27.85 -3.64
C GLU A 311 29.31 26.44 -3.60
N LEU A 312 28.04 26.29 -3.97
CA LEU A 312 27.34 25.02 -3.88
C LEU A 312 27.46 24.17 -5.14
N ALA A 313 28.11 24.69 -6.20
CA ALA A 313 28.18 23.93 -7.45
C ALA A 313 28.95 22.63 -7.26
N LYS A 314 29.90 22.59 -6.33
CA LYS A 314 30.76 21.42 -6.18
C LYS A 314 30.01 20.20 -5.63
N ASP A 315 28.80 20.39 -5.14
CA ASP A 315 27.99 19.29 -4.60
C ASP A 315 27.62 18.31 -5.71
N PRO A 316 28.01 17.03 -5.62
CA PRO A 316 27.62 16.07 -6.67
C PRO A 316 26.11 15.91 -6.82
N ARG A 317 25.34 16.16 -5.77
CA ARG A 317 23.88 16.01 -5.88
C ARG A 317 23.25 17.16 -6.66
N ILE A 318 23.81 18.37 -6.57
CA ILE A 318 23.31 19.48 -7.36
C ILE A 318 23.71 19.30 -8.82
N ALA A 319 24.89 18.75 -9.07
CA ALA A 319 25.30 18.45 -10.44
C ALA A 319 24.34 17.49 -11.11
N ALA A 320 23.89 16.47 -10.39
CA ALA A 320 22.92 15.53 -10.95
C ALA A 320 21.61 16.22 -11.25
N THR A 321 21.21 17.18 -10.43
CA THR A 321 19.98 17.92 -10.68
C THR A 321 20.08 18.72 -11.98
N MET A 322 21.27 19.25 -12.28
CA MET A 322 21.42 19.99 -13.53
C MET A 322 21.45 19.05 -14.73
N GLU A 323 22.00 17.84 -14.57
CA GLU A 323 21.93 16.85 -15.63
C GLU A 323 20.47 16.56 -15.99
N ASN A 324 19.63 16.33 -14.98
CA ASN A 324 18.21 16.13 -15.23
C ASN A 324 17.55 17.43 -15.69
N ALA A 325 18.01 18.58 -15.21
CA ALA A 325 17.43 19.85 -15.64
C ALA A 325 17.71 20.10 -17.12
N GLN A 326 18.96 19.90 -17.55
CA GLN A 326 19.31 20.14 -18.95
C GLN A 326 18.56 19.19 -19.87
N LYS A 327 18.39 17.94 -19.45
CA LYS A 327 17.63 16.97 -20.22
C LYS A 327 16.12 17.13 -20.06
N GLY A 328 15.67 18.06 -19.22
CA GLY A 328 14.27 18.35 -19.08
C GLY A 328 13.87 19.61 -19.83
N GLU A 329 12.65 20.07 -19.56
CA GLU A 329 12.15 21.30 -20.14
C GLU A 329 11.56 22.19 -19.06
N ILE A 330 11.76 23.50 -19.20
CA ILE A 330 11.24 24.45 -18.23
C ILE A 330 9.72 24.45 -18.27
N MET A 331 9.09 24.55 -17.10
CA MET A 331 7.65 24.61 -17.04
C MET A 331 7.16 25.97 -17.52
N PRO A 332 6.14 26.05 -18.36
CA PRO A 332 5.54 27.34 -18.70
C PRO A 332 4.83 27.93 -17.49
N ASN A 333 4.61 29.25 -17.55
CA ASN A 333 3.87 29.94 -16.51
C ASN A 333 2.59 30.58 -17.05
N ILE A 334 2.10 30.10 -18.18
CA ILE A 334 0.87 30.64 -18.78
C ILE A 334 -0.31 30.31 -17.86
N PRO A 335 -1.37 31.11 -17.85
CA PRO A 335 -2.48 30.87 -16.92
C PRO A 335 -3.27 29.60 -17.20
N GLN A 336 -3.01 28.91 -18.30
CA GLN A 336 -3.68 27.68 -18.63
C GLN A 336 -3.00 26.46 -18.03
N MET A 337 -2.01 26.66 -17.17
CA MET A 337 -1.28 25.52 -16.60
C MET A 337 -2.13 24.81 -15.54
N SER A 338 -2.89 25.58 -14.76
CA SER A 338 -3.73 24.98 -13.73
C SER A 338 -4.68 23.95 -14.32
N ALA A 339 -5.41 24.34 -15.37
CA ALA A 339 -6.33 23.41 -16.03
C ALA A 339 -5.58 22.24 -16.66
N PHE A 340 -4.35 22.48 -17.15
CA PHE A 340 -3.55 21.39 -17.67
C PHE A 340 -3.10 20.46 -16.55
N TRP A 341 -2.71 21.02 -15.41
CA TRP A 341 -2.23 20.20 -14.31
C TRP A 341 -3.33 19.30 -13.76
N TYR A 342 -4.53 19.86 -13.58
CA TYR A 342 -5.63 19.04 -13.07
C TYR A 342 -6.04 17.97 -14.07
N ALA A 343 -5.91 18.26 -15.36
CA ALA A 343 -6.27 17.27 -16.37
C ALA A 343 -5.33 16.08 -16.34
N VAL A 344 -4.01 16.34 -16.24
CA VAL A 344 -3.05 15.25 -16.19
C VAL A 344 -3.05 14.59 -14.81
N ARG A 345 -3.35 15.36 -13.76
CA ARG A 345 -3.43 14.77 -12.41
C ARG A 345 -4.52 13.71 -12.34
N THR A 346 -5.70 14.00 -12.88
CA THR A 346 -6.77 13.00 -12.90
C THR A 346 -6.44 11.85 -13.84
N ALA A 347 -5.79 12.12 -14.96
CA ALA A 347 -5.53 11.09 -15.95
C ALA A 347 -4.56 10.05 -15.43
N VAL A 348 -3.52 10.47 -14.71
CA VAL A 348 -2.55 9.51 -14.17
C VAL A 348 -3.20 8.68 -13.06
N ILE A 349 -4.02 9.30 -12.21
CA ILE A 349 -4.64 8.58 -11.10
C ILE A 349 -5.64 7.55 -11.63
N ASN A 350 -6.39 7.91 -12.67
CA ASN A 350 -7.40 6.99 -13.18
C ASN A 350 -6.77 5.84 -13.96
N ALA A 351 -5.71 6.12 -14.72
CA ALA A 351 -5.02 5.06 -15.43
C ALA A 351 -4.25 4.15 -14.47
N ALA A 352 -3.65 4.73 -13.44
CA ALA A 352 -2.91 3.93 -12.47
C ALA A 352 -3.81 2.95 -11.75
N SER A 353 -5.04 3.36 -11.46
CA SER A 353 -6.00 2.53 -10.73
C SER A 353 -6.78 1.58 -11.62
N GLY A 354 -6.82 1.84 -12.93
CA GLY A 354 -7.64 1.06 -13.82
C GLY A 354 -9.05 1.58 -14.01
N ARG A 355 -9.42 2.68 -13.35
CA ARG A 355 -10.74 3.26 -13.55
C ARG A 355 -10.90 3.75 -14.98
N GLN A 356 -9.82 4.14 -15.63
CA GLN A 356 -9.81 4.49 -17.04
C GLN A 356 -8.65 3.78 -17.70
N THR A 357 -8.80 3.49 -18.99
CA THR A 357 -7.64 3.05 -19.75
C THR A 357 -6.67 4.22 -19.91
N VAL A 358 -5.45 3.91 -20.35
CA VAL A 358 -4.47 4.96 -20.61
C VAL A 358 -4.97 5.88 -21.73
N ASP A 359 -5.65 5.31 -22.72
CA ASP A 359 -6.15 6.12 -23.83
C ASP A 359 -7.33 6.99 -23.41
N GLU A 360 -8.25 6.44 -22.62
CA GLU A 360 -9.40 7.23 -22.18
C GLU A 360 -8.99 8.35 -21.25
N ALA A 361 -8.00 8.12 -20.40
CA ALA A 361 -7.56 9.13 -19.46
C ALA A 361 -6.82 10.26 -20.17
N LEU A 362 -6.00 9.93 -21.16
CA LEU A 362 -5.20 10.95 -21.83
C LEU A 362 -6.04 11.80 -22.78
N LYS A 363 -7.03 11.20 -23.44
CA LYS A 363 -7.91 11.99 -24.29
C LYS A 363 -8.77 12.94 -23.48
N ASP A 364 -9.29 12.48 -22.33
CA ASP A 364 -10.02 13.38 -21.44
C ASP A 364 -9.12 14.46 -20.90
N ALA A 365 -7.82 14.17 -20.72
CA ALA A 365 -6.88 15.20 -20.32
C ALA A 365 -6.65 16.21 -21.43
N GLN A 366 -6.74 15.78 -22.70
CA GLN A 366 -6.64 16.72 -23.81
C GLN A 366 -7.84 17.65 -23.87
N THR A 367 -9.04 17.09 -23.65
CA THR A 367 -10.23 17.93 -23.61
C THR A 367 -10.16 18.93 -22.46
N GLY A 368 -9.71 18.48 -21.28
CA GLY A 368 -9.62 19.36 -20.14
C GLY A 368 -8.55 20.43 -20.29
N SER A 369 -7.48 20.13 -21.02
CA SER A 369 -6.40 21.10 -21.17
C SER A 369 -6.81 22.25 -22.08
N ASP A 370 -7.50 21.95 -23.17
CA ASP A 370 -8.01 22.97 -24.09
C ASP A 370 -9.46 23.35 -23.79
N LEU A 371 -9.96 22.96 -22.62
CA LEU A 371 -11.38 23.12 -22.31
C LEU A 371 -11.80 24.58 -22.38
N TYR A 372 -11.08 25.46 -21.69
CA TYR A 372 -11.48 26.87 -21.66
C TYR A 372 -11.25 27.54 -23.01
N ARG A 373 -10.17 27.19 -23.70
CA ARG A 373 -9.87 27.83 -24.98
C ARG A 373 -10.96 27.55 -26.01
N GLN A 374 -11.32 26.28 -26.18
CA GLN A 374 -12.29 25.93 -27.20
C GLN A 374 -13.70 26.39 -26.85
N SER A 375 -14.04 26.40 -25.56
CA SER A 375 -15.37 26.86 -25.15
C SER A 375 -15.54 28.35 -25.44
N LEU A 376 -14.52 29.16 -25.17
CA LEU A 376 -14.63 30.59 -25.42
C LEU A 376 -14.70 30.90 -26.91
N GLU A 377 -14.00 30.12 -27.74
CA GLU A 377 -14.06 30.36 -29.18
C GLU A 377 -15.48 30.15 -29.72
N ILE A 378 -16.15 29.10 -29.27
CA ILE A 378 -17.48 28.79 -29.78
C ILE A 378 -18.49 29.83 -29.28
N ILE A 379 -18.42 30.18 -28.00
CA ILE A 379 -19.38 31.13 -27.44
C ILE A 379 -19.12 32.55 -27.97
N SER A 380 -17.84 32.92 -28.13
CA SER A 380 -17.53 34.24 -28.65
C SER A 380 -17.87 34.36 -30.13
N ARG A 381 -17.62 33.31 -30.91
CA ARG A 381 -18.03 33.31 -32.30
C ARG A 381 -19.54 33.41 -32.43
N TYR A 382 -20.27 32.64 -31.62
CA TYR A 382 -21.72 32.60 -31.71
C TYR A 382 -22.33 33.95 -31.36
N LEU A 383 -21.87 34.57 -30.28
CA LEU A 383 -22.43 35.84 -29.86
C LEU A 383 -22.13 36.94 -30.88
N ARG A 384 -20.93 36.93 -31.46
CA ARG A 384 -20.63 37.85 -32.54
C ARG A 384 -21.48 37.55 -33.77
N GLU A 385 -21.63 36.26 -34.10
CA GLU A 385 -22.39 35.88 -35.29
C GLU A 385 -23.85 36.26 -35.18
N GLN A 386 -24.42 36.24 -33.97
CA GLN A 386 -25.78 36.68 -33.78
C GLN A 386 -25.90 38.20 -33.68
N ALA A 387 -24.78 38.89 -33.43
CA ALA A 387 -24.82 40.34 -33.30
C ALA A 387 -24.64 41.03 -34.65
N THR A 388 -23.73 40.53 -35.49
CA THR A 388 -23.49 41.14 -36.78
C THR A 388 -24.44 40.62 -37.86
N GLY A 389 -24.56 39.31 -37.98
CA GLY A 389 -25.35 38.69 -39.03
C GLY A 389 -24.53 38.03 -40.12
N SER A 390 -23.23 38.31 -40.18
CA SER A 390 -22.35 37.67 -41.15
C SER A 390 -21.69 36.45 -40.53
N LYS A 391 -20.43 36.21 -40.87
CA LYS A 391 -19.69 35.07 -40.35
C LYS A 391 -18.21 35.41 -40.28
N ASP A 392 -17.51 34.76 -39.36
CA ASP A 392 -16.08 34.96 -39.22
C ASP A 392 -15.33 34.11 -40.23
N SER A 393 -14.33 34.72 -40.88
CA SER A 393 -13.53 34.04 -41.89
C SER A 393 -12.14 33.68 -41.37
N LYS A 394 -12.02 33.44 -40.08
CA LYS A 394 -10.73 33.11 -39.46
C LYS A 394 -10.22 31.75 -39.95
N ALA A 399 -8.17 20.43 -36.65
CA ALA A 399 -8.16 21.07 -35.34
C ALA A 399 -8.94 22.38 -35.37
N GLY A 400 -10.05 22.38 -36.09
CA GLY A 400 -10.91 23.54 -36.18
C GLY A 400 -12.27 23.17 -36.74
N ALA A 401 -12.32 22.07 -37.49
CA ALA A 401 -13.59 21.59 -38.01
C ALA A 401 -14.50 21.11 -36.89
N ALA A 402 -13.93 20.65 -35.77
CA ALA A 402 -14.75 20.26 -34.62
C ALA A 402 -15.49 21.46 -34.05
N GLY A 403 -14.84 22.62 -34.03
CA GLY A 403 -15.53 23.83 -33.63
C GLY A 403 -16.53 24.31 -34.66
N ARG A 404 -16.23 24.08 -35.94
CA ARG A 404 -17.17 24.45 -36.99
C ARG A 404 -18.46 23.64 -36.91
N ARG A 405 -18.35 22.35 -36.60
CA ARG A 405 -19.54 21.53 -36.39
C ARG A 405 -20.29 21.98 -35.14
N ALA A 406 -19.55 22.34 -34.08
CA ALA A 406 -20.19 22.81 -32.86
C ALA A 406 -20.88 24.14 -33.06
N LEU A 407 -20.26 25.05 -33.81
CA LEU A 407 -20.86 26.36 -34.04
C LEU A 407 -22.08 26.25 -34.96
N GLU A 408 -22.00 25.39 -35.97
CA GLU A 408 -23.17 25.17 -36.82
C GLU A 408 -24.29 24.50 -36.05
N THR A 409 -23.94 23.55 -35.17
CA THR A 409 -24.96 22.95 -34.31
C THR A 409 -25.51 23.97 -33.32
N LEU A 410 -24.65 24.86 -32.82
CA LEU A 410 -25.11 25.91 -31.92
C LEU A 410 -25.96 26.94 -32.66
N ARG A 411 -25.68 27.16 -33.95
CA ARG A 411 -26.54 28.02 -34.76
C ARG A 411 -27.94 27.42 -34.86
N ARG A 412 -28.02 26.13 -35.18
CA ARG A 412 -29.32 25.49 -35.40
C ARG A 412 -30.06 25.28 -34.09
N VAL A 413 -29.34 24.98 -33.01
CA VAL A 413 -29.98 24.72 -31.74
C VAL A 413 -30.30 26.03 -31.01
N GLY A 414 -29.37 26.98 -31.04
CA GLY A 414 -29.56 28.21 -30.30
C GLY A 414 -30.64 29.11 -30.88
N ASP A 415 -30.84 29.05 -32.20
CA ASP A 415 -31.84 29.90 -32.83
C ASP A 415 -33.25 29.51 -32.39
N GLY A 416 -33.55 28.20 -32.42
CA GLY A 416 -34.88 27.77 -32.03
C GLY A 416 -35.15 27.95 -30.55
N VAL A 417 -34.16 27.61 -29.71
CA VAL A 417 -34.34 27.73 -28.27
C VAL A 417 -34.50 29.20 -27.87
N GLN A 418 -33.74 30.09 -28.50
CA GLN A 418 -33.78 31.51 -28.15
C GLN A 418 -35.15 32.11 -28.46
N ARG A 419 -35.77 31.69 -29.56
CA ARG A 419 -37.10 32.15 -29.92
C ARG A 419 -38.21 31.39 -29.21
N ASN A 420 -37.89 30.24 -28.61
CA ASN A 420 -38.88 29.53 -27.79
C ASN A 420 -39.11 30.25 -26.48
N HIS A 421 -38.03 30.58 -25.76
CA HIS A 421 -38.11 31.37 -24.54
C HIS A 421 -37.92 32.86 -24.78
N GLU A 422 -38.26 33.34 -25.99
CA GLU A 422 -38.01 34.73 -26.33
C GLU A 422 -38.77 35.68 -25.41
N THR A 423 -40.03 35.36 -25.09
CA THR A 423 -40.81 36.20 -24.20
C THR A 423 -40.20 36.24 -22.80
N ALA A 424 -39.80 35.08 -22.28
CA ALA A 424 -39.17 35.06 -20.96
C ALA A 424 -37.84 35.78 -20.96
N PHE A 425 -37.11 35.74 -22.08
CA PHE A 425 -35.81 36.38 -22.13
C PHE A 425 -35.95 37.90 -22.04
N GLN A 426 -36.93 38.47 -22.73
CA GLN A 426 -37.13 39.91 -22.68
C GLN A 426 -37.74 40.36 -21.37
N GLY A 427 -38.61 39.55 -20.77
CA GLY A 427 -39.07 39.84 -19.42
C GLY A 427 -37.93 39.86 -18.43
N MET A 428 -37.03 38.88 -18.52
CA MET A 428 -35.77 38.95 -17.80
C MET A 428 -34.93 40.14 -18.26
N LEU A 429 -34.95 40.42 -19.56
CA LEU A 429 -34.17 41.54 -20.08
C LEU A 429 -34.74 42.88 -19.62
N ARG A 430 -36.06 42.96 -19.47
CA ARG A 430 -36.78 44.23 -19.31
C ARG A 430 -36.13 45.18 -18.33
N LYS A 431 -35.48 44.59 -17.35
CA LYS A 431 -34.79 45.31 -16.33
C LYS A 431 -33.49 45.72 -16.96
N LEU A 432 -32.41 45.06 -16.65
CA LEU A 432 -31.19 45.44 -17.27
C LEU A 432 -30.68 46.76 -16.85
N ASP A 433 -29.40 46.80 -16.52
CA ASP A 433 -28.74 48.02 -16.17
C ASP A 433 -27.89 48.29 -17.36
N ILE A 434 -26.79 47.57 -17.43
CA ILE A 434 -25.84 47.66 -18.49
C ILE A 434 -25.35 49.07 -18.60
N LYS A 435 -24.72 49.57 -17.56
CA LYS A 435 -24.22 50.91 -17.59
C LYS A 435 -22.78 50.85 -17.86
N ASN A 436 -22.11 49.94 -17.18
CA ASN A 436 -20.68 49.79 -17.38
C ASN A 436 -20.36 48.32 -17.55
N GLU A 437 -19.06 48.00 -17.65
CA GLU A 437 -18.66 46.61 -17.70
C GLU A 437 -18.64 45.97 -16.33
N GLY A 438 -18.32 46.75 -15.28
CA GLY A 438 -18.35 46.21 -13.94
C GLY A 438 -19.69 45.59 -13.58
N ASP A 439 -20.78 46.15 -14.10
CA ASP A 439 -22.09 45.54 -13.87
C ASP A 439 -22.28 44.31 -14.75
N VAL A 440 -21.76 44.35 -15.99
CA VAL A 440 -21.82 43.17 -16.83
C VAL A 440 -20.90 42.08 -16.30
N LYS A 441 -19.70 42.46 -15.84
CA LYS A 441 -18.85 41.53 -15.15
C LYS A 441 -19.46 41.05 -13.84
N SER A 442 -20.34 41.86 -13.24
CA SER A 442 -21.00 41.45 -12.00
C SER A 442 -22.02 40.33 -12.21
N PHE A 443 -22.35 40.00 -13.46
CA PHE A 443 -23.21 38.85 -13.71
C PHE A 443 -22.53 37.52 -13.39
N SER A 444 -21.22 37.52 -13.14
CA SER A 444 -20.56 36.30 -12.71
C SER A 444 -21.10 35.81 -11.37
N ARG A 445 -21.36 36.74 -10.46
CA ARG A 445 -21.88 36.37 -9.14
C ARG A 445 -23.21 35.62 -9.26
N VAL A 446 -24.15 36.18 -10.02
CA VAL A 446 -25.48 35.57 -10.10
C VAL A 446 -25.42 34.24 -10.84
N MET A 447 -24.63 34.16 -11.91
CA MET A 447 -24.68 32.99 -12.78
C MET A 447 -24.04 31.77 -12.12
N VAL A 448 -22.93 31.97 -11.40
CA VAL A 448 -22.28 30.83 -10.76
C VAL A 448 -23.16 30.24 -9.68
N HIS A 449 -23.89 31.08 -8.94
CA HIS A 449 -24.74 30.56 -7.88
C HIS A 449 -25.91 29.77 -8.44
N VAL A 450 -26.53 30.29 -9.50
CA VAL A 450 -27.67 29.59 -10.10
C VAL A 450 -27.22 28.33 -10.82
N PHE A 451 -25.99 28.31 -11.33
CA PHE A 451 -25.54 27.19 -12.14
C PHE A 451 -24.84 26.09 -11.36
N LYS A 452 -24.32 26.38 -10.17
CA LYS A 452 -23.71 25.32 -9.37
C LYS A 452 -24.74 24.25 -9.01
N ASP A 453 -25.94 24.67 -8.65
CA ASP A 453 -27.04 23.77 -8.34
C ASP A 453 -27.81 23.39 -9.60
N GLY A 454 -28.46 22.25 -9.55
CA GLY A 454 -29.50 21.91 -10.49
C GLY A 454 -29.08 20.85 -11.51
N VAL A 455 -29.98 20.61 -12.46
CA VAL A 455 -29.76 19.64 -13.51
C VAL A 455 -28.62 20.10 -14.41
N THR A 456 -27.82 19.14 -14.88
CA THR A 456 -26.76 19.43 -15.83
C THR A 456 -27.01 18.63 -17.09
N ASN A 457 -27.33 19.31 -18.19
CA ASN A 457 -27.47 18.69 -19.49
C ASN A 457 -27.15 19.73 -20.56
N TRP A 458 -27.22 19.31 -21.82
CA TRP A 458 -26.93 20.24 -22.91
C TRP A 458 -28.04 21.28 -23.08
N GLY A 459 -29.26 20.97 -22.62
CA GLY A 459 -30.35 21.93 -22.73
C GLY A 459 -30.10 23.17 -21.90
N ARG A 460 -29.58 22.99 -20.68
CA ARG A 460 -29.25 24.14 -19.84
C ARG A 460 -28.10 24.95 -20.42
N ILE A 461 -27.07 24.27 -20.90
CA ILE A 461 -25.91 24.97 -21.46
C ILE A 461 -26.32 25.78 -22.69
N VAL A 462 -27.21 25.22 -23.52
CA VAL A 462 -27.72 25.96 -24.67
C VAL A 462 -28.53 27.17 -24.21
N THR A 463 -29.36 27.00 -23.18
CA THR A 463 -30.14 28.12 -22.67
C THR A 463 -29.23 29.20 -22.09
N LEU A 464 -28.14 28.80 -21.45
CA LEU A 464 -27.16 29.76 -20.95
C LEU A 464 -26.56 30.57 -22.09
N ILE A 465 -26.14 29.88 -23.17
CA ILE A 465 -25.51 30.57 -24.28
C ILE A 465 -26.53 31.36 -25.09
N SER A 466 -27.78 30.89 -25.15
CA SER A 466 -28.78 31.53 -25.99
C SER A 466 -29.20 32.89 -25.42
N PHE A 467 -29.37 32.98 -24.09
CA PHE A 467 -29.67 34.29 -23.51
C PHE A 467 -28.47 35.22 -23.63
N GLY A 468 -27.26 34.68 -23.56
CA GLY A 468 -26.08 35.49 -23.86
C GLY A 468 -26.11 36.03 -25.27
N ALA A 469 -26.50 35.19 -26.24
CA ALA A 469 -26.69 35.67 -27.59
C ALA A 469 -27.83 36.67 -27.67
N PHE A 470 -28.89 36.45 -26.87
CA PHE A 470 -30.00 37.37 -26.83
C PHE A 470 -29.56 38.74 -26.31
N VAL A 471 -28.73 38.74 -25.26
CA VAL A 471 -28.21 40.00 -24.73
C VAL A 471 -27.27 40.66 -25.73
N ALA A 472 -26.44 39.84 -26.40
CA ALA A 472 -25.50 40.38 -27.39
C ALA A 472 -26.22 41.16 -28.49
N LYS A 473 -27.32 40.60 -29.00
CA LYS A 473 -28.12 41.30 -30.00
C LYS A 473 -28.59 42.65 -29.47
N HIS A 474 -29.15 42.65 -28.26
CA HIS A 474 -29.59 43.90 -27.66
C HIS A 474 -28.43 44.83 -27.38
N LEU A 475 -27.26 44.28 -27.03
CA LEU A 475 -26.07 45.11 -26.83
C LEU A 475 -25.70 45.83 -28.11
N LYS A 476 -25.88 45.17 -29.26
CA LYS A 476 -25.58 45.80 -30.54
C LYS A 476 -26.60 46.89 -30.89
N SER A 477 -27.85 46.72 -30.45
CA SER A 477 -28.89 47.69 -30.76
C SER A 477 -28.79 48.94 -29.90
N VAL A 478 -28.28 48.82 -28.68
CA VAL A 478 -28.15 49.94 -27.76
C VAL A 478 -26.77 50.56 -27.95
N ASN A 479 -26.09 50.16 -29.02
CA ASN A 479 -24.74 50.66 -29.35
C ASN A 479 -23.75 50.35 -28.23
N GLN A 480 -23.78 49.11 -27.76
CA GLN A 480 -22.80 48.64 -26.78
C GLN A 480 -22.00 47.49 -27.37
N GLU A 481 -21.33 47.78 -28.50
CA GLU A 481 -20.63 46.72 -29.24
C GLU A 481 -19.48 46.15 -28.44
N SER A 482 -18.72 47.00 -27.73
CA SER A 482 -17.52 46.53 -27.05
C SER A 482 -17.81 45.61 -25.87
N PHE A 483 -19.07 45.53 -25.42
CA PHE A 483 -19.42 44.73 -24.26
C PHE A 483 -19.73 43.28 -24.61
N ILE A 484 -19.73 42.93 -25.90
CA ILE A 484 -20.13 41.58 -26.30
C ILE A 484 -19.07 40.56 -25.94
N GLU A 485 -17.81 40.82 -26.29
CA GLU A 485 -16.74 39.88 -25.97
C GLU A 485 -16.55 39.71 -24.47
N PRO A 486 -16.50 40.76 -23.64
CA PRO A 486 -16.46 40.53 -22.19
C PRO A 486 -17.65 39.73 -21.67
N LEU A 487 -18.83 39.91 -22.28
CA LEU A 487 -19.97 39.06 -21.90
C LEU A 487 -19.68 37.60 -22.20
N ALA A 488 -19.06 37.33 -23.36
CA ALA A 488 -18.71 35.95 -23.70
C ALA A 488 -17.67 35.39 -22.74
N GLU A 489 -16.69 36.22 -22.35
CA GLU A 489 -15.72 35.80 -21.34
C GLU A 489 -16.41 35.36 -20.07
N THR A 490 -17.38 36.14 -19.60
CA THR A 490 -18.10 35.82 -18.37
C THR A 490 -18.85 34.50 -18.50
N ILE A 491 -19.54 34.30 -19.63
CA ILE A 491 -20.28 33.06 -19.85
C ILE A 491 -19.35 31.87 -19.85
N THR A 492 -18.17 32.01 -20.44
CA THR A 492 -17.21 30.91 -20.49
C THR A 492 -16.65 30.61 -19.12
N ASP A 493 -16.37 31.65 -18.32
CA ASP A 493 -15.92 31.45 -16.95
C ASP A 493 -16.95 30.66 -16.15
N VAL A 494 -18.21 31.07 -16.22
CA VAL A 494 -19.26 30.41 -15.45
C VAL A 494 -19.42 28.97 -15.91
N LEU A 495 -19.44 28.74 -17.23
CA LEU A 495 -19.72 27.42 -17.76
C LEU A 495 -18.66 26.41 -17.32
N VAL A 496 -17.38 26.77 -17.43
CA VAL A 496 -16.35 25.78 -17.18
C VAL A 496 -16.05 25.64 -15.69
N ARG A 497 -16.19 26.71 -14.90
CA ARG A 497 -15.88 26.59 -13.49
C ARG A 497 -16.94 25.84 -12.72
N THR A 498 -18.11 25.60 -13.32
CA THR A 498 -19.18 24.85 -12.69
C THR A 498 -19.42 23.48 -13.30
N LYS A 499 -19.09 23.29 -14.58
CA LYS A 499 -19.44 22.06 -15.30
C LYS A 499 -18.23 21.39 -15.94
N ARG A 500 -17.02 21.75 -15.52
CA ARG A 500 -15.81 21.21 -16.15
C ARG A 500 -15.86 19.68 -16.23
N ASP A 501 -16.05 19.03 -15.08
CA ASP A 501 -15.99 17.58 -15.01
C ASP A 501 -17.11 16.92 -15.80
N TRP A 502 -18.29 17.55 -15.85
CA TRP A 502 -19.36 17.03 -16.69
C TRP A 502 -19.01 17.14 -18.17
N LEU A 503 -18.51 18.31 -18.59
CA LEU A 503 -18.18 18.52 -19.99
C LEU A 503 -17.08 17.58 -20.45
N VAL A 504 -16.17 17.20 -19.56
CA VAL A 504 -15.13 16.24 -19.93
C VAL A 504 -15.72 14.85 -20.09
N LYS A 505 -16.64 14.47 -19.21
CA LYS A 505 -17.28 13.17 -19.32
C LYS A 505 -18.11 13.07 -20.60
N GLN A 506 -18.58 14.20 -21.12
CA GLN A 506 -19.39 14.22 -22.35
C GLN A 506 -18.57 14.54 -23.58
N ARG A 507 -17.27 14.24 -23.60
CA ARG A 507 -16.49 14.34 -24.82
C ARG A 507 -16.24 15.78 -25.22
N GLY A 508 -16.28 16.68 -24.25
CA GLY A 508 -16.19 18.10 -24.59
C GLY A 508 -17.32 18.50 -25.52
N TRP A 509 -16.99 19.37 -26.47
CA TRP A 509 -17.98 19.84 -27.43
C TRP A 509 -18.30 18.81 -28.49
N ASP A 510 -17.57 17.70 -28.56
CA ASP A 510 -17.93 16.61 -29.46
C ASP A 510 -19.23 15.95 -29.02
N GLY A 511 -19.43 15.81 -27.70
CA GLY A 511 -20.70 15.30 -27.21
C GLY A 511 -21.84 16.26 -27.45
N PHE A 512 -21.55 17.57 -27.46
CA PHE A 512 -22.55 18.56 -27.84
C PHE A 512 -22.96 18.40 -29.29
N VAL A 513 -22.00 18.04 -30.15
CA VAL A 513 -22.31 17.87 -31.56
C VAL A 513 -23.14 16.61 -31.79
N GLU A 514 -22.77 15.51 -31.14
CA GLU A 514 -23.52 14.27 -31.34
C GLU A 514 -24.89 14.31 -30.69
N PHE A 515 -25.03 15.01 -29.56
CA PHE A 515 -26.32 15.06 -28.88
C PHE A 515 -27.43 15.54 -29.81
N PHE A 516 -27.11 16.43 -30.74
CA PHE A 516 -28.11 17.01 -31.62
C PHE A 516 -28.05 16.47 -33.05
N HIS A 517 -27.05 15.66 -33.38
CA HIS A 517 -26.93 15.13 -34.74
C HIS A 517 -28.08 14.17 -35.06
N GLY B 1 -34.73 -19.84 58.95
CA GLY B 1 -35.07 -18.47 59.25
C GLY B 1 -36.56 -18.19 59.17
N LYS B 2 -36.93 -16.91 59.24
CA LYS B 2 -38.33 -16.50 59.21
C LYS B 2 -38.70 -15.76 57.93
N ILE B 3 -37.77 -15.59 56.98
CA ILE B 3 -38.04 -14.90 55.73
C ILE B 3 -38.31 -15.94 54.66
N GLU B 4 -39.46 -15.82 54.00
CA GLU B 4 -39.89 -16.81 53.02
C GLU B 4 -38.98 -16.77 51.79
N GLU B 5 -38.60 -17.95 51.31
CA GLU B 5 -37.79 -18.09 50.11
C GLU B 5 -38.71 -18.16 48.90
N GLY B 6 -38.48 -17.28 47.92
CA GLY B 6 -39.25 -17.25 46.71
C GLY B 6 -40.18 -16.07 46.52
N LYS B 7 -39.99 -14.98 47.26
CA LYS B 7 -40.73 -13.74 47.04
C LYS B 7 -39.96 -12.61 47.72
N LEU B 8 -40.36 -11.38 47.42
CA LEU B 8 -39.71 -10.20 47.96
C LEU B 8 -40.71 -9.42 48.82
N VAL B 9 -40.29 -9.10 50.03
CA VAL B 9 -41.05 -8.21 50.91
C VAL B 9 -40.24 -6.93 51.08
N ILE B 10 -40.83 -5.81 50.68
CA ILE B 10 -40.14 -4.53 50.69
C ILE B 10 -40.82 -3.61 51.70
N TRP B 11 -40.01 -2.92 52.49
CA TRP B 11 -40.48 -1.85 53.36
C TRP B 11 -40.10 -0.51 52.72
N ILE B 12 -40.99 0.46 52.84
CA ILE B 12 -40.73 1.83 52.39
C ILE B 12 -41.64 2.74 53.20
N ASN B 13 -41.14 3.92 53.53
CA ASN B 13 -41.88 4.80 54.43
C ASN B 13 -43.11 5.38 53.73
N GLY B 14 -44.16 5.62 54.53
CA GLY B 14 -45.44 6.05 53.99
C GLY B 14 -45.41 7.40 53.31
N ASP B 15 -44.38 8.21 53.57
CA ASP B 15 -44.30 9.48 52.86
C ASP B 15 -43.85 9.31 51.42
N LYS B 16 -43.29 8.15 51.08
CA LYS B 16 -42.81 7.91 49.73
C LYS B 16 -43.91 7.26 48.88
N GLY B 17 -43.64 7.14 47.59
CA GLY B 17 -44.59 6.54 46.67
C GLY B 17 -44.61 5.03 46.70
N TYR B 18 -45.22 4.46 47.74
CA TYR B 18 -45.25 3.01 47.87
C TYR B 18 -46.19 2.38 46.85
N ASN B 19 -47.22 3.10 46.42
CA ASN B 19 -48.14 2.55 45.41
C ASN B 19 -47.44 2.41 44.07
N GLY B 20 -46.62 3.39 43.69
CA GLY B 20 -45.87 3.28 42.45
C GLY B 20 -44.86 2.15 42.47
N LEU B 21 -44.20 1.96 43.61
CA LEU B 21 -43.24 0.87 43.73
C LEU B 21 -43.92 -0.49 43.64
N ALA B 22 -45.14 -0.61 44.16
CA ALA B 22 -45.88 -1.86 44.05
C ALA B 22 -46.22 -2.18 42.60
N GLU B 23 -46.45 -1.16 41.78
CA GLU B 23 -46.70 -1.40 40.37
C GLU B 23 -45.43 -1.85 39.65
N VAL B 24 -44.27 -1.42 40.11
CA VAL B 24 -43.02 -1.97 39.60
C VAL B 24 -42.88 -3.42 40.01
N GLY B 25 -43.30 -3.76 41.23
CA GLY B 25 -43.34 -5.15 41.65
C GLY B 25 -44.37 -5.96 40.88
N LYS B 26 -45.44 -5.31 40.41
CA LYS B 26 -46.44 -6.00 39.61
C LYS B 26 -45.89 -6.37 38.23
N LYS B 27 -45.10 -5.48 37.63
CA LYS B 27 -44.43 -5.83 36.38
C LYS B 27 -43.39 -6.91 36.60
N PHE B 28 -42.69 -6.87 37.75
CA PHE B 28 -41.78 -7.96 38.09
C PHE B 28 -42.54 -9.26 38.32
N GLU B 29 -43.72 -9.18 38.94
CA GLU B 29 -44.54 -10.36 39.13
C GLU B 29 -45.09 -10.88 37.81
N LYS B 30 -45.38 -9.98 36.86
CA LYS B 30 -45.92 -10.42 35.58
C LYS B 30 -44.86 -11.13 34.74
N ASP B 31 -43.59 -10.75 34.88
CA ASP B 31 -42.51 -11.32 34.10
C ASP B 31 -41.97 -12.61 34.71
N THR B 32 -41.77 -12.63 36.02
CA THR B 32 -41.10 -13.75 36.68
C THR B 32 -42.01 -14.59 37.56
N GLY B 33 -43.26 -14.16 37.79
CA GLY B 33 -44.16 -14.89 38.65
C GLY B 33 -43.83 -14.83 40.12
N ILE B 34 -42.83 -14.06 40.52
CA ILE B 34 -42.41 -13.96 41.91
C ILE B 34 -43.12 -12.77 42.54
N LYS B 35 -43.77 -13.00 43.68
CA LYS B 35 -44.55 -11.96 44.32
C LYS B 35 -43.65 -10.92 44.98
N VAL B 36 -44.03 -9.66 44.86
CA VAL B 36 -43.36 -8.56 45.54
C VAL B 36 -44.40 -7.80 46.35
N THR B 37 -44.20 -7.75 47.66
CA THR B 37 -45.11 -7.08 48.58
C THR B 37 -44.41 -5.88 49.21
N VAL B 38 -45.04 -4.71 49.12
CA VAL B 38 -44.49 -3.47 49.65
C VAL B 38 -45.35 -3.03 50.83
N GLU B 39 -44.70 -2.78 51.96
CA GLU B 39 -45.36 -2.31 53.16
C GLU B 39 -44.79 -0.94 53.55
N HIS B 40 -45.57 -0.18 54.31
CA HIS B 40 -45.12 1.09 54.88
C HIS B 40 -45.37 1.08 56.38
N PRO B 41 -44.53 0.38 57.14
CA PRO B 41 -44.72 0.31 58.59
C PRO B 41 -44.41 1.62 59.29
N ASP B 42 -44.91 1.74 60.51
CA ASP B 42 -44.62 2.87 61.37
C ASP B 42 -43.29 2.67 62.08
N LYS B 43 -42.61 3.78 62.37
CA LYS B 43 -41.28 3.75 62.97
C LYS B 43 -40.35 2.83 62.19
N LEU B 44 -40.34 3.01 60.87
CA LEU B 44 -39.62 2.09 59.98
C LEU B 44 -38.13 2.10 60.27
N GLU B 45 -37.58 3.26 60.59
CA GLU B 45 -36.15 3.36 60.85
C GLU B 45 -35.74 2.65 62.14
N GLU B 46 -36.69 2.46 63.06
CA GLU B 46 -36.40 1.78 64.31
C GLU B 46 -36.79 0.30 64.29
N LYS B 47 -37.81 -0.06 63.52
CA LYS B 47 -38.30 -1.44 63.52
C LYS B 47 -37.40 -2.36 62.70
N PHE B 48 -36.69 -1.84 61.70
CA PHE B 48 -35.84 -2.72 60.90
C PHE B 48 -34.68 -3.30 61.69
N PRO B 49 -33.84 -2.51 62.39
CA PRO B 49 -32.70 -3.12 63.08
C PRO B 49 -33.10 -4.07 64.19
N GLN B 50 -34.27 -3.86 64.81
CA GLN B 50 -34.70 -4.77 65.86
C GLN B 50 -35.06 -6.14 65.30
N VAL B 51 -35.88 -6.16 64.24
CA VAL B 51 -36.30 -7.43 63.65
C VAL B 51 -35.19 -8.07 62.83
N ALA B 52 -34.24 -7.27 62.32
CA ALA B 52 -33.17 -7.83 61.51
C ALA B 52 -32.07 -8.47 62.36
N ALA B 53 -31.86 -7.98 63.58
CA ALA B 53 -30.86 -8.59 64.46
C ALA B 53 -31.20 -10.03 64.81
N THR B 54 -32.48 -10.40 64.75
CA THR B 54 -32.91 -11.77 65.00
C THR B 54 -33.07 -12.58 63.71
N GLY B 55 -32.53 -12.08 62.60
CA GLY B 55 -32.62 -12.82 61.34
C GLY B 55 -33.98 -12.76 60.67
N ASP B 56 -34.71 -11.67 60.83
CA ASP B 56 -36.07 -11.51 60.32
C ASP B 56 -36.17 -10.19 59.57
N GLY B 57 -37.38 -9.88 59.10
CA GLY B 57 -37.62 -8.60 58.47
C GLY B 57 -37.84 -8.69 56.97
N PRO B 58 -37.89 -7.55 56.31
CA PRO B 58 -38.12 -7.54 54.86
C PRO B 58 -36.87 -7.92 54.09
N ASP B 59 -37.08 -8.27 52.83
CA ASP B 59 -35.94 -8.55 51.95
C ASP B 59 -35.18 -7.26 51.63
N ILE B 60 -35.91 -6.21 51.26
CA ILE B 60 -35.33 -4.92 50.89
C ILE B 60 -35.86 -3.84 51.82
N ILE B 61 -34.95 -3.03 52.35
CA ILE B 61 -35.30 -1.90 53.22
C ILE B 61 -35.04 -0.61 52.47
N PHE B 62 -35.98 0.33 52.57
CA PHE B 62 -35.86 1.66 51.97
C PHE B 62 -35.81 2.72 53.07
N TRP B 63 -34.81 3.60 53.00
CA TRP B 63 -34.70 4.77 53.86
C TRP B 63 -33.58 5.64 53.28
N ALA B 64 -33.36 6.79 53.90
CA ALA B 64 -32.20 7.58 53.55
C ALA B 64 -30.93 6.89 54.01
N HIS B 65 -29.82 7.22 53.36
CA HIS B 65 -28.53 6.59 53.61
C HIS B 65 -28.00 6.84 55.01
N ASP B 66 -28.57 7.79 55.76
CA ASP B 66 -28.01 8.14 57.06
C ASP B 66 -27.95 6.94 58.01
N ARG B 67 -28.90 6.02 57.89
CA ARG B 67 -29.04 4.93 58.84
C ARG B 67 -28.46 3.61 58.35
N PHE B 68 -28.01 3.53 57.10
CA PHE B 68 -27.57 2.24 56.58
C PHE B 68 -26.20 1.85 57.11
N GLY B 69 -25.32 2.82 57.39
CA GLY B 69 -24.03 2.50 57.97
C GLY B 69 -24.14 1.82 59.32
N GLY B 70 -25.03 2.32 60.18
CA GLY B 70 -25.26 1.65 61.46
C GLY B 70 -25.78 0.25 61.29
N TYR B 71 -26.63 0.02 60.29
CA TYR B 71 -27.11 -1.31 60.00
C TYR B 71 -25.97 -2.22 59.56
N ALA B 72 -25.10 -1.71 58.66
CA ALA B 72 -23.99 -2.52 58.16
C ALA B 72 -23.00 -2.85 59.27
N GLN B 73 -22.70 -1.88 60.13
CA GLN B 73 -21.81 -2.15 61.26
C GLN B 73 -22.35 -3.27 62.14
N SER B 74 -23.67 -3.34 62.28
CA SER B 74 -24.32 -4.42 63.01
C SER B 74 -24.44 -5.70 62.19
N GLY B 75 -23.97 -5.69 60.94
CA GLY B 75 -24.03 -6.88 60.12
C GLY B 75 -25.41 -7.24 59.64
N LEU B 76 -26.28 -6.25 59.43
CA LEU B 76 -27.65 -6.51 59.00
C LEU B 76 -27.86 -6.33 57.51
N LEU B 77 -26.81 -5.97 56.77
CA LEU B 77 -26.93 -5.67 55.35
C LEU B 77 -26.05 -6.61 54.52
N ALA B 78 -26.55 -6.97 53.35
CA ALA B 78 -25.79 -7.76 52.40
C ALA B 78 -25.08 -6.85 51.42
N GLU B 79 -23.83 -7.17 51.13
CA GLU B 79 -23.04 -6.40 50.18
C GLU B 79 -23.63 -6.56 48.78
N ILE B 80 -23.96 -5.44 48.15
CA ILE B 80 -24.48 -5.49 46.77
C ILE B 80 -23.32 -5.72 45.82
N THR B 81 -23.61 -6.39 44.70
CA THR B 81 -22.58 -6.81 43.75
C THR B 81 -22.92 -6.35 42.34
N PRO B 82 -22.89 -5.04 42.10
CA PRO B 82 -23.09 -4.56 40.73
C PRO B 82 -21.77 -4.48 39.98
N ASP B 83 -21.79 -4.89 38.72
CA ASP B 83 -20.60 -4.80 37.90
C ASP B 83 -20.36 -3.37 37.46
N LYS B 84 -19.16 -3.10 36.93
CA LYS B 84 -18.81 -1.75 36.53
C LYS B 84 -19.77 -1.19 35.49
N ALA B 85 -20.30 -2.05 34.61
CA ALA B 85 -21.24 -1.59 33.60
C ALA B 85 -22.48 -0.97 34.23
N PHE B 86 -22.94 -1.53 35.35
CA PHE B 86 -24.11 -0.97 36.03
C PHE B 86 -23.76 0.22 36.90
N GLN B 87 -22.58 0.21 37.53
CA GLN B 87 -22.21 1.30 38.42
C GLN B 87 -22.09 2.62 37.66
N ASP B 88 -21.72 2.57 36.38
CA ASP B 88 -21.65 3.77 35.57
C ASP B 88 -23.02 4.30 35.15
N LYS B 89 -24.11 3.60 35.51
CA LYS B 89 -25.44 4.06 35.12
C LYS B 89 -25.96 5.16 36.04
N LEU B 90 -25.51 5.19 37.28
CA LEU B 90 -25.97 6.16 38.26
C LEU B 90 -24.85 7.13 38.63
N TYR B 91 -25.25 8.30 39.14
CA TYR B 91 -24.28 9.34 39.46
C TYR B 91 -23.36 8.88 40.60
N PRO B 92 -22.10 9.31 40.58
CA PRO B 92 -21.14 8.83 41.60
C PRO B 92 -21.43 9.33 43.00
N PHE B 93 -22.07 10.50 43.14
CA PHE B 93 -22.33 11.03 44.48
C PHE B 93 -23.32 10.16 45.24
N THR B 94 -24.29 9.59 44.54
CA THR B 94 -25.21 8.66 45.19
C THR B 94 -24.50 7.36 45.57
N TRP B 95 -23.51 6.95 44.78
CA TRP B 95 -22.70 5.78 45.15
C TRP B 95 -21.82 6.08 46.36
N ASP B 96 -21.39 7.33 46.51
CA ASP B 96 -20.54 7.68 47.65
C ASP B 96 -21.32 7.65 48.96
N ALA B 97 -22.64 7.88 48.90
CA ALA B 97 -23.44 7.93 50.11
C ALA B 97 -23.70 6.54 50.69
N VAL B 98 -23.62 5.49 49.88
CA VAL B 98 -23.97 4.15 50.31
C VAL B 98 -22.72 3.27 50.46
N ARG B 99 -21.56 3.88 50.68
CA ARG B 99 -20.32 3.17 50.89
C ARG B 99 -19.94 3.22 52.37
N TYR B 100 -19.56 2.08 52.93
CA TYR B 100 -19.22 2.00 54.35
C TYR B 100 -18.09 0.99 54.52
N ASN B 101 -16.95 1.46 55.00
CA ASN B 101 -15.73 0.65 55.09
C ASN B 101 -15.40 0.01 53.74
N GLY B 102 -15.47 0.83 52.69
CA GLY B 102 -15.12 0.40 51.36
C GLY B 102 -16.08 -0.55 50.69
N LYS B 103 -17.18 -0.91 51.33
CA LYS B 103 -18.17 -1.81 50.77
C LYS B 103 -19.43 -1.05 50.41
N LEU B 104 -19.97 -1.33 49.23
CA LEU B 104 -21.29 -0.82 48.86
C LEU B 104 -22.36 -1.63 49.59
N ILE B 105 -23.27 -0.94 50.27
CA ILE B 105 -24.22 -1.60 51.16
C ILE B 105 -25.67 -1.41 50.74
N ALA B 106 -25.94 -0.62 49.69
CA ALA B 106 -27.30 -0.44 49.21
C ALA B 106 -27.26 0.21 47.84
N TYR B 107 -28.38 0.08 47.12
CA TYR B 107 -28.55 0.76 45.85
C TYR B 107 -29.14 2.14 46.08
N PRO B 108 -28.48 3.21 45.64
CA PRO B 108 -29.08 4.54 45.77
C PRO B 108 -30.16 4.76 44.72
N ILE B 109 -31.15 5.57 45.09
CA ILE B 109 -32.33 5.81 44.27
C ILE B 109 -32.44 7.26 43.85
N ALA B 110 -32.42 8.19 44.81
CA ALA B 110 -32.67 9.59 44.52
C ALA B 110 -32.06 10.46 45.60
N VAL B 111 -31.83 11.72 45.25
CA VAL B 111 -31.28 12.71 46.17
C VAL B 111 -32.41 13.64 46.62
N GLU B 112 -32.53 13.83 47.93
CA GLU B 112 -33.62 14.62 48.51
C GLU B 112 -33.06 15.77 49.34
N ALA B 113 -33.78 16.88 49.34
CA ALA B 113 -33.45 18.04 50.17
C ALA B 113 -34.70 18.87 50.37
N LEU B 114 -34.79 19.49 51.55
CA LEU B 114 -35.96 20.30 51.89
C LEU B 114 -35.89 21.67 51.21
N SER B 115 -37.06 22.17 50.81
CA SER B 115 -37.16 23.48 50.20
C SER B 115 -38.38 24.19 50.77
N LEU B 116 -38.42 25.51 50.55
CA LEU B 116 -39.55 26.33 50.98
C LEU B 116 -40.60 26.36 49.88
N ILE B 117 -41.79 25.85 50.17
CA ILE B 117 -42.92 25.89 49.26
C ILE B 117 -43.85 26.99 49.73
N TYR B 118 -44.20 27.91 48.82
CA TYR B 118 -44.99 29.08 49.18
C TYR B 118 -46.23 29.18 48.31
N ASN B 119 -47.28 29.79 48.87
CA ASN B 119 -48.54 30.00 48.16
C ASN B 119 -48.44 31.28 47.34
N LYS B 120 -48.47 31.14 46.01
CA LYS B 120 -48.21 32.28 45.13
C LYS B 120 -49.33 33.32 45.20
N ASP B 121 -50.58 32.89 45.37
CA ASP B 121 -51.69 33.85 45.41
C ASP B 121 -51.78 34.59 46.74
N LEU B 122 -51.22 34.02 47.81
CA LEU B 122 -51.12 34.76 49.06
C LEU B 122 -49.88 35.63 49.12
N LEU B 123 -48.91 35.40 48.24
CA LEU B 123 -47.59 36.00 48.37
C LEU B 123 -46.74 35.69 47.14
N PRO B 124 -46.67 36.58 46.16
CA PRO B 124 -45.97 36.26 44.90
C PRO B 124 -44.45 36.34 44.98
N ASN B 125 -43.86 36.91 46.01
CA ASN B 125 -42.41 37.03 46.13
C ASN B 125 -41.97 36.50 47.48
N PRO B 126 -41.54 35.24 47.55
CA PRO B 126 -41.22 34.62 48.85
C PRO B 126 -40.10 35.36 49.56
N PRO B 127 -40.17 35.48 50.88
CA PRO B 127 -39.13 36.21 51.62
C PRO B 127 -37.83 35.43 51.65
N LYS B 128 -36.73 36.17 51.49
CA LYS B 128 -35.41 35.57 51.37
C LYS B 128 -34.73 35.32 52.70
N THR B 129 -35.23 35.89 53.80
CA THR B 129 -34.63 35.73 55.11
C THR B 129 -35.66 35.24 56.11
N TRP B 130 -35.18 34.55 57.15
CA TRP B 130 -36.04 34.13 58.24
C TRP B 130 -36.52 35.32 59.07
N GLU B 131 -35.69 36.36 59.17
CA GLU B 131 -35.95 37.47 60.09
C GLU B 131 -37.19 38.27 59.69
N GLU B 132 -37.58 38.26 58.42
CA GLU B 132 -38.75 38.99 57.96
C GLU B 132 -40.03 38.15 57.99
N ILE B 133 -39.98 36.94 58.53
CA ILE B 133 -41.15 36.10 58.67
C ILE B 133 -42.03 36.57 59.83
N PRO B 134 -41.49 36.93 61.00
CA PRO B 134 -42.36 37.48 62.05
C PRO B 134 -43.19 38.67 61.60
N ALA B 135 -42.55 39.66 60.97
CA ALA B 135 -43.28 40.84 60.50
C ALA B 135 -44.29 40.46 59.43
N LEU B 136 -43.94 39.49 58.58
CA LEU B 136 -44.88 39.05 57.55
C LEU B 136 -46.07 38.33 58.15
N ASP B 137 -45.88 37.61 59.26
CA ASP B 137 -46.97 36.87 59.88
C ASP B 137 -48.06 37.81 60.38
N LYS B 138 -47.66 38.97 60.93
CA LYS B 138 -48.64 39.92 61.45
C LYS B 138 -49.59 40.38 60.35
N GLU B 139 -49.04 40.70 59.17
CA GLU B 139 -49.90 41.12 58.06
C GLU B 139 -50.81 39.99 57.61
N LEU B 140 -50.28 38.76 57.52
CA LEU B 140 -51.10 37.64 57.11
C LEU B 140 -52.14 37.27 58.16
N LYS B 141 -51.83 37.50 59.44
CA LYS B 141 -52.82 37.26 60.49
C LYS B 141 -54.02 38.18 60.33
N ALA B 142 -53.81 39.37 59.76
CA ALA B 142 -54.94 40.28 59.52
C ALA B 142 -55.87 39.74 58.43
N LYS B 143 -55.34 38.95 57.51
CA LYS B 143 -56.14 38.35 56.45
C LYS B 143 -56.65 36.96 56.83
N GLY B 144 -56.50 36.56 58.10
CA GLY B 144 -56.92 35.23 58.51
C GLY B 144 -56.08 34.11 57.96
N LYS B 145 -54.78 34.35 57.77
CA LYS B 145 -53.85 33.36 57.23
C LYS B 145 -52.61 33.30 58.12
N SER B 146 -51.72 32.37 57.81
CA SER B 146 -50.47 32.22 58.53
C SER B 146 -49.28 32.37 57.57
N ALA B 147 -48.11 32.61 58.14
CA ALA B 147 -46.89 32.78 57.36
C ALA B 147 -46.23 31.45 57.04
N LEU B 148 -45.94 30.65 58.05
CA LEU B 148 -45.19 29.41 57.86
C LEU B 148 -45.68 28.34 58.81
N MET B 149 -45.86 27.13 58.30
CA MET B 149 -46.22 25.96 59.11
C MET B 149 -45.48 24.75 58.55
N PHE B 150 -44.63 24.15 59.36
CA PHE B 150 -43.91 22.94 58.94
C PHE B 150 -43.74 22.01 60.13
N ASN B 151 -43.25 20.80 59.85
CA ASN B 151 -43.17 19.75 60.86
C ASN B 151 -42.09 20.10 61.89
N LEU B 152 -42.51 20.30 63.13
CA LEU B 152 -41.58 20.62 64.22
C LEU B 152 -41.37 19.44 65.16
N GLN B 153 -41.93 18.27 64.85
CA GLN B 153 -41.80 17.10 65.71
C GLN B 153 -40.63 16.21 65.32
N GLU B 154 -40.15 16.30 64.08
CA GLU B 154 -38.94 15.59 63.67
C GLU B 154 -37.87 16.62 63.33
N PRO B 155 -36.65 16.48 63.88
CA PRO B 155 -35.65 17.55 63.72
C PRO B 155 -35.16 17.74 62.29
N TYR B 156 -35.46 16.80 61.39
CA TYR B 156 -35.05 16.93 60.00
C TYR B 156 -35.52 18.24 59.38
N PHE B 157 -36.72 18.69 59.75
CA PHE B 157 -37.29 19.90 59.16
C PHE B 157 -36.81 21.18 59.84
N THR B 158 -36.20 21.09 61.01
CA THR B 158 -35.68 22.24 61.73
C THR B 158 -34.16 22.36 61.65
N TRP B 159 -33.47 21.33 61.20
CA TRP B 159 -32.01 21.38 61.14
C TRP B 159 -31.47 22.48 60.23
N PRO B 160 -32.08 22.79 59.08
CA PRO B 160 -31.56 23.92 58.28
C PRO B 160 -31.42 25.23 59.06
N LEU B 161 -32.29 25.46 60.04
CA LEU B 161 -32.18 26.69 60.83
C LEU B 161 -31.14 26.56 61.93
N ILE B 162 -30.97 25.36 62.51
CA ILE B 162 -29.96 25.16 63.54
C ILE B 162 -28.57 25.18 62.94
N ALA B 163 -28.42 24.69 61.70
CA ALA B 163 -27.13 24.66 61.03
C ALA B 163 -26.79 25.97 60.32
N ALA B 164 -27.70 26.94 60.33
CA ALA B 164 -27.49 28.15 59.54
C ALA B 164 -26.28 28.93 60.03
N ASP B 165 -26.19 29.16 61.33
CA ASP B 165 -25.16 30.01 61.91
C ASP B 165 -23.95 29.25 62.43
N GLY B 166 -23.82 27.97 62.08
CA GLY B 166 -22.63 27.22 62.46
C GLY B 166 -22.88 25.92 63.17
N GLY B 167 -24.13 25.46 63.19
CA GLY B 167 -24.44 24.18 63.81
C GLY B 167 -24.16 23.02 62.86
N TYR B 168 -23.65 21.93 63.41
CA TYR B 168 -23.33 20.75 62.62
C TYR B 168 -23.44 19.51 63.49
N ALA B 169 -23.59 18.36 62.84
CA ALA B 169 -23.63 17.09 63.57
C ALA B 169 -22.22 16.59 63.86
N PHE B 170 -21.49 16.21 62.82
CA PHE B 170 -20.12 15.71 62.95
C PHE B 170 -19.25 16.42 61.92
N LYS B 171 -18.10 16.90 62.37
CA LYS B 171 -17.22 17.72 61.55
C LYS B 171 -16.30 16.83 60.73
N TYR B 172 -16.44 16.91 59.40
CA TYR B 172 -15.58 16.16 58.49
C TYR B 172 -14.40 17.00 58.04
N ASP B 178 -14.78 13.48 62.19
CA ASP B 178 -14.23 13.18 63.50
C ASP B 178 -15.33 13.13 64.56
N ILE B 179 -15.36 12.05 65.34
CA ILE B 179 -16.44 11.82 66.29
C ILE B 179 -16.30 12.66 67.55
N LYS B 180 -15.08 13.07 67.91
CA LYS B 180 -14.92 13.90 69.10
C LYS B 180 -15.48 15.30 68.89
N ASP B 181 -15.48 15.79 67.65
CA ASP B 181 -15.94 17.14 67.34
C ASP B 181 -17.41 17.08 66.96
N VAL B 182 -18.28 17.53 67.86
CA VAL B 182 -19.71 17.58 67.65
C VAL B 182 -20.20 19.00 67.88
N GLY B 183 -20.96 19.53 66.94
CA GLY B 183 -21.38 20.91 67.03
C GLY B 183 -22.85 21.12 67.26
N VAL B 184 -23.39 20.53 68.33
CA VAL B 184 -24.79 20.73 68.67
C VAL B 184 -25.00 21.79 69.74
N ASP B 185 -23.98 22.08 70.56
CA ASP B 185 -24.10 23.08 71.61
C ASP B 185 -23.19 24.29 71.36
N ASN B 186 -22.94 24.63 70.11
CA ASN B 186 -22.17 25.83 69.80
C ASN B 186 -23.10 27.05 69.68
N ALA B 187 -22.48 28.23 69.72
CA ALA B 187 -23.27 29.47 69.70
C ALA B 187 -24.13 29.59 68.44
N GLY B 188 -23.64 29.09 67.31
CA GLY B 188 -24.43 29.16 66.09
C GLY B 188 -25.67 28.31 66.15
N ALA B 189 -25.54 27.08 66.68
CA ALA B 189 -26.72 26.23 66.85
C ALA B 189 -27.69 26.82 67.86
N LYS B 190 -27.16 27.47 68.90
CA LYS B 190 -28.01 28.12 69.88
C LYS B 190 -28.77 29.29 69.26
N ALA B 191 -28.12 30.05 68.38
CA ALA B 191 -28.79 31.17 67.74
C ALA B 191 -29.94 30.70 66.86
N GLY B 192 -29.74 29.63 66.08
CA GLY B 192 -30.80 29.16 65.21
C GLY B 192 -31.98 28.59 65.96
N LEU B 193 -31.72 27.81 67.01
CA LEU B 193 -32.81 27.26 67.82
C LEU B 193 -33.50 28.35 68.63
N THR B 194 -32.76 29.37 69.04
CA THR B 194 -33.38 30.49 69.77
C THR B 194 -34.41 31.20 68.91
N PHE B 195 -34.07 31.47 67.64
CA PHE B 195 -35.02 32.13 66.75
C PHE B 195 -36.27 31.29 66.54
N LEU B 196 -36.10 29.96 66.47
CA LEU B 196 -37.26 29.09 66.37
C LEU B 196 -38.13 29.19 67.62
N VAL B 197 -37.51 29.20 68.79
CA VAL B 197 -38.26 29.33 70.04
C VAL B 197 -38.98 30.69 70.07
N ASP B 198 -38.28 31.75 69.65
CA ASP B 198 -38.90 33.06 69.63
C ASP B 198 -40.11 33.10 68.69
N LEU B 199 -40.02 32.40 67.56
CA LEU B 199 -41.18 32.31 66.66
C LEU B 199 -42.37 31.66 67.35
N ILE B 200 -42.12 30.69 68.23
CA ILE B 200 -43.21 30.01 68.93
C ILE B 200 -43.65 30.83 70.14
N LYS B 201 -42.70 31.46 70.85
CA LYS B 201 -43.07 32.26 72.02
C LYS B 201 -44.00 33.40 71.64
N ASN B 202 -43.76 34.03 70.49
CA ASN B 202 -44.53 35.18 70.04
C ASN B 202 -45.72 34.79 69.17
N LYS B 203 -46.16 33.53 69.24
CA LYS B 203 -47.40 33.07 68.61
C LYS B 203 -47.40 33.22 67.10
N HIS B 204 -46.24 33.03 66.46
CA HIS B 204 -46.16 32.94 65.00
C HIS B 204 -46.14 31.50 64.51
N MET B 205 -45.90 30.54 65.40
CA MET B 205 -46.01 29.12 65.12
C MET B 205 -46.30 28.41 66.44
N ASN B 206 -46.90 27.23 66.34
CA ASN B 206 -47.25 26.44 67.52
C ASN B 206 -46.39 25.19 67.57
N ALA B 207 -45.85 24.89 68.75
CA ALA B 207 -44.91 23.79 68.91
C ALA B 207 -45.54 22.44 68.61
N ASP B 208 -46.87 22.33 68.67
CA ASP B 208 -47.54 21.06 68.45
C ASP B 208 -47.71 20.71 66.98
N THR B 209 -47.32 21.59 66.07
CA THR B 209 -47.50 21.33 64.64
C THR B 209 -46.63 20.15 64.21
N ASP B 210 -47.25 19.17 63.55
CA ASP B 210 -46.50 18.07 62.98
C ASP B 210 -46.56 18.10 61.46
N TYR B 211 -46.22 16.97 60.83
CA TYR B 211 -46.25 16.88 59.37
C TYR B 211 -47.67 17.06 58.84
N SER B 212 -48.59 16.22 59.31
CA SER B 212 -49.95 16.22 58.78
C SER B 212 -50.65 17.55 59.03
N ILE B 213 -50.39 18.18 60.18
CA ILE B 213 -51.00 19.47 60.48
C ILE B 213 -50.54 20.53 59.49
N ALA B 214 -49.23 20.56 59.19
CA ALA B 214 -48.69 21.58 58.31
C ALA B 214 -49.14 21.37 56.87
N GLU B 215 -49.14 20.12 56.40
CA GLU B 215 -49.53 19.85 55.02
C GLU B 215 -50.99 20.20 54.78
N ALA B 216 -51.88 19.83 55.70
CA ALA B 216 -53.29 20.15 55.56
C ALA B 216 -53.52 21.65 55.55
N ALA B 217 -52.81 22.38 56.42
CA ALA B 217 -52.99 23.83 56.50
C ALA B 217 -52.54 24.53 55.23
N PHE B 218 -51.48 24.04 54.57
CA PHE B 218 -51.03 24.68 53.35
C PHE B 218 -51.87 24.27 52.15
N ASN B 219 -52.32 23.01 52.11
CA ASN B 219 -53.10 22.56 50.96
C ASN B 219 -54.49 23.18 50.95
N LYS B 220 -55.01 23.56 52.12
CA LYS B 220 -56.28 24.28 52.20
C LYS B 220 -56.11 25.79 52.11
N GLY B 221 -54.88 26.29 52.16
CA GLY B 221 -54.64 27.72 52.09
C GLY B 221 -54.62 28.44 53.41
N GLU B 222 -54.48 27.74 54.53
CA GLU B 222 -54.46 28.37 55.84
C GLU B 222 -53.10 28.98 56.17
N THR B 223 -52.08 28.76 55.35
CA THR B 223 -50.76 29.32 55.58
C THR B 223 -50.10 29.59 54.23
N ALA B 224 -49.20 30.56 54.22
CA ALA B 224 -48.64 31.03 52.95
C ALA B 224 -47.45 30.19 52.49
N MET B 225 -46.71 29.58 53.42
CA MET B 225 -45.53 28.82 53.05
C MET B 225 -45.36 27.62 53.98
N THR B 226 -44.61 26.65 53.50
CA THR B 226 -44.25 25.47 54.27
C THR B 226 -42.88 24.99 53.83
N ILE B 227 -42.36 24.00 54.55
CA ILE B 227 -41.03 23.45 54.29
C ILE B 227 -41.15 21.94 54.18
N ASN B 228 -40.86 21.39 53.00
CA ASN B 228 -40.98 19.96 52.77
C ASN B 228 -40.15 19.56 51.56
N GLY B 229 -40.09 18.26 51.33
CA GLY B 229 -39.30 17.71 50.25
C GLY B 229 -40.14 17.38 49.04
N PRO B 230 -39.52 16.73 48.04
CA PRO B 230 -40.24 16.47 46.78
C PRO B 230 -41.40 15.51 46.94
N TRP B 231 -41.38 14.63 47.95
CA TRP B 231 -42.46 13.68 48.14
C TRP B 231 -43.80 14.36 48.38
N ALA B 232 -43.78 15.59 48.90
CA ALA B 232 -45.01 16.29 49.25
C ALA B 232 -45.67 16.98 48.07
N TRP B 233 -45.02 17.01 46.90
CA TRP B 233 -45.54 17.75 45.77
C TRP B 233 -46.83 17.13 45.23
N SER B 234 -46.98 15.80 45.35
CA SER B 234 -48.15 15.13 44.78
C SER B 234 -49.43 15.61 45.45
N ASN B 235 -49.41 15.80 46.77
CA ASN B 235 -50.62 16.19 47.47
C ASN B 235 -50.95 17.66 47.24
N ILE B 236 -49.94 18.51 47.03
CA ILE B 236 -50.22 19.90 46.73
C ILE B 236 -50.86 20.03 45.35
N ASP B 237 -50.48 19.18 44.41
CA ASP B 237 -51.10 19.22 43.08
C ASP B 237 -52.57 18.82 43.14
N THR B 238 -52.89 17.79 43.93
CA THR B 238 -54.29 17.45 44.14
C THR B 238 -55.04 18.58 44.82
N SER B 239 -54.37 19.33 45.69
CA SER B 239 -54.99 20.51 46.31
C SER B 239 -55.21 21.62 45.29
N LYS B 240 -54.36 21.69 44.26
CA LYS B 240 -54.42 22.72 43.22
C LYS B 240 -54.13 24.11 43.79
N VAL B 241 -53.30 24.17 44.84
CA VAL B 241 -52.78 25.44 45.33
C VAL B 241 -51.66 25.88 44.41
N ASN B 242 -51.78 27.10 43.87
CA ASN B 242 -50.71 27.65 43.04
C ASN B 242 -49.46 27.87 43.89
N TYR B 243 -48.57 26.88 43.88
CA TYR B 243 -47.41 26.87 44.75
C TYR B 243 -46.13 27.03 43.94
N GLY B 244 -45.10 27.53 44.61
CA GLY B 244 -43.76 27.56 44.05
C GLY B 244 -42.78 26.97 45.04
N VAL B 245 -41.74 26.35 44.50
CA VAL B 245 -40.67 25.75 45.30
C VAL B 245 -39.42 26.60 45.09
N THR B 246 -38.87 27.11 46.18
CA THR B 246 -37.81 28.12 46.11
C THR B 246 -36.77 27.83 47.20
N VAL B 247 -35.77 28.72 47.27
CA VAL B 247 -34.69 28.56 48.23
C VAL B 247 -35.21 28.78 49.65
N LEU B 248 -34.62 28.06 50.59
CA LEU B 248 -34.95 28.28 51.99
C LEU B 248 -34.47 29.66 52.43
N PRO B 249 -35.18 30.29 53.37
CA PRO B 249 -34.75 31.61 53.85
C PRO B 249 -33.40 31.54 54.54
N THR B 250 -32.68 32.66 54.49
CA THR B 250 -31.39 32.77 55.15
C THR B 250 -31.57 33.23 56.60
N PHE B 251 -30.62 32.83 57.44
CA PHE B 251 -30.61 33.22 58.84
C PHE B 251 -29.25 33.82 59.18
N LYS B 252 -29.27 35.04 59.73
CA LYS B 252 -28.04 35.78 60.05
C LYS B 252 -27.15 35.90 58.81
N GLY B 253 -27.76 36.14 57.65
CA GLY B 253 -27.05 36.31 56.41
C GLY B 253 -26.58 35.04 55.74
N GLN B 254 -26.53 33.92 56.45
CA GLN B 254 -26.03 32.70 55.83
C GLN B 254 -27.19 31.76 55.48
N PRO B 255 -27.04 30.92 54.48
CA PRO B 255 -28.18 30.10 54.02
C PRO B 255 -28.63 29.10 55.07
N SER B 256 -29.88 28.69 54.93
CA SER B 256 -30.36 27.52 55.66
C SER B 256 -29.75 26.28 55.04
N LYS B 257 -29.17 25.42 55.89
CA LYS B 257 -28.35 24.31 55.43
C LYS B 257 -29.09 22.98 55.63
N PRO B 258 -29.88 22.54 54.66
CA PRO B 258 -30.63 21.29 54.85
C PRO B 258 -29.73 20.08 54.80
N PHE B 259 -30.07 19.09 55.61
CA PHE B 259 -29.43 17.79 55.52
C PHE B 259 -29.84 17.13 54.21
N VAL B 260 -28.88 16.82 53.36
CA VAL B 260 -29.14 16.18 52.08
C VAL B 260 -29.27 14.68 52.31
N GLY B 261 -30.35 14.11 51.81
CA GLY B 261 -30.60 12.68 51.97
C GLY B 261 -30.63 12.00 50.61
N VAL B 262 -30.13 10.77 50.57
CA VAL B 262 -30.18 9.93 49.38
C VAL B 262 -30.98 8.69 49.73
N LEU B 263 -32.21 8.61 49.20
CA LEU B 263 -33.03 7.44 49.41
C LEU B 263 -32.37 6.23 48.78
N SER B 264 -32.30 5.12 49.52
CA SER B 264 -31.55 3.96 49.08
C SER B 264 -32.31 2.70 49.44
N ALA B 265 -31.89 1.59 48.84
CA ALA B 265 -32.52 0.30 49.03
C ALA B 265 -31.47 -0.68 49.52
N GLY B 266 -31.56 -1.08 50.78
CA GLY B 266 -30.66 -2.07 51.35
C GLY B 266 -31.27 -3.46 51.30
N ILE B 267 -30.41 -4.47 51.19
CA ILE B 267 -30.83 -5.87 51.17
C ILE B 267 -30.53 -6.48 52.54
N ASN B 268 -31.54 -7.10 53.13
CA ASN B 268 -31.36 -7.75 54.43
C ASN B 268 -30.32 -8.85 54.33
N ALA B 269 -29.44 -8.91 55.34
CA ALA B 269 -28.44 -9.96 55.37
C ALA B 269 -29.08 -11.33 55.54
N ALA B 270 -30.17 -11.41 56.31
CA ALA B 270 -30.87 -12.65 56.54
C ALA B 270 -31.83 -13.03 55.41
N SER B 271 -31.81 -12.29 54.31
CA SER B 271 -32.72 -12.57 53.21
C SER B 271 -32.13 -13.66 52.31
N PRO B 272 -32.90 -14.70 51.98
CA PRO B 272 -32.43 -15.71 51.02
C PRO B 272 -32.66 -15.35 49.55
N ASN B 273 -33.25 -14.18 49.27
CA ASN B 273 -33.49 -13.76 47.90
C ASN B 273 -32.61 -12.57 47.52
N LYS B 274 -31.33 -12.63 47.85
CA LYS B 274 -30.44 -11.52 47.53
C LYS B 274 -30.30 -11.35 46.01
N GLU B 275 -30.15 -12.46 45.28
CA GLU B 275 -30.09 -12.37 43.83
C GLU B 275 -31.40 -11.83 43.25
N LEU B 276 -32.53 -12.32 43.76
CA LEU B 276 -33.83 -11.81 43.32
C LEU B 276 -33.95 -10.32 43.59
N ALA B 277 -33.50 -9.88 44.76
CA ALA B 277 -33.53 -8.45 45.08
C ALA B 277 -32.62 -7.65 44.15
N LYS B 278 -31.50 -8.22 43.74
CA LYS B 278 -30.60 -7.52 42.83
C LYS B 278 -31.26 -7.29 41.48
N GLU B 279 -31.92 -8.31 40.94
CA GLU B 279 -32.54 -8.18 39.63
C GLU B 279 -33.70 -7.19 39.64
N PHE B 280 -34.53 -7.24 40.69
CA PHE B 280 -35.63 -6.29 40.81
C PHE B 280 -35.10 -4.87 40.92
N LEU B 281 -34.14 -4.66 41.82
CA LEU B 281 -33.61 -3.31 42.03
C LEU B 281 -32.82 -2.82 40.81
N GLU B 282 -32.04 -3.70 40.19
CA GLU B 282 -31.16 -3.26 39.09
C GLU B 282 -31.86 -3.23 37.74
N ASN B 283 -32.72 -4.20 37.45
CA ASN B 283 -33.30 -4.32 36.12
C ASN B 283 -34.79 -3.96 36.06
N TYR B 284 -35.36 -3.47 37.16
CA TYR B 284 -36.75 -3.05 37.15
C TYR B 284 -36.93 -1.67 37.79
N LEU B 285 -36.58 -1.54 39.07
CA LEU B 285 -36.75 -0.27 39.75
C LEU B 285 -35.83 0.80 39.17
N LEU B 286 -34.53 0.54 39.18
CA LEU B 286 -33.55 1.52 38.69
C LEU B 286 -33.51 1.49 37.16
N THR B 287 -34.68 1.65 36.54
CA THR B 287 -34.83 1.86 35.12
C THR B 287 -35.57 3.17 34.91
N ASP B 288 -35.62 3.62 33.66
CA ASP B 288 -36.47 4.75 33.32
C ASP B 288 -37.93 4.46 33.68
N GLU B 289 -38.45 3.31 33.22
CA GLU B 289 -39.84 2.97 33.48
C GLU B 289 -40.08 2.70 34.96
N GLY B 290 -39.11 2.11 35.66
CA GLY B 290 -39.25 1.83 37.07
C GLY B 290 -39.35 3.08 37.91
N LEU B 291 -38.35 3.97 37.80
CA LEU B 291 -38.36 5.20 38.59
C LEU B 291 -39.51 6.11 38.20
N GLU B 292 -39.98 6.02 36.96
CA GLU B 292 -41.15 6.80 36.55
C GLU B 292 -42.38 6.38 37.33
N ALA B 293 -42.62 5.07 37.44
CA ALA B 293 -43.79 4.56 38.13
C ALA B 293 -43.82 5.03 39.59
N VAL B 294 -42.66 5.13 40.23
CA VAL B 294 -42.62 5.67 41.58
C VAL B 294 -42.73 7.18 41.57
N ASN B 295 -42.12 7.84 40.59
CA ASN B 295 -42.14 9.30 40.54
C ASN B 295 -43.55 9.84 40.30
N LYS B 296 -44.37 9.12 39.52
CA LYS B 296 -45.72 9.58 39.27
C LYS B 296 -46.59 9.54 40.52
N ASP B 297 -46.29 8.62 41.44
CA ASP B 297 -46.99 8.57 42.72
C ASP B 297 -46.53 9.71 43.61
N LYS B 298 -45.29 9.64 44.08
CA LYS B 298 -44.66 10.70 44.86
C LYS B 298 -43.31 11.01 44.23
N PRO B 299 -42.97 12.28 44.06
CA PRO B 299 -41.68 12.61 43.43
C PRO B 299 -40.51 12.22 44.32
N LEU B 300 -39.48 11.65 43.69
CA LEU B 300 -38.31 11.18 44.42
C LEU B 300 -37.22 12.23 44.56
N GLY B 301 -37.26 13.30 43.77
CA GLY B 301 -36.23 14.30 43.79
C GLY B 301 -35.29 14.16 42.61
N ALA B 302 -33.99 14.35 42.84
CA ALA B 302 -32.98 14.14 41.80
C ALA B 302 -32.59 12.66 41.82
N VAL B 303 -33.12 11.89 40.87
CA VAL B 303 -32.98 10.44 40.91
C VAL B 303 -31.54 10.05 40.62
N ALA B 304 -31.11 8.93 41.22
CA ALA B 304 -29.71 8.53 41.12
C ALA B 304 -29.36 8.08 39.71
N LEU B 305 -30.29 7.44 39.02
CA LEU B 305 -30.01 6.94 37.68
C LEU B 305 -29.89 8.10 36.70
N LYS B 306 -28.78 8.15 35.97
CA LYS B 306 -28.47 9.31 35.12
C LYS B 306 -29.52 9.52 34.04
N SER B 307 -30.08 8.43 33.49
CA SER B 307 -30.94 8.55 32.33
C SER B 307 -32.23 9.29 32.66
N TYR B 308 -32.80 9.03 33.83
CA TYR B 308 -34.10 9.63 34.15
C TYR B 308 -33.96 11.04 34.70
N GLU B 309 -32.85 11.35 35.38
CA GLU B 309 -32.66 12.72 35.87
C GLU B 309 -32.28 13.66 34.74
N GLU B 310 -31.48 13.19 33.78
CA GLU B 310 -31.19 13.99 32.60
C GLU B 310 -32.45 14.37 31.85
N GLU B 311 -33.53 13.59 32.00
CA GLU B 311 -34.79 13.91 31.34
C GLU B 311 -35.64 14.85 32.18
N LEU B 312 -35.52 14.79 33.51
CA LEU B 312 -36.34 15.60 34.40
C LEU B 312 -35.61 16.84 34.91
N ALA B 313 -34.36 17.07 34.48
CA ALA B 313 -33.58 18.17 35.00
C ALA B 313 -34.22 19.54 34.76
N LYS B 314 -35.08 19.65 33.75
CA LYS B 314 -35.74 20.91 33.44
C LYS B 314 -36.86 21.27 34.40
N ASP B 315 -37.15 20.42 35.38
CA ASP B 315 -38.20 20.71 36.35
C ASP B 315 -37.74 21.80 37.31
N PRO B 316 -38.41 22.95 37.35
CA PRO B 316 -37.96 24.02 38.27
C PRO B 316 -38.02 23.63 39.73
N ARG B 317 -38.89 22.67 40.10
CA ARG B 317 -38.95 22.25 41.49
C ARG B 317 -37.73 21.41 41.87
N ILE B 318 -37.24 20.59 40.94
CA ILE B 318 -36.03 19.83 41.19
C ILE B 318 -34.82 20.75 41.21
N ALA B 319 -34.84 21.81 40.39
CA ALA B 319 -33.77 22.79 40.43
C ALA B 319 -33.71 23.50 41.77
N ALA B 320 -34.87 23.77 42.37
CA ALA B 320 -34.90 24.36 43.70
C ALA B 320 -34.41 23.38 44.75
N THR B 321 -34.77 22.10 44.60
CA THR B 321 -34.29 21.08 45.53
C THR B 321 -32.77 20.92 45.42
N MET B 322 -32.25 20.90 44.19
CA MET B 322 -30.80 20.83 44.01
C MET B 322 -30.11 22.12 44.44
N GLU B 323 -30.79 23.27 44.29
CA GLU B 323 -30.21 24.52 44.76
C GLU B 323 -30.06 24.51 46.27
N ASN B 324 -31.09 24.08 46.99
CA ASN B 324 -30.99 23.95 48.43
C ASN B 324 -30.06 22.81 48.82
N ALA B 325 -29.96 21.78 47.98
CA ALA B 325 -29.07 20.67 48.27
C ALA B 325 -27.61 21.14 48.32
N GLN B 326 -27.22 22.00 47.37
CA GLN B 326 -25.85 22.50 47.36
C GLN B 326 -25.59 23.42 48.55
N LYS B 327 -26.61 24.16 49.00
CA LYS B 327 -26.45 25.02 50.16
C LYS B 327 -26.20 24.22 51.43
N GLY B 328 -26.67 22.97 51.47
CA GLY B 328 -26.62 22.15 52.66
C GLY B 328 -25.43 21.22 52.69
N GLU B 329 -25.56 20.14 53.46
CA GLU B 329 -24.49 19.18 53.65
C GLU B 329 -25.03 17.76 53.61
N ILE B 330 -24.27 16.85 53.00
CA ILE B 330 -24.66 15.45 52.92
C ILE B 330 -24.75 14.87 54.33
N MET B 331 -25.65 13.91 54.50
CA MET B 331 -25.80 13.28 55.81
C MET B 331 -24.70 12.23 56.00
N PRO B 332 -24.01 12.24 57.13
CA PRO B 332 -23.10 11.14 57.46
C PRO B 332 -23.86 9.83 57.58
N ASN B 333 -23.17 8.73 57.32
CA ASN B 333 -23.74 7.39 57.49
C ASN B 333 -23.07 6.62 58.63
N ILE B 334 -22.33 7.32 59.49
CA ILE B 334 -21.61 6.67 60.59
C ILE B 334 -22.63 6.06 61.55
N PRO B 335 -22.29 4.94 62.22
CA PRO B 335 -23.30 4.26 63.05
C PRO B 335 -23.78 5.04 64.26
N GLN B 336 -23.13 6.16 64.60
CA GLN B 336 -23.54 6.98 65.74
C GLN B 336 -24.57 8.04 65.36
N MET B 337 -25.11 7.99 64.13
CA MET B 337 -26.10 8.98 63.73
C MET B 337 -27.43 8.78 64.45
N SER B 338 -27.76 7.54 64.82
CA SER B 338 -29.05 7.27 65.46
C SER B 338 -29.14 7.97 66.81
N ALA B 339 -28.08 7.88 67.62
CA ALA B 339 -28.07 8.59 68.89
C ALA B 339 -28.14 10.10 68.69
N PHE B 340 -27.52 10.61 67.62
CA PHE B 340 -27.57 12.04 67.34
C PHE B 340 -29.00 12.48 67.05
N TRP B 341 -29.71 11.73 66.21
CA TRP B 341 -31.08 12.10 65.86
C TRP B 341 -31.99 12.09 67.08
N TYR B 342 -31.93 11.01 67.87
CA TYR B 342 -32.77 10.93 69.07
C TYR B 342 -32.48 12.08 70.02
N ALA B 343 -31.22 12.46 70.16
CA ALA B 343 -30.87 13.55 71.06
C ALA B 343 -31.46 14.88 70.58
N VAL B 344 -31.14 15.27 69.34
CA VAL B 344 -31.59 16.57 68.84
C VAL B 344 -33.11 16.63 68.73
N ARG B 345 -33.77 15.48 68.54
CA ARG B 345 -35.22 15.50 68.47
C ARG B 345 -35.85 15.87 69.80
N THR B 346 -35.30 15.34 70.90
CA THR B 346 -35.81 15.71 72.22
C THR B 346 -35.51 17.17 72.54
N ALA B 347 -34.33 17.65 72.12
CA ALA B 347 -33.96 19.03 72.39
C ALA B 347 -34.89 20.00 71.67
N VAL B 348 -35.14 19.76 70.38
CA VAL B 348 -36.01 20.65 69.62
C VAL B 348 -37.43 20.64 70.18
N ILE B 349 -37.93 19.46 70.53
CA ILE B 349 -39.29 19.37 71.06
C ILE B 349 -39.38 20.02 72.43
N ASN B 350 -38.35 19.85 73.26
CA ASN B 350 -38.37 20.44 74.60
C ASN B 350 -38.19 21.96 74.53
N ALA B 351 -37.31 22.44 73.65
CA ALA B 351 -37.13 23.88 73.52
C ALA B 351 -38.36 24.54 72.90
N ALA B 352 -38.94 23.89 71.89
CA ALA B 352 -40.15 24.45 71.26
C ALA B 352 -41.29 24.53 72.25
N SER B 353 -41.41 23.55 73.14
CA SER B 353 -42.45 23.56 74.16
C SER B 353 -42.11 24.46 75.34
N GLY B 354 -40.89 25.01 75.39
CA GLY B 354 -40.49 25.83 76.50
C GLY B 354 -40.26 25.08 77.80
N ARG B 355 -40.39 23.75 77.79
CA ARG B 355 -40.14 22.97 78.99
C ARG B 355 -38.66 22.80 79.27
N GLN B 356 -37.78 23.17 78.33
CA GLN B 356 -36.34 23.21 78.54
C GLN B 356 -35.79 24.43 77.83
N THR B 357 -34.80 25.10 78.44
CA THR B 357 -34.18 26.22 77.77
C THR B 357 -33.46 25.75 76.51
N VAL B 358 -32.97 26.73 75.74
CA VAL B 358 -32.10 26.40 74.62
C VAL B 358 -30.77 25.86 75.13
N ASP B 359 -30.34 26.28 76.32
CA ASP B 359 -29.04 25.89 76.84
C ASP B 359 -29.08 24.56 77.59
N GLU B 360 -30.17 24.24 78.28
CA GLU B 360 -30.29 22.89 78.83
C GLU B 360 -30.40 21.85 77.72
N ALA B 361 -31.22 22.13 76.69
CA ALA B 361 -31.59 21.10 75.73
C ALA B 361 -30.44 20.75 74.80
N LEU B 362 -29.69 21.75 74.32
CA LEU B 362 -28.57 21.46 73.45
C LEU B 362 -27.38 20.89 74.22
N LYS B 363 -27.24 21.23 75.49
CA LYS B 363 -26.21 20.59 76.31
C LYS B 363 -26.54 19.11 76.53
N ASP B 364 -27.80 18.80 76.81
CA ASP B 364 -28.20 17.41 76.96
C ASP B 364 -28.13 16.66 75.63
N ALA B 365 -28.48 17.35 74.53
CA ALA B 365 -28.41 16.71 73.22
C ALA B 365 -26.98 16.38 72.84
N GLN B 366 -26.04 17.27 73.12
CA GLN B 366 -24.64 16.98 72.84
C GLN B 366 -24.11 15.88 73.74
N THR B 367 -24.46 15.91 75.03
CA THR B 367 -24.06 14.84 75.94
C THR B 367 -24.56 13.48 75.44
N GLY B 368 -25.80 13.44 74.95
CA GLY B 368 -26.35 12.19 74.46
C GLY B 368 -25.72 11.73 73.15
N SER B 369 -25.42 12.69 72.26
CA SER B 369 -24.80 12.33 70.99
C SER B 369 -23.40 11.75 71.18
N ASP B 370 -22.67 12.22 72.18
CA ASP B 370 -21.31 11.78 72.44
C ASP B 370 -21.23 10.71 73.51
N LEU B 371 -22.38 10.26 74.02
CA LEU B 371 -22.39 9.36 75.18
C LEU B 371 -21.66 8.06 74.88
N TYR B 372 -21.94 7.44 73.73
CA TYR B 372 -21.36 6.12 73.47
C TYR B 372 -19.85 6.19 73.32
N ARG B 373 -19.34 7.17 72.57
CA ARG B 373 -17.89 7.22 72.36
C ARG B 373 -17.17 7.63 73.64
N GLN B 374 -17.73 8.58 74.40
CA GLN B 374 -17.09 8.96 75.66
C GLN B 374 -17.12 7.81 76.65
N SER B 375 -18.26 7.10 76.76
CA SER B 375 -18.32 5.94 77.62
C SER B 375 -17.36 4.85 77.14
N LEU B 376 -17.36 4.56 75.84
CA LEU B 376 -16.42 3.57 75.31
C LEU B 376 -14.98 3.99 75.55
N GLU B 377 -14.69 5.28 75.39
CA GLU B 377 -13.33 5.77 75.65
C GLU B 377 -12.92 5.51 77.09
N ILE B 378 -13.78 5.89 78.04
CA ILE B 378 -13.41 5.83 79.45
C ILE B 378 -13.29 4.37 79.92
N ILE B 379 -14.26 3.53 79.55
CA ILE B 379 -14.25 2.15 80.04
C ILE B 379 -13.12 1.35 79.40
N SER B 380 -12.89 1.52 78.10
CA SER B 380 -11.83 0.77 77.44
CA SER B 380 -11.82 0.78 77.44
C SER B 380 -10.45 1.23 77.93
N ARG B 381 -10.26 2.55 78.09
CA ARG B 381 -9.00 3.04 78.64
C ARG B 381 -8.80 2.54 80.06
N TYR B 382 -9.88 2.41 80.84
CA TYR B 382 -9.76 1.93 82.21
C TYR B 382 -9.43 0.44 82.26
N LEU B 383 -10.09 -0.36 81.41
CA LEU B 383 -9.93 -1.80 81.50
C LEU B 383 -8.56 -2.25 80.98
N ARG B 384 -8.09 -1.64 79.89
CA ARG B 384 -6.75 -1.96 79.41
C ARG B 384 -5.69 -1.50 80.40
N GLU B 385 -5.88 -0.31 80.98
CA GLU B 385 -4.92 0.19 81.97
C GLU B 385 -4.94 -0.65 83.24
N GLN B 386 -6.13 -1.06 83.69
CA GLN B 386 -6.23 -2.00 84.80
C GLN B 386 -5.43 -3.26 84.51
N ALA B 387 -5.65 -3.85 83.34
CA ALA B 387 -4.99 -5.10 82.98
C ALA B 387 -3.49 -4.92 82.82
N THR B 388 -3.07 -3.87 82.12
CA THR B 388 -1.66 -3.70 81.79
C THR B 388 -0.89 -3.05 82.93
N GLY B 389 -1.37 -1.93 83.44
CA GLY B 389 -0.64 -1.12 84.41
C GLY B 389 0.06 0.07 83.83
N SER B 390 0.07 0.21 82.50
CA SER B 390 0.68 1.35 81.83
C SER B 390 -0.39 2.35 81.42
N LYS B 391 -0.06 3.64 81.54
CA LYS B 391 -1.02 4.69 81.22
C LYS B 391 -1.12 4.88 79.72
N ASP B 392 -2.14 5.62 79.31
CA ASP B 392 -2.39 5.89 77.90
C ASP B 392 -1.45 6.99 77.39
N GLU B 398 -7.64 16.82 72.77
CA GLU B 398 -8.74 17.76 72.74
C GLU B 398 -9.87 17.27 73.61
N ALA B 399 -10.51 18.21 74.34
CA ALA B 399 -11.56 17.88 75.30
C ALA B 399 -11.12 16.80 76.27
N GLY B 400 -9.81 16.71 76.52
CA GLY B 400 -9.29 15.69 77.41
C GLY B 400 -9.59 15.95 78.87
N ALA B 401 -9.85 17.20 79.24
CA ALA B 401 -10.16 17.53 80.62
C ALA B 401 -11.37 16.74 81.12
N ALA B 402 -12.38 16.57 80.27
CA ALA B 402 -13.59 15.87 80.69
C ALA B 402 -13.34 14.38 80.85
N GLY B 403 -12.63 13.75 79.90
CA GLY B 403 -12.37 12.33 79.96
C GLY B 403 -11.31 11.95 80.97
N ARG B 404 -10.26 12.77 81.08
CA ARG B 404 -9.19 12.45 82.03
C ARG B 404 -9.65 12.60 83.47
N ARG B 405 -10.45 13.63 83.76
CA ARG B 405 -11.01 13.76 85.10
C ARG B 405 -11.91 12.58 85.44
N ALA B 406 -12.75 12.16 84.49
CA ALA B 406 -13.66 11.04 84.75
C ALA B 406 -12.88 9.76 84.99
N LEU B 407 -11.80 9.54 84.25
CA LEU B 407 -10.97 8.37 84.48
C LEU B 407 -10.28 8.45 85.83
N GLU B 408 -9.86 9.64 86.25
CA GLU B 408 -9.31 9.83 87.58
C GLU B 408 -10.30 9.38 88.65
N THR B 409 -11.58 9.72 88.47
CA THR B 409 -12.58 9.38 89.46
C THR B 409 -12.89 7.89 89.46
N LEU B 410 -12.81 7.22 88.31
CA LEU B 410 -13.13 5.80 88.27
C LEU B 410 -12.03 4.96 88.89
N ARG B 411 -10.77 5.40 88.81
CA ARG B 411 -9.70 4.67 89.51
C ARG B 411 -9.91 4.73 91.01
N ARG B 412 -10.37 5.86 91.53
CA ARG B 412 -10.58 6.01 92.96
C ARG B 412 -11.72 5.11 93.43
N VAL B 413 -12.90 5.29 92.84
CA VAL B 413 -14.06 4.48 93.24
C VAL B 413 -13.83 3.01 92.91
N GLY B 414 -13.17 2.74 91.78
CA GLY B 414 -12.90 1.38 91.37
C GLY B 414 -11.96 0.62 92.27
N ASP B 415 -11.10 1.33 93.01
CA ASP B 415 -10.24 0.67 93.99
C ASP B 415 -11.06 0.15 95.17
N GLY B 416 -11.94 0.99 95.71
CA GLY B 416 -12.72 0.59 96.87
C GLY B 416 -13.77 -0.47 96.54
N VAL B 417 -14.41 -0.35 95.38
CA VAL B 417 -15.44 -1.30 95.00
C VAL B 417 -14.83 -2.70 94.79
N GLN B 418 -13.70 -2.75 94.08
CA GLN B 418 -13.04 -4.03 93.85
C GLN B 418 -12.52 -4.64 95.14
N ARG B 419 -12.05 -3.81 96.07
CA ARG B 419 -11.58 -4.32 97.35
C ARG B 419 -12.73 -4.74 98.25
N ASN B 420 -13.88 -4.06 98.14
CA ASN B 420 -15.04 -4.43 98.94
C ASN B 420 -15.66 -5.73 98.43
N HIS B 421 -16.07 -5.75 97.15
CA HIS B 421 -16.72 -6.92 96.57
C HIS B 421 -15.71 -7.89 95.96
N GLU B 422 -14.59 -8.13 96.62
CA GLU B 422 -13.56 -8.99 96.06
C GLU B 422 -14.02 -10.45 96.01
N THR B 423 -14.32 -11.03 97.18
CA THR B 423 -14.80 -12.41 97.21
C THR B 423 -16.15 -12.53 96.51
N ALA B 424 -16.93 -11.45 96.48
CA ALA B 424 -18.21 -11.46 95.78
C ALA B 424 -18.03 -11.85 94.31
N PHE B 425 -17.05 -11.24 93.64
CA PHE B 425 -16.66 -11.71 92.32
C PHE B 425 -15.23 -12.25 92.30
N GLN B 426 -14.81 -12.89 93.40
CA GLN B 426 -13.72 -13.85 93.35
C GLN B 426 -14.24 -15.11 92.68
N GLY B 427 -15.04 -15.87 93.44
CA GLY B 427 -15.57 -17.13 92.92
C GLY B 427 -16.52 -16.93 91.76
N MET B 428 -17.26 -15.83 91.76
CA MET B 428 -18.06 -15.48 90.58
C MET B 428 -17.18 -15.40 89.34
N LEU B 429 -16.02 -14.76 89.46
CA LEU B 429 -15.11 -14.68 88.32
C LEU B 429 -14.42 -16.01 88.06
N ARG B 430 -14.04 -16.73 89.12
CA ARG B 430 -13.40 -18.03 88.93
C ARG B 430 -14.36 -19.04 88.34
N LYS B 431 -15.65 -18.94 88.68
CA LYS B 431 -16.67 -19.78 88.06
C LYS B 431 -16.72 -19.61 86.55
N LEU B 432 -16.23 -18.48 86.04
CA LEU B 432 -16.37 -18.15 84.63
C LEU B 432 -15.76 -19.24 83.75
N ASP B 433 -16.63 -19.88 82.96
CA ASP B 433 -16.15 -20.85 81.98
C ASP B 433 -15.26 -20.19 80.94
N ILE B 434 -15.74 -19.09 80.35
CA ILE B 434 -15.06 -18.32 79.32
C ILE B 434 -14.26 -19.23 78.39
N LYS B 435 -14.97 -20.01 77.57
CA LYS B 435 -14.29 -20.94 76.67
C LYS B 435 -13.61 -20.21 75.52
N ASN B 436 -14.22 -19.13 75.03
CA ASN B 436 -13.71 -18.44 73.86
C ASN B 436 -14.29 -17.03 73.82
N GLU B 437 -13.90 -16.29 72.78
CA GLU B 437 -14.34 -14.90 72.65
C GLU B 437 -15.85 -14.80 72.44
N GLY B 438 -16.45 -15.79 71.79
CA GLY B 438 -17.89 -15.78 71.60
C GLY B 438 -18.65 -15.83 72.91
N ASP B 439 -18.07 -16.46 73.94
CA ASP B 439 -18.73 -16.51 75.23
C ASP B 439 -18.74 -15.15 75.91
N VAL B 440 -17.65 -14.39 75.77
CA VAL B 440 -17.58 -13.07 76.39
C VAL B 440 -18.64 -12.15 75.80
N LYS B 441 -18.75 -12.12 74.47
CA LYS B 441 -19.83 -11.39 73.83
C LYS B 441 -21.19 -11.97 74.20
N SER B 442 -21.23 -13.25 74.56
CA SER B 442 -22.47 -13.88 74.97
C SER B 442 -22.92 -13.42 76.35
N PHE B 443 -22.02 -12.83 77.15
CA PHE B 443 -22.44 -12.33 78.45
C PHE B 443 -23.27 -11.06 78.34
N SER B 444 -23.51 -10.57 77.12
CA SER B 444 -24.46 -9.48 76.94
C SER B 444 -25.85 -9.89 77.37
N ARG B 445 -26.24 -11.12 77.08
CA ARG B 445 -27.55 -11.64 77.46
C ARG B 445 -27.82 -11.42 78.95
N VAL B 446 -26.85 -11.82 79.80
CA VAL B 446 -27.07 -11.70 81.23
C VAL B 446 -26.91 -10.26 81.68
N MET B 447 -25.94 -9.53 81.12
CA MET B 447 -25.70 -8.16 81.55
C MET B 447 -26.90 -7.27 81.26
N VAL B 448 -27.43 -7.34 80.05
CA VAL B 448 -28.59 -6.52 79.68
C VAL B 448 -29.77 -6.81 80.58
N HIS B 449 -30.04 -8.09 80.85
CA HIS B 449 -31.25 -8.44 81.59
C HIS B 449 -31.12 -8.07 83.07
N VAL B 450 -29.92 -8.20 83.63
CA VAL B 450 -29.72 -7.83 85.03
C VAL B 450 -29.75 -6.31 85.18
N PHE B 451 -29.13 -5.59 84.23
CA PHE B 451 -29.03 -4.14 84.30
C PHE B 451 -30.35 -3.45 83.96
N LYS B 452 -31.29 -4.16 83.35
CA LYS B 452 -32.53 -3.53 82.90
C LYS B 452 -33.36 -3.03 84.08
N ASP B 453 -33.55 -3.87 85.09
CA ASP B 453 -34.39 -3.53 86.23
C ASP B 453 -33.55 -3.15 87.44
N GLY B 454 -34.19 -2.50 88.40
CA GLY B 454 -33.56 -2.08 89.63
C GLY B 454 -33.24 -0.58 89.64
N VAL B 455 -32.92 -0.10 90.85
CA VAL B 455 -32.53 1.29 91.02
C VAL B 455 -31.20 1.53 90.33
N THR B 456 -31.06 2.70 89.72
CA THR B 456 -29.85 3.08 88.99
C THR B 456 -29.13 4.21 89.73
N ASN B 457 -27.87 3.97 90.08
CA ASN B 457 -27.01 5.01 90.63
C ASN B 457 -25.59 4.78 90.12
N TRP B 458 -24.68 5.70 90.46
CA TRP B 458 -23.31 5.61 89.97
C TRP B 458 -22.58 4.43 90.60
N GLY B 459 -22.81 4.19 91.90
CA GLY B 459 -22.17 3.05 92.56
C GLY B 459 -22.49 1.73 91.90
N ARG B 460 -23.69 1.59 91.34
CA ARG B 460 -24.03 0.38 90.58
C ARG B 460 -23.27 0.32 89.27
N ILE B 461 -23.04 1.47 88.63
CA ILE B 461 -22.29 1.49 87.37
C ILE B 461 -20.82 1.18 87.62
N VAL B 462 -20.25 1.76 88.68
CA VAL B 462 -18.88 1.45 89.04
C VAL B 462 -18.73 -0.04 89.33
N THR B 463 -19.70 -0.62 90.02
CA THR B 463 -19.65 -2.04 90.34
C THR B 463 -19.62 -2.87 89.06
N LEU B 464 -20.30 -2.40 88.02
CA LEU B 464 -20.34 -3.21 86.82
C LEU B 464 -19.05 -3.06 86.03
N ILE B 465 -18.47 -1.86 86.01
CA ILE B 465 -17.18 -1.69 85.37
C ILE B 465 -16.07 -2.31 86.22
N SER B 466 -16.23 -2.34 87.54
CA SER B 466 -15.23 -2.96 88.40
C SER B 466 -15.08 -4.45 88.09
N PHE B 467 -16.21 -5.16 87.99
CA PHE B 467 -16.15 -6.58 87.65
C PHE B 467 -15.57 -6.78 86.25
N GLY B 468 -15.90 -5.88 85.32
CA GLY B 468 -15.24 -5.91 84.03
C GLY B 468 -13.73 -5.79 84.16
N ALA B 469 -13.27 -4.90 85.04
CA ALA B 469 -11.84 -4.76 85.27
C ALA B 469 -11.26 -6.00 85.93
N PHE B 470 -12.00 -6.61 86.86
CA PHE B 470 -11.54 -7.84 87.49
C PHE B 470 -11.44 -8.96 86.46
N VAL B 471 -12.46 -9.10 85.60
CA VAL B 471 -12.40 -10.10 84.55
C VAL B 471 -11.28 -9.77 83.58
N ALA B 472 -10.98 -8.48 83.38
CA ALA B 472 -9.94 -8.09 82.43
C ALA B 472 -8.57 -8.56 82.90
N LYS B 473 -8.26 -8.42 84.20
CA LYS B 473 -6.97 -8.88 84.67
C LYS B 473 -6.90 -10.39 84.78
N HIS B 474 -8.04 -11.07 84.97
CA HIS B 474 -8.07 -12.51 84.83
C HIS B 474 -7.79 -12.92 83.39
N LEU B 475 -8.39 -12.19 82.44
CA LEU B 475 -8.00 -12.37 81.03
C LEU B 475 -6.55 -11.99 80.81
N LYS B 476 -6.03 -11.06 81.60
CA LYS B 476 -4.63 -10.68 81.48
C LYS B 476 -3.71 -11.76 82.03
N SER B 477 -4.08 -12.37 83.16
CA SER B 477 -3.20 -13.33 83.81
C SER B 477 -3.02 -14.59 82.98
N VAL B 478 -4.00 -14.92 82.13
CA VAL B 478 -3.94 -16.13 81.32
C VAL B 478 -3.33 -15.81 79.96
N ASN B 479 -2.83 -14.59 79.80
CA ASN B 479 -2.45 -14.03 78.51
C ASN B 479 -3.48 -14.33 77.44
N GLN B 480 -4.73 -14.06 77.79
CA GLN B 480 -5.82 -13.93 76.82
C GLN B 480 -6.12 -12.45 76.59
N GLU B 481 -5.05 -11.68 76.37
CA GLU B 481 -5.14 -10.23 76.40
C GLU B 481 -5.92 -9.67 75.22
N SER B 482 -5.82 -10.30 74.05
CA SER B 482 -6.49 -9.78 72.87
C SER B 482 -8.00 -9.78 73.00
N PHE B 483 -8.55 -10.51 73.98
CA PHE B 483 -9.99 -10.61 74.17
C PHE B 483 -10.52 -9.64 75.22
N ILE B 484 -9.68 -8.73 75.71
CA ILE B 484 -10.12 -7.77 76.72
C ILE B 484 -10.87 -6.62 76.07
N GLU B 485 -10.41 -6.13 74.92
CA GLU B 485 -11.08 -5.00 74.28
C GLU B 485 -12.53 -5.30 73.92
N PRO B 486 -12.88 -6.41 73.27
CA PRO B 486 -14.31 -6.68 73.03
C PRO B 486 -15.13 -6.81 74.31
N LEU B 487 -14.52 -7.23 75.42
CA LEU B 487 -15.24 -7.23 76.69
C LEU B 487 -15.56 -5.81 77.16
N ALA B 488 -14.66 -4.87 76.88
CA ALA B 488 -14.95 -3.47 77.19
C ALA B 488 -16.05 -2.94 76.28
N GLU B 489 -16.07 -3.37 75.01
CA GLU B 489 -17.13 -2.97 74.11
C GLU B 489 -18.49 -3.43 74.61
N THR B 490 -18.57 -4.64 75.15
CA THR B 490 -19.84 -5.18 75.62
C THR B 490 -20.34 -4.40 76.83
N ILE B 491 -19.43 -4.04 77.75
CA ILE B 491 -19.80 -3.23 78.90
C ILE B 491 -20.41 -1.91 78.45
N THR B 492 -19.74 -1.23 77.51
CA THR B 492 -20.25 0.05 77.03
C THR B 492 -21.58 -0.12 76.32
N ASP B 493 -21.73 -1.18 75.53
CA ASP B 493 -23.00 -1.41 74.84
C ASP B 493 -24.12 -1.68 75.84
N VAL B 494 -23.85 -2.48 76.88
CA VAL B 494 -24.87 -2.72 77.89
C VAL B 494 -25.21 -1.44 78.63
N LEU B 495 -24.19 -0.65 78.98
CA LEU B 495 -24.42 0.55 79.79
C LEU B 495 -25.26 1.59 79.04
N VAL B 496 -24.94 1.84 77.78
CA VAL B 496 -25.56 2.95 77.07
C VAL B 496 -26.94 2.57 76.54
N ARG B 497 -27.10 1.36 76.03
CA ARG B 497 -28.42 0.94 75.56
C ARG B 497 -29.37 0.58 76.71
N THR B 498 -28.89 0.58 77.96
CA THR B 498 -29.75 0.37 79.12
C THR B 498 -30.03 1.65 79.90
N LYS B 499 -29.09 2.60 79.92
CA LYS B 499 -29.22 3.79 80.75
C LYS B 499 -29.09 5.08 79.96
N ARG B 500 -29.37 5.05 78.66
CA ARG B 500 -29.18 6.24 77.81
C ARG B 500 -29.91 7.45 78.38
N ASP B 501 -31.15 7.28 78.82
CA ASP B 501 -31.90 8.40 79.38
C ASP B 501 -31.33 8.82 80.74
N TRP B 502 -30.99 7.84 81.59
CA TRP B 502 -30.53 8.16 82.93
C TRP B 502 -29.18 8.87 82.90
N LEU B 503 -28.24 8.38 82.09
CA LEU B 503 -26.92 9.00 82.01
C LEU B 503 -27.03 10.46 81.58
N VAL B 504 -27.96 10.76 80.67
CA VAL B 504 -28.16 12.15 80.27
C VAL B 504 -28.81 12.94 81.40
N LYS B 505 -29.76 12.32 82.12
CA LYS B 505 -30.45 13.03 83.20
C LYS B 505 -29.48 13.45 84.29
N GLN B 506 -28.42 12.69 84.52
CA GLN B 506 -27.37 13.08 85.46
C GLN B 506 -26.23 13.82 84.78
N ARG B 507 -26.48 14.37 83.59
CA ARG B 507 -25.50 15.15 82.83
C ARG B 507 -24.23 14.35 82.53
N GLY B 508 -24.40 13.08 82.21
CA GLY B 508 -23.31 12.25 81.74
C GLY B 508 -22.18 12.10 82.75
N TRP B 509 -20.97 11.95 82.21
CA TRP B 509 -19.81 11.65 83.04
C TRP B 509 -19.32 12.85 83.83
N ASP B 510 -19.74 14.06 83.45
CA ASP B 510 -19.40 15.23 84.26
C ASP B 510 -20.14 15.20 85.60
N GLY B 511 -21.35 14.67 85.63
CA GLY B 511 -22.03 14.45 86.90
C GLY B 511 -21.43 13.29 87.67
N PHE B 512 -20.83 12.34 86.97
CA PHE B 512 -20.12 11.26 87.63
C PHE B 512 -18.94 11.80 88.45
N VAL B 513 -18.27 12.82 87.92
CA VAL B 513 -17.13 13.40 88.64
C VAL B 513 -17.60 14.16 89.87
N GLU B 514 -18.65 14.98 89.71
CA GLU B 514 -19.17 15.74 90.85
C GLU B 514 -19.65 14.82 91.95
N PHE B 515 -20.23 13.68 91.58
CA PHE B 515 -20.83 12.78 92.57
C PHE B 515 -19.78 12.25 93.56
N PHE B 516 -18.60 11.90 93.07
CA PHE B 516 -17.55 11.33 93.90
C PHE B 516 -16.44 12.31 94.24
N HIS B 517 -16.64 13.60 93.94
CA HIS B 517 -15.63 14.61 94.23
C HIS B 517 -15.44 14.80 95.73
N GLY C 1 -18.70 -33.58 -27.97
CA GLY C 1 -18.23 -32.52 -27.09
C GLY C 1 -16.73 -32.39 -27.05
N LYS C 2 -16.23 -31.54 -26.15
CA LYS C 2 -14.81 -31.27 -26.00
C LYS C 2 -14.23 -31.77 -24.69
N ILE C 3 -15.04 -32.41 -23.85
CA ILE C 3 -14.58 -32.99 -22.59
C ILE C 3 -14.35 -34.48 -22.81
N GLU C 4 -13.21 -34.97 -22.31
CA GLU C 4 -12.79 -36.32 -22.64
C GLU C 4 -13.67 -37.36 -21.95
N GLU C 5 -14.12 -38.35 -22.72
CA GLU C 5 -14.94 -39.42 -22.19
C GLU C 5 -14.07 -40.47 -21.50
N GLY C 6 -14.41 -40.79 -20.26
CA GLY C 6 -13.71 -41.82 -19.51
C GLY C 6 -12.78 -41.33 -18.41
N LYS C 7 -12.86 -40.08 -18.00
CA LYS C 7 -12.06 -39.58 -16.90
C LYS C 7 -12.73 -38.34 -16.32
N LEU C 8 -12.23 -37.90 -15.17
CA LEU C 8 -12.78 -36.77 -14.44
C LEU C 8 -11.72 -35.69 -14.28
N VAL C 9 -12.06 -34.47 -14.72
CA VAL C 9 -11.24 -33.29 -14.47
C VAL C 9 -12.01 -32.40 -13.51
N ILE C 10 -11.40 -32.09 -12.37
CA ILE C 10 -12.06 -31.38 -11.28
C ILE C 10 -11.41 -30.02 -11.10
N TRP C 11 -12.22 -28.99 -10.91
CA TRP C 11 -11.76 -27.64 -10.66
C TRP C 11 -12.13 -27.25 -9.23
N ILE C 12 -11.12 -26.93 -8.42
CA ILE C 12 -11.31 -26.51 -7.04
C ILE C 12 -10.38 -25.32 -6.80
N ASN C 13 -10.80 -24.42 -5.92
CA ASN C 13 -10.04 -23.20 -5.70
C ASN C 13 -8.70 -23.50 -5.04
N GLY C 14 -7.75 -22.58 -5.22
CA GLY C 14 -6.40 -22.78 -4.74
C GLY C 14 -6.25 -22.77 -3.23
N ASP C 15 -7.16 -22.11 -2.51
CA ASP C 15 -7.04 -22.06 -1.06
C ASP C 15 -7.58 -23.31 -0.37
N LYS C 16 -8.19 -24.22 -1.11
CA LYS C 16 -8.70 -25.45 -0.51
C LYS C 16 -7.68 -26.57 -0.64
N GLY C 17 -7.98 -27.69 0.00
CA GLY C 17 -7.09 -28.83 -0.04
C GLY C 17 -7.19 -29.63 -1.32
N TYR C 18 -6.63 -29.08 -2.41
CA TYR C 18 -6.68 -29.78 -3.69
C TYR C 18 -5.81 -31.04 -3.66
N ASN C 19 -4.74 -31.04 -2.87
CA ASN C 19 -3.89 -32.22 -2.78
C ASN C 19 -4.60 -33.37 -2.08
N GLY C 20 -5.32 -33.07 -1.00
CA GLY C 20 -6.14 -34.10 -0.38
C GLY C 20 -7.22 -34.62 -1.30
N LEU C 21 -7.80 -33.74 -2.11
CA LEU C 21 -8.77 -34.16 -3.11
C LEU C 21 -8.14 -35.10 -4.14
N ALA C 22 -6.87 -34.86 -4.51
CA ALA C 22 -6.21 -35.75 -5.46
C ALA C 22 -5.94 -37.11 -4.86
N GLU C 23 -5.67 -37.17 -3.55
CA GLU C 23 -5.51 -38.46 -2.89
C GLU C 23 -6.80 -39.27 -2.91
N VAL C 24 -7.95 -38.60 -2.83
CA VAL C 24 -9.22 -39.29 -2.97
C VAL C 24 -9.40 -39.81 -4.39
N GLY C 25 -9.05 -38.98 -5.39
CA GLY C 25 -9.09 -39.44 -6.75
C GLY C 25 -8.12 -40.57 -7.03
N LYS C 26 -7.01 -40.62 -6.27
CA LYS C 26 -6.09 -41.75 -6.39
C LYS C 26 -6.76 -43.04 -5.98
N LYS C 27 -7.51 -43.02 -4.87
CA LYS C 27 -8.26 -44.20 -4.46
C LYS C 27 -9.34 -44.55 -5.48
N PHE C 28 -9.97 -43.54 -6.07
CA PHE C 28 -10.93 -43.78 -7.14
C PHE C 28 -10.23 -44.36 -8.37
N GLU C 29 -9.03 -43.86 -8.67
CA GLU C 29 -8.25 -44.40 -9.78
C GLU C 29 -7.79 -45.82 -9.48
N LYS C 30 -7.47 -46.11 -8.22
CA LYS C 30 -7.02 -47.45 -7.87
C LYS C 30 -8.14 -48.47 -7.95
N ASP C 31 -9.38 -48.05 -7.68
CA ASP C 31 -10.51 -48.97 -7.63
C ASP C 31 -11.15 -49.17 -9.01
N THR C 32 -11.26 -48.10 -9.80
CA THR C 32 -11.99 -48.16 -11.06
C THR C 32 -11.10 -48.08 -12.28
N GLY C 33 -9.84 -47.66 -12.13
CA GLY C 33 -8.97 -47.45 -13.27
C GLY C 33 -9.17 -46.15 -14.00
N ILE C 34 -10.10 -45.32 -13.55
CA ILE C 34 -10.44 -44.07 -14.22
C ILE C 34 -9.61 -42.95 -13.61
N LYS C 35 -8.93 -42.18 -14.47
CA LYS C 35 -8.06 -41.11 -14.00
C LYS C 35 -8.87 -39.90 -13.57
N VAL C 36 -8.43 -39.26 -12.49
CA VAL C 36 -9.07 -38.07 -11.95
C VAL C 36 -8.01 -36.99 -11.81
N THR C 37 -8.20 -35.86 -12.50
CA THR C 37 -7.25 -34.75 -12.48
C THR C 37 -7.86 -33.57 -11.76
N VAL C 38 -7.19 -33.10 -10.71
CA VAL C 38 -7.62 -31.95 -9.95
C VAL C 38 -6.75 -30.76 -10.34
N GLU C 39 -7.38 -29.64 -10.68
CA GLU C 39 -6.68 -28.42 -11.02
C GLU C 39 -7.22 -27.29 -10.14
N HIS C 40 -6.40 -26.26 -9.93
CA HIS C 40 -6.81 -25.06 -9.21
C HIS C 40 -6.47 -23.83 -10.03
N PRO C 41 -7.24 -23.56 -11.08
CA PRO C 41 -7.01 -22.35 -11.88
C PRO C 41 -7.33 -21.09 -11.09
N ASP C 42 -6.82 -19.97 -11.59
CA ASP C 42 -7.09 -18.68 -10.98
C ASP C 42 -8.33 -18.06 -11.61
N LYS C 43 -9.01 -17.22 -10.83
CA LYS C 43 -10.32 -16.68 -11.20
C LYS C 43 -11.28 -17.81 -11.58
N LEU C 44 -11.32 -18.83 -10.72
CA LEU C 44 -12.13 -20.01 -10.99
C LEU C 44 -13.60 -19.66 -11.16
N GLU C 45 -14.13 -18.80 -10.29
CA GLU C 45 -15.53 -18.45 -10.33
C GLU C 45 -15.92 -17.74 -11.63
N GLU C 46 -14.95 -17.15 -12.33
CA GLU C 46 -15.19 -16.51 -13.62
C GLU C 46 -14.89 -17.41 -14.80
N LYS C 47 -13.85 -18.25 -14.70
CA LYS C 47 -13.44 -19.04 -15.85
C LYS C 47 -14.42 -20.17 -16.17
N PHE C 48 -15.04 -20.76 -15.15
CA PHE C 48 -15.96 -21.87 -15.41
C PHE C 48 -17.16 -21.47 -16.25
N PRO C 49 -17.93 -20.41 -15.93
CA PRO C 49 -19.10 -20.09 -16.75
C PRO C 49 -18.76 -19.65 -18.15
N GLN C 50 -17.56 -19.11 -18.38
CA GLN C 50 -17.17 -18.73 -19.73
C GLN C 50 -16.89 -19.96 -20.59
N VAL C 51 -16.05 -20.88 -20.09
CA VAL C 51 -15.72 -22.07 -20.87
C VAL C 51 -16.88 -23.06 -20.90
N ALA C 52 -17.78 -23.03 -19.91
CA ALA C 52 -18.92 -23.94 -19.93
C ALA C 52 -19.97 -23.51 -20.95
N ALA C 53 -20.10 -22.21 -21.20
CA ALA C 53 -21.04 -21.73 -22.22
C ALA C 53 -20.70 -22.27 -23.59
N THR C 54 -19.45 -22.66 -23.83
CA THR C 54 -19.02 -23.26 -25.08
C THR C 54 -19.08 -24.79 -25.04
N GLY C 55 -19.68 -25.36 -24.00
CA GLY C 55 -19.72 -26.81 -23.88
C GLY C 55 -18.40 -27.44 -23.50
N ASP C 56 -17.58 -26.73 -22.73
CA ASP C 56 -16.24 -27.17 -22.35
C ASP C 56 -16.10 -27.06 -20.84
N GLY C 57 -14.90 -27.33 -20.33
CA GLY C 57 -14.61 -27.13 -18.94
C GLY C 57 -14.33 -28.41 -18.18
N PRO C 58 -14.34 -28.32 -16.84
CA PRO C 58 -14.12 -29.51 -16.02
C PRO C 58 -15.40 -30.31 -15.88
N ASP C 59 -15.22 -31.58 -15.47
CA ASP C 59 -16.37 -32.41 -15.17
C ASP C 59 -17.07 -31.94 -13.91
N ILE C 60 -16.30 -31.66 -12.86
CA ILE C 60 -16.82 -31.24 -11.57
C ILE C 60 -16.22 -29.88 -11.22
N ILE C 61 -17.05 -28.99 -10.70
CA ILE C 61 -16.63 -27.67 -10.26
C ILE C 61 -16.85 -27.55 -8.76
N PHE C 62 -15.92 -26.92 -8.07
CA PHE C 62 -16.00 -26.70 -6.63
C PHE C 62 -15.98 -25.21 -6.34
N TRP C 63 -16.99 -24.74 -5.60
CA TRP C 63 -17.06 -23.35 -5.16
C TRP C 63 -18.19 -23.25 -4.14
N ALA C 64 -18.32 -22.06 -3.55
CA ALA C 64 -19.46 -21.80 -2.68
C ALA C 64 -20.74 -21.72 -3.51
N HIS C 65 -21.86 -22.03 -2.84
CA HIS C 65 -23.14 -22.18 -3.51
C HIS C 65 -23.63 -20.89 -4.16
N ASP C 66 -23.10 -19.73 -3.76
CA ASP C 66 -23.67 -18.46 -4.24
C ASP C 66 -23.55 -18.30 -5.74
N ARG C 67 -22.60 -18.99 -6.38
CA ARG C 67 -22.41 -18.87 -7.82
C ARG C 67 -23.15 -19.92 -8.63
N PHE C 68 -23.64 -20.98 -8.00
CA PHE C 68 -24.17 -22.11 -8.76
C PHE C 68 -25.55 -21.80 -9.34
N GLY C 69 -26.35 -20.99 -8.66
CA GLY C 69 -27.65 -20.64 -9.20
C GLY C 69 -27.55 -19.92 -10.53
N GLY C 70 -26.59 -18.99 -10.66
CA GLY C 70 -26.35 -18.37 -11.94
C GLY C 70 -25.90 -19.36 -13.00
N TYR C 71 -25.08 -20.34 -12.59
CA TYR C 71 -24.69 -21.40 -13.52
C TYR C 71 -25.90 -22.21 -13.97
N ALA C 72 -26.79 -22.55 -13.02
CA ALA C 72 -27.97 -23.33 -13.35
C ALA C 72 -28.88 -22.59 -14.31
N GLN C 73 -29.17 -21.32 -14.02
CA GLN C 73 -29.99 -20.51 -14.91
C GLN C 73 -29.41 -20.49 -16.32
N SER C 74 -28.08 -20.47 -16.42
CA SER C 74 -27.41 -20.49 -17.72
C SER C 74 -27.38 -21.87 -18.35
N GLY C 75 -27.85 -22.90 -17.65
CA GLY C 75 -27.83 -24.24 -18.20
C GLY C 75 -26.46 -24.88 -18.22
N LEU C 76 -25.60 -24.52 -17.26
CA LEU C 76 -24.25 -25.06 -17.20
C LEU C 76 -24.08 -26.17 -16.18
N LEU C 77 -25.13 -26.49 -15.43
CA LEU C 77 -25.07 -27.53 -14.40
C LEU C 77 -26.05 -28.65 -14.72
N ALA C 78 -25.63 -29.88 -14.46
CA ALA C 78 -26.50 -31.03 -14.57
C ALA C 78 -27.23 -31.25 -13.25
N GLU C 79 -28.51 -31.56 -13.34
CA GLU C 79 -29.29 -31.89 -12.13
C GLU C 79 -28.78 -33.20 -11.56
N ILE C 80 -28.33 -33.16 -10.30
CA ILE C 80 -27.85 -34.37 -9.65
C ILE C 80 -29.05 -35.25 -9.28
N THR C 81 -28.81 -36.56 -9.18
CA THR C 81 -29.87 -37.52 -8.92
C THR C 81 -29.54 -38.39 -7.70
N PRO C 82 -29.48 -37.79 -6.51
CA PRO C 82 -29.29 -38.61 -5.31
C PRO C 82 -30.62 -39.20 -4.84
N ASP C 83 -30.58 -40.45 -4.39
CA ASP C 83 -31.78 -41.07 -3.88
C ASP C 83 -32.04 -40.63 -2.44
N LYS C 84 -33.24 -40.93 -1.95
CA LYS C 84 -33.61 -40.50 -0.60
C LYS C 84 -32.65 -41.09 0.44
N ALA C 85 -32.18 -42.31 0.21
CA ALA C 85 -31.24 -42.93 1.13
C ALA C 85 -29.96 -42.11 1.25
N PHE C 86 -29.51 -41.50 0.16
CA PHE C 86 -28.28 -40.71 0.20
C PHE C 86 -28.54 -39.31 0.71
N GLN C 87 -29.66 -38.70 0.33
CA GLN C 87 -29.94 -37.33 0.78
C GLN C 87 -30.05 -37.24 2.29
N ASP C 88 -30.43 -38.34 2.95
CA ASP C 88 -30.48 -38.39 4.40
C ASP C 88 -29.11 -38.57 5.03
N LYS C 89 -28.04 -38.69 4.21
CA LYS C 89 -26.69 -38.74 4.76
C LYS C 89 -26.17 -37.36 5.12
N LEU C 90 -26.59 -36.33 4.38
CA LEU C 90 -26.13 -34.96 4.60
C LEU C 90 -27.20 -34.14 5.30
N TYR C 91 -26.77 -33.05 5.92
CA TYR C 91 -27.68 -32.21 6.68
C TYR C 91 -28.63 -31.45 5.75
N PRO C 92 -29.88 -31.23 6.19
CA PRO C 92 -30.85 -30.55 5.31
C PRO C 92 -30.47 -29.13 4.94
N PHE C 93 -29.80 -28.40 5.84
CA PHE C 93 -29.42 -27.03 5.54
C PHE C 93 -28.45 -26.96 4.38
N THR C 94 -27.50 -27.90 4.31
CA THR C 94 -26.58 -27.93 3.17
C THR C 94 -27.31 -28.24 1.88
N TRP C 95 -28.31 -29.13 1.93
CA TRP C 95 -29.13 -29.38 0.74
C TRP C 95 -29.91 -28.14 0.33
N ASP C 96 -30.36 -27.34 1.30
CA ASP C 96 -31.15 -26.17 0.99
C ASP C 96 -30.35 -25.14 0.20
N ALA C 97 -29.04 -25.06 0.45
CA ALA C 97 -28.21 -24.08 -0.25
C ALA C 97 -27.97 -24.46 -1.70
N VAL C 98 -28.17 -25.72 -2.07
CA VAL C 98 -27.84 -26.19 -3.41
C VAL C 98 -29.10 -26.54 -4.21
N ARG C 99 -30.26 -26.04 -3.80
CA ARG C 99 -31.48 -26.20 -4.58
C ARG C 99 -31.86 -24.87 -5.22
N TYR C 100 -32.32 -24.93 -6.47
CA TYR C 100 -32.61 -23.75 -7.27
C TYR C 100 -33.74 -24.10 -8.22
N ASN C 101 -34.86 -23.38 -8.13
CA ASN C 101 -36.08 -23.71 -8.87
C ASN C 101 -36.51 -25.15 -8.61
N GLY C 102 -36.37 -25.59 -7.36
CA GLY C 102 -36.81 -26.89 -6.95
C GLY C 102 -35.92 -28.05 -7.35
N LYS C 103 -34.82 -27.79 -8.05
CA LYS C 103 -33.91 -28.83 -8.49
C LYS C 103 -32.61 -28.74 -7.70
N LEU C 104 -32.14 -29.89 -7.20
CA LEU C 104 -30.80 -29.96 -6.64
C LEU C 104 -29.78 -29.87 -7.78
N ILE C 105 -28.83 -28.94 -7.66
CA ILE C 105 -27.89 -28.68 -8.73
C ILE C 105 -26.44 -28.96 -8.35
N ALA C 106 -26.18 -29.40 -7.12
CA ALA C 106 -24.82 -29.69 -6.70
C ALA C 106 -24.85 -30.46 -5.39
N TYR C 107 -23.77 -31.20 -5.15
CA TYR C 107 -23.58 -31.91 -3.89
C TYR C 107 -22.93 -30.99 -2.87
N PRO C 108 -23.59 -30.70 -1.75
CA PRO C 108 -22.93 -29.88 -0.72
C PRO C 108 -21.82 -30.65 -0.05
N ILE C 109 -20.79 -29.93 0.37
CA ILE C 109 -19.62 -30.56 0.99
C ILE C 109 -19.49 -30.10 2.43
N ALA C 110 -19.43 -28.78 2.65
CA ALA C 110 -19.15 -28.27 3.99
C ALA C 110 -19.65 -26.84 4.11
N VAL C 111 -19.91 -26.43 5.36
CA VAL C 111 -20.36 -25.08 5.68
C VAL C 111 -19.17 -24.29 6.25
N GLU C 112 -18.93 -23.11 5.69
CA GLU C 112 -17.81 -22.27 6.10
C GLU C 112 -18.30 -20.89 6.53
N ALA C 113 -17.57 -20.30 7.48
CA ALA C 113 -17.78 -18.92 7.88
C ALA C 113 -16.45 -18.35 8.35
N LEU C 114 -16.31 -17.04 8.24
CA LEU C 114 -15.10 -16.37 8.71
C LEU C 114 -15.16 -16.19 10.21
N SER C 115 -13.99 -16.25 10.84
CA SER C 115 -13.89 -16.07 12.28
C SER C 115 -12.62 -15.29 12.59
N LEU C 116 -12.53 -14.82 13.83
CA LEU C 116 -11.39 -14.04 14.29
C LEU C 116 -10.34 -15.00 14.85
N ILE C 117 -9.16 -15.01 14.22
CA ILE C 117 -8.03 -15.82 14.67
C ILE C 117 -7.01 -14.88 15.29
N TYR C 118 -6.60 -15.18 16.53
CA TYR C 118 -5.73 -14.29 17.28
C TYR C 118 -4.52 -15.03 17.82
N ASN C 119 -3.44 -14.29 18.02
CA ASN C 119 -2.19 -14.81 18.57
C ASN C 119 -2.29 -14.78 20.09
N LYS C 120 -2.31 -15.96 20.72
CA LYS C 120 -2.50 -16.03 22.17
C LYS C 120 -1.30 -15.50 22.94
N ASP C 121 -0.10 -15.62 22.37
CA ASP C 121 1.10 -15.23 23.10
C ASP C 121 1.30 -13.72 23.11
N LEU C 122 0.80 -13.04 22.08
CA LEU C 122 0.78 -11.59 22.04
C LEU C 122 -0.44 -11.02 22.75
N LEU C 123 -1.56 -11.75 22.71
CA LEU C 123 -2.84 -11.26 23.22
C LEU C 123 -3.66 -12.44 23.72
N PRO C 124 -3.71 -12.65 25.05
CA PRO C 124 -4.42 -13.82 25.58
C PRO C 124 -5.94 -13.68 25.61
N ASN C 125 -6.49 -12.47 25.53
CA ASN C 125 -7.94 -12.27 25.57
C ASN C 125 -8.36 -11.45 24.36
N PRO C 126 -9.00 -12.06 23.36
CA PRO C 126 -9.32 -11.31 22.14
C PRO C 126 -10.33 -10.22 22.41
N PRO C 127 -10.25 -9.10 21.69
CA PRO C 127 -11.20 -8.01 21.91
C PRO C 127 -12.57 -8.34 21.34
N LYS C 128 -13.61 -7.95 22.09
CA LYS C 128 -14.98 -8.29 21.74
C LYS C 128 -15.63 -7.27 20.82
N THR C 129 -15.03 -6.10 20.61
CA THR C 129 -15.62 -5.05 19.80
C THR C 129 -14.61 -4.55 18.77
N TRP C 130 -15.14 -4.04 17.65
CA TRP C 130 -14.30 -3.42 16.64
C TRP C 130 -13.76 -2.08 17.12
N GLU C 131 -14.54 -1.35 17.92
CA GLU C 131 -14.18 0.03 18.28
C GLU C 131 -12.91 0.13 19.12
N GLU C 132 -12.51 -0.96 19.78
CA GLU C 132 -11.31 -0.93 20.61
C GLU C 132 -10.06 -1.42 19.88
N ILE C 133 -10.15 -1.71 18.59
CA ILE C 133 -9.00 -2.18 17.81
C ILE C 133 -8.04 -1.02 17.51
N PRO C 134 -8.50 0.20 17.20
CA PRO C 134 -7.53 1.31 17.10
C PRO C 134 -6.69 1.49 18.35
N ALA C 135 -7.32 1.41 19.53
CA ALA C 135 -6.57 1.57 20.78
C ALA C 135 -5.58 0.44 20.97
N LEU C 136 -5.98 -0.79 20.63
CA LEU C 136 -5.08 -1.93 20.80
C LEU C 136 -3.91 -1.87 19.83
N ASP C 137 -4.12 -1.31 18.64
CA ASP C 137 -3.06 -1.25 17.64
C ASP C 137 -1.92 -0.36 18.11
N LYS C 138 -2.25 0.77 18.76
CA LYS C 138 -1.20 1.66 19.26
C LYS C 138 -0.36 0.97 20.32
N GLU C 139 -0.99 0.13 21.16
CA GLU C 139 -0.25 -0.56 22.21
C GLU C 139 0.82 -1.47 21.63
N LEU C 140 0.50 -2.18 20.55
CA LEU C 140 1.43 -3.13 19.97
C LEU C 140 2.22 -2.56 18.82
N LYS C 141 1.78 -1.43 18.24
CA LYS C 141 2.67 -0.64 17.41
C LYS C 141 3.87 -0.16 18.21
N ALA C 142 3.68 0.05 19.52
CA ALA C 142 4.80 0.31 20.41
C ALA C 142 5.67 -0.92 20.62
N LYS C 143 5.12 -2.11 20.39
CA LYS C 143 5.88 -3.36 20.41
C LYS C 143 6.41 -3.73 19.03
N GLY C 144 6.26 -2.84 18.04
CA GLY C 144 6.65 -3.19 16.69
C GLY C 144 5.80 -4.27 16.08
N LYS C 145 4.52 -4.32 16.43
CA LYS C 145 3.57 -5.29 15.90
C LYS C 145 2.33 -4.56 15.41
N SER C 146 1.38 -5.32 14.88
CA SER C 146 0.11 -4.78 14.41
C SER C 146 -1.04 -5.45 15.14
N ALA C 147 -2.20 -4.82 15.08
CA ALA C 147 -3.38 -5.40 15.72
C ALA C 147 -4.10 -6.38 14.80
N LEU C 148 -4.43 -5.96 13.58
CA LEU C 148 -5.25 -6.78 12.69
C LEU C 148 -4.81 -6.60 11.25
N MET C 149 -4.69 -7.71 10.53
CA MET C 149 -4.39 -7.72 9.11
C MET C 149 -5.17 -8.85 8.45
N PHE C 150 -6.06 -8.50 7.53
CA PHE C 150 -6.84 -9.48 6.79
C PHE C 150 -7.03 -9.00 5.36
N ASN C 151 -7.50 -9.91 4.51
CA ASN C 151 -7.69 -9.62 3.10
C ASN C 151 -8.85 -8.65 2.90
N LEU C 152 -8.53 -7.47 2.37
CA LEU C 152 -9.53 -6.47 2.04
C LEU C 152 -9.63 -6.24 0.54
N GLN C 153 -8.96 -7.08 -0.25
CA GLN C 153 -9.09 -7.03 -1.70
C GLN C 153 -10.30 -7.82 -2.20
N GLU C 154 -10.83 -8.72 -1.38
CA GLU C 154 -12.06 -9.41 -1.69
C GLU C 154 -13.11 -9.03 -0.64
N PRO C 155 -14.30 -8.59 -1.05
CA PRO C 155 -15.29 -8.09 -0.09
C PRO C 155 -15.89 -9.16 0.80
N TYR C 156 -15.56 -10.44 0.57
CA TYR C 156 -16.03 -11.50 1.45
C TYR C 156 -15.53 -11.30 2.87
N PHE C 157 -14.27 -10.87 3.02
CA PHE C 157 -13.68 -10.65 4.34
C PHE C 157 -14.07 -9.30 4.94
N THR C 158 -14.64 -8.40 4.15
CA THR C 158 -15.05 -7.07 4.60
C THR C 158 -16.55 -6.99 4.86
N TRP C 159 -17.34 -7.88 4.26
CA TRP C 159 -18.78 -7.84 4.43
C TRP C 159 -19.27 -7.99 5.87
N PRO C 160 -18.67 -8.84 6.73
CA PRO C 160 -19.18 -8.95 8.11
C PRO C 160 -19.30 -7.63 8.84
N LEU C 161 -18.41 -6.67 8.55
CA LEU C 161 -18.52 -5.34 9.14
C LEU C 161 -19.57 -4.49 8.42
N ILE C 162 -19.73 -4.69 7.11
CA ILE C 162 -20.72 -3.95 6.35
C ILE C 162 -22.13 -4.36 6.77
N ALA C 163 -22.32 -5.64 7.11
CA ALA C 163 -23.63 -6.16 7.50
C ALA C 163 -23.94 -5.96 8.97
N ALA C 164 -22.97 -5.50 9.77
CA ALA C 164 -23.16 -5.45 11.21
C ALA C 164 -24.23 -4.45 11.62
N ASP C 165 -24.21 -3.25 11.02
CA ASP C 165 -25.09 -2.17 11.43
C ASP C 165 -26.33 -2.05 10.55
N GLY C 166 -26.55 -2.99 9.64
CA GLY C 166 -27.79 -2.98 8.87
C GLY C 166 -27.63 -3.13 7.37
N GLY C 167 -26.41 -3.42 6.91
CA GLY C 167 -26.20 -3.69 5.50
C GLY C 167 -26.57 -5.11 5.15
N TYR C 168 -27.06 -5.30 3.94
CA TYR C 168 -27.45 -6.63 3.47
C TYR C 168 -27.38 -6.67 1.95
N ALA C 169 -27.30 -7.88 1.41
CA ALA C 169 -27.28 -8.04 -0.04
C ALA C 169 -28.70 -7.99 -0.60
N PHE C 170 -29.50 -9.01 -0.33
CA PHE C 170 -30.85 -9.12 -0.87
C PHE C 170 -31.83 -9.44 0.24
N LYS C 171 -32.93 -8.67 0.28
CA LYS C 171 -33.89 -8.79 1.37
C LYS C 171 -34.57 -10.15 1.39
N TYR C 172 -34.74 -10.70 2.58
CA TYR C 172 -35.54 -11.91 2.74
C TYR C 172 -36.80 -11.59 3.55
N TYR C 177 -36.63 -14.05 -1.53
CA TYR C 177 -35.50 -13.22 -1.88
C TYR C 177 -35.95 -12.07 -2.77
N ASP C 178 -35.67 -10.84 -2.35
CA ASP C 178 -36.14 -9.65 -3.04
C ASP C 178 -35.23 -8.72 -3.76
N ILE C 179 -34.95 -9.18 -4.95
CA ILE C 179 -34.16 -8.59 -5.95
C ILE C 179 -34.31 -7.10 -6.05
N LYS C 180 -35.27 -6.51 -5.36
CA LYS C 180 -35.56 -5.07 -5.42
C LYS C 180 -35.12 -4.22 -4.26
N ASP C 181 -35.16 -4.81 -3.08
CA ASP C 181 -34.74 -4.18 -1.87
C ASP C 181 -33.34 -4.59 -1.65
N VAL C 182 -32.45 -3.71 -1.96
CA VAL C 182 -31.05 -4.04 -1.76
C VAL C 182 -30.49 -3.09 -0.71
N GLY C 183 -29.77 -3.62 0.26
CA GLY C 183 -29.24 -2.81 1.34
C GLY C 183 -27.74 -2.59 1.27
N VAL C 184 -27.28 -1.98 0.18
CA VAL C 184 -25.86 -1.72 0.01
C VAL C 184 -25.58 -0.25 0.36
N ASP C 185 -26.58 0.61 0.18
CA ASP C 185 -26.42 2.05 0.43
C ASP C 185 -27.28 2.53 1.59
N ASN C 186 -27.45 1.70 2.61
CA ASN C 186 -28.14 2.12 3.82
C ASN C 186 -27.14 2.70 4.82
N ALA C 187 -27.68 3.42 5.82
CA ALA C 187 -26.84 4.08 6.81
C ALA C 187 -25.96 3.10 7.56
N GLY C 188 -26.46 1.88 7.80
CA GLY C 188 -25.68 0.89 8.51
C GLY C 188 -24.46 0.44 7.72
N ALA C 189 -24.64 0.16 6.43
CA ALA C 189 -23.50 -0.23 5.59
C ALA C 189 -22.51 0.91 5.44
N LYS C 190 -23.02 2.15 5.35
CA LYS C 190 -22.13 3.30 5.29
C LYS C 190 -21.33 3.44 6.58
N ALA C 191 -21.98 3.20 7.73
CA ALA C 191 -21.27 3.29 9.00
C ALA C 191 -20.18 2.23 9.11
N GLY C 192 -20.47 1.00 8.68
CA GLY C 192 -19.47 -0.06 8.75
C GLY C 192 -18.27 0.21 7.85
N LEU C 193 -18.52 0.64 6.62
CA LEU C 193 -17.42 0.98 5.73
C LEU C 193 -16.68 2.23 6.20
N THR C 194 -17.38 3.14 6.87
CA THR C 194 -16.72 4.33 7.40
C THR C 194 -15.69 3.96 8.47
N PHE C 195 -16.04 3.05 9.38
CA PHE C 195 -15.08 2.60 10.37
C PHE C 195 -13.88 1.93 9.72
N LEU C 196 -14.13 1.19 8.64
CA LEU C 196 -13.03 0.55 7.91
C LEU C 196 -12.10 1.60 7.30
N VAL C 197 -12.67 2.56 6.58
CA VAL C 197 -11.86 3.62 5.97
C VAL C 197 -11.08 4.37 7.05
N ASP C 198 -11.72 4.64 8.18
CA ASP C 198 -11.04 5.32 9.29
C ASP C 198 -9.87 4.50 9.80
N LEU C 199 -10.01 3.17 9.83
CA LEU C 199 -8.89 2.33 10.25
C LEU C 199 -7.69 2.50 9.31
N ILE C 200 -7.97 2.67 8.02
CA ILE C 200 -6.88 2.88 7.06
C ILE C 200 -6.32 4.28 7.17
N LYS C 201 -7.19 5.29 7.38
CA LYS C 201 -6.74 6.66 7.37
C LYS C 201 -5.85 6.97 8.57
N ASN C 202 -6.15 6.40 9.74
CA ASN C 202 -5.35 6.60 10.93
C ASN C 202 -4.19 5.62 11.04
N LYS C 203 -3.82 4.97 9.93
CA LYS C 203 -2.63 4.12 9.85
C LYS C 203 -2.69 2.95 10.84
N HIS C 204 -3.89 2.41 11.03
CA HIS C 204 -4.07 1.16 11.76
C HIS C 204 -4.22 -0.04 10.83
N MET C 205 -4.55 0.20 9.55
CA MET C 205 -4.58 -0.81 8.51
C MET C 205 -4.09 -0.18 7.21
N ASN C 206 -3.64 -1.04 6.30
CA ASN C 206 -3.25 -0.61 4.97
C ASN C 206 -4.21 -1.17 3.93
N ALA C 207 -4.61 -0.34 2.97
CA ALA C 207 -5.64 -0.74 2.03
C ALA C 207 -5.14 -1.77 1.02
N ASP C 208 -3.83 -1.93 0.86
CA ASP C 208 -3.28 -2.79 -0.18
C ASP C 208 -2.97 -4.20 0.28
N THR C 209 -3.22 -4.54 1.55
CA THR C 209 -2.90 -5.87 2.03
C THR C 209 -3.87 -6.90 1.45
N ASP C 210 -3.37 -8.04 0.98
CA ASP C 210 -4.29 -9.01 0.41
C ASP C 210 -4.32 -10.29 1.24
N TYR C 211 -4.71 -11.40 0.63
CA TYR C 211 -4.76 -12.68 1.35
C TYR C 211 -3.35 -13.13 1.74
N SER C 212 -2.42 -13.14 0.78
CA SER C 212 -1.10 -13.67 1.04
C SER C 212 -0.33 -12.81 2.04
N ILE C 213 -0.55 -11.49 2.01
CA ILE C 213 0.19 -10.60 2.90
C ILE C 213 -0.28 -10.75 4.33
N ALA C 214 -1.60 -10.88 4.53
CA ALA C 214 -2.13 -11.03 5.88
C ALA C 214 -1.77 -12.39 6.47
N GLU C 215 -1.82 -13.45 5.65
CA GLU C 215 -1.50 -14.79 6.14
C GLU C 215 -0.04 -14.87 6.57
N ALA C 216 0.86 -14.28 5.79
CA ALA C 216 2.27 -14.29 6.16
C ALA C 216 2.53 -13.45 7.40
N ALA C 217 1.87 -12.29 7.51
CA ALA C 217 2.10 -11.41 8.64
C ALA C 217 1.67 -12.06 9.95
N PHE C 218 0.53 -12.75 9.94
CA PHE C 218 0.07 -13.39 11.18
C PHE C 218 0.89 -14.65 11.48
N ASN C 219 1.30 -15.37 10.44
CA ASN C 219 2.06 -16.59 10.66
C ASN C 219 3.46 -16.32 11.20
N LYS C 220 4.04 -15.18 10.85
CA LYS C 220 5.34 -14.78 11.40
C LYS C 220 5.24 -14.08 12.74
N GLY C 221 4.04 -13.65 13.14
CA GLY C 221 3.87 -12.93 14.37
C GLY C 221 3.93 -11.42 14.24
N GLU C 222 3.79 -10.89 13.03
CA GLU C 222 3.82 -9.45 12.81
C GLU C 222 2.51 -8.77 13.17
N THR C 223 1.45 -9.53 13.44
CA THR C 223 0.18 -8.98 13.86
C THR C 223 -0.48 -9.95 14.84
N ALA C 224 -1.39 -9.42 15.65
CA ALA C 224 -2.00 -10.21 16.71
C ALA C 224 -3.24 -10.95 16.26
N MET C 225 -3.94 -10.47 15.23
CA MET C 225 -5.22 -11.03 14.83
C MET C 225 -5.33 -11.05 13.32
N THR C 226 -6.17 -11.95 12.83
CA THR C 226 -6.54 -12.00 11.41
C THR C 226 -7.96 -12.51 11.31
N ILE C 227 -8.51 -12.46 10.09
CA ILE C 227 -9.88 -12.87 9.83
C ILE C 227 -9.86 -13.81 8.63
N ASN C 228 -10.23 -15.07 8.85
CA ASN C 228 -10.23 -16.07 7.79
C ASN C 228 -11.08 -17.25 8.23
N GLY C 229 -11.26 -18.19 7.29
CA GLY C 229 -12.08 -19.36 7.52
C GLY C 229 -11.25 -20.59 7.82
N PRO C 230 -11.91 -21.75 7.89
CA PRO C 230 -11.20 -22.97 8.32
C PRO C 230 -10.08 -23.42 7.39
N TRP C 231 -10.11 -23.01 6.13
CA TRP C 231 -9.07 -23.41 5.19
C TRP C 231 -7.68 -22.90 5.60
N ALA C 232 -7.63 -21.83 6.39
CA ALA C 232 -6.36 -21.23 6.77
C ALA C 232 -5.70 -21.90 7.98
N TRP C 233 -6.39 -22.82 8.65
CA TRP C 233 -5.85 -23.42 9.87
C TRP C 233 -4.61 -24.25 9.57
N SER C 234 -4.55 -24.90 8.41
CA SER C 234 -3.43 -25.78 8.09
C SER C 234 -2.10 -25.03 8.13
N ASN C 235 -2.04 -23.87 7.46
CA ASN C 235 -0.79 -23.12 7.40
C ASN C 235 -0.42 -22.50 8.74
N ILE C 236 -1.39 -22.30 9.63
CA ILE C 236 -1.06 -21.77 10.95
C ILE C 236 -0.45 -22.86 11.83
N ASP C 237 -0.84 -24.13 11.63
CA ASP C 237 -0.19 -25.21 12.35
C ASP C 237 1.29 -25.30 11.98
N THR C 238 1.62 -25.02 10.72
CA THR C 238 3.02 -25.04 10.29
C THR C 238 3.81 -23.91 10.91
N SER C 239 3.21 -22.73 11.04
CA SER C 239 3.90 -21.57 11.60
C SER C 239 4.07 -21.65 13.11
N LYS C 240 3.46 -22.64 13.76
CA LYS C 240 3.55 -22.83 15.21
C LYS C 240 3.22 -21.56 15.99
N VAL C 241 2.21 -20.83 15.51
CA VAL C 241 1.65 -19.70 16.24
C VAL C 241 0.58 -20.25 17.19
N ASN C 242 0.75 -19.99 18.49
CA ASN C 242 -0.27 -20.40 19.45
C ASN C 242 -1.53 -19.58 19.20
N TYR C 243 -2.41 -20.08 18.34
CA TYR C 243 -3.55 -19.31 17.88
C TYR C 243 -4.85 -19.82 18.50
N GLY C 244 -5.81 -18.90 18.58
CA GLY C 244 -7.17 -19.27 18.89
C GLY C 244 -8.10 -18.63 17.89
N VAL C 245 -9.27 -19.24 17.73
CA VAL C 245 -10.30 -18.75 16.83
C VAL C 245 -11.57 -18.55 17.65
N THR C 246 -12.18 -17.38 17.49
CA THR C 246 -13.25 -16.93 18.37
C THR C 246 -14.27 -16.13 17.57
N VAL C 247 -15.27 -15.60 18.26
CA VAL C 247 -16.33 -14.85 17.62
C VAL C 247 -15.77 -13.53 17.08
N LEU C 248 -16.28 -13.12 15.91
CA LEU C 248 -15.84 -11.87 15.32
C LEU C 248 -16.24 -10.69 16.20
N PRO C 249 -15.46 -9.61 16.20
CA PRO C 249 -15.79 -8.46 17.04
C PRO C 249 -17.11 -7.82 16.64
N THR C 250 -17.72 -7.15 17.61
CA THR C 250 -19.00 -6.47 17.40
C THR C 250 -18.77 -5.05 16.93
N PHE C 251 -19.73 -4.55 16.13
CA PHE C 251 -19.71 -3.18 15.63
C PHE C 251 -21.02 -2.51 16.00
N LYS C 252 -20.93 -1.35 16.67
CA LYS C 252 -22.11 -0.62 17.14
C LYS C 252 -22.96 -1.47 18.06
N GLY C 253 -22.32 -2.33 18.85
CA GLY C 253 -23.04 -3.20 19.76
C GLY C 253 -23.69 -4.41 19.12
N GLN C 254 -23.68 -4.51 17.80
CA GLN C 254 -24.31 -5.60 17.07
C GLN C 254 -23.25 -6.52 16.48
N PRO C 255 -23.56 -7.81 16.30
CA PRO C 255 -22.54 -8.76 15.87
C PRO C 255 -22.14 -8.56 14.42
N SER C 256 -20.88 -8.90 14.12
CA SER C 256 -20.43 -8.95 12.73
C SER C 256 -21.09 -10.13 12.05
N LYS C 257 -21.76 -9.87 10.92
CA LYS C 257 -22.61 -10.85 10.25
C LYS C 257 -21.90 -11.37 9.00
N PRO C 258 -21.13 -12.44 9.09
CA PRO C 258 -20.42 -12.95 7.92
C PRO C 258 -21.35 -13.70 6.99
N PHE C 259 -21.07 -13.57 5.69
CA PHE C 259 -21.75 -14.40 4.71
C PHE C 259 -21.33 -15.85 4.91
N VAL C 260 -22.29 -16.70 5.19
CA VAL C 260 -22.03 -18.13 5.39
C VAL C 260 -22.08 -18.82 4.04
N GLY C 261 -21.04 -19.58 3.73
CA GLY C 261 -20.93 -20.28 2.46
C GLY C 261 -21.01 -21.77 2.66
N VAL C 262 -21.52 -22.47 1.64
CA VAL C 262 -21.53 -23.93 1.61
C VAL C 262 -20.76 -24.34 0.36
N LEU C 263 -19.58 -24.92 0.56
CA LEU C 263 -18.80 -25.42 -0.56
C LEU C 263 -19.49 -26.62 -1.18
N SER C 264 -19.66 -26.59 -2.49
CA SER C 264 -20.45 -27.58 -3.18
C SER C 264 -19.70 -28.09 -4.41
N ALA C 265 -20.19 -29.19 -4.97
CA ALA C 265 -19.60 -29.81 -6.16
C ALA C 265 -20.68 -29.90 -7.23
N GLY C 266 -20.55 -29.10 -8.28
CA GLY C 266 -21.46 -29.14 -9.40
C GLY C 266 -20.90 -29.95 -10.55
N ILE C 267 -21.80 -30.55 -11.32
CA ILE C 267 -21.43 -31.36 -12.48
C ILE C 267 -21.74 -30.58 -13.74
N ASN C 268 -20.74 -30.44 -14.61
CA ASN C 268 -20.89 -29.70 -15.85
C ASN C 268 -21.97 -30.34 -16.72
N ALA C 269 -22.83 -29.49 -17.29
CA ALA C 269 -23.90 -30.00 -18.15
C ALA C 269 -23.34 -30.63 -19.41
N ALA C 270 -22.23 -30.11 -19.93
CA ALA C 270 -21.63 -30.64 -21.15
C ALA C 270 -20.71 -31.82 -20.90
N SER C 271 -20.70 -32.37 -19.69
CA SER C 271 -19.79 -33.46 -19.35
C SER C 271 -20.39 -34.80 -19.75
N PRO C 272 -19.64 -35.64 -20.47
CA PRO C 272 -20.15 -36.99 -20.79
C PRO C 272 -19.97 -38.00 -19.67
N ASN C 273 -19.38 -37.60 -18.54
CA ASN C 273 -19.13 -38.48 -17.41
C ASN C 273 -19.99 -38.13 -16.21
N LYS C 274 -21.27 -37.81 -16.43
CA LYS C 274 -22.15 -37.47 -15.31
C LYS C 274 -22.29 -38.64 -14.35
N GLU C 275 -22.32 -39.87 -14.88
CA GLU C 275 -22.42 -41.04 -14.02
C GLU C 275 -21.12 -41.27 -13.25
N LEU C 276 -19.98 -41.13 -13.93
CA LEU C 276 -18.70 -41.23 -13.23
C LEU C 276 -18.53 -40.13 -12.20
N ALA C 277 -19.06 -38.94 -12.49
CA ALA C 277 -18.99 -37.85 -11.52
C ALA C 277 -19.86 -38.13 -10.30
N LYS C 278 -21.03 -38.73 -10.50
CA LYS C 278 -21.90 -39.05 -9.37
C LYS C 278 -21.26 -40.06 -8.43
N GLU C 279 -20.72 -41.14 -9.00
CA GLU C 279 -20.14 -42.19 -8.17
C GLU C 279 -18.94 -41.71 -7.38
N PHE C 280 -18.07 -40.90 -8.02
CA PHE C 280 -16.90 -40.40 -7.31
C PHE C 280 -17.29 -39.50 -6.15
N LEU C 281 -18.29 -38.63 -6.36
CA LEU C 281 -18.71 -37.73 -5.28
C LEU C 281 -19.48 -38.49 -4.20
N GLU C 282 -20.35 -39.41 -4.60
CA GLU C 282 -21.23 -40.08 -3.64
C GLU C 282 -20.56 -41.24 -2.92
N ASN C 283 -19.66 -41.97 -3.59
CA ASN C 283 -19.08 -43.18 -3.04
C ASN C 283 -17.63 -43.00 -2.58
N TYR C 284 -17.04 -41.81 -2.73
CA TYR C 284 -15.65 -41.63 -2.34
C TYR C 284 -15.45 -40.36 -1.53
N LEU C 285 -15.72 -39.19 -2.14
CA LEU C 285 -15.48 -37.92 -1.46
C LEU C 285 -16.37 -37.78 -0.24
N LEU C 286 -17.68 -37.86 -0.42
CA LEU C 286 -18.61 -37.67 0.69
C LEU C 286 -18.70 -38.94 1.54
N THR C 287 -17.55 -39.44 1.99
CA THR C 287 -17.45 -40.50 2.98
C THR C 287 -16.56 -40.01 4.10
N ASP C 288 -16.51 -40.80 5.18
CA ASP C 288 -15.62 -40.45 6.29
C ASP C 288 -14.17 -40.41 5.82
N GLU C 289 -13.72 -41.45 5.11
CA GLU C 289 -12.35 -41.47 4.63
C GLU C 289 -12.11 -40.42 3.55
N GLY C 290 -13.13 -40.12 2.74
CA GLY C 290 -12.94 -39.15 1.67
C GLY C 290 -12.79 -37.73 2.19
N LEU C 291 -13.67 -37.33 3.12
CA LEU C 291 -13.61 -35.98 3.65
C LEU C 291 -12.39 -35.78 4.54
N GLU C 292 -11.92 -36.84 5.21
CA GLU C 292 -10.77 -36.71 6.08
C GLU C 292 -9.49 -36.49 5.27
N ALA C 293 -9.38 -37.14 4.11
CA ALA C 293 -8.22 -36.91 3.25
C ALA C 293 -8.17 -35.45 2.80
N VAL C 294 -9.32 -34.85 2.52
CA VAL C 294 -9.35 -33.44 2.15
C VAL C 294 -9.18 -32.56 3.37
N ASN C 295 -9.77 -32.95 4.51
CA ASN C 295 -9.67 -32.13 5.71
C ASN C 295 -8.25 -32.07 6.26
N LYS C 296 -7.49 -33.16 6.11
CA LYS C 296 -6.11 -33.16 6.61
C LYS C 296 -5.26 -32.12 5.87
N ASP C 297 -5.51 -31.96 4.57
CA ASP C 297 -4.81 -30.93 3.79
C ASP C 297 -5.24 -29.55 4.25
N LYS C 298 -6.47 -29.16 3.94
CA LYS C 298 -7.04 -27.89 4.40
C LYS C 298 -8.41 -28.17 4.99
N PRO C 299 -8.71 -27.67 6.18
CA PRO C 299 -9.99 -27.99 6.82
C PRO C 299 -11.17 -27.48 6.02
N LEU C 300 -12.25 -28.27 6.00
CA LEU C 300 -13.46 -27.94 5.28
C LEU C 300 -14.42 -27.09 6.10
N GLY C 301 -14.39 -27.21 7.42
CA GLY C 301 -15.36 -26.54 8.27
C GLY C 301 -16.36 -27.53 8.83
N ALA C 302 -17.63 -27.13 8.89
CA ALA C 302 -18.70 -28.03 9.30
C ALA C 302 -19.15 -28.82 8.09
N VAL C 303 -18.67 -30.06 7.97
CA VAL C 303 -18.90 -30.83 6.75
C VAL C 303 -20.38 -31.19 6.63
N ALA C 304 -20.83 -31.37 5.38
CA ALA C 304 -22.24 -31.70 5.13
C ALA C 304 -22.56 -33.12 5.58
N LEU C 305 -21.59 -34.01 5.53
CA LEU C 305 -21.81 -35.39 5.92
C LEU C 305 -21.98 -35.48 7.43
N LYS C 306 -23.11 -36.05 7.87
CA LYS C 306 -23.38 -36.15 9.30
C LYS C 306 -22.34 -37.00 10.02
N SER C 307 -21.83 -38.05 9.37
CA SER C 307 -20.92 -38.97 10.05
C SER C 307 -19.62 -38.29 10.44
N TYR C 308 -19.07 -37.46 9.56
CA TYR C 308 -17.77 -36.85 9.83
C TYR C 308 -17.91 -35.58 10.67
N GLU C 309 -19.05 -34.89 10.61
CA GLU C 309 -19.24 -33.75 11.50
C GLU C 309 -19.49 -34.21 12.93
N GLU C 310 -20.13 -35.36 13.11
CA GLU C 310 -20.32 -35.91 14.45
C GLU C 310 -18.99 -36.21 15.12
N GLU C 311 -17.95 -36.52 14.32
CA GLU C 311 -16.64 -36.80 14.89
C GLU C 311 -15.83 -35.53 15.11
N LEU C 312 -16.02 -34.50 14.28
CA LEU C 312 -15.25 -33.28 14.36
C LEU C 312 -15.93 -32.17 15.14
N ALA C 313 -17.14 -32.41 15.65
CA ALA C 313 -17.85 -31.37 16.39
C ALA C 313 -17.08 -30.91 17.62
N LYS C 314 -16.29 -31.81 18.21
CA LYS C 314 -15.51 -31.48 19.41
C LYS C 314 -14.46 -30.42 19.18
N ASP C 315 -14.20 -30.05 17.93
CA ASP C 315 -13.15 -29.08 17.63
C ASP C 315 -13.56 -27.69 18.13
N PRO C 316 -12.78 -27.07 19.02
CA PRO C 316 -13.09 -25.69 19.42
C PRO C 316 -13.05 -24.71 18.27
N ARG C 317 -12.30 -25.03 17.21
CA ARG C 317 -12.25 -24.16 16.04
C ARG C 317 -13.51 -24.27 15.19
N ILE C 318 -14.09 -25.46 15.12
CA ILE C 318 -15.34 -25.64 14.39
C ILE C 318 -16.49 -25.03 15.15
N ALA C 319 -16.45 -25.10 16.49
CA ALA C 319 -17.49 -24.48 17.30
C ALA C 319 -17.50 -22.96 17.14
N ALA C 320 -16.32 -22.36 17.02
CA ALA C 320 -16.26 -20.91 16.80
C ALA C 320 -16.75 -20.55 15.41
N THR C 321 -16.37 -21.35 14.40
CA THR C 321 -16.87 -21.10 13.05
C THR C 321 -18.38 -21.26 12.99
N MET C 322 -18.91 -22.26 13.71
CA MET C 322 -20.36 -22.44 13.75
C MET C 322 -21.03 -21.31 14.52
N GLU C 323 -20.44 -20.88 15.63
CA GLU C 323 -21.00 -19.76 16.38
C GLU C 323 -21.06 -18.50 15.53
N ASN C 324 -19.99 -18.22 14.78
CA ASN C 324 -20.02 -17.07 13.87
C ASN C 324 -20.95 -17.30 12.70
N ALA C 325 -21.12 -18.57 12.28
CA ALA C 325 -22.09 -18.87 11.23
C ALA C 325 -23.50 -18.49 11.67
N GLN C 326 -23.85 -18.77 12.92
CA GLN C 326 -25.20 -18.48 13.41
C GLN C 326 -25.46 -16.97 13.43
N LYS C 327 -24.45 -16.18 13.80
CA LYS C 327 -24.62 -14.73 13.84
C LYS C 327 -24.77 -14.11 12.47
N GLY C 328 -24.27 -14.77 11.42
CA GLY C 328 -24.33 -14.26 10.07
C GLY C 328 -25.57 -14.73 9.33
N GLU C 329 -25.49 -14.70 8.00
CA GLU C 329 -26.61 -15.14 7.18
C GLU C 329 -26.13 -15.85 5.93
N ILE C 330 -26.89 -16.88 5.54
CA ILE C 330 -26.55 -17.72 4.40
C ILE C 330 -26.49 -16.90 3.13
N MET C 331 -25.55 -17.21 2.25
CA MET C 331 -25.46 -16.51 0.97
C MET C 331 -26.62 -16.92 0.07
N PRO C 332 -27.28 -15.97 -0.57
CA PRO C 332 -28.25 -16.34 -1.62
C PRO C 332 -27.54 -16.95 -2.81
N ASN C 333 -28.29 -17.74 -3.57
CA ASN C 333 -27.76 -18.34 -4.80
C ASN C 333 -28.51 -17.84 -6.03
N ILE C 334 -29.20 -16.71 -5.91
CA ILE C 334 -29.92 -16.13 -7.05
C ILE C 334 -28.89 -15.75 -8.10
N PRO C 335 -29.24 -15.76 -9.39
CA PRO C 335 -28.23 -15.53 -10.43
C PRO C 335 -27.69 -14.10 -10.47
N GLN C 336 -28.24 -13.18 -9.69
CA GLN C 336 -27.76 -11.79 -9.66
C GLN C 336 -26.64 -11.57 -8.66
N MET C 337 -26.10 -12.64 -8.07
CA MET C 337 -25.07 -12.49 -7.05
C MET C 337 -23.74 -12.05 -7.65
N SER C 338 -23.46 -12.44 -8.90
CA SER C 338 -22.19 -12.08 -9.52
CA SER C 338 -22.18 -12.08 -9.51
C SER C 338 -22.06 -10.56 -9.66
N ALA C 339 -23.08 -9.91 -10.21
CA ALA C 339 -23.05 -8.47 -10.32
C ALA C 339 -22.95 -7.79 -8.96
N PHE C 340 -23.58 -8.39 -7.94
CA PHE C 340 -23.48 -7.83 -6.59
C PHE C 340 -22.05 -7.88 -6.07
N TRP C 341 -21.37 -9.01 -6.26
CA TRP C 341 -20.00 -9.14 -5.77
C TRP C 341 -19.07 -8.17 -6.47
N TYR C 342 -19.13 -8.12 -7.82
CA TYR C 342 -18.24 -7.25 -8.56
C TYR C 342 -18.44 -5.78 -8.19
N ALA C 343 -19.69 -5.37 -8.01
CA ALA C 343 -19.96 -3.99 -7.62
C ALA C 343 -19.40 -3.69 -6.24
N VAL C 344 -19.68 -4.56 -5.26
CA VAL C 344 -19.23 -4.32 -3.90
C VAL C 344 -17.70 -4.43 -3.81
N ARG C 345 -17.11 -5.36 -4.56
CA ARG C 345 -15.66 -5.50 -4.56
C ARG C 345 -14.98 -4.22 -5.01
N THR C 346 -15.52 -3.57 -6.05
CA THR C 346 -14.95 -2.30 -6.50
C THR C 346 -15.18 -1.20 -5.46
N ALA C 347 -16.36 -1.21 -4.82
CA ALA C 347 -16.68 -0.16 -3.85
C ALA C 347 -15.76 -0.21 -2.64
N VAL C 348 -15.51 -1.41 -2.10
CA VAL C 348 -14.67 -1.52 -0.92
C VAL C 348 -13.22 -1.18 -1.26
N ILE C 349 -12.74 -1.62 -2.42
CA ILE C 349 -11.38 -1.27 -2.84
C ILE C 349 -11.26 0.23 -3.07
N ASN C 350 -12.29 0.83 -3.68
CA ASN C 350 -12.24 2.26 -3.96
C ASN C 350 -12.32 3.08 -2.67
N ALA C 351 -13.14 2.65 -1.72
CA ALA C 351 -13.24 3.37 -0.45
C ALA C 351 -11.97 3.16 0.39
N ALA C 352 -11.44 1.93 0.40
CA ALA C 352 -10.20 1.67 1.11
C ALA C 352 -9.05 2.51 0.53
N SER C 353 -9.02 2.68 -0.79
CA SER C 353 -7.96 3.42 -1.44
C SER C 353 -8.13 4.93 -1.32
N GLY C 354 -9.28 5.41 -0.84
CA GLY C 354 -9.52 6.83 -0.81
C GLY C 354 -9.85 7.45 -2.14
N ARG C 355 -9.92 6.65 -3.21
CA ARG C 355 -10.26 7.18 -4.53
C ARG C 355 -11.71 7.60 -4.60
N GLN C 356 -12.57 7.01 -3.76
CA GLN C 356 -13.98 7.36 -3.71
C GLN C 356 -14.41 7.46 -2.27
N THR C 357 -15.29 8.41 -1.98
CA THR C 357 -15.88 8.50 -0.66
C THR C 357 -16.72 7.26 -0.37
N VAL C 358 -17.07 7.10 0.90
CA VAL C 358 -17.93 5.99 1.29
C VAL C 358 -19.31 6.13 0.65
N ASP C 359 -19.78 7.38 0.52
CA ASP C 359 -21.13 7.61 0.00
C ASP C 359 -21.20 7.34 -1.50
N GLU C 360 -20.23 7.84 -2.27
CA GLU C 360 -20.28 7.68 -3.72
C GLU C 360 -19.97 6.25 -4.13
N ALA C 361 -19.13 5.55 -3.37
CA ALA C 361 -18.75 4.18 -3.75
C ALA C 361 -19.87 3.18 -3.48
N LEU C 362 -20.63 3.38 -2.39
CA LEU C 362 -21.77 2.51 -2.11
C LEU C 362 -22.98 2.84 -2.97
N LYS C 363 -23.07 4.09 -3.46
CA LYS C 363 -24.13 4.41 -4.42
C LYS C 363 -23.89 3.73 -5.76
N ASP C 364 -22.63 3.69 -6.21
CA ASP C 364 -22.31 3.02 -7.46
C ASP C 364 -22.47 1.51 -7.35
N ALA C 365 -22.14 0.94 -6.18
CA ALA C 365 -22.35 -0.49 -6.00
C ALA C 365 -23.83 -0.83 -5.97
N GLN C 366 -24.65 0.05 -5.39
CA GLN C 366 -26.09 -0.17 -5.40
C GLN C 366 -26.65 -0.10 -6.82
N THR C 367 -26.22 0.89 -7.60
CA THR C 367 -26.67 0.98 -8.98
C THR C 367 -26.27 -0.25 -9.78
N GLY C 368 -25.03 -0.73 -9.59
CA GLY C 368 -24.58 -1.90 -10.31
C GLY C 368 -25.36 -3.16 -9.93
N SER C 369 -25.65 -3.30 -8.63
CA SER C 369 -26.38 -4.49 -8.18
C SER C 369 -27.82 -4.52 -8.71
N ASP C 370 -28.41 -3.34 -8.92
CA ASP C 370 -29.78 -3.24 -9.40
C ASP C 370 -29.84 -2.99 -10.91
N LEU C 371 -28.69 -2.94 -11.59
CA LEU C 371 -28.67 -2.51 -12.98
C LEU C 371 -29.46 -3.46 -13.87
N TYR C 372 -29.23 -4.77 -13.74
CA TYR C 372 -29.88 -5.71 -14.66
C TYR C 372 -31.39 -5.74 -14.46
N ARG C 373 -31.85 -5.68 -13.21
CA ARG C 373 -33.28 -5.71 -12.97
C ARG C 373 -33.95 -4.42 -13.44
N GLN C 374 -33.35 -3.27 -13.14
CA GLN C 374 -33.92 -1.99 -13.56
C GLN C 374 -33.86 -1.84 -15.08
N SER C 375 -32.76 -2.26 -15.69
CA SER C 375 -32.68 -2.20 -17.15
C SER C 375 -33.68 -3.15 -17.80
N LEU C 376 -33.88 -4.32 -17.22
CA LEU C 376 -34.87 -5.25 -17.75
C LEU C 376 -36.28 -4.72 -17.56
N GLU C 377 -36.54 -4.02 -16.45
CA GLU C 377 -37.87 -3.49 -16.21
C GLU C 377 -38.23 -2.41 -17.22
N ILE C 378 -37.32 -1.46 -17.44
CA ILE C 378 -37.64 -0.29 -18.27
C ILE C 378 -37.93 -0.72 -19.71
N ILE C 379 -37.06 -1.55 -20.28
CA ILE C 379 -37.23 -1.87 -21.69
C ILE C 379 -38.31 -2.92 -21.91
N SER C 380 -38.49 -3.88 -20.99
CA SER C 380 -39.56 -4.85 -21.14
C SER C 380 -40.93 -4.18 -21.04
N ARG C 381 -41.06 -3.20 -20.16
CA ARG C 381 -42.30 -2.43 -20.09
C ARG C 381 -42.47 -1.55 -21.32
N TYR C 382 -41.38 -0.94 -21.79
CA TYR C 382 -41.46 -0.07 -22.95
C TYR C 382 -41.84 -0.85 -24.20
N LEU C 383 -41.22 -2.03 -24.39
CA LEU C 383 -41.43 -2.79 -25.61
C LEU C 383 -42.85 -3.34 -25.69
N ARG C 384 -43.33 -3.93 -24.59
CA ARG C 384 -44.68 -4.48 -24.59
C ARG C 384 -45.73 -3.39 -24.79
N GLU C 385 -45.58 -2.27 -24.07
CA GLU C 385 -46.53 -1.18 -24.21
C GLU C 385 -46.46 -0.54 -25.59
N GLN C 386 -45.31 -0.63 -26.26
CA GLN C 386 -45.23 -0.15 -27.64
C GLN C 386 -45.94 -1.08 -28.60
N ALA C 387 -46.04 -2.37 -28.25
CA ALA C 387 -46.72 -3.33 -29.12
C ALA C 387 -48.23 -3.33 -28.87
N THR C 388 -48.64 -3.34 -27.60
CA THR C 388 -50.04 -3.45 -27.24
C THR C 388 -50.73 -2.08 -27.20
N GLY C 389 -50.13 -1.12 -26.49
CA GLY C 389 -50.73 0.18 -26.30
C GLY C 389 -51.32 0.41 -24.93
N SER C 390 -51.27 -0.58 -24.05
CA SER C 390 -51.79 -0.46 -22.70
C SER C 390 -50.64 -0.29 -21.71
N LYS C 391 -50.94 0.39 -20.61
CA LYS C 391 -49.95 0.66 -19.58
C LYS C 391 -49.95 -0.44 -18.51
N ASP C 392 -48.82 -0.56 -17.82
CA ASP C 392 -48.66 -1.54 -16.76
C ASP C 392 -49.43 -1.11 -15.52
N ALA C 399 -37.52 1.92 -5.81
CA ALA C 399 -37.13 2.66 -6.99
C ALA C 399 -38.31 2.82 -7.94
N GLY C 400 -39.50 2.95 -7.38
CA GLY C 400 -40.68 3.15 -8.21
C GLY C 400 -40.62 4.43 -9.01
N ALA C 401 -40.37 5.55 -8.33
CA ALA C 401 -40.32 6.85 -9.02
C ALA C 401 -39.17 6.90 -10.01
N ALA C 402 -38.11 6.14 -9.76
CA ALA C 402 -36.98 6.11 -10.68
C ALA C 402 -37.33 5.36 -11.95
N GLY C 403 -38.17 4.32 -11.86
CA GLY C 403 -38.47 3.52 -13.03
C GLY C 403 -39.42 4.22 -13.99
N ARG C 404 -40.50 4.81 -13.47
CA ARG C 404 -41.46 5.45 -14.35
C ARG C 404 -40.92 6.75 -14.93
N ARG C 405 -40.13 7.49 -14.15
CA ARG C 405 -39.48 8.68 -14.68
C ARG C 405 -38.56 8.34 -15.82
N ALA C 406 -37.82 7.23 -15.69
CA ALA C 406 -36.98 6.77 -16.79
C ALA C 406 -37.82 6.28 -17.96
N LEU C 407 -38.93 5.61 -17.68
CA LEU C 407 -39.82 5.15 -18.74
C LEU C 407 -40.49 6.33 -19.44
N GLU C 408 -40.85 7.36 -18.68
CA GLU C 408 -41.43 8.55 -19.29
C GLU C 408 -40.41 9.28 -20.17
N THR C 409 -39.14 9.26 -19.78
CA THR C 409 -38.10 9.86 -20.61
C THR C 409 -37.82 9.03 -21.85
N LEU C 410 -37.95 7.72 -21.76
CA LEU C 410 -37.72 6.85 -22.92
C LEU C 410 -38.86 6.99 -23.93
N ARG C 411 -40.09 7.12 -23.46
CA ARG C 411 -41.21 7.36 -24.36
C ARG C 411 -41.01 8.65 -25.14
N ARG C 412 -40.52 9.70 -24.48
CA ARG C 412 -40.30 10.97 -25.13
C ARG C 412 -39.16 10.89 -26.15
N VAL C 413 -38.01 10.38 -25.72
CA VAL C 413 -36.86 10.29 -26.60
C VAL C 413 -37.10 9.24 -27.69
N GLY C 414 -37.77 8.14 -27.34
CA GLY C 414 -38.01 7.07 -28.29
C GLY C 414 -38.94 7.44 -29.43
N ASP C 415 -39.81 8.41 -29.24
CA ASP C 415 -40.67 8.87 -30.34
C ASP C 415 -39.83 9.49 -31.44
N GLY C 416 -38.93 10.42 -31.08
CA GLY C 416 -38.15 11.10 -32.09
C GLY C 416 -37.12 10.20 -32.75
N VAL C 417 -36.47 9.35 -31.97
CA VAL C 417 -35.43 8.47 -32.54
C VAL C 417 -36.06 7.48 -33.50
N GLN C 418 -37.19 6.88 -33.13
CA GLN C 418 -37.90 6.00 -34.05
C GLN C 418 -38.37 6.76 -35.28
N ARG C 419 -38.69 8.04 -35.12
CA ARG C 419 -39.19 8.81 -36.26
C ARG C 419 -38.07 9.24 -37.21
N ASN C 420 -36.84 9.43 -36.71
CA ASN C 420 -35.77 9.89 -37.57
C ASN C 420 -35.18 8.73 -38.36
N HIS C 421 -34.89 7.63 -37.70
CA HIS C 421 -34.44 6.41 -38.37
C HIS C 421 -35.68 5.64 -38.80
N GLU C 422 -35.94 5.64 -40.11
CA GLU C 422 -37.11 4.93 -40.65
C GLU C 422 -36.75 4.30 -42.00
N THR C 423 -36.13 5.07 -42.90
CA THR C 423 -35.61 4.49 -44.13
C THR C 423 -34.60 3.40 -43.82
N ALA C 424 -33.62 3.71 -42.97
CA ALA C 424 -32.64 2.71 -42.56
C ALA C 424 -33.27 1.64 -41.70
N PHE C 425 -34.26 1.98 -40.87
CA PHE C 425 -34.97 0.97 -40.13
C PHE C 425 -35.75 0.05 -41.05
N GLN C 426 -36.44 0.61 -42.05
CA GLN C 426 -37.32 -0.21 -42.88
C GLN C 426 -36.54 -1.25 -43.66
N GLY C 427 -35.52 -0.80 -44.42
CA GLY C 427 -34.66 -1.76 -45.10
C GLY C 427 -34.13 -2.83 -44.18
N MET C 428 -33.84 -2.47 -42.92
CA MET C 428 -33.43 -3.47 -41.95
C MET C 428 -34.61 -4.31 -41.48
N LEU C 429 -35.76 -3.68 -41.20
CA LEU C 429 -36.96 -4.39 -40.80
C LEU C 429 -37.80 -4.83 -42.00
N ARG C 430 -37.18 -5.03 -43.15
CA ARG C 430 -37.76 -5.81 -44.23
C ARG C 430 -36.98 -7.08 -44.52
N LYS C 431 -35.69 -7.08 -44.22
CA LYS C 431 -34.80 -8.17 -44.55
C LYS C 431 -34.86 -9.28 -43.50
N LEU C 432 -35.07 -8.91 -42.23
CA LEU C 432 -35.29 -9.80 -41.09
C LEU C 432 -34.72 -11.20 -41.19
N ASP C 433 -35.35 -12.03 -42.02
CA ASP C 433 -35.20 -13.48 -41.94
C ASP C 433 -35.50 -13.96 -40.52
N ILE C 434 -36.75 -13.75 -40.10
CA ILE C 434 -37.19 -14.01 -38.73
C ILE C 434 -38.19 -15.16 -38.79
N LYS C 435 -37.73 -16.36 -38.44
CA LYS C 435 -38.56 -17.56 -38.50
C LYS C 435 -39.17 -17.93 -37.15
N ASN C 436 -38.35 -18.03 -36.10
CA ASN C 436 -38.80 -18.54 -34.82
C ASN C 436 -38.09 -17.78 -33.70
N GLU C 437 -38.21 -18.30 -32.48
CA GLU C 437 -37.59 -17.65 -31.33
C GLU C 437 -36.10 -17.91 -31.26
N GLY C 438 -35.64 -19.06 -31.77
CA GLY C 438 -34.21 -19.33 -31.79
C GLY C 438 -33.43 -18.32 -32.61
N ASP C 439 -34.09 -17.69 -33.59
CA ASP C 439 -33.44 -16.66 -34.38
C ASP C 439 -33.30 -15.35 -33.61
N VAL C 440 -34.33 -14.97 -32.84
CA VAL C 440 -34.24 -13.76 -32.02
C VAL C 440 -33.14 -13.91 -30.97
N LYS C 441 -33.06 -15.08 -30.33
CA LYS C 441 -31.96 -15.33 -29.40
C LYS C 441 -30.63 -15.31 -30.11
N SER C 442 -30.62 -15.64 -31.41
CA SER C 442 -29.37 -15.62 -32.17
C SER C 442 -28.91 -14.21 -32.50
N PHE C 443 -29.78 -13.21 -32.34
CA PHE C 443 -29.37 -11.83 -32.54
C PHE C 443 -28.34 -11.37 -31.52
N SER C 444 -28.07 -12.18 -30.49
CA SER C 444 -27.09 -11.79 -29.48
C SER C 444 -25.70 -11.66 -30.08
N ARG C 445 -25.33 -12.58 -30.98
CA ARG C 445 -23.99 -12.56 -31.56
C ARG C 445 -23.73 -11.25 -32.28
N VAL C 446 -24.70 -10.78 -33.07
CA VAL C 446 -24.49 -9.52 -33.79
C VAL C 446 -24.59 -8.34 -32.84
N MET C 447 -25.57 -8.36 -31.93
CA MET C 447 -25.80 -7.20 -31.07
C MET C 447 -24.60 -6.94 -30.17
N VAL C 448 -24.05 -8.00 -29.56
CA VAL C 448 -22.87 -7.85 -28.72
C VAL C 448 -21.70 -7.32 -29.53
N HIS C 449 -21.55 -7.81 -30.77
CA HIS C 449 -20.37 -7.47 -31.55
C HIS C 449 -20.43 -6.05 -32.08
N VAL C 450 -21.62 -5.58 -32.44
CA VAL C 450 -21.74 -4.22 -32.96
C VAL C 450 -21.76 -3.20 -31.82
N PHE C 451 -22.22 -3.60 -30.64
CA PHE C 451 -22.35 -2.71 -29.51
C PHE C 451 -21.10 -2.64 -28.65
N LYS C 452 -20.19 -3.62 -28.79
CA LYS C 452 -19.00 -3.66 -27.96
C LYS C 452 -18.08 -2.49 -28.25
N ASP C 453 -17.77 -2.25 -29.52
CA ASP C 453 -16.82 -1.22 -29.91
C ASP C 453 -17.54 0.09 -30.24
N GLY C 454 -16.77 1.17 -30.30
CA GLY C 454 -17.28 2.48 -30.68
C GLY C 454 -17.55 3.38 -29.49
N VAL C 455 -17.88 4.62 -29.80
CA VAL C 455 -18.22 5.61 -28.79
C VAL C 455 -19.58 5.29 -28.21
N THR C 456 -19.75 5.55 -26.90
CA THR C 456 -20.96 5.20 -26.16
C THR C 456 -21.61 6.46 -25.61
N ASN C 457 -22.89 6.65 -25.93
CA ASN C 457 -23.69 7.73 -25.36
C ASN C 457 -25.13 7.24 -25.22
N TRP C 458 -25.99 8.09 -24.65
CA TRP C 458 -27.36 7.69 -24.40
C TRP C 458 -28.17 7.59 -25.68
N GLY C 459 -27.90 8.44 -26.68
CA GLY C 459 -28.57 8.32 -27.95
C GLY C 459 -28.33 6.99 -28.62
N ARG C 460 -27.14 6.41 -28.44
CA ARG C 460 -26.85 5.09 -28.97
C ARG C 460 -27.71 4.03 -28.27
N ILE C 461 -27.84 4.13 -26.95
CA ILE C 461 -28.62 3.15 -26.20
C ILE C 461 -30.10 3.27 -26.55
N VAL C 462 -30.58 4.50 -26.78
CA VAL C 462 -31.96 4.69 -27.20
C VAL C 462 -32.19 4.03 -28.56
N THR C 463 -31.24 4.19 -29.48
CA THR C 463 -31.37 3.57 -30.80
C THR C 463 -31.42 2.04 -30.70
N LEU C 464 -30.65 1.47 -29.77
CA LEU C 464 -30.71 0.03 -29.55
C LEU C 464 -32.10 -0.38 -29.09
N ILE C 465 -32.66 0.37 -28.14
CA ILE C 465 -33.97 0.03 -27.60
C ILE C 465 -35.09 0.46 -28.56
N SER C 466 -34.84 1.47 -29.40
CA SER C 466 -35.86 1.89 -30.35
C SER C 466 -36.07 0.85 -31.44
N PHE C 467 -34.98 0.31 -32.00
CA PHE C 467 -35.14 -0.72 -33.02
C PHE C 467 -35.77 -1.97 -32.44
N GLY C 468 -35.44 -2.32 -31.20
CA GLY C 468 -36.20 -3.34 -30.51
C GLY C 468 -37.69 -3.03 -30.50
N ALA C 469 -38.05 -1.79 -30.17
CA ALA C 469 -39.45 -1.39 -30.19
C ALA C 469 -40.04 -1.52 -31.58
N PHE C 470 -39.26 -1.14 -32.60
CA PHE C 470 -39.74 -1.26 -33.97
C PHE C 470 -39.92 -2.73 -34.36
N VAL C 471 -39.00 -3.59 -33.92
CA VAL C 471 -39.15 -5.02 -34.17
C VAL C 471 -40.34 -5.57 -33.40
N ALA C 472 -40.53 -5.11 -32.15
CA ALA C 472 -41.67 -5.55 -31.36
C ALA C 472 -42.98 -5.09 -31.96
N LYS C 473 -43.01 -3.90 -32.56
CA LYS C 473 -44.21 -3.48 -33.29
C LYS C 473 -44.53 -4.46 -34.42
N HIS C 474 -43.50 -4.89 -35.16
CA HIS C 474 -43.71 -5.86 -36.23
C HIS C 474 -44.19 -7.20 -35.67
N LEU C 475 -43.58 -7.66 -34.58
CA LEU C 475 -43.93 -8.96 -34.02
C LEU C 475 -45.39 -9.01 -33.59
N LYS C 476 -45.89 -7.92 -33.01
CA LYS C 476 -47.29 -7.89 -32.59
C LYS C 476 -48.23 -7.80 -33.78
N SER C 477 -47.83 -7.12 -34.85
CA SER C 477 -48.70 -6.99 -36.01
C SER C 477 -48.87 -8.31 -36.75
N VAL C 478 -47.86 -9.17 -36.73
CA VAL C 478 -47.90 -10.45 -37.44
C VAL C 478 -48.25 -11.55 -36.44
N ASN C 479 -48.72 -11.14 -35.25
CA ASN C 479 -49.20 -12.06 -34.23
C ASN C 479 -48.14 -13.06 -33.80
N GLN C 480 -46.95 -12.57 -33.50
CA GLN C 480 -45.97 -13.36 -32.78
C GLN C 480 -45.72 -12.70 -31.44
N GLU C 481 -46.79 -12.61 -30.65
CA GLU C 481 -46.77 -11.86 -29.40
C GLU C 481 -45.88 -12.53 -28.35
N SER C 482 -45.89 -13.86 -28.28
CA SER C 482 -45.13 -14.56 -27.26
C SER C 482 -43.62 -14.42 -27.44
N PHE C 483 -43.18 -13.95 -28.61
CA PHE C 483 -41.77 -13.79 -28.89
C PHE C 483 -41.24 -12.40 -28.54
N ILE C 484 -42.10 -11.53 -28.01
CA ILE C 484 -41.68 -10.15 -27.72
C ILE C 484 -40.82 -10.10 -26.47
N GLU C 485 -41.25 -10.78 -25.41
CA GLU C 485 -40.52 -10.71 -24.14
C GLU C 485 -39.09 -11.23 -24.23
N PRO C 486 -38.82 -12.39 -24.83
CA PRO C 486 -37.41 -12.83 -24.97
C PRO C 486 -36.57 -11.88 -25.82
N LEU C 487 -37.19 -11.13 -26.74
CA LEU C 487 -36.45 -10.09 -27.45
C LEU C 487 -35.97 -9.01 -26.48
N ALA C 488 -36.81 -8.64 -25.51
CA ALA C 488 -36.40 -7.65 -24.52
C ALA C 488 -35.23 -8.18 -23.68
N GLU C 489 -35.26 -9.45 -23.29
CA GLU C 489 -34.18 -9.99 -22.49
C GLU C 489 -32.85 -9.93 -23.23
N THR C 490 -32.86 -10.25 -24.54
CA THR C 490 -31.64 -10.17 -25.33
C THR C 490 -31.10 -8.75 -25.37
N ILE C 491 -31.98 -7.75 -25.44
CA ILE C 491 -31.53 -6.37 -25.45
C ILE C 491 -30.90 -6.02 -24.11
N THR C 492 -31.54 -6.44 -23.01
CA THR C 492 -30.97 -6.17 -21.69
C THR C 492 -29.65 -6.89 -21.50
N ASP C 493 -29.56 -8.14 -21.96
CA ASP C 493 -28.32 -8.89 -21.85
C ASP C 493 -27.18 -8.16 -22.57
N VAL C 494 -27.41 -7.79 -23.83
CA VAL C 494 -26.38 -7.10 -24.61
C VAL C 494 -26.00 -5.78 -23.96
N LEU C 495 -26.99 -5.03 -23.49
CA LEU C 495 -26.73 -3.70 -22.94
C LEU C 495 -25.87 -3.77 -21.68
N VAL C 496 -26.18 -4.70 -20.78
CA VAL C 496 -25.46 -4.76 -19.51
C VAL C 496 -24.13 -5.47 -19.64
N ARG C 497 -24.06 -6.51 -20.48
CA ARG C 497 -22.80 -7.20 -20.69
C ARG C 497 -21.78 -6.32 -21.40
N THR C 498 -22.22 -5.27 -22.09
CA THR C 498 -21.30 -4.41 -22.83
C THR C 498 -21.12 -3.03 -22.24
N LYS C 499 -22.04 -2.54 -21.39
CA LYS C 499 -21.97 -1.17 -20.92
C LYS C 499 -22.09 -1.06 -19.40
N ARG C 500 -21.91 -2.15 -18.66
CA ARG C 500 -22.03 -2.09 -17.20
C ARG C 500 -21.15 -1.00 -16.62
N ASP C 501 -19.91 -0.89 -17.09
CA ASP C 501 -19.01 0.14 -16.57
C ASP C 501 -19.39 1.53 -17.07
N TRP C 502 -20.03 1.63 -18.23
CA TRP C 502 -20.46 2.93 -18.68
C TRP C 502 -21.73 3.37 -17.96
N LEU C 503 -22.66 2.43 -17.73
CA LEU C 503 -23.94 2.79 -17.14
C LEU C 503 -23.80 3.26 -15.69
N VAL C 504 -22.91 2.62 -14.91
CA VAL C 504 -22.68 3.06 -13.54
C VAL C 504 -22.01 4.43 -13.52
N LYS C 505 -21.13 4.70 -14.48
CA LYS C 505 -20.45 5.98 -14.54
C LYS C 505 -21.41 7.15 -14.79
N GLN C 506 -22.58 6.88 -15.39
CA GLN C 506 -23.58 7.89 -15.63
C GLN C 506 -24.75 7.80 -14.64
N ARG C 507 -24.52 7.19 -13.47
CA ARG C 507 -25.56 6.95 -12.45
C ARG C 507 -26.75 6.21 -13.08
N GLY C 508 -26.41 5.17 -13.86
CA GLY C 508 -27.43 4.34 -14.47
C GLY C 508 -28.55 5.12 -15.11
N TRP C 509 -29.78 4.64 -14.91
CA TRP C 509 -30.94 5.23 -15.58
C TRP C 509 -31.37 6.56 -14.97
N ASP C 510 -30.93 6.88 -13.75
CA ASP C 510 -31.24 8.19 -13.20
C ASP C 510 -30.46 9.28 -13.91
N GLY C 511 -29.22 9.00 -14.29
CA GLY C 511 -28.50 9.94 -15.14
C GLY C 511 -29.10 10.03 -16.53
N PHE C 512 -29.71 8.93 -17.00
CA PHE C 512 -30.41 8.96 -18.29
C PHE C 512 -31.56 9.94 -18.27
N VAL C 513 -32.29 10.02 -17.15
CA VAL C 513 -33.39 10.97 -17.04
C VAL C 513 -32.86 12.40 -17.04
N GLU C 514 -31.77 12.64 -16.32
CA GLU C 514 -31.23 13.99 -16.23
C GLU C 514 -30.60 14.43 -17.54
N PHE C 515 -30.07 13.49 -18.33
CA PHE C 515 -29.43 13.84 -19.59
C PHE C 515 -30.44 14.39 -20.59
N PHE C 516 -31.66 13.85 -20.58
CA PHE C 516 -32.72 14.30 -21.49
C PHE C 516 -33.74 15.17 -20.79
N HIS C 517 -33.42 15.70 -19.61
CA HIS C 517 -34.38 16.51 -18.87
C HIS C 517 -34.74 17.78 -19.65
N VAL C 518 -36.03 18.10 -19.67
CA VAL C 518 -36.52 19.25 -20.40
C VAL C 518 -37.28 20.20 -19.49
N LYS D 2 13.49 2.10 -53.41
CA LYS D 2 14.12 2.12 -54.72
C LYS D 2 13.22 2.83 -55.74
N ILE D 3 12.15 3.42 -55.23
CA ILE D 3 11.21 4.22 -56.02
C ILE D 3 11.48 5.70 -55.75
N GLU D 4 11.38 6.50 -56.80
CA GLU D 4 11.67 7.93 -56.75
C GLU D 4 10.50 8.72 -56.18
N GLU D 5 10.82 9.84 -55.54
CA GLU D 5 9.78 10.75 -55.04
C GLU D 5 9.22 11.56 -56.20
N GLY D 6 8.86 10.89 -57.28
CA GLY D 6 8.31 11.56 -58.45
C GLY D 6 7.30 10.78 -59.27
N LYS D 7 6.95 9.56 -58.88
CA LYS D 7 5.97 8.80 -59.62
C LYS D 7 5.32 7.74 -58.74
N LEU D 8 4.14 7.28 -59.15
CA LEU D 8 3.41 6.20 -58.48
C LEU D 8 3.40 4.98 -59.38
N VAL D 9 3.74 3.82 -58.81
CA VAL D 9 3.70 2.55 -59.52
C VAL D 9 2.67 1.67 -58.83
N ILE D 10 1.70 1.17 -59.60
CA ILE D 10 0.56 0.43 -59.06
C ILE D 10 0.59 -0.99 -59.61
N TRP D 11 0.43 -1.97 -58.73
CA TRP D 11 0.31 -3.36 -59.10
C TRP D 11 -1.11 -3.81 -58.80
N ILE D 12 -1.86 -4.14 -59.84
CA ILE D 12 -3.21 -4.68 -59.73
C ILE D 12 -3.26 -5.94 -60.57
N ASN D 13 -4.13 -6.88 -60.20
CA ASN D 13 -4.15 -8.17 -60.88
C ASN D 13 -4.66 -8.04 -62.31
N GLY D 14 -4.31 -9.03 -63.12
CA GLY D 14 -4.60 -9.01 -64.54
C GLY D 14 -6.06 -9.21 -64.90
N ASP D 15 -6.86 -9.74 -63.97
CA ASP D 15 -8.29 -9.91 -64.22
C ASP D 15 -9.12 -8.72 -63.76
N LYS D 16 -8.48 -7.66 -63.27
CA LYS D 16 -9.15 -6.44 -62.88
CA LYS D 16 -9.16 -6.45 -62.87
C LYS D 16 -9.05 -5.39 -63.98
N GLY D 17 -9.89 -4.37 -63.88
CA GLY D 17 -9.86 -3.29 -64.84
C GLY D 17 -8.72 -2.32 -64.59
N TYR D 18 -7.53 -2.64 -65.09
CA TYR D 18 -6.37 -1.79 -64.90
C TYR D 18 -6.26 -0.68 -65.94
N ASN D 19 -6.88 -0.84 -67.11
CA ASN D 19 -6.89 0.25 -68.09
C ASN D 19 -7.69 1.44 -67.57
N GLY D 20 -8.82 1.17 -66.91
CA GLY D 20 -9.58 2.26 -66.32
C GLY D 20 -8.83 2.95 -65.19
N LEU D 21 -8.04 2.18 -64.43
CA LEU D 21 -7.24 2.78 -63.37
C LEU D 21 -6.07 3.57 -63.93
N ALA D 22 -5.55 3.18 -65.10
CA ALA D 22 -4.54 3.97 -65.76
C ALA D 22 -5.10 5.31 -66.22
N GLU D 23 -6.40 5.35 -66.56
CA GLU D 23 -7.04 6.60 -66.94
C GLU D 23 -7.19 7.54 -65.76
N VAL D 24 -7.57 7.00 -64.60
CA VAL D 24 -7.63 7.82 -63.39
C VAL D 24 -6.26 8.37 -63.06
N GLY D 25 -5.21 7.57 -63.27
CA GLY D 25 -3.87 8.07 -63.09
C GLY D 25 -3.44 9.06 -64.15
N LYS D 26 -3.93 8.90 -65.38
CA LYS D 26 -3.64 9.87 -66.42
C LYS D 26 -4.24 11.23 -66.08
N LYS D 27 -5.44 11.23 -65.48
CA LYS D 27 -6.00 12.47 -64.96
C LYS D 27 -5.20 12.97 -63.77
N PHE D 28 -4.63 12.07 -62.98
CA PHE D 28 -3.74 12.47 -61.89
C PHE D 28 -2.47 13.11 -62.43
N GLU D 29 -1.99 12.62 -63.58
CA GLU D 29 -0.78 13.17 -64.19
C GLU D 29 -1.05 14.53 -64.84
N LYS D 30 -2.24 14.71 -65.40
CA LYS D 30 -2.54 15.98 -66.07
C LYS D 30 -2.70 17.12 -65.08
N ASP D 31 -3.30 16.85 -63.92
CA ASP D 31 -3.56 17.91 -62.95
C ASP D 31 -2.34 18.25 -62.12
N THR D 32 -1.54 17.25 -61.73
CA THR D 32 -0.45 17.45 -60.80
C THR D 32 0.94 17.29 -61.42
N GLY D 33 1.05 16.62 -62.58
CA GLY D 33 2.35 16.38 -63.14
C GLY D 33 3.06 15.18 -62.55
N ILE D 34 2.33 14.14 -62.17
CA ILE D 34 2.85 12.98 -61.49
C ILE D 34 2.70 11.77 -62.39
N LYS D 35 3.81 11.06 -62.63
CA LYS D 35 3.73 9.86 -63.45
C LYS D 35 3.14 8.71 -62.64
N VAL D 36 2.24 7.96 -63.26
CA VAL D 36 1.65 6.78 -62.63
C VAL D 36 1.59 5.67 -63.67
N THR D 37 2.21 4.53 -63.38
CA THR D 37 2.19 3.38 -64.26
C THR D 37 1.50 2.21 -63.56
N VAL D 38 0.48 1.65 -64.22
CA VAL D 38 -0.29 0.54 -63.69
C VAL D 38 0.16 -0.74 -64.41
N GLU D 39 0.64 -1.72 -63.66
CA GLU D 39 1.11 -2.97 -64.22
C GLU D 39 0.49 -4.15 -63.48
N HIS D 40 0.42 -5.29 -64.17
CA HIS D 40 -0.20 -6.50 -63.65
C HIS D 40 0.77 -7.67 -63.73
N PRO D 41 1.68 -7.79 -62.77
CA PRO D 41 2.65 -8.88 -62.81
C PRO D 41 1.99 -10.24 -62.65
N ASP D 42 2.68 -11.27 -63.14
CA ASP D 42 2.22 -12.63 -62.98
C ASP D 42 2.49 -13.10 -61.55
N LYS D 43 1.54 -13.84 -61.00
CA LYS D 43 1.60 -14.34 -59.61
C LYS D 43 1.87 -13.18 -58.64
N LEU D 44 1.10 -12.11 -58.79
CA LEU D 44 1.32 -10.95 -57.94
C LEU D 44 1.04 -11.28 -56.48
N GLU D 45 0.21 -12.30 -56.22
CA GLU D 45 -0.06 -12.71 -54.85
C GLU D 45 1.24 -13.02 -54.12
N GLU D 46 2.14 -13.73 -54.79
CA GLU D 46 3.45 -14.04 -54.22
C GLU D 46 4.56 -13.13 -54.70
N LYS D 47 4.40 -12.48 -55.86
CA LYS D 47 5.50 -11.67 -56.39
C LYS D 47 5.68 -10.39 -55.60
N PHE D 48 4.62 -9.88 -54.97
CA PHE D 48 4.78 -8.66 -54.16
C PHE D 48 5.54 -8.92 -52.88
N PRO D 49 5.18 -9.89 -52.04
CA PRO D 49 5.98 -10.08 -50.84
C PRO D 49 7.40 -10.53 -51.15
N GLN D 50 7.68 -11.17 -52.28
CA GLN D 50 9.10 -11.45 -52.46
C GLN D 50 9.85 -10.20 -52.91
N VAL D 51 9.19 -9.26 -53.57
CA VAL D 51 9.89 -8.09 -54.10
C VAL D 51 10.00 -6.94 -53.12
N ALA D 52 9.09 -6.95 -52.17
CA ALA D 52 8.96 -5.95 -51.11
C ALA D 52 9.89 -6.21 -49.94
N ALA D 53 10.37 -7.45 -49.79
CA ALA D 53 11.31 -7.75 -48.71
C ALA D 53 12.63 -7.01 -48.93
N THR D 54 12.96 -6.69 -50.18
CA THR D 54 14.16 -5.94 -50.53
C THR D 54 13.92 -4.42 -50.52
N GLY D 55 12.75 -3.98 -50.07
CA GLY D 55 12.44 -2.56 -50.13
C GLY D 55 12.17 -2.06 -51.53
N ASP D 56 11.54 -2.88 -52.37
CA ASP D 56 11.25 -2.54 -53.74
C ASP D 56 9.81 -2.93 -54.05
N GLY D 57 9.37 -2.63 -55.25
CA GLY D 57 8.05 -2.99 -55.70
C GLY D 57 7.17 -1.77 -55.94
N PRO D 58 5.86 -1.97 -55.92
CA PRO D 58 4.95 -0.88 -56.24
C PRO D 58 4.70 0.01 -55.03
N ASP D 59 4.33 1.26 -55.32
CA ASP D 59 3.93 2.18 -54.27
C ASP D 59 2.55 1.82 -53.74
N ILE D 60 1.66 1.39 -54.63
CA ILE D 60 0.31 0.97 -54.26
C ILE D 60 0.13 -0.46 -54.74
N ILE D 61 -0.53 -1.28 -53.92
CA ILE D 61 -0.80 -2.67 -54.23
C ILE D 61 -2.31 -2.89 -54.16
N PHE D 62 -2.84 -3.64 -55.13
CA PHE D 62 -4.26 -3.97 -55.18
C PHE D 62 -4.44 -5.47 -55.05
N TRP D 63 -5.23 -5.90 -54.08
CA TRP D 63 -5.56 -7.31 -53.92
C TRP D 63 -6.77 -7.43 -53.00
N ALA D 64 -7.32 -8.64 -52.93
CA ALA D 64 -8.32 -8.95 -51.93
C ALA D 64 -7.72 -8.82 -50.53
N HIS D 65 -8.58 -8.51 -49.57
CA HIS D 65 -8.12 -8.17 -48.23
C HIS D 65 -7.50 -9.35 -47.48
N ASP D 66 -7.69 -10.59 -47.96
CA ASP D 66 -7.30 -11.74 -47.16
C ASP D 66 -5.80 -11.90 -47.01
N ARG D 67 -4.99 -11.33 -47.91
CA ARG D 67 -3.55 -11.48 -47.85
C ARG D 67 -2.84 -10.25 -47.28
N PHE D 68 -3.55 -9.14 -47.07
CA PHE D 68 -2.88 -7.92 -46.61
C PHE D 68 -2.40 -8.05 -45.17
N GLY D 69 -3.04 -8.89 -44.36
CA GLY D 69 -2.57 -9.10 -43.00
C GLY D 69 -1.22 -9.78 -42.96
N GLY D 70 -1.00 -10.74 -43.88
CA GLY D 70 0.31 -11.35 -44.00
C GLY D 70 1.38 -10.37 -44.44
N TYR D 71 1.01 -9.43 -45.31
CA TYR D 71 1.93 -8.38 -45.68
C TYR D 71 2.21 -7.44 -44.51
N ALA D 72 1.23 -7.25 -43.63
CA ALA D 72 1.41 -6.35 -42.48
C ALA D 72 2.31 -6.96 -41.43
N GLN D 73 2.19 -8.27 -41.19
CA GLN D 73 3.05 -8.92 -40.21
C GLN D 73 4.52 -8.82 -40.62
N SER D 74 4.80 -8.94 -41.92
CA SER D 74 6.13 -8.74 -42.44
C SER D 74 6.52 -7.27 -42.53
N GLY D 75 5.60 -6.36 -42.23
CA GLY D 75 5.91 -4.94 -42.20
C GLY D 75 6.03 -4.33 -43.57
N LEU D 76 5.11 -4.64 -44.48
CA LEU D 76 5.20 -4.17 -45.85
C LEU D 76 4.15 -3.12 -46.20
N LEU D 77 3.29 -2.72 -45.26
CA LEU D 77 2.31 -1.67 -45.52
C LEU D 77 2.17 -0.74 -44.31
N ALA D 78 2.19 0.56 -44.57
CA ALA D 78 2.08 1.57 -43.52
C ALA D 78 0.63 1.75 -43.08
N GLU D 79 0.44 2.19 -41.83
CA GLU D 79 -0.88 2.45 -41.29
C GLU D 79 -1.60 3.53 -42.11
N ILE D 80 -2.80 3.29 -42.60
CA ILE D 80 -3.49 4.30 -43.42
C ILE D 80 -4.05 5.43 -42.55
N THR D 81 -3.87 6.68 -42.95
CA THR D 81 -4.42 7.76 -42.14
C THR D 81 -5.48 8.58 -42.85
N PRO D 82 -6.69 8.06 -43.06
CA PRO D 82 -7.79 8.91 -43.55
C PRO D 82 -8.49 9.65 -42.42
N ASP D 83 -9.12 10.78 -42.78
CA ASP D 83 -9.75 11.63 -41.78
C ASP D 83 -11.19 11.19 -41.53
N LYS D 84 -11.80 11.83 -40.52
CA LYS D 84 -13.16 11.45 -40.10
C LYS D 84 -14.17 11.66 -41.22
N ALA D 85 -14.01 12.74 -42.01
CA ALA D 85 -14.95 13.02 -43.06
C ALA D 85 -14.79 12.06 -44.24
N PHE D 86 -13.58 11.52 -44.43
CA PHE D 86 -13.35 10.58 -45.53
C PHE D 86 -13.75 9.17 -45.14
N GLN D 87 -13.56 8.79 -43.86
CA GLN D 87 -14.00 7.48 -43.42
C GLN D 87 -15.52 7.32 -43.58
N ASP D 88 -16.26 8.42 -43.46
CA ASP D 88 -17.71 8.36 -43.64
C ASP D 88 -18.12 8.30 -45.10
N LYS D 89 -17.17 8.47 -46.03
CA LYS D 89 -17.47 8.22 -47.44
C LYS D 89 -17.71 6.74 -47.71
N LEU D 90 -17.02 5.86 -47.01
CA LEU D 90 -17.13 4.42 -47.24
C LEU D 90 -17.96 3.76 -46.15
N TYR D 91 -18.53 2.61 -46.48
CA TYR D 91 -19.32 1.85 -45.53
C TYR D 91 -18.42 1.37 -44.39
N PRO D 92 -18.89 1.43 -43.14
CA PRO D 92 -17.98 1.09 -42.02
C PRO D 92 -17.50 -0.35 -42.05
N PHE D 93 -18.34 -1.29 -42.50
CA PHE D 93 -17.95 -2.70 -42.45
C PHE D 93 -16.85 -3.04 -43.44
N THR D 94 -16.71 -2.29 -44.54
CA THR D 94 -15.57 -2.54 -45.42
C THR D 94 -14.26 -2.16 -44.76
N TRP D 95 -14.29 -1.20 -43.82
CA TRP D 95 -13.08 -0.86 -43.07
C TRP D 95 -12.65 -2.00 -42.15
N ASP D 96 -13.60 -2.81 -41.70
CA ASP D 96 -13.25 -3.96 -40.88
C ASP D 96 -12.43 -5.00 -41.65
N ALA D 97 -12.54 -5.02 -42.97
CA ALA D 97 -11.77 -5.95 -43.79
C ALA D 97 -10.32 -5.52 -43.95
N VAL D 98 -9.99 -4.27 -43.65
CA VAL D 98 -8.67 -3.73 -43.92
C VAL D 98 -8.00 -3.25 -42.63
N ARG D 99 -8.45 -3.76 -41.50
CA ARG D 99 -7.85 -3.47 -40.20
C ARG D 99 -7.05 -4.68 -39.73
N TYR D 100 -5.88 -4.41 -39.15
CA TYR D 100 -5.01 -5.45 -38.61
C TYR D 100 -4.44 -4.95 -37.30
N ASN D 101 -4.78 -5.62 -36.20
CA ASN D 101 -4.40 -5.20 -34.84
C ASN D 101 -4.84 -3.76 -34.55
N GLY D 102 -6.07 -3.44 -34.96
CA GLY D 102 -6.64 -2.13 -34.70
C GLY D 102 -6.22 -1.04 -35.67
N LYS D 103 -5.10 -1.22 -36.36
CA LYS D 103 -4.56 -0.23 -37.28
C LYS D 103 -4.97 -0.62 -38.69
N LEU D 104 -5.55 0.33 -39.41
CA LEU D 104 -5.91 0.13 -40.81
C LEU D 104 -4.66 0.07 -41.69
N ILE D 105 -4.66 -0.84 -42.67
CA ILE D 105 -3.47 -1.16 -43.44
C ILE D 105 -3.68 -1.07 -44.95
N ALA D 106 -4.90 -0.81 -45.42
CA ALA D 106 -5.14 -0.67 -46.85
C ALA D 106 -6.44 0.09 -47.07
N TYR D 107 -6.60 0.60 -48.29
CA TYR D 107 -7.80 1.32 -48.66
C TYR D 107 -8.76 0.35 -49.33
N PRO D 108 -9.96 0.14 -48.78
CA PRO D 108 -10.91 -0.78 -49.42
C PRO D 108 -11.58 -0.17 -50.63
N ILE D 109 -11.70 -0.98 -51.68
CA ILE D 109 -12.21 -0.52 -52.98
C ILE D 109 -13.62 -1.07 -53.24
N ALA D 110 -13.76 -2.39 -53.28
CA ALA D 110 -15.04 -2.99 -53.62
C ALA D 110 -15.17 -4.36 -52.97
N VAL D 111 -16.42 -4.83 -52.91
CA VAL D 111 -16.76 -6.13 -52.33
C VAL D 111 -17.03 -7.11 -53.45
N GLU D 112 -16.36 -8.26 -53.42
CA GLU D 112 -16.44 -9.24 -54.51
C GLU D 112 -17.13 -10.50 -54.02
N ALA D 113 -17.91 -11.11 -54.92
CA ALA D 113 -18.53 -12.40 -54.66
C ALA D 113 -18.86 -13.06 -56.00
N LEU D 114 -18.74 -14.39 -56.02
CA LEU D 114 -19.00 -15.13 -57.24
C LEU D 114 -20.49 -15.36 -57.44
N SER D 115 -20.89 -15.42 -58.70
CA SER D 115 -22.28 -15.65 -59.06
C SER D 115 -22.34 -16.58 -60.27
N LEU D 116 -23.53 -17.11 -60.53
CA LEU D 116 -23.74 -18.03 -61.64
C LEU D 116 -24.15 -17.22 -62.85
N ILE D 117 -23.28 -17.21 -63.86
CA ILE D 117 -23.54 -16.54 -65.13
C ILE D 117 -23.95 -17.60 -66.13
N TYR D 118 -25.11 -17.40 -66.78
CA TYR D 118 -25.68 -18.41 -67.63
C TYR D 118 -26.15 -17.81 -68.95
N ASN D 119 -26.05 -18.62 -70.00
CA ASN D 119 -26.46 -18.21 -71.34
C ASN D 119 -27.97 -18.30 -71.46
N LYS D 120 -28.62 -17.17 -71.72
CA LYS D 120 -30.08 -17.15 -71.79
C LYS D 120 -30.60 -17.86 -73.03
N ASP D 121 -29.85 -17.83 -74.14
CA ASP D 121 -30.33 -18.43 -75.38
C ASP D 121 -30.24 -19.96 -75.33
N LEU D 122 -29.23 -20.51 -74.68
CA LEU D 122 -29.11 -21.95 -74.57
C LEU D 122 -29.87 -22.51 -73.39
N LEU D 123 -30.13 -21.70 -72.38
CA LEU D 123 -30.79 -22.17 -71.15
C LEU D 123 -31.54 -21.00 -70.53
N PRO D 124 -32.79 -20.77 -70.95
CA PRO D 124 -33.55 -19.63 -70.39
C PRO D 124 -33.87 -19.78 -68.91
N ASN D 125 -33.92 -20.99 -68.38
CA ASN D 125 -34.19 -21.20 -66.95
C ASN D 125 -33.04 -21.95 -66.31
N PRO D 126 -32.12 -21.26 -65.62
CA PRO D 126 -30.96 -21.95 -65.07
C PRO D 126 -31.34 -22.85 -63.92
N PRO D 127 -30.58 -23.93 -63.67
CA PRO D 127 -30.89 -24.83 -62.56
C PRO D 127 -30.59 -24.18 -61.22
N LYS D 128 -31.55 -24.30 -60.29
CA LYS D 128 -31.37 -23.82 -58.93
C LYS D 128 -30.57 -24.78 -58.08
N THR D 129 -30.40 -26.02 -58.54
CA THR D 129 -29.78 -27.08 -57.75
C THR D 129 -28.56 -27.63 -58.49
N TRP D 130 -27.57 -28.08 -57.72
CA TRP D 130 -26.39 -28.71 -58.31
C TRP D 130 -26.73 -30.06 -58.91
N GLU D 131 -27.66 -30.79 -58.29
CA GLU D 131 -27.99 -32.14 -58.69
C GLU D 131 -28.67 -32.20 -60.05
N GLU D 132 -29.24 -31.09 -60.52
CA GLU D 132 -29.88 -31.06 -61.83
C GLU D 132 -28.90 -30.74 -62.95
N ILE D 133 -27.66 -30.40 -62.62
CA ILE D 133 -26.64 -30.07 -63.61
C ILE D 133 -26.25 -31.31 -64.41
N PRO D 134 -26.03 -32.49 -63.79
CA PRO D 134 -25.77 -33.68 -64.61
C PRO D 134 -26.87 -33.99 -65.61
N ALA D 135 -28.14 -33.91 -65.19
CA ALA D 135 -29.24 -34.20 -66.09
C ALA D 135 -29.30 -33.19 -67.23
N LEU D 136 -29.02 -31.92 -66.93
CA LEU D 136 -29.00 -30.89 -67.96
C LEU D 136 -27.84 -31.08 -68.93
N ASP D 137 -26.73 -31.68 -68.48
CA ASP D 137 -25.58 -31.87 -69.34
C ASP D 137 -25.90 -32.81 -70.49
N LYS D 138 -26.71 -33.85 -70.25
CA LYS D 138 -27.10 -34.74 -71.34
C LYS D 138 -27.91 -33.99 -72.40
N GLU D 139 -28.81 -33.12 -71.97
CA GLU D 139 -29.58 -32.31 -72.91
C GLU D 139 -28.67 -31.51 -73.82
N LEU D 140 -27.67 -30.85 -73.26
CA LEU D 140 -26.76 -30.05 -74.06
C LEU D 140 -25.77 -30.91 -74.85
N LYS D 141 -25.49 -32.13 -74.39
CA LYS D 141 -24.64 -33.01 -75.18
C LYS D 141 -25.31 -33.45 -76.47
N ALA D 142 -26.66 -33.48 -76.48
CA ALA D 142 -27.39 -33.77 -77.71
C ALA D 142 -27.18 -32.67 -78.74
N LYS D 143 -26.87 -31.45 -78.31
CA LYS D 143 -26.53 -30.36 -79.22
C LYS D 143 -25.03 -30.13 -79.31
N GLY D 144 -24.22 -31.04 -78.79
CA GLY D 144 -22.78 -30.85 -78.80
C GLY D 144 -22.31 -29.77 -77.84
N LYS D 145 -22.94 -29.66 -76.69
CA LYS D 145 -22.63 -28.63 -75.70
C LYS D 145 -22.31 -29.27 -74.36
N SER D 146 -21.90 -28.44 -73.42
CA SER D 146 -21.66 -28.86 -72.04
C SER D 146 -22.54 -28.02 -71.11
N ALA D 147 -22.68 -28.50 -69.88
CA ALA D 147 -23.53 -27.82 -68.91
C ALA D 147 -22.79 -26.65 -68.25
N LEU D 148 -21.69 -26.94 -67.56
CA LEU D 148 -21.02 -25.96 -66.73
C LEU D 148 -19.52 -26.03 -66.95
N MET D 149 -18.90 -24.85 -67.07
CA MET D 149 -17.45 -24.76 -67.18
C MET D 149 -16.99 -23.54 -66.39
N PHE D 150 -16.18 -23.79 -65.36
CA PHE D 150 -15.56 -22.71 -64.58
C PHE D 150 -14.20 -23.20 -64.11
N ASN D 151 -13.41 -22.25 -63.61
CA ASN D 151 -12.04 -22.55 -63.22
C ASN D 151 -12.01 -23.51 -62.04
N LEU D 152 -11.47 -24.71 -62.27
CA LEU D 152 -11.35 -25.73 -61.25
C LEU D 152 -9.96 -25.80 -60.64
N GLN D 153 -9.05 -24.91 -61.05
CA GLN D 153 -7.70 -24.90 -60.53
C GLN D 153 -7.53 -24.02 -59.30
N GLU D 154 -8.48 -23.15 -59.00
CA GLU D 154 -8.35 -22.29 -57.84
C GLU D 154 -9.51 -22.53 -56.88
N PRO D 155 -9.25 -22.78 -55.59
CA PRO D 155 -10.34 -23.10 -54.66
C PRO D 155 -11.29 -21.96 -54.41
N TYR D 156 -10.94 -20.73 -54.80
CA TYR D 156 -11.86 -19.60 -54.71
C TYR D 156 -13.15 -19.91 -55.47
N PHE D 157 -13.04 -20.60 -56.60
CA PHE D 157 -14.20 -20.93 -57.41
C PHE D 157 -14.85 -22.26 -57.00
N THR D 158 -14.06 -23.19 -56.43
CA THR D 158 -14.54 -24.54 -56.18
C THR D 158 -15.06 -24.75 -54.76
N TRP D 159 -14.58 -24.00 -53.78
CA TRP D 159 -14.97 -24.23 -52.39
C TRP D 159 -16.43 -23.89 -52.07
N PRO D 160 -17.04 -22.87 -52.72
CA PRO D 160 -18.47 -22.61 -52.47
C PRO D 160 -19.35 -23.85 -52.56
N LEU D 161 -19.09 -24.74 -53.53
CA LEU D 161 -19.87 -25.97 -53.62
C LEU D 161 -19.48 -26.93 -52.49
N ILE D 162 -18.18 -27.07 -52.22
CA ILE D 162 -17.69 -27.98 -51.19
C ILE D 162 -18.18 -27.55 -49.81
N ALA D 163 -18.29 -26.26 -49.57
CA ALA D 163 -18.70 -25.72 -48.28
C ALA D 163 -20.22 -25.59 -48.14
N ALA D 164 -21.00 -26.20 -49.05
CA ALA D 164 -22.45 -26.05 -48.97
C ALA D 164 -23.02 -26.82 -47.78
N ASP D 165 -22.68 -28.11 -47.68
CA ASP D 165 -23.30 -29.00 -46.70
C ASP D 165 -22.66 -28.93 -45.32
N GLY D 166 -21.72 -28.02 -45.10
CA GLY D 166 -21.11 -27.87 -43.80
C GLY D 166 -20.12 -26.72 -43.76
N GLY D 167 -20.56 -25.53 -44.15
CA GLY D 167 -19.66 -24.43 -44.41
C GLY D 167 -19.23 -23.66 -43.17
N TYR D 168 -18.59 -22.52 -43.44
CA TYR D 168 -17.93 -21.66 -42.45
C TYR D 168 -16.62 -22.26 -41.97
N ALA D 169 -15.53 -21.99 -42.69
CA ALA D 169 -14.22 -22.47 -42.28
C ALA D 169 -13.55 -21.62 -41.21
N PHE D 170 -14.22 -20.56 -40.74
CA PHE D 170 -13.61 -19.61 -39.82
C PHE D 170 -14.48 -19.34 -38.59
N LYS D 171 -13.85 -19.28 -37.42
CA LYS D 171 -14.48 -18.92 -36.16
C LYS D 171 -14.09 -17.50 -35.75
N TYR D 172 -14.84 -16.94 -34.81
CA TYR D 172 -14.50 -15.68 -34.17
C TYR D 172 -14.20 -15.86 -32.68
N GLU D 173 -14.07 -17.10 -32.20
CA GLU D 173 -13.83 -17.33 -30.79
C GLU D 173 -12.51 -16.69 -30.34
N ASN D 174 -12.44 -16.36 -29.05
CA ASN D 174 -11.26 -15.78 -28.41
C ASN D 174 -10.88 -14.44 -29.02
N GLY D 175 -11.88 -13.68 -29.47
CA GLY D 175 -11.62 -12.34 -29.99
C GLY D 175 -10.80 -12.30 -31.27
N LYS D 176 -10.68 -13.41 -31.97
CA LYS D 176 -9.90 -13.45 -33.21
C LYS D 176 -10.64 -14.24 -34.27
N TYR D 177 -10.62 -13.73 -35.50
CA TYR D 177 -11.24 -14.37 -36.64
C TYR D 177 -10.18 -15.23 -37.33
N ASP D 178 -10.26 -16.54 -37.12
CA ASP D 178 -9.21 -17.45 -37.56
C ASP D 178 -9.83 -18.67 -38.23
N ILE D 179 -9.00 -19.56 -38.75
CA ILE D 179 -9.45 -20.79 -39.37
C ILE D 179 -9.88 -21.84 -38.36
N LYS D 180 -10.92 -22.59 -38.64
CA LYS D 180 -11.41 -23.59 -37.73
C LYS D 180 -11.04 -25.00 -38.08
N GLY D 183 -14.34 -27.36 -40.41
CA GLY D 183 -14.27 -26.35 -41.44
C GLY D 183 -13.87 -26.83 -42.82
N VAL D 184 -12.73 -27.51 -42.94
CA VAL D 184 -12.30 -28.07 -44.22
C VAL D 184 -12.57 -29.57 -44.31
N ASP D 185 -12.43 -30.31 -43.20
CA ASP D 185 -12.58 -31.76 -43.23
C ASP D 185 -13.79 -32.17 -42.38
N ASN D 186 -14.96 -32.16 -42.99
CA ASN D 186 -16.17 -32.67 -42.38
C ASN D 186 -16.91 -33.55 -43.37
N ALA D 187 -17.93 -34.25 -42.89
CA ALA D 187 -18.74 -35.10 -43.77
C ALA D 187 -19.41 -34.26 -44.84
N GLY D 188 -19.85 -33.06 -44.49
CA GLY D 188 -20.47 -32.18 -45.47
C GLY D 188 -19.51 -31.78 -46.57
N ALA D 189 -18.26 -31.49 -46.21
CA ALA D 189 -17.25 -31.19 -47.22
C ALA D 189 -16.90 -32.42 -48.05
N LYS D 190 -16.86 -33.59 -47.41
CA LYS D 190 -16.61 -34.82 -48.15
C LYS D 190 -17.71 -35.08 -49.18
N ALA D 191 -18.96 -34.80 -48.82
CA ALA D 191 -20.07 -34.98 -49.75
C ALA D 191 -19.97 -34.00 -50.91
N GLY D 192 -19.57 -32.76 -50.64
CA GLY D 192 -19.45 -31.77 -51.71
C GLY D 192 -18.30 -32.06 -52.65
N LEU D 193 -17.15 -32.48 -52.11
CA LEU D 193 -16.01 -32.78 -52.96
C LEU D 193 -16.24 -34.05 -53.75
N THR D 194 -16.92 -35.04 -53.17
CA THR D 194 -17.29 -36.23 -53.92
C THR D 194 -18.18 -35.88 -55.10
N PHE D 195 -19.13 -34.96 -54.90
CA PHE D 195 -19.99 -34.53 -56.00
C PHE D 195 -19.18 -33.83 -57.10
N LEU D 196 -18.15 -33.09 -56.70
CA LEU D 196 -17.31 -32.40 -57.69
C LEU D 196 -16.48 -33.40 -58.49
N VAL D 197 -15.86 -34.37 -57.80
CA VAL D 197 -15.08 -35.39 -58.49
C VAL D 197 -15.98 -36.23 -59.39
N ASP D 198 -17.22 -36.47 -58.96
CA ASP D 198 -18.15 -37.24 -59.78
C ASP D 198 -18.54 -36.49 -61.05
N LEU D 199 -18.66 -35.16 -60.99
CA LEU D 199 -18.88 -34.40 -62.22
C LEU D 199 -17.71 -34.57 -63.18
N ILE D 200 -16.49 -34.69 -62.64
CA ILE D 200 -15.32 -34.91 -63.49
C ILE D 200 -15.25 -36.36 -63.95
N LYS D 201 -15.65 -37.31 -63.08
CA LYS D 201 -15.62 -38.72 -63.44
C LYS D 201 -16.60 -39.01 -64.56
N ASN D 202 -17.86 -38.60 -64.40
CA ASN D 202 -18.89 -38.80 -65.41
C ASN D 202 -18.72 -37.88 -66.62
N LYS D 203 -17.57 -37.21 -66.72
CA LYS D 203 -17.21 -36.37 -67.88
C LYS D 203 -18.19 -35.23 -68.08
N HIS D 204 -18.76 -34.71 -66.99
CA HIS D 204 -19.56 -33.49 -67.05
C HIS D 204 -18.69 -32.24 -66.97
N MET D 205 -17.51 -32.36 -66.36
CA MET D 205 -16.49 -31.33 -66.37
C MET D 205 -15.14 -32.04 -66.44
N ASN D 206 -14.12 -31.30 -66.83
CA ASN D 206 -12.78 -31.85 -66.91
C ASN D 206 -11.88 -31.17 -65.88
N ALA D 207 -11.07 -31.98 -65.17
CA ALA D 207 -10.24 -31.49 -64.09
C ALA D 207 -9.19 -30.50 -64.59
N ASP D 208 -9.02 -30.38 -65.90
CA ASP D 208 -8.05 -29.53 -66.55
C ASP D 208 -8.53 -28.10 -66.75
N THR D 209 -9.82 -27.85 -66.61
CA THR D 209 -10.38 -26.55 -66.95
C THR D 209 -9.85 -25.47 -66.02
N ASP D 210 -9.37 -24.37 -66.61
CA ASP D 210 -8.87 -23.25 -65.82
C ASP D 210 -9.70 -22.01 -66.09
N TYR D 211 -9.16 -20.83 -65.74
CA TYR D 211 -9.93 -19.60 -65.89
C TYR D 211 -10.10 -19.24 -67.36
N SER D 212 -9.00 -19.23 -68.11
CA SER D 212 -9.06 -18.81 -69.51
C SER D 212 -9.90 -19.76 -70.35
N ILE D 213 -9.78 -21.06 -70.08
CA ILE D 213 -10.56 -22.05 -70.82
C ILE D 213 -12.04 -21.84 -70.58
N ALA D 214 -12.43 -21.64 -69.32
CA ALA D 214 -13.83 -21.40 -69.01
C ALA D 214 -14.32 -20.07 -69.55
N GLU D 215 -13.47 -19.05 -69.56
CA GLU D 215 -13.90 -17.73 -70.04
C GLU D 215 -14.10 -17.70 -71.54
N ALA D 216 -13.30 -18.45 -72.31
CA ALA D 216 -13.51 -18.49 -73.75
C ALA D 216 -14.71 -19.36 -74.13
N ALA D 217 -14.96 -20.45 -73.39
CA ALA D 217 -16.01 -21.38 -73.77
C ALA D 217 -17.40 -20.78 -73.62
N PHE D 218 -17.65 -20.05 -72.51
CA PHE D 218 -18.96 -19.46 -72.31
C PHE D 218 -19.19 -18.25 -73.20
N ASN D 219 -18.15 -17.46 -73.45
CA ASN D 219 -18.30 -16.26 -74.27
C ASN D 219 -18.56 -16.62 -75.72
N LYS D 220 -18.03 -17.75 -76.19
CA LYS D 220 -18.28 -18.20 -77.55
C LYS D 220 -19.59 -18.97 -77.68
N GLY D 221 -20.20 -19.37 -76.56
CA GLY D 221 -21.47 -20.06 -76.59
C GLY D 221 -21.38 -21.57 -76.58
N GLU D 222 -20.22 -22.13 -76.21
CA GLU D 222 -20.07 -23.58 -76.19
C GLU D 222 -20.56 -24.21 -74.90
N THR D 223 -20.86 -23.42 -73.88
CA THR D 223 -21.40 -23.93 -72.63
C THR D 223 -22.53 -23.01 -72.18
N ALA D 224 -23.39 -23.54 -71.32
CA ALA D 224 -24.56 -22.79 -70.88
C ALA D 224 -24.32 -21.98 -69.62
N MET D 225 -23.41 -22.40 -68.74
CA MET D 225 -23.23 -21.74 -67.46
C MET D 225 -21.74 -21.62 -67.12
N THR D 226 -21.43 -20.60 -66.35
CA THR D 226 -20.09 -20.41 -65.80
C THR D 226 -20.22 -19.68 -64.47
N ILE D 227 -19.16 -19.75 -63.67
CA ILE D 227 -19.13 -19.14 -62.34
C ILE D 227 -17.99 -18.14 -62.31
N ASN D 228 -18.32 -16.87 -62.03
CA ASN D 228 -17.31 -15.84 -61.98
C ASN D 228 -17.86 -14.64 -61.22
N GLY D 229 -17.01 -13.63 -61.05
CA GLY D 229 -17.37 -12.44 -60.34
C GLY D 229 -17.64 -11.29 -61.30
N PRO D 230 -17.84 -10.09 -60.75
CA PRO D 230 -18.22 -8.95 -61.61
C PRO D 230 -17.18 -8.59 -62.66
N TRP D 231 -15.90 -8.93 -62.44
CA TRP D 231 -14.89 -8.54 -63.41
C TRP D 231 -15.11 -9.22 -64.76
N ALA D 232 -15.75 -10.37 -64.77
CA ALA D 232 -15.95 -11.09 -66.03
C ALA D 232 -17.11 -10.56 -66.86
N TRP D 233 -17.93 -9.65 -66.32
CA TRP D 233 -19.10 -9.19 -67.06
C TRP D 233 -18.72 -8.40 -68.31
N SER D 234 -17.60 -7.68 -68.27
CA SER D 234 -17.23 -6.82 -69.39
C SER D 234 -16.99 -7.64 -70.65
N ASN D 235 -16.22 -8.72 -70.54
CA ASN D 235 -15.91 -9.54 -71.72
C ASN D 235 -17.15 -10.26 -72.23
N ILE D 236 -18.10 -10.60 -71.36
CA ILE D 236 -19.34 -11.20 -71.83
C ILE D 236 -20.17 -10.20 -72.60
N ASP D 237 -20.11 -8.92 -72.24
CA ASP D 237 -20.84 -7.90 -72.98
C ASP D 237 -20.34 -7.83 -74.41
N THR D 238 -19.02 -7.96 -74.60
CA THR D 238 -18.43 -7.93 -75.93
C THR D 238 -18.83 -9.13 -76.77
N SER D 239 -19.03 -10.29 -76.13
CA SER D 239 -19.39 -11.50 -76.87
C SER D 239 -20.81 -11.47 -77.40
N LYS D 240 -21.62 -10.49 -76.99
CA LYS D 240 -22.98 -10.27 -77.46
C LYS D 240 -23.95 -11.41 -77.13
N VAL D 241 -23.49 -12.44 -76.43
CA VAL D 241 -24.41 -13.50 -76.01
C VAL D 241 -25.19 -13.00 -74.80
N ASN D 242 -26.52 -13.08 -74.88
CA ASN D 242 -27.39 -12.57 -73.83
C ASN D 242 -27.24 -13.42 -72.57
N TYR D 243 -26.67 -12.83 -71.53
CA TYR D 243 -26.34 -13.52 -70.29
C TYR D 243 -27.20 -13.03 -69.14
N GLY D 244 -27.30 -13.87 -68.12
CA GLY D 244 -27.93 -13.49 -66.87
C GLY D 244 -27.03 -13.85 -65.71
N VAL D 245 -27.12 -13.04 -64.66
CA VAL D 245 -26.35 -13.24 -63.44
C VAL D 245 -27.35 -13.51 -62.32
N THR D 246 -27.22 -14.68 -61.68
CA THR D 246 -28.20 -15.12 -60.70
C THR D 246 -27.47 -15.71 -59.50
N VAL D 247 -28.26 -16.26 -58.58
CA VAL D 247 -27.72 -16.86 -57.37
C VAL D 247 -27.08 -18.20 -57.72
N LEU D 248 -26.05 -18.57 -56.97
CA LEU D 248 -25.37 -19.84 -57.18
C LEU D 248 -26.32 -21.00 -56.90
N PRO D 249 -26.15 -22.13 -57.60
CA PRO D 249 -26.98 -23.30 -57.34
C PRO D 249 -26.75 -23.84 -55.93
N THR D 250 -27.79 -24.44 -55.36
CA THR D 250 -27.71 -25.04 -54.05
C THR D 250 -27.27 -26.50 -54.15
N PHE D 251 -26.74 -27.01 -53.03
CA PHE D 251 -26.34 -28.41 -52.91
C PHE D 251 -26.86 -28.93 -51.58
N LYS D 252 -27.59 -30.04 -51.63
CA LYS D 252 -28.30 -30.59 -50.46
C LYS D 252 -29.22 -29.55 -49.85
N GLY D 253 -29.86 -28.75 -50.71
CA GLY D 253 -30.76 -27.70 -50.27
C GLY D 253 -30.10 -26.52 -49.61
N GLN D 254 -28.78 -26.56 -49.40
CA GLN D 254 -28.00 -25.53 -48.74
C GLN D 254 -27.32 -24.63 -49.77
N PRO D 255 -27.24 -23.33 -49.48
CA PRO D 255 -26.63 -22.40 -50.44
C PRO D 255 -25.13 -22.60 -50.55
N SER D 256 -24.63 -22.52 -51.79
CA SER D 256 -23.19 -22.51 -52.02
C SER D 256 -22.61 -21.20 -51.51
N LYS D 257 -21.58 -21.31 -50.67
CA LYS D 257 -21.05 -20.17 -49.91
C LYS D 257 -19.83 -19.58 -50.61
N PRO D 258 -19.95 -18.46 -51.32
CA PRO D 258 -18.77 -17.83 -51.90
C PRO D 258 -17.96 -17.10 -50.83
N PHE D 259 -16.68 -16.91 -51.14
CA PHE D 259 -15.82 -16.13 -50.27
C PHE D 259 -16.09 -14.65 -50.51
N VAL D 260 -16.41 -13.92 -49.45
CA VAL D 260 -16.64 -12.48 -49.54
C VAL D 260 -15.28 -11.80 -49.46
N GLY D 261 -14.86 -11.17 -50.56
CA GLY D 261 -13.57 -10.53 -50.64
C GLY D 261 -13.70 -9.04 -50.87
N VAL D 262 -12.74 -8.30 -50.35
CA VAL D 262 -12.69 -6.85 -50.49
C VAL D 262 -11.40 -6.52 -51.25
N LEU D 263 -11.53 -6.04 -52.48
CA LEU D 263 -10.37 -5.52 -53.19
C LEU D 263 -9.87 -4.28 -52.46
N SER D 264 -8.61 -4.28 -52.08
CA SER D 264 -8.05 -3.22 -51.26
C SER D 264 -6.77 -2.69 -51.87
N ALA D 265 -6.40 -1.48 -51.46
CA ALA D 265 -5.21 -0.80 -51.96
C ALA D 265 -4.31 -0.49 -50.77
N GLY D 266 -3.18 -1.18 -50.69
CA GLY D 266 -2.21 -0.95 -49.64
C GLY D 266 -1.06 -0.12 -50.16
N ILE D 267 -0.46 0.67 -49.29
CA ILE D 267 0.66 1.53 -49.62
C ILE D 267 1.92 0.93 -49.04
N ASN D 268 2.89 0.64 -49.90
CA ASN D 268 4.12 0.00 -49.48
C ASN D 268 4.85 0.85 -48.44
N ALA D 269 5.26 0.22 -47.34
CA ALA D 269 6.03 0.93 -46.32
C ALA D 269 7.46 1.18 -46.73
N ALA D 270 7.76 0.97 -48.02
CA ALA D 270 9.08 1.25 -48.57
C ALA D 270 8.98 2.23 -49.72
N SER D 271 7.83 2.88 -49.90
CA SER D 271 7.62 3.84 -50.96
C SER D 271 7.77 5.25 -50.40
N PRO D 272 8.48 6.14 -51.10
CA PRO D 272 8.61 7.52 -50.63
C PRO D 272 7.45 8.41 -51.04
N ASN D 273 6.50 7.87 -51.81
CA ASN D 273 5.34 8.61 -52.28
C ASN D 273 4.09 8.23 -51.52
N LYS D 274 4.18 8.11 -50.19
CA LYS D 274 3.02 7.71 -49.39
C LYS D 274 1.94 8.78 -49.41
N GLU D 275 2.35 10.05 -49.36
CA GLU D 275 1.38 11.15 -49.42
C GLU D 275 0.78 11.30 -50.80
N LEU D 276 1.57 11.05 -51.85
CA LEU D 276 1.03 11.07 -53.20
C LEU D 276 0.06 9.92 -53.42
N ALA D 277 0.33 8.77 -52.81
CA ALA D 277 -0.64 7.67 -52.89
C ALA D 277 -1.93 8.03 -52.17
N LYS D 278 -1.83 8.52 -50.93
CA LYS D 278 -3.02 8.87 -50.18
C LYS D 278 -3.84 9.90 -50.93
N GLU D 279 -3.18 10.83 -51.62
CA GLU D 279 -3.91 11.79 -52.44
C GLU D 279 -4.50 11.12 -53.67
N PHE D 280 -3.78 10.16 -54.26
CA PHE D 280 -4.31 9.44 -55.41
C PHE D 280 -5.49 8.57 -55.02
N LEU D 281 -5.39 7.86 -53.90
CA LEU D 281 -6.46 6.94 -53.53
C LEU D 281 -7.70 7.68 -53.04
N GLU D 282 -7.51 8.75 -52.26
CA GLU D 282 -8.63 9.43 -51.61
C GLU D 282 -9.32 10.48 -52.49
N ASN D 283 -8.58 11.19 -53.34
CA ASN D 283 -9.15 12.31 -54.06
C ASN D 283 -9.38 12.03 -55.54
N TYR D 284 -8.83 10.95 -56.07
CA TYR D 284 -8.98 10.60 -57.48
C TYR D 284 -9.54 9.19 -57.66
N LEU D 285 -9.00 8.21 -56.94
CA LEU D 285 -9.44 6.83 -57.10
C LEU D 285 -10.81 6.62 -56.49
N LEU D 286 -10.98 6.99 -55.23
CA LEU D 286 -12.25 6.74 -54.53
C LEU D 286 -13.23 7.88 -54.74
N THR D 287 -13.48 8.20 -56.01
CA THR D 287 -14.46 9.20 -56.38
C THR D 287 -15.39 8.61 -57.42
N ASP D 288 -16.51 9.31 -57.67
CA ASP D 288 -17.42 8.86 -58.71
C ASP D 288 -16.72 8.84 -60.07
N GLU D 289 -15.79 9.77 -60.29
CA GLU D 289 -15.05 9.78 -61.55
C GLU D 289 -14.04 8.64 -61.60
N GLY D 290 -13.33 8.40 -60.50
CA GLY D 290 -12.34 7.33 -60.49
C GLY D 290 -12.97 5.96 -60.55
N LEU D 291 -13.97 5.71 -59.71
CA LEU D 291 -14.61 4.40 -59.69
C LEU D 291 -15.36 4.09 -60.98
N GLU D 292 -15.91 5.11 -61.63
CA GLU D 292 -16.63 4.87 -62.88
C GLU D 292 -15.67 4.44 -63.99
N ALA D 293 -14.47 5.02 -64.03
CA ALA D 293 -13.50 4.64 -65.05
C ALA D 293 -13.03 3.20 -64.86
N VAL D 294 -12.85 2.78 -63.61
CA VAL D 294 -12.43 1.41 -63.35
C VAL D 294 -13.56 0.44 -63.66
N ASN D 295 -14.79 0.81 -63.32
CA ASN D 295 -15.93 -0.08 -63.52
C ASN D 295 -16.23 -0.29 -65.00
N LYS D 296 -16.09 0.75 -65.81
CA LYS D 296 -16.34 0.61 -67.25
C LYS D 296 -15.36 -0.35 -67.91
N ASP D 297 -14.12 -0.42 -67.42
CA ASP D 297 -13.17 -1.39 -67.92
C ASP D 297 -13.66 -2.80 -67.60
N LYS D 298 -13.53 -3.21 -66.33
CA LYS D 298 -14.08 -4.47 -65.84
C LYS D 298 -14.71 -4.18 -64.48
N PRO D 299 -15.97 -4.54 -64.28
CA PRO D 299 -16.68 -4.14 -63.04
C PRO D 299 -16.03 -4.67 -61.78
N LEU D 300 -16.11 -3.85 -60.72
CA LEU D 300 -15.49 -4.14 -59.43
C LEU D 300 -16.41 -4.88 -58.48
N GLY D 301 -17.73 -4.74 -58.63
CA GLY D 301 -18.67 -5.29 -57.68
C GLY D 301 -19.35 -4.21 -56.89
N ALA D 302 -19.46 -4.38 -55.57
CA ALA D 302 -20.04 -3.35 -54.70
C ALA D 302 -18.91 -2.47 -54.18
N VAL D 303 -18.80 -1.26 -54.73
CA VAL D 303 -17.71 -0.35 -54.34
C VAL D 303 -17.96 0.17 -52.93
N ALA D 304 -16.87 0.60 -52.28
CA ALA D 304 -16.97 1.05 -50.90
C ALA D 304 -17.60 2.43 -50.77
N LEU D 305 -17.41 3.30 -51.77
CA LEU D 305 -17.93 4.65 -51.70
C LEU D 305 -19.45 4.65 -51.83
N LYS D 306 -20.12 5.28 -50.85
CA LYS D 306 -21.58 5.19 -50.75
C LYS D 306 -22.28 5.78 -51.96
N SER D 307 -21.91 7.00 -52.38
CA SER D 307 -22.71 7.69 -53.38
C SER D 307 -22.69 6.97 -54.72
N TYR D 308 -21.56 6.36 -55.08
CA TYR D 308 -21.54 5.61 -56.33
C TYR D 308 -22.13 4.21 -56.15
N GLU D 309 -21.88 3.58 -55.01
CA GLU D 309 -22.48 2.28 -54.74
C GLU D 309 -24.00 2.39 -54.67
N GLU D 310 -24.51 3.49 -54.11
CA GLU D 310 -25.96 3.71 -54.11
C GLU D 310 -26.50 3.74 -55.53
N GLU D 311 -25.68 4.16 -56.49
CA GLU D 311 -26.08 4.15 -57.89
C GLU D 311 -25.93 2.76 -58.50
N LEU D 312 -24.88 2.03 -58.10
CA LEU D 312 -24.65 0.70 -58.67
C LEU D 312 -25.59 -0.35 -58.10
N ALA D 313 -26.29 -0.04 -57.01
CA ALA D 313 -27.23 -0.97 -56.41
C ALA D 313 -28.41 -1.26 -57.34
N LYS D 314 -28.67 -0.39 -58.32
CA LYS D 314 -29.77 -0.60 -59.23
C LYS D 314 -29.48 -1.68 -60.27
N ASP D 315 -28.24 -2.14 -60.37
CA ASP D 315 -27.88 -3.18 -61.33
C ASP D 315 -28.30 -4.55 -60.79
N PRO D 316 -29.12 -5.31 -61.52
CA PRO D 316 -29.48 -6.66 -61.04
C PRO D 316 -28.28 -7.59 -60.95
N ARG D 317 -27.24 -7.36 -61.74
CA ARG D 317 -26.03 -8.15 -61.62
C ARG D 317 -25.33 -7.89 -60.29
N ILE D 318 -25.35 -6.64 -59.82
CA ILE D 318 -24.78 -6.32 -58.51
C ILE D 318 -25.68 -6.87 -57.40
N ALA D 319 -27.00 -6.81 -57.60
CA ALA D 319 -27.92 -7.34 -56.60
C ALA D 319 -27.74 -8.85 -56.42
N ALA D 320 -27.63 -9.58 -57.54
CA ALA D 320 -27.39 -11.02 -57.46
C ALA D 320 -26.04 -11.30 -56.81
N THR D 321 -25.05 -10.46 -57.08
CA THR D 321 -23.76 -10.60 -56.44
C THR D 321 -23.90 -10.43 -54.93
N MET D 322 -24.78 -9.53 -54.50
CA MET D 322 -24.98 -9.28 -53.08
C MET D 322 -25.80 -10.37 -52.40
N GLU D 323 -26.72 -11.01 -53.14
CA GLU D 323 -27.45 -12.13 -52.57
C GLU D 323 -26.51 -13.29 -52.27
N ASN D 324 -25.63 -13.62 -53.22
CA ASN D 324 -24.63 -14.65 -52.99
C ASN D 324 -23.71 -14.26 -51.84
N ALA D 325 -23.31 -12.98 -51.78
CA ALA D 325 -22.42 -12.53 -50.72
C ALA D 325 -23.07 -12.65 -49.35
N GLN D 326 -24.37 -12.36 -49.27
CA GLN D 326 -25.07 -12.53 -48.00
C GLN D 326 -25.08 -13.99 -47.56
N LYS D 327 -25.18 -14.91 -48.51
CA LYS D 327 -25.11 -16.34 -48.22
C LYS D 327 -23.69 -16.86 -48.16
N GLY D 328 -22.69 -16.00 -48.32
CA GLY D 328 -21.30 -16.42 -48.36
C GLY D 328 -20.61 -16.25 -47.02
N GLU D 329 -19.28 -16.24 -47.06
CA GLU D 329 -18.51 -16.03 -45.84
C GLU D 329 -17.27 -15.18 -46.15
N ILE D 330 -16.96 -14.28 -45.23
CA ILE D 330 -15.90 -13.29 -45.42
C ILE D 330 -14.55 -13.92 -45.13
N MET D 331 -13.58 -13.61 -45.96
CA MET D 331 -12.25 -14.13 -45.71
C MET D 331 -11.60 -13.35 -44.56
N PRO D 332 -10.87 -14.03 -43.70
CA PRO D 332 -10.03 -13.34 -42.71
C PRO D 332 -8.78 -12.82 -43.40
N ASN D 333 -7.96 -12.09 -42.63
CA ASN D 333 -6.69 -11.59 -43.16
C ASN D 333 -5.50 -11.99 -42.29
N ILE D 334 -5.63 -13.07 -41.53
CA ILE D 334 -4.54 -13.56 -40.70
C ILE D 334 -3.36 -13.89 -41.62
N PRO D 335 -2.15 -13.69 -41.21
CA PRO D 335 -1.05 -13.93 -42.11
C PRO D 335 -0.78 -15.37 -42.42
N GLN D 336 -1.63 -16.25 -41.98
CA GLN D 336 -1.46 -17.65 -42.19
C GLN D 336 -2.60 -18.15 -43.09
N MET D 337 -3.12 -17.22 -43.88
CA MET D 337 -4.18 -17.46 -44.80
C MET D 337 -3.59 -18.03 -46.06
N SER D 338 -2.41 -17.59 -46.42
CA SER D 338 -1.71 -18.10 -47.60
C SER D 338 -1.48 -19.59 -47.49
N ALA D 339 -1.17 -20.07 -46.29
CA ALA D 339 -1.03 -21.50 -46.07
C ALA D 339 -2.37 -22.21 -46.19
N PHE D 340 -3.45 -21.55 -45.77
CA PHE D 340 -4.79 -22.14 -45.93
C PHE D 340 -5.13 -22.33 -47.39
N TRP D 341 -4.87 -21.31 -48.22
CA TRP D 341 -5.19 -21.40 -49.63
C TRP D 341 -4.36 -22.49 -50.32
N TYR D 342 -3.07 -22.58 -49.99
CA TYR D 342 -2.23 -23.60 -50.61
C TYR D 342 -2.67 -25.00 -50.21
N ALA D 343 -3.07 -25.18 -48.95
CA ALA D 343 -3.52 -26.49 -48.50
C ALA D 343 -4.80 -26.92 -49.23
N VAL D 344 -5.77 -26.00 -49.33
CA VAL D 344 -7.02 -26.33 -49.99
C VAL D 344 -6.84 -26.43 -51.50
N ARG D 345 -5.92 -25.65 -52.06
CA ARG D 345 -5.70 -25.71 -53.51
C ARG D 345 -5.10 -27.06 -53.91
N THR D 346 -4.08 -27.52 -53.17
CA THR D 346 -3.49 -28.82 -53.45
C THR D 346 -4.53 -29.93 -53.27
N ALA D 347 -5.42 -29.78 -52.29
CA ALA D 347 -6.39 -30.84 -52.01
C ALA D 347 -7.39 -31.00 -53.14
N VAL D 348 -8.00 -29.90 -53.59
CA VAL D 348 -9.01 -29.98 -54.64
C VAL D 348 -8.40 -30.45 -55.95
N ILE D 349 -7.17 -30.00 -56.24
CA ILE D 349 -6.52 -30.40 -57.48
C ILE D 349 -6.22 -31.90 -57.47
N ASN D 350 -5.64 -32.39 -56.36
CA ASN D 350 -5.27 -33.80 -56.29
C ASN D 350 -6.47 -34.73 -56.25
N ALA D 351 -7.58 -34.30 -55.66
CA ALA D 351 -8.78 -35.14 -55.64
C ALA D 351 -9.44 -35.14 -57.02
N ALA D 352 -9.45 -33.99 -57.70
CA ALA D 352 -9.94 -33.93 -59.06
C ALA D 352 -9.04 -34.69 -60.01
N SER D 353 -7.79 -34.89 -59.62
CA SER D 353 -6.80 -35.59 -60.41
C SER D 353 -6.82 -37.10 -60.23
N GLY D 354 -7.42 -37.60 -59.16
CA GLY D 354 -7.24 -38.99 -58.80
C GLY D 354 -5.99 -39.24 -57.99
N ARG D 355 -5.09 -38.26 -57.91
CA ARG D 355 -3.84 -38.44 -57.19
C ARG D 355 -4.07 -38.68 -55.71
N GLN D 356 -5.16 -38.15 -55.16
CA GLN D 356 -5.57 -38.46 -53.80
C GLN D 356 -7.06 -38.77 -53.77
N THR D 357 -7.45 -39.51 -52.73
CA THR D 357 -8.86 -39.77 -52.45
C THR D 357 -9.55 -38.46 -52.03
N VAL D 358 -10.88 -38.51 -51.95
CA VAL D 358 -11.63 -37.39 -51.40
C VAL D 358 -11.24 -37.16 -49.94
N ASP D 359 -11.00 -38.24 -49.20
CA ASP D 359 -10.63 -38.12 -47.79
C ASP D 359 -9.19 -37.65 -47.63
N GLU D 360 -8.26 -38.26 -48.36
CA GLU D 360 -6.85 -37.89 -48.24
C GLU D 360 -6.63 -36.42 -48.57
N ALA D 361 -7.37 -35.90 -49.55
CA ALA D 361 -7.25 -34.49 -49.89
C ALA D 361 -7.77 -33.62 -48.75
N LEU D 362 -8.93 -33.97 -48.18
CA LEU D 362 -9.56 -33.09 -47.21
C LEU D 362 -8.89 -33.12 -45.84
N LYS D 363 -8.26 -34.24 -45.46
CA LYS D 363 -7.49 -34.23 -44.23
C LYS D 363 -6.14 -33.54 -44.40
N ASP D 364 -5.53 -33.66 -45.58
CA ASP D 364 -4.27 -32.97 -45.83
C ASP D 364 -4.49 -31.46 -45.86
N ALA D 365 -5.61 -31.01 -46.43
CA ALA D 365 -5.91 -29.58 -46.41
C ALA D 365 -6.22 -29.11 -45.01
N GLN D 366 -6.93 -29.93 -44.23
CA GLN D 366 -7.27 -29.58 -42.85
C GLN D 366 -6.03 -29.39 -42.00
N THR D 367 -5.09 -30.36 -42.08
CA THR D 367 -3.87 -30.24 -41.29
C THR D 367 -3.08 -29.00 -41.68
N GLY D 368 -2.96 -28.74 -42.99
CA GLY D 368 -2.22 -27.58 -43.45
C GLY D 368 -2.87 -26.25 -43.12
N SER D 369 -4.20 -26.19 -43.08
CA SER D 369 -4.87 -24.93 -42.80
C SER D 369 -4.67 -24.49 -41.36
N ASP D 370 -4.75 -25.43 -40.41
CA ASP D 370 -4.66 -25.13 -39.00
C ASP D 370 -3.25 -25.27 -38.42
N LEU D 371 -2.28 -25.69 -39.23
CA LEU D 371 -1.01 -26.18 -38.70
C LEU D 371 -0.32 -25.15 -37.82
N TYR D 372 -0.15 -23.92 -38.30
CA TYR D 372 0.58 -22.93 -37.52
C TYR D 372 -0.21 -22.56 -36.26
N ARG D 373 -1.51 -22.31 -36.40
CA ARG D 373 -2.32 -21.92 -35.25
C ARG D 373 -2.31 -23.01 -34.19
N GLN D 374 -2.56 -24.26 -34.60
CA GLN D 374 -2.61 -25.35 -33.63
C GLN D 374 -1.23 -25.62 -33.05
N SER D 375 -0.17 -25.57 -33.87
CA SER D 375 1.17 -25.85 -33.38
C SER D 375 1.64 -24.78 -32.40
N LEU D 376 1.36 -23.51 -32.69
CA LEU D 376 1.72 -22.45 -31.75
C LEU D 376 0.96 -22.60 -30.43
N GLU D 377 -0.31 -23.00 -30.50
CA GLU D 377 -1.08 -23.18 -29.28
C GLU D 377 -0.46 -24.26 -28.40
N ILE D 378 0.01 -25.35 -29.02
CA ILE D 378 0.58 -26.46 -28.25
C ILE D 378 1.96 -26.09 -27.71
N ILE D 379 2.78 -25.45 -28.54
CA ILE D 379 4.15 -25.13 -28.13
C ILE D 379 4.14 -24.01 -27.08
N SER D 380 3.38 -22.95 -27.33
CA SER D 380 3.32 -21.85 -26.38
C SER D 380 2.85 -22.32 -25.01
N ARG D 381 1.86 -23.21 -24.98
CA ARG D 381 1.32 -23.67 -23.70
C ARG D 381 2.34 -24.49 -22.93
N TYR D 382 3.08 -25.36 -23.61
CA TYR D 382 3.98 -26.26 -22.91
C TYR D 382 5.17 -25.50 -22.31
N LEU D 383 5.77 -24.59 -23.09
CA LEU D 383 6.98 -23.91 -22.61
C LEU D 383 6.64 -22.94 -21.48
N ARG D 384 5.48 -22.28 -21.52
CA ARG D 384 5.07 -21.46 -20.38
C ARG D 384 4.84 -22.33 -19.15
N GLU D 385 4.17 -23.47 -19.33
CA GLU D 385 3.97 -24.40 -18.22
C GLU D 385 5.29 -25.00 -17.75
N GLN D 386 6.31 -25.04 -18.62
CA GLN D 386 7.59 -25.59 -18.21
C GLN D 386 8.42 -24.57 -17.44
N ALA D 387 8.34 -23.30 -17.83
CA ALA D 387 9.06 -22.27 -17.10
C ALA D 387 8.35 -21.91 -15.80
N THR D 388 7.02 -21.86 -15.82
CA THR D 388 6.29 -21.43 -14.64
C THR D 388 5.85 -22.59 -13.75
N GLY D 389 5.35 -23.67 -14.32
CA GLY D 389 4.77 -24.72 -13.50
C GLY D 389 3.38 -24.33 -13.04
N SER D 390 2.51 -23.94 -13.96
CA SER D 390 1.17 -23.47 -13.61
C SER D 390 0.07 -24.29 -14.27
N PRO D 395 -8.79 -23.68 -20.87
CA PRO D 395 -8.48 -24.69 -21.88
C PRO D 395 -9.19 -24.42 -23.22
N LEU D 396 -8.50 -24.68 -24.34
CA LEU D 396 -9.17 -24.56 -25.64
C LEU D 396 -10.10 -25.75 -25.87
N GLY D 397 -9.55 -26.96 -25.84
CA GLY D 397 -10.36 -28.16 -25.91
C GLY D 397 -9.93 -29.19 -26.95
N ALA D 402 -7.81 -32.66 -29.55
CA ALA D 402 -6.60 -32.83 -30.36
C ALA D 402 -5.42 -32.11 -29.73
N GLY D 403 -5.59 -30.81 -29.45
CA GLY D 403 -4.52 -30.05 -28.85
C GLY D 403 -4.27 -30.44 -27.40
N ARG D 404 -5.34 -30.67 -26.65
CA ARG D 404 -5.16 -31.12 -25.26
C ARG D 404 -4.58 -32.53 -25.21
N ARG D 405 -4.89 -33.36 -26.21
CA ARG D 405 -4.28 -34.68 -26.26
C ARG D 405 -2.81 -34.59 -26.66
N ALA D 406 -2.50 -33.72 -27.63
CA ALA D 406 -1.10 -33.51 -28.02
C ALA D 406 -0.31 -32.86 -26.89
N LEU D 407 -0.97 -31.99 -26.11
CA LEU D 407 -0.30 -31.31 -25.01
C LEU D 407 0.16 -32.30 -23.96
N GLU D 408 -0.72 -33.23 -23.55
CA GLU D 408 -0.34 -34.20 -22.53
C GLU D 408 0.75 -35.15 -23.00
N THR D 409 0.93 -35.29 -24.32
CA THR D 409 2.03 -36.08 -24.83
C THR D 409 3.37 -35.38 -24.60
N LEU D 410 3.41 -34.06 -24.82
CA LEU D 410 4.62 -33.29 -24.52
C LEU D 410 4.99 -33.41 -23.05
N ARG D 411 4.03 -33.15 -22.16
CA ARG D 411 4.27 -33.33 -20.73
C ARG D 411 4.87 -34.70 -20.44
N ARG D 412 4.30 -35.74 -21.05
CA ARG D 412 4.69 -37.11 -20.72
C ARG D 412 6.07 -37.45 -21.28
N VAL D 413 6.35 -37.06 -22.53
CA VAL D 413 7.57 -37.49 -23.20
C VAL D 413 8.61 -36.38 -23.33
N GLY D 414 8.21 -35.11 -23.23
CA GLY D 414 9.19 -34.04 -23.36
C GLY D 414 10.13 -33.95 -22.17
N ASP D 415 9.61 -34.20 -20.97
CA ASP D 415 10.46 -34.18 -19.79
C ASP D 415 11.44 -35.34 -19.79
N GLY D 416 11.00 -36.53 -20.19
CA GLY D 416 11.92 -37.64 -20.36
C GLY D 416 12.99 -37.34 -21.38
N VAL D 417 12.64 -36.60 -22.43
CA VAL D 417 13.61 -36.17 -23.44
C VAL D 417 14.58 -35.15 -22.85
N GLN D 418 14.06 -34.17 -22.12
CA GLN D 418 14.81 -32.97 -21.78
C GLN D 418 15.99 -33.28 -20.86
N ARG D 419 15.79 -34.17 -19.89
CA ARG D 419 16.86 -34.50 -18.97
C ARG D 419 17.93 -35.35 -19.64
N ASN D 420 17.54 -36.16 -20.62
CA ASN D 420 18.52 -36.95 -21.38
C ASN D 420 19.54 -36.04 -22.06
N HIS D 421 19.07 -34.95 -22.67
CA HIS D 421 19.93 -33.97 -23.32
C HIS D 421 20.25 -32.78 -22.44
N GLU D 422 20.38 -33.00 -21.12
CA GLU D 422 20.52 -31.88 -20.19
C GLU D 422 21.86 -31.18 -20.35
N THR D 423 22.95 -31.95 -20.40
CA THR D 423 24.27 -31.33 -20.48
C THR D 423 24.48 -30.63 -21.82
N ALA D 424 23.95 -31.21 -22.90
CA ALA D 424 23.99 -30.55 -24.20
C ALA D 424 23.14 -29.28 -24.21
N PHE D 425 21.95 -29.35 -23.62
CA PHE D 425 21.08 -28.17 -23.58
C PHE D 425 21.72 -27.01 -22.82
N GLN D 426 22.59 -27.32 -21.85
CA GLN D 426 23.27 -26.26 -21.11
C GLN D 426 24.39 -25.63 -21.93
N GLY D 427 25.18 -26.45 -22.62
CA GLY D 427 26.27 -25.92 -23.42
C GLY D 427 25.79 -25.10 -24.60
N MET D 428 24.64 -25.46 -25.18
CA MET D 428 24.06 -24.66 -26.24
C MET D 428 23.55 -23.33 -25.69
N LEU D 429 22.93 -23.35 -24.51
CA LEU D 429 22.33 -22.14 -23.96
C LEU D 429 23.38 -21.10 -23.59
N ARG D 430 24.54 -21.55 -23.07
CA ARG D 430 25.62 -20.62 -22.82
C ARG D 430 26.05 -19.90 -24.08
N LYS D 431 25.99 -20.59 -25.22
CA LYS D 431 26.38 -20.00 -26.50
C LYS D 431 25.38 -18.96 -26.99
N LEU D 432 24.13 -19.07 -26.57
CA LEU D 432 23.12 -18.12 -27.00
C LEU D 432 23.54 -16.87 -26.29
N ASP D 433 22.77 -16.44 -25.32
CA ASP D 433 23.13 -15.27 -24.51
C ASP D 433 21.88 -14.59 -24.02
N ILE D 434 21.10 -14.17 -24.99
CA ILE D 434 19.81 -13.50 -24.80
C ILE D 434 19.79 -12.29 -23.94
N LYS D 435 19.15 -11.29 -24.46
CA LYS D 435 19.03 -10.04 -23.79
C LYS D 435 17.90 -9.20 -24.36
N ASN D 436 17.26 -9.60 -25.43
CA ASN D 436 16.24 -8.69 -25.90
C ASN D 436 15.38 -9.43 -26.92
N GLU D 437 14.49 -8.70 -27.60
CA GLU D 437 13.63 -9.35 -28.60
C GLU D 437 14.40 -9.71 -29.87
N GLY D 438 15.34 -8.87 -30.29
CA GLY D 438 16.06 -9.15 -31.53
C GLY D 438 16.95 -10.36 -31.44
N ASP D 439 17.49 -10.65 -30.25
CA ASP D 439 18.24 -11.89 -30.06
C ASP D 439 17.36 -13.11 -30.29
N VAL D 440 16.12 -13.07 -29.79
CA VAL D 440 15.22 -14.22 -29.93
C VAL D 440 14.62 -14.29 -31.33
N LYS D 441 14.34 -13.14 -31.94
CA LYS D 441 13.91 -13.15 -33.33
C LYS D 441 15.03 -13.66 -34.22
N SER D 442 16.27 -13.35 -33.87
CA SER D 442 17.46 -13.90 -34.53
C SER D 442 17.56 -15.42 -34.44
N PHE D 443 16.85 -16.05 -33.50
CA PHE D 443 17.05 -17.48 -33.27
C PHE D 443 16.52 -18.37 -34.39
N SER D 444 15.64 -17.88 -35.26
CA SER D 444 15.10 -18.74 -36.30
C SER D 444 16.21 -19.31 -37.17
N ARG D 445 17.04 -18.44 -37.75
CA ARG D 445 18.06 -18.88 -38.69
C ARG D 445 19.08 -19.81 -38.03
N VAL D 446 19.41 -19.56 -36.76
CA VAL D 446 20.36 -20.43 -36.06
C VAL D 446 19.74 -21.79 -35.87
N MET D 447 18.44 -21.80 -35.59
CA MET D 447 17.67 -23.02 -35.40
C MET D 447 17.60 -23.83 -36.69
N VAL D 448 17.47 -23.16 -37.84
CA VAL D 448 17.36 -23.84 -39.12
C VAL D 448 18.60 -24.66 -39.39
N HIS D 449 19.77 -24.16 -38.97
CA HIS D 449 21.02 -24.86 -39.25
C HIS D 449 21.03 -26.26 -38.64
N VAL D 450 20.39 -26.42 -37.49
CA VAL D 450 20.28 -27.75 -36.88
C VAL D 450 19.19 -28.56 -37.56
N PHE D 451 18.35 -27.94 -38.36
CA PHE D 451 17.23 -28.59 -39.05
C PHE D 451 17.51 -28.63 -40.55
N LYS D 452 18.53 -29.39 -40.94
CA LYS D 452 18.94 -29.50 -42.35
C LYS D 452 19.37 -30.95 -42.59
N ASP D 453 18.47 -31.74 -43.17
CA ASP D 453 18.68 -33.18 -43.41
C ASP D 453 18.74 -33.94 -42.08
N THR D 456 13.78 -36.92 -40.75
CA THR D 456 12.42 -36.80 -40.23
C THR D 456 12.25 -37.67 -39.00
N ASN D 457 11.79 -37.07 -37.90
CA ASN D 457 11.48 -37.84 -36.71
C ASN D 457 10.56 -37.04 -35.81
N TRP D 458 9.74 -37.74 -35.04
CA TRP D 458 9.00 -37.08 -33.98
C TRP D 458 9.92 -36.77 -32.81
N GLY D 459 10.92 -37.63 -32.59
CA GLY D 459 11.90 -37.38 -31.56
C GLY D 459 12.73 -36.14 -31.84
N ARG D 460 13.01 -35.87 -33.12
CA ARG D 460 13.71 -34.64 -33.46
C ARG D 460 12.81 -33.43 -33.25
N ILE D 461 11.54 -33.54 -33.63
CA ILE D 461 10.61 -32.43 -33.44
C ILE D 461 10.35 -32.18 -31.96
N VAL D 462 10.25 -33.26 -31.16
CA VAL D 462 10.08 -33.10 -29.72
C VAL D 462 11.32 -32.46 -29.11
N THR D 463 12.51 -32.84 -29.61
CA THR D 463 13.74 -32.23 -29.12
C THR D 463 13.76 -30.73 -29.43
N LEU D 464 13.18 -30.34 -30.57
CA LEU D 464 13.07 -28.93 -30.90
C LEU D 464 12.23 -28.20 -29.85
N ILE D 465 11.07 -28.78 -29.50
CA ILE D 465 10.22 -28.16 -28.50
C ILE D 465 10.80 -28.35 -27.10
N SER D 466 11.53 -29.45 -26.87
CA SER D 466 12.08 -29.71 -25.54
C SER D 466 13.17 -28.70 -25.18
N PHE D 467 14.07 -28.39 -26.12
CA PHE D 467 15.06 -27.36 -25.84
C PHE D 467 14.40 -25.98 -25.73
N GLY D 468 13.34 -25.73 -26.49
CA GLY D 468 12.59 -24.51 -26.32
C GLY D 468 12.09 -24.34 -24.90
N ALA D 469 11.63 -25.43 -24.28
CA ALA D 469 11.21 -25.37 -22.89
C ALA D 469 12.40 -25.13 -21.97
N PHE D 470 13.54 -25.74 -22.29
CA PHE D 470 14.76 -25.51 -21.51
C PHE D 470 15.12 -24.03 -21.49
N VAL D 471 15.13 -23.41 -22.68
CA VAL D 471 15.40 -21.97 -22.76
C VAL D 471 14.29 -21.19 -22.06
N ALA D 472 13.04 -21.67 -22.17
CA ALA D 472 11.94 -21.00 -21.48
C ALA D 472 12.13 -21.04 -19.97
N LYS D 473 12.63 -22.17 -19.44
CA LYS D 473 12.89 -22.25 -18.01
C LYS D 473 13.98 -21.27 -17.60
N HIS D 474 15.04 -21.17 -18.41
CA HIS D 474 16.11 -20.22 -18.11
C HIS D 474 15.63 -18.78 -18.22
N LEU D 475 14.71 -18.50 -19.14
CA LEU D 475 14.22 -17.14 -19.28
C LEU D 475 13.51 -16.68 -18.02
N LYS D 476 12.76 -17.57 -17.37
CA LYS D 476 12.09 -17.22 -16.13
C LYS D 476 13.09 -17.01 -15.00
N SER D 477 14.19 -17.77 -14.98
CA SER D 477 15.17 -17.61 -13.91
C SER D 477 15.84 -16.24 -13.98
N VAL D 478 16.23 -15.81 -15.17
CA VAL D 478 16.74 -14.46 -15.38
C VAL D 478 15.61 -13.47 -15.59
N ASN D 479 14.36 -13.93 -15.47
CA ASN D 479 13.15 -13.14 -15.74
C ASN D 479 13.24 -12.50 -17.13
N GLN D 480 13.28 -13.37 -18.13
CA GLN D 480 13.04 -13.01 -19.51
C GLN D 480 11.75 -13.72 -19.91
N GLU D 481 10.81 -13.72 -18.96
CA GLU D 481 9.56 -14.44 -19.08
C GLU D 481 8.67 -13.84 -20.16
N SER D 482 8.73 -12.52 -20.32
CA SER D 482 7.99 -11.88 -21.40
C SER D 482 8.51 -12.32 -22.75
N PHE D 483 9.77 -12.77 -22.81
CA PHE D 483 10.41 -13.21 -24.04
C PHE D 483 10.01 -14.63 -24.44
N ILE D 484 9.19 -15.31 -23.64
CA ILE D 484 8.88 -16.70 -23.96
C ILE D 484 7.88 -16.77 -25.11
N GLU D 485 6.96 -15.80 -25.19
CA GLU D 485 5.98 -15.85 -26.27
C GLU D 485 6.61 -15.62 -27.63
N PRO D 486 7.44 -14.59 -27.85
CA PRO D 486 8.12 -14.49 -29.15
C PRO D 486 9.02 -15.69 -29.44
N LEU D 487 9.51 -16.36 -28.41
CA LEU D 487 10.28 -17.59 -28.61
C LEU D 487 9.40 -18.70 -29.18
N ALA D 488 8.20 -18.88 -28.64
CA ALA D 488 7.29 -19.88 -29.19
C ALA D 488 6.93 -19.57 -30.63
N GLU D 489 6.83 -18.28 -30.97
CA GLU D 489 6.56 -17.89 -32.36
C GLU D 489 7.70 -18.31 -33.27
N THR D 490 8.94 -18.08 -32.84
CA THR D 490 10.09 -18.41 -33.66
C THR D 490 10.27 -19.92 -33.80
N ILE D 491 10.02 -20.67 -32.72
CA ILE D 491 10.09 -22.14 -32.81
C ILE D 491 9.01 -22.67 -33.74
N THR D 492 7.77 -22.23 -33.54
CA THR D 492 6.68 -22.66 -34.41
C THR D 492 6.94 -22.25 -35.86
N ASP D 493 7.51 -21.07 -36.05
CA ASP D 493 7.81 -20.60 -37.41
C ASP D 493 8.81 -21.52 -38.10
N VAL D 494 9.85 -21.93 -37.39
CA VAL D 494 10.87 -22.80 -38.01
C VAL D 494 10.28 -24.17 -38.32
N LEU D 495 9.38 -24.67 -37.47
CA LEU D 495 8.83 -26.01 -37.68
C LEU D 495 7.91 -26.04 -38.89
N VAL D 496 7.13 -24.98 -39.10
CA VAL D 496 6.24 -24.96 -40.26
C VAL D 496 7.04 -24.65 -41.53
N ARG D 497 8.09 -23.82 -41.43
CA ARG D 497 8.86 -23.45 -42.61
C ARG D 497 9.65 -24.64 -43.16
N THR D 498 10.07 -25.58 -42.31
CA THR D 498 10.96 -26.66 -42.71
C THR D 498 10.29 -28.02 -42.77
N LYS D 499 9.24 -28.27 -42.00
CA LYS D 499 8.63 -29.58 -41.92
C LYS D 499 7.16 -29.54 -42.33
N ARG D 500 6.79 -28.58 -43.19
CA ARG D 500 5.39 -28.44 -43.59
C ARG D 500 4.88 -29.71 -44.25
N ASP D 501 5.60 -30.22 -45.25
CA ASP D 501 5.13 -31.40 -45.95
C ASP D 501 5.32 -32.68 -45.12
N TRP D 502 6.33 -32.73 -44.26
CA TRP D 502 6.48 -33.91 -43.42
C TRP D 502 5.39 -33.99 -42.36
N LEU D 503 5.10 -32.86 -41.71
CA LEU D 503 4.04 -32.85 -40.70
C LEU D 503 2.69 -33.20 -41.32
N VAL D 504 2.40 -32.68 -42.50
CA VAL D 504 1.15 -33.02 -43.17
C VAL D 504 1.12 -34.49 -43.54
N LYS D 505 2.24 -35.03 -44.02
CA LYS D 505 2.32 -36.44 -44.35
C LYS D 505 2.13 -37.33 -43.13
N GLN D 506 2.42 -36.84 -41.94
CA GLN D 506 2.21 -37.59 -40.71
C GLN D 506 0.91 -37.23 -40.01
N ARG D 507 0.00 -36.55 -40.71
CA ARG D 507 -1.34 -36.25 -40.19
C ARG D 507 -1.28 -35.39 -38.93
N GLY D 508 -0.43 -34.37 -38.96
CA GLY D 508 -0.37 -33.37 -37.92
C GLY D 508 -0.04 -33.94 -36.55
N TRP D 509 -0.55 -33.26 -35.51
CA TRP D 509 -0.31 -33.66 -34.14
C TRP D 509 -1.03 -34.95 -33.77
N ASP D 510 -1.99 -35.41 -34.57
CA ASP D 510 -2.64 -36.68 -34.27
C ASP D 510 -1.69 -37.86 -34.44
N GLY D 511 -0.88 -37.85 -35.51
CA GLY D 511 0.19 -38.83 -35.60
C GLY D 511 1.21 -38.62 -34.50
N PHE D 512 1.33 -37.38 -34.03
CA PHE D 512 2.16 -37.11 -32.85
C PHE D 512 1.54 -37.69 -31.59
N VAL D 513 0.20 -37.67 -31.49
CA VAL D 513 -0.44 -38.29 -30.34
C VAL D 513 -0.30 -39.82 -30.39
N GLU D 514 -0.51 -40.41 -31.57
CA GLU D 514 -0.58 -41.87 -31.72
C GLU D 514 0.79 -42.57 -31.67
N PHE D 515 1.85 -41.91 -32.14
CA PHE D 515 3.16 -42.55 -32.27
C PHE D 515 3.69 -43.01 -30.92
N PHE D 516 3.41 -42.28 -29.84
CA PHE D 516 3.88 -42.65 -28.51
C PHE D 516 2.87 -43.50 -27.76
N HIS D 517 1.61 -43.08 -27.74
CA HIS D 517 0.53 -43.82 -27.08
C HIS D 517 0.79 -44.03 -25.59
N GLY E 1 61.78 7.58 -35.26
CA GLY E 1 61.58 6.25 -35.81
C GLY E 1 61.40 6.22 -37.31
N LYS E 2 60.95 5.09 -37.83
CA LYS E 2 60.74 4.90 -39.25
C LYS E 2 59.27 4.81 -39.65
N ILE E 3 58.35 4.78 -38.69
CA ILE E 3 56.92 4.82 -38.97
C ILE E 3 56.44 6.24 -38.74
N GLU E 4 55.77 6.81 -39.75
CA GLU E 4 55.41 8.21 -39.67
C GLU E 4 54.27 8.44 -38.68
N GLU E 5 54.39 9.54 -37.94
CA GLU E 5 53.41 9.90 -36.93
C GLU E 5 52.25 10.66 -37.58
N GLY E 6 51.03 10.26 -37.27
CA GLY E 6 49.85 10.94 -37.76
C GLY E 6 49.20 10.34 -38.99
N LYS E 7 49.64 9.17 -39.45
CA LYS E 7 49.05 8.51 -40.60
C LYS E 7 48.64 7.09 -40.22
N LEU E 8 47.88 6.47 -41.13
CA LEU E 8 47.64 5.03 -41.11
C LEU E 8 47.96 4.49 -42.49
N VAL E 9 48.98 3.65 -42.58
CA VAL E 9 49.31 2.95 -43.81
C VAL E 9 49.02 1.47 -43.60
N ILE E 10 48.29 0.87 -44.54
CA ILE E 10 47.74 -0.47 -44.39
C ILE E 10 48.25 -1.35 -45.52
N TRP E 11 48.61 -2.58 -45.19
CA TRP E 11 49.06 -3.57 -46.16
C TRP E 11 48.00 -4.65 -46.31
N ILE E 12 47.51 -4.82 -47.54
CA ILE E 12 46.45 -5.76 -47.87
C ILE E 12 46.86 -6.49 -49.14
N ASN E 13 46.48 -7.76 -49.23
CA ASN E 13 46.85 -8.52 -50.43
C ASN E 13 46.13 -7.98 -51.66
N GLY E 14 46.68 -8.30 -52.82
CA GLY E 14 46.21 -7.71 -54.06
C GLY E 14 44.90 -8.29 -54.58
N ASP E 15 44.52 -9.49 -54.15
CA ASP E 15 43.30 -10.08 -54.68
C ASP E 15 42.04 -9.59 -53.95
N LYS E 16 42.19 -8.88 -52.84
CA LYS E 16 41.06 -8.40 -52.07
C LYS E 16 40.83 -6.91 -52.30
N GLY E 17 39.75 -6.40 -51.73
CA GLY E 17 39.29 -5.05 -52.03
C GLY E 17 40.08 -3.93 -51.36
N TYR E 18 41.25 -3.59 -51.90
CA TYR E 18 42.02 -2.49 -51.34
C TYR E 18 41.42 -1.14 -51.70
N ASN E 19 40.81 -1.03 -52.88
CA ASN E 19 40.17 0.23 -53.25
C ASN E 19 38.92 0.50 -52.40
N GLY E 20 38.12 -0.54 -52.16
CA GLY E 20 36.98 -0.37 -51.28
C GLY E 20 37.40 -0.03 -49.87
N LEU E 21 38.52 -0.60 -49.42
CA LEU E 21 39.08 -0.22 -48.12
C LEU E 21 39.63 1.20 -48.17
N ALA E 22 40.21 1.60 -49.31
CA ALA E 22 40.77 2.94 -49.44
C ALA E 22 39.68 3.99 -49.38
N GLU E 23 38.44 3.66 -49.76
CA GLU E 23 37.35 4.61 -49.64
C GLU E 23 36.83 4.70 -48.21
N VAL E 24 36.94 3.62 -47.44
CA VAL E 24 36.65 3.70 -46.01
C VAL E 24 37.64 4.64 -45.34
N GLY E 25 38.91 4.59 -45.76
CA GLY E 25 39.89 5.51 -45.22
C GLY E 25 39.69 6.95 -45.70
N LYS E 26 39.08 7.12 -46.87
CA LYS E 26 38.71 8.46 -47.30
C LYS E 26 37.61 9.03 -46.42
N LYS E 27 36.65 8.19 -46.02
CA LYS E 27 35.62 8.62 -45.07
C LYS E 27 36.24 8.88 -43.70
N PHE E 28 37.23 8.07 -43.31
CA PHE E 28 37.98 8.35 -42.10
C PHE E 28 38.64 9.72 -42.19
N GLU E 29 39.32 10.01 -43.31
CA GLU E 29 39.96 11.31 -43.47
C GLU E 29 38.95 12.44 -43.57
N LYS E 30 37.77 12.19 -44.14
CA LYS E 30 36.78 13.24 -44.28
C LYS E 30 36.19 13.63 -42.92
N ASP E 31 36.12 12.69 -41.98
CA ASP E 31 35.57 12.96 -40.66
C ASP E 31 36.64 13.47 -39.68
N THR E 32 37.86 12.92 -39.77
CA THR E 32 38.90 13.22 -38.81
C THR E 32 40.08 14.00 -39.38
N GLY E 33 40.23 14.08 -40.71
CA GLY E 33 41.36 14.76 -41.30
C GLY E 33 42.63 13.93 -41.40
N ILE E 34 42.64 12.71 -40.87
CA ILE E 34 43.83 11.87 -40.87
C ILE E 34 43.85 11.04 -42.14
N LYS E 35 44.98 11.08 -42.86
CA LYS E 35 45.12 10.38 -44.11
C LYS E 35 45.33 8.89 -43.89
N VAL E 36 44.76 8.07 -44.77
CA VAL E 36 44.90 6.62 -44.74
C VAL E 36 45.34 6.16 -46.12
N THR E 37 46.54 5.58 -46.20
CA THR E 37 47.12 5.13 -47.45
C THR E 37 47.10 3.60 -47.48
N VAL E 38 46.39 3.05 -48.46
CA VAL E 38 46.28 1.60 -48.61
C VAL E 38 47.17 1.16 -49.77
N GLU E 39 48.05 0.22 -49.50
CA GLU E 39 48.93 -0.35 -50.52
C GLU E 39 48.75 -1.87 -50.53
N HIS E 40 49.12 -2.48 -51.66
CA HIS E 40 49.02 -3.93 -51.83
C HIS E 40 50.36 -4.47 -52.33
N PRO E 41 51.32 -4.64 -51.43
CA PRO E 41 52.60 -5.23 -51.83
C PRO E 41 52.46 -6.70 -52.14
N ASP E 42 53.45 -7.22 -52.88
CA ASP E 42 53.52 -8.64 -53.18
C ASP E 42 54.37 -9.35 -52.13
N LYS E 43 53.93 -10.54 -51.74
CA LYS E 43 54.61 -11.33 -50.71
C LYS E 43 54.72 -10.55 -49.40
N LEU E 44 53.67 -9.81 -49.05
CA LEU E 44 53.67 -9.06 -47.80
C LEU E 44 53.69 -9.98 -46.59
N GLU E 45 53.19 -11.20 -46.74
CA GLU E 45 53.23 -12.17 -45.64
C GLU E 45 54.66 -12.57 -45.29
N GLU E 46 55.61 -12.38 -46.20
CA GLU E 46 57.03 -12.52 -45.89
C GLU E 46 57.71 -11.20 -45.60
N LYS E 47 57.26 -10.11 -46.24
CA LYS E 47 57.94 -8.84 -46.09
C LYS E 47 57.54 -8.11 -44.82
N PHE E 48 56.32 -8.32 -44.32
CA PHE E 48 55.93 -7.72 -43.05
C PHE E 48 56.78 -8.21 -41.89
N PRO E 49 56.98 -9.52 -41.68
CA PRO E 49 57.85 -9.94 -40.56
C PRO E 49 59.31 -9.53 -40.73
N GLN E 50 59.76 -9.26 -41.95
CA GLN E 50 61.12 -8.78 -42.14
C GLN E 50 61.24 -7.32 -41.69
N VAL E 51 60.33 -6.46 -42.16
CA VAL E 51 60.41 -5.05 -41.80
C VAL E 51 59.86 -4.76 -40.42
N ALA E 52 58.98 -5.61 -39.88
CA ALA E 52 58.46 -5.37 -38.54
C ALA E 52 59.44 -5.80 -37.47
N ALA E 53 60.30 -6.78 -37.76
CA ALA E 53 61.33 -7.17 -36.80
C ALA E 53 62.33 -6.04 -36.59
N THR E 54 62.60 -5.26 -37.63
CA THR E 54 63.48 -4.10 -37.52
C THR E 54 62.72 -2.83 -37.15
N GLY E 55 61.47 -2.94 -36.71
CA GLY E 55 60.73 -1.79 -36.23
C GLY E 55 60.15 -0.91 -37.30
N ASP E 56 59.80 -1.47 -38.46
CA ASP E 56 59.22 -0.71 -39.57
C ASP E 56 57.98 -1.45 -40.07
N GLY E 57 57.35 -0.88 -41.08
CA GLY E 57 56.21 -1.52 -41.72
C GLY E 57 54.93 -0.72 -41.62
N PRO E 58 53.80 -1.36 -41.89
CA PRO E 58 52.52 -0.66 -41.87
C PRO E 58 51.96 -0.57 -40.46
N ASP E 59 51.00 0.35 -40.30
CA ASP E 59 50.27 0.44 -39.04
C ASP E 59 49.33 -0.75 -38.87
N ILE E 60 48.67 -1.16 -39.96
CA ILE E 60 47.72 -2.27 -39.93
C ILE E 60 48.08 -3.23 -41.05
N ILE E 61 48.09 -4.52 -40.74
CA ILE E 61 48.42 -5.56 -41.70
C ILE E 61 47.21 -6.47 -41.86
N PHE E 62 46.86 -6.77 -43.11
CA PHE E 62 45.72 -7.60 -43.42
C PHE E 62 46.20 -8.92 -44.02
N TRP E 63 45.69 -10.03 -43.49
CA TRP E 63 46.01 -11.38 -43.96
C TRP E 63 45.10 -12.35 -43.24
N ALA E 64 45.14 -13.61 -43.68
CA ALA E 64 44.45 -14.66 -42.96
C ALA E 64 45.15 -14.89 -41.61
N HIS E 65 44.37 -15.41 -40.66
CA HIS E 65 44.84 -15.52 -39.28
C HIS E 65 46.01 -16.49 -39.12
N ASP E 66 46.24 -17.35 -40.11
CA ASP E 66 47.22 -18.42 -39.95
C ASP E 66 48.63 -17.89 -39.73
N ARG E 67 48.92 -16.70 -40.23
CA ARG E 67 50.27 -16.13 -40.10
C ARG E 67 50.45 -15.30 -38.84
N PHE E 68 49.37 -14.84 -38.22
CA PHE E 68 49.49 -13.84 -37.17
C PHE E 68 50.07 -14.43 -35.88
N GLY E 69 49.81 -15.70 -35.60
CA GLY E 69 50.38 -16.32 -34.42
C GLY E 69 51.90 -16.33 -34.45
N GLY E 70 52.47 -16.55 -35.63
CA GLY E 70 53.93 -16.43 -35.76
C GLY E 70 54.41 -15.01 -35.52
N TYR E 71 53.71 -14.02 -36.10
CA TYR E 71 54.04 -12.63 -35.85
C TYR E 71 53.98 -12.32 -34.35
N ALA E 72 52.94 -12.82 -33.68
CA ALA E 72 52.82 -12.58 -32.24
C ALA E 72 53.96 -13.19 -31.46
N GLN E 73 54.35 -14.43 -31.81
CA GLN E 73 55.48 -15.06 -31.13
C GLN E 73 56.76 -14.26 -31.28
N SER E 74 56.92 -13.56 -32.41
CA SER E 74 58.07 -12.70 -32.62
C SER E 74 57.83 -11.27 -32.14
N GLY E 75 56.64 -10.99 -31.62
CA GLY E 75 56.36 -9.68 -31.06
C GLY E 75 56.15 -8.58 -32.09
N LEU E 76 55.58 -8.92 -33.25
CA LEU E 76 55.36 -7.95 -34.31
C LEU E 76 53.95 -7.37 -34.30
N LEU E 77 53.11 -7.76 -33.34
CA LEU E 77 51.71 -7.34 -33.30
C LEU E 77 51.41 -6.68 -31.97
N ALA E 78 50.63 -5.61 -32.02
CA ALA E 78 50.12 -4.99 -30.80
C ALA E 78 48.84 -5.68 -30.35
N GLU E 79 48.68 -5.80 -29.03
CA GLU E 79 47.51 -6.46 -28.48
C GLU E 79 46.29 -5.55 -28.62
N ILE E 80 45.27 -6.03 -29.35
CA ILE E 80 44.06 -5.23 -29.53
C ILE E 80 43.30 -5.16 -28.22
N THR E 81 42.55 -4.06 -28.04
CA THR E 81 41.85 -3.77 -26.79
C THR E 81 40.36 -3.53 -27.03
N PRO E 82 39.61 -4.54 -27.48
CA PRO E 82 38.18 -4.35 -27.65
C PRO E 82 37.41 -4.68 -26.38
N ASP E 83 36.39 -3.87 -26.10
CA ASP E 83 35.54 -4.08 -24.94
C ASP E 83 34.41 -5.04 -25.28
N LYS E 84 33.78 -5.57 -24.23
CA LYS E 84 32.71 -6.56 -24.42
C LYS E 84 31.57 -6.02 -25.26
N ALA E 85 31.36 -4.70 -25.25
CA ALA E 85 30.28 -4.12 -26.04
C ALA E 85 30.45 -4.41 -27.53
N PHE E 86 31.68 -4.29 -28.03
CA PHE E 86 31.94 -4.52 -29.44
C PHE E 86 32.28 -5.98 -29.75
N GLN E 87 32.93 -6.68 -28.82
CA GLN E 87 33.22 -8.09 -29.01
C GLN E 87 31.96 -8.87 -29.34
N ASP E 88 30.84 -8.50 -28.72
CA ASP E 88 29.56 -9.12 -29.01
C ASP E 88 28.95 -8.65 -30.32
N LYS E 89 29.62 -7.75 -31.05
CA LYS E 89 29.16 -7.35 -32.37
C LYS E 89 29.67 -8.25 -33.48
N LEU E 90 30.75 -9.00 -33.22
CA LEU E 90 31.29 -9.96 -34.17
C LEU E 90 31.08 -11.38 -33.65
N TYR E 91 31.03 -12.33 -34.58
CA TYR E 91 30.77 -13.71 -34.21
C TYR E 91 31.91 -14.29 -33.38
N PRO E 92 31.63 -15.26 -32.51
CA PRO E 92 32.70 -15.81 -31.65
C PRO E 92 33.73 -16.62 -32.41
N PHE E 93 33.37 -17.27 -33.52
CA PHE E 93 34.36 -18.03 -34.27
C PHE E 93 35.42 -17.12 -34.87
N THR E 94 35.04 -15.91 -35.27
CA THR E 94 36.02 -14.95 -35.76
C THR E 94 37.00 -14.57 -34.66
N TRP E 95 36.51 -14.39 -33.43
CA TRP E 95 37.39 -14.08 -32.32
C TRP E 95 38.31 -15.26 -31.99
N ASP E 96 37.80 -16.48 -32.14
CA ASP E 96 38.61 -17.65 -31.84
C ASP E 96 39.82 -17.75 -32.76
N ALA E 97 39.71 -17.25 -33.99
CA ALA E 97 40.79 -17.32 -34.95
C ALA E 97 41.87 -16.28 -34.72
N VAL E 98 41.65 -15.32 -33.82
CA VAL E 98 42.60 -14.23 -33.64
C VAL E 98 43.13 -14.18 -32.21
N ARG E 99 42.99 -15.27 -31.46
CA ARG E 99 43.55 -15.39 -30.12
C ARG E 99 44.75 -16.31 -30.14
N TYR E 100 45.79 -15.94 -29.38
CA TYR E 100 47.04 -16.70 -29.38
C TYR E 100 47.65 -16.61 -27.98
N ASN E 101 47.72 -17.75 -27.29
CA ASN E 101 48.23 -17.83 -25.94
C ASN E 101 47.49 -16.89 -24.99
N GLY E 102 46.19 -16.69 -25.24
CA GLY E 102 45.36 -15.90 -24.37
C GLY E 102 45.26 -14.42 -24.70
N LYS E 103 46.06 -13.94 -25.66
CA LYS E 103 46.08 -12.53 -26.02
C LYS E 103 45.53 -12.38 -27.44
N LEU E 104 44.50 -11.55 -27.58
CA LEU E 104 44.00 -11.21 -28.91
C LEU E 104 45.03 -10.37 -29.66
N ILE E 105 45.26 -10.70 -30.93
CA ILE E 105 46.32 -10.08 -31.70
C ILE E 105 45.83 -9.34 -32.94
N ALA E 106 44.55 -9.48 -33.31
CA ALA E 106 44.06 -8.82 -34.51
C ALA E 106 42.54 -8.83 -34.51
N TYR E 107 41.98 -7.87 -35.26
CA TYR E 107 40.54 -7.77 -35.42
C TYR E 107 40.11 -8.64 -36.59
N PRO E 108 39.26 -9.65 -36.38
CA PRO E 108 38.81 -10.49 -37.50
C PRO E 108 37.83 -9.75 -38.39
N ILE E 109 37.95 -9.98 -39.69
CA ILE E 109 37.17 -9.26 -40.70
C ILE E 109 36.15 -10.15 -41.39
N ALA E 110 36.60 -11.28 -41.96
CA ALA E 110 35.70 -12.13 -42.73
C ALA E 110 36.26 -13.54 -42.80
N VAL E 111 35.34 -14.49 -43.00
CA VAL E 111 35.68 -15.91 -43.09
C VAL E 111 35.71 -16.31 -44.56
N GLU E 112 36.83 -16.88 -44.99
CA GLU E 112 37.04 -17.29 -46.37
C GLU E 112 37.09 -18.80 -46.49
N ALA E 113 36.58 -19.31 -47.61
CA ALA E 113 36.77 -20.69 -48.02
C ALA E 113 36.59 -20.75 -49.53
N LEU E 114 37.42 -21.55 -50.19
CA LEU E 114 37.33 -21.65 -51.64
C LEU E 114 36.29 -22.68 -52.04
N SER E 115 35.61 -22.40 -53.16
CA SER E 115 34.50 -23.20 -53.62
C SER E 115 34.74 -23.60 -55.08
N LEU E 116 33.86 -24.45 -55.58
CA LEU E 116 33.87 -24.84 -56.97
C LEU E 116 33.15 -23.77 -57.79
N ILE E 117 33.86 -23.19 -58.76
CA ILE E 117 33.29 -22.17 -59.64
C ILE E 117 33.21 -22.76 -61.04
N TYR E 118 31.99 -22.82 -61.59
CA TYR E 118 31.76 -23.51 -62.85
C TYR E 118 30.98 -22.63 -63.83
N ASN E 119 31.30 -22.77 -65.11
CA ASN E 119 30.65 -22.04 -66.19
C ASN E 119 29.38 -22.78 -66.58
N LYS E 120 28.21 -22.18 -66.30
CA LYS E 120 26.95 -22.86 -66.56
C LYS E 120 26.69 -23.08 -68.05
N ASP E 121 27.32 -22.30 -68.92
CA ASP E 121 27.02 -22.38 -70.34
C ASP E 121 27.74 -23.52 -71.05
N LEU E 122 28.84 -24.01 -70.50
CA LEU E 122 29.55 -25.12 -71.11
C LEU E 122 29.36 -26.43 -70.36
N LEU E 123 28.78 -26.38 -69.17
CA LEU E 123 28.24 -27.57 -68.51
C LEU E 123 27.20 -27.12 -67.49
N PRO E 124 25.93 -27.46 -67.70
CA PRO E 124 24.90 -27.09 -66.73
C PRO E 124 24.77 -28.05 -65.55
N ASN E 125 25.61 -29.08 -65.48
CA ASN E 125 25.50 -30.13 -64.46
C ASN E 125 26.86 -30.37 -63.84
N PRO E 126 27.17 -29.67 -62.75
CA PRO E 126 28.54 -29.72 -62.18
C PRO E 126 28.87 -31.10 -61.64
N PRO E 127 30.13 -31.53 -61.78
CA PRO E 127 30.50 -32.88 -61.33
C PRO E 127 30.62 -32.95 -59.82
N LYS E 128 30.05 -34.00 -59.23
CA LYS E 128 30.08 -34.21 -57.80
C LYS E 128 31.33 -34.96 -57.33
N THR E 129 32.20 -35.39 -58.25
CA THR E 129 33.39 -36.14 -57.90
C THR E 129 34.59 -35.59 -58.64
N TRP E 130 35.78 -35.88 -58.10
CA TRP E 130 37.03 -35.55 -58.78
C TRP E 130 37.35 -36.55 -59.87
N GLU E 131 36.84 -37.77 -59.74
CA GLU E 131 37.23 -38.87 -60.62
C GLU E 131 36.58 -38.77 -62.00
N GLU E 132 35.52 -37.98 -62.16
CA GLU E 132 34.89 -37.77 -63.46
C GLU E 132 35.36 -36.49 -64.14
N ILE E 133 36.26 -35.74 -63.52
CA ILE E 133 36.85 -34.56 -64.14
C ILE E 133 37.72 -34.96 -65.32
N PRO E 134 38.58 -36.00 -65.23
CA PRO E 134 39.31 -36.43 -66.43
C PRO E 134 38.40 -36.86 -67.57
N ALA E 135 37.27 -37.49 -67.26
CA ALA E 135 36.32 -37.85 -68.31
C ALA E 135 35.72 -36.61 -68.96
N LEU E 136 35.26 -35.67 -68.14
CA LEU E 136 34.66 -34.44 -68.67
C LEU E 136 35.66 -33.64 -69.49
N ASP E 137 36.94 -33.72 -69.16
CA ASP E 137 37.95 -32.92 -69.87
C ASP E 137 38.14 -33.40 -71.31
N LYS E 138 38.01 -34.70 -71.56
CA LYS E 138 38.15 -35.19 -72.92
C LYS E 138 37.02 -34.69 -73.82
N GLU E 139 35.81 -34.57 -73.28
CA GLU E 139 34.70 -34.06 -74.07
C GLU E 139 34.90 -32.60 -74.43
N LEU E 140 35.45 -31.80 -73.52
CA LEU E 140 35.58 -30.37 -73.76
C LEU E 140 36.79 -30.01 -74.61
N LYS E 141 37.86 -30.83 -74.56
CA LYS E 141 39.01 -30.53 -75.40
C LYS E 141 38.74 -30.79 -76.87
N ALA E 142 37.70 -31.58 -77.18
CA ALA E 142 37.25 -31.69 -78.57
C ALA E 142 36.64 -30.40 -79.08
N LYS E 143 36.13 -29.55 -78.19
CA LYS E 143 35.61 -28.23 -78.56
C LYS E 143 36.58 -27.10 -78.22
N GLY E 144 37.86 -27.42 -78.02
CA GLY E 144 38.84 -26.40 -77.71
C GLY E 144 38.72 -25.82 -76.32
N LYS E 145 38.30 -26.63 -75.34
CA LYS E 145 38.11 -26.18 -73.97
C LYS E 145 38.87 -27.11 -73.03
N SER E 146 38.85 -26.76 -71.75
CA SER E 146 39.40 -27.62 -70.70
C SER E 146 38.38 -27.73 -69.58
N ALA E 147 38.56 -28.73 -68.73
CA ALA E 147 37.60 -28.96 -67.66
C ALA E 147 37.87 -28.07 -66.45
N LEU E 148 39.12 -28.02 -66.00
CA LEU E 148 39.46 -27.33 -64.76
C LEU E 148 40.81 -26.67 -64.87
N MET E 149 40.91 -25.44 -64.36
CA MET E 149 42.17 -24.70 -64.29
C MET E 149 42.17 -23.87 -63.03
N PHE E 150 43.14 -24.12 -62.14
CA PHE E 150 43.27 -23.33 -60.93
C PHE E 150 44.75 -23.23 -60.56
N ASN E 151 45.05 -22.26 -59.70
CA ASN E 151 46.43 -21.98 -59.30
C ASN E 151 47.05 -23.19 -58.62
N LEU E 152 48.13 -23.69 -59.20
CA LEU E 152 48.89 -24.79 -58.62
C LEU E 152 50.23 -24.32 -58.04
N GLN E 153 50.47 -23.01 -58.01
CA GLN E 153 51.71 -22.48 -57.46
C GLN E 153 51.63 -22.22 -55.97
N GLU E 154 50.43 -22.10 -55.41
CA GLU E 154 50.24 -21.95 -53.98
C GLU E 154 49.50 -23.17 -53.45
N PRO E 155 50.01 -23.83 -52.39
CA PRO E 155 49.37 -25.05 -51.91
C PRO E 155 47.99 -24.84 -51.32
N TYR E 156 47.56 -23.59 -51.16
CA TYR E 156 46.24 -23.28 -50.61
C TYR E 156 45.13 -23.85 -51.48
N PHE E 157 45.34 -23.93 -52.80
CA PHE E 157 44.32 -24.38 -53.73
C PHE E 157 44.27 -25.89 -53.90
N THR E 158 45.35 -26.58 -53.57
CA THR E 158 45.39 -28.03 -53.68
C THR E 158 45.13 -28.75 -52.35
N TRP E 159 45.29 -28.06 -51.23
CA TRP E 159 45.03 -28.69 -49.93
C TRP E 159 43.65 -29.31 -49.78
N PRO E 160 42.56 -28.73 -50.31
CA PRO E 160 41.25 -29.40 -50.19
C PRO E 160 41.26 -30.83 -50.69
N LEU E 161 42.01 -31.11 -51.76
CA LEU E 161 42.09 -32.46 -52.29
C LEU E 161 43.07 -33.33 -51.50
N ILE E 162 44.19 -32.75 -51.07
CA ILE E 162 45.19 -33.49 -50.30
C ILE E 162 44.62 -33.93 -48.96
N ALA E 163 43.77 -33.10 -48.35
CA ALA E 163 43.19 -33.40 -47.05
C ALA E 163 41.95 -34.29 -47.14
N ALA E 164 41.52 -34.66 -48.35
CA ALA E 164 40.27 -35.39 -48.50
C ALA E 164 40.34 -36.78 -47.88
N ASP E 165 41.46 -37.48 -48.05
CA ASP E 165 41.58 -38.87 -47.63
C ASP E 165 42.34 -39.03 -46.32
N GLY E 166 42.53 -37.95 -45.57
CA GLY E 166 43.19 -38.07 -44.27
C GLY E 166 44.41 -37.19 -44.10
N GLY E 167 44.67 -36.32 -45.08
CA GLY E 167 45.77 -35.38 -44.94
C GLY E 167 45.41 -34.23 -44.01
N TYR E 168 46.40 -33.81 -43.23
CA TYR E 168 46.20 -32.72 -42.28
C TYR E 168 47.53 -32.08 -41.99
N ALA E 169 47.48 -30.88 -41.39
CA ALA E 169 48.71 -30.16 -41.04
C ALA E 169 49.24 -30.63 -39.70
N PHE E 170 48.53 -30.30 -38.62
CA PHE E 170 48.91 -30.71 -37.27
C PHE E 170 47.68 -31.27 -36.57
N LYS E 171 47.82 -32.45 -35.96
CA LYS E 171 46.69 -33.11 -35.34
C LYS E 171 46.18 -32.30 -34.15
N TYR E 172 44.88 -32.31 -33.95
CA TYR E 172 44.22 -31.63 -32.84
C TYR E 172 43.55 -32.68 -31.96
N GLU E 173 44.36 -33.47 -31.26
CA GLU E 173 43.85 -34.54 -30.41
C GLU E 173 43.31 -33.99 -29.10
N ASN E 174 44.20 -33.45 -28.27
CA ASN E 174 43.80 -32.83 -27.01
C ASN E 174 43.40 -31.37 -27.29
N GLY E 175 43.36 -30.54 -26.26
CA GLY E 175 43.04 -29.13 -26.45
C GLY E 175 44.22 -28.32 -26.95
N LYS E 176 45.00 -28.89 -27.88
CA LYS E 176 46.17 -28.25 -28.42
C LYS E 176 46.61 -29.00 -29.67
N TYR E 177 47.41 -28.34 -30.49
CA TYR E 177 47.92 -28.95 -31.71
C TYR E 177 49.17 -29.77 -31.41
N ASP E 178 49.24 -30.96 -32.01
CA ASP E 178 50.40 -31.82 -31.86
C ASP E 178 51.47 -31.40 -32.85
N ILE E 179 52.67 -31.12 -32.35
CA ILE E 179 53.76 -30.68 -33.21
C ILE E 179 54.55 -31.86 -33.78
N LYS E 180 54.60 -32.98 -33.07
CA LYS E 180 55.36 -34.13 -33.54
C LYS E 180 54.64 -34.85 -34.68
N ASP E 181 53.31 -34.83 -34.70
CA ASP E 181 52.52 -35.50 -35.71
C ASP E 181 52.16 -34.49 -36.81
N VAL E 182 52.77 -34.65 -37.97
CA VAL E 182 52.42 -33.89 -39.17
C VAL E 182 51.89 -34.86 -40.20
N GLY E 183 50.79 -34.50 -40.86
CA GLY E 183 50.10 -35.43 -41.74
C GLY E 183 50.12 -35.04 -43.20
N VAL E 184 51.31 -34.74 -43.74
CA VAL E 184 51.44 -34.41 -45.15
C VAL E 184 51.96 -35.58 -45.98
N ASP E 185 52.56 -36.59 -45.35
CA ASP E 185 53.08 -37.75 -46.07
C ASP E 185 52.34 -39.03 -45.69
N ASN E 186 51.06 -38.92 -45.31
CA ASN E 186 50.26 -40.09 -45.05
C ASN E 186 49.63 -40.62 -46.34
N ALA E 187 49.11 -41.85 -46.26
CA ALA E 187 48.57 -42.49 -47.45
C ALA E 187 47.42 -41.69 -48.05
N GLY E 188 46.69 -40.94 -47.23
CA GLY E 188 45.63 -40.09 -47.76
C GLY E 188 46.19 -38.95 -48.61
N ALA E 189 47.21 -38.27 -48.09
CA ALA E 189 47.83 -37.19 -48.84
C ALA E 189 48.58 -37.69 -50.06
N LYS E 190 49.11 -38.92 -50.01
CA LYS E 190 49.68 -39.52 -51.20
C LYS E 190 48.63 -39.72 -52.28
N ALA E 191 47.41 -40.11 -51.87
CA ALA E 191 46.35 -40.34 -52.83
C ALA E 191 45.88 -39.04 -53.48
N GLY E 192 45.65 -38.01 -52.67
CA GLY E 192 45.15 -36.75 -53.21
C GLY E 192 46.14 -36.10 -54.15
N LEU E 193 47.41 -36.03 -53.73
CA LEU E 193 48.43 -35.41 -54.58
C LEU E 193 48.72 -36.23 -55.83
N THR E 194 48.60 -37.56 -55.75
CA THR E 194 48.79 -38.39 -56.94
C THR E 194 47.72 -38.10 -57.99
N PHE E 195 46.46 -37.99 -57.56
CA PHE E 195 45.39 -37.69 -58.50
C PHE E 195 45.62 -36.35 -59.18
N LEU E 196 46.17 -35.38 -58.45
CA LEU E 196 46.51 -34.11 -59.07
C LEU E 196 47.60 -34.27 -60.11
N VAL E 197 48.66 -35.01 -59.77
CA VAL E 197 49.76 -35.22 -60.71
C VAL E 197 49.27 -36.01 -61.92
N ASP E 198 48.40 -36.99 -61.69
CA ASP E 198 47.87 -37.76 -62.81
C ASP E 198 47.03 -36.89 -63.74
N LEU E 199 46.33 -35.90 -63.18
CA LEU E 199 45.67 -34.91 -64.02
C LEU E 199 46.69 -34.17 -64.89
N ILE E 200 47.85 -33.87 -64.32
CA ILE E 200 48.87 -33.12 -65.04
C ILE E 200 49.53 -33.98 -66.11
N LYS E 201 49.76 -35.27 -65.80
CA LYS E 201 50.50 -36.09 -66.74
C LYS E 201 49.64 -36.55 -67.91
N ASN E 202 48.35 -36.81 -67.67
CA ASN E 202 47.42 -37.07 -68.77
C ASN E 202 46.98 -35.79 -69.49
N LYS E 203 47.62 -34.66 -69.19
CA LYS E 203 47.42 -33.40 -69.90
C LYS E 203 45.98 -32.89 -69.77
N HIS E 204 45.41 -33.05 -68.58
CA HIS E 204 44.14 -32.40 -68.26
C HIS E 204 44.32 -31.09 -67.51
N MET E 205 45.51 -30.86 -66.95
CA MET E 205 45.88 -29.59 -66.36
C MET E 205 47.37 -29.37 -66.59
N ASN E 206 47.78 -28.10 -66.62
CA ASN E 206 49.16 -27.73 -66.84
C ASN E 206 49.84 -27.44 -65.50
N ALA E 207 51.02 -28.01 -65.30
CA ALA E 207 51.72 -27.88 -64.03
C ALA E 207 52.16 -26.44 -63.75
N ASP E 208 52.25 -25.60 -64.77
CA ASP E 208 52.74 -24.23 -64.62
C ASP E 208 51.61 -23.21 -64.54
N THR E 209 50.35 -23.66 -64.53
CA THR E 209 49.22 -22.74 -64.42
C THR E 209 49.20 -22.07 -63.06
N ASP E 210 49.14 -20.73 -63.04
CA ASP E 210 49.10 -20.02 -61.78
C ASP E 210 47.75 -19.33 -61.60
N TYR E 211 47.73 -18.27 -60.76
CA TYR E 211 46.47 -17.61 -60.43
C TYR E 211 45.97 -16.77 -61.60
N SER E 212 46.86 -16.00 -62.23
CA SER E 212 46.44 -15.08 -63.27
C SER E 212 46.06 -15.83 -64.55
N ILE E 213 46.78 -16.91 -64.86
CA ILE E 213 46.45 -17.68 -66.06
C ILE E 213 45.13 -18.42 -65.87
N ALA E 214 44.86 -18.89 -64.65
CA ALA E 214 43.62 -19.62 -64.39
C ALA E 214 42.42 -18.68 -64.43
N GLU E 215 42.51 -17.54 -63.74
CA GLU E 215 41.40 -16.59 -63.71
C GLU E 215 41.09 -16.06 -65.11
N ALA E 216 42.14 -15.71 -65.86
CA ALA E 216 41.93 -15.22 -67.23
C ALA E 216 41.25 -16.28 -68.09
N ALA E 217 41.63 -17.54 -67.91
CA ALA E 217 41.06 -18.60 -68.73
C ALA E 217 39.59 -18.83 -68.41
N PHE E 218 39.21 -18.69 -67.13
CA PHE E 218 37.81 -18.89 -66.77
C PHE E 218 36.94 -17.69 -67.17
N ASN E 219 37.45 -16.47 -66.94
CA ASN E 219 36.67 -15.28 -67.24
C ASN E 219 36.39 -15.15 -68.73
N LYS E 220 37.26 -15.69 -69.58
CA LYS E 220 37.03 -15.64 -71.02
C LYS E 220 36.10 -16.75 -71.51
N GLY E 221 35.89 -17.79 -70.71
CA GLY E 221 35.05 -18.90 -71.10
C GLY E 221 35.78 -20.10 -71.65
N GLU E 222 37.11 -20.13 -71.55
CA GLU E 222 37.90 -21.24 -72.09
C GLU E 222 37.96 -22.45 -71.16
N THR E 223 37.46 -22.32 -69.92
CA THR E 223 37.48 -23.41 -68.97
C THR E 223 36.10 -23.56 -68.33
N ALA E 224 35.75 -24.80 -68.00
CA ALA E 224 34.46 -25.08 -67.40
C ALA E 224 34.47 -24.94 -65.88
N MET E 225 35.62 -25.10 -65.23
CA MET E 225 35.67 -25.07 -63.78
C MET E 225 36.96 -24.42 -63.31
N THR E 226 36.92 -23.87 -62.08
CA THR E 226 38.09 -23.31 -61.42
C THR E 226 37.82 -23.30 -59.93
N ILE E 227 38.91 -23.20 -59.15
CA ILE E 227 38.86 -23.32 -57.70
C ILE E 227 39.45 -22.05 -57.09
N ASN E 228 38.62 -21.26 -56.41
CA ASN E 228 39.06 -20.08 -55.68
C ASN E 228 37.87 -19.59 -54.85
N GLY E 229 38.09 -18.52 -54.10
CA GLY E 229 37.14 -18.10 -53.09
C GLY E 229 36.37 -16.85 -53.45
N PRO E 230 35.82 -16.17 -52.44
CA PRO E 230 34.86 -15.11 -52.72
C PRO E 230 35.44 -13.90 -53.43
N TRP E 231 36.71 -13.55 -53.17
CA TRP E 231 37.29 -12.34 -53.75
C TRP E 231 37.30 -12.36 -55.27
N ALA E 232 37.11 -13.53 -55.88
CA ALA E 232 37.14 -13.65 -57.33
C ALA E 232 35.79 -13.39 -57.99
N TRP E 233 34.72 -13.23 -57.21
CA TRP E 233 33.40 -13.10 -57.79
C TRP E 233 33.22 -11.81 -58.57
N SER E 234 33.88 -10.73 -58.15
CA SER E 234 33.64 -9.42 -58.75
C SER E 234 34.13 -9.38 -60.20
N ASN E 235 35.34 -9.89 -60.45
CA ASN E 235 35.88 -9.87 -61.81
C ASN E 235 35.13 -10.84 -62.72
N ILE E 236 34.52 -11.88 -62.15
CA ILE E 236 33.68 -12.75 -62.96
C ILE E 236 32.34 -12.07 -63.25
N ASP E 237 31.86 -11.23 -62.32
CA ASP E 237 30.68 -10.41 -62.61
C ASP E 237 30.93 -9.52 -63.82
N THR E 238 32.11 -8.92 -63.90
CA THR E 238 32.41 -8.00 -65.00
C THR E 238 32.54 -8.74 -66.33
N SER E 239 33.09 -9.95 -66.30
CA SER E 239 33.23 -10.74 -67.53
C SER E 239 31.89 -11.27 -68.04
N LYS E 240 30.82 -11.14 -67.26
CA LYS E 240 29.46 -11.52 -67.67
C LYS E 240 29.36 -13.00 -68.02
N VAL E 241 30.14 -13.84 -67.35
CA VAL E 241 30.07 -15.29 -67.54
C VAL E 241 28.99 -15.84 -66.62
N ASN E 242 28.04 -16.59 -67.20
CA ASN E 242 26.98 -17.18 -66.38
C ASN E 242 27.56 -18.26 -65.48
N TYR E 243 27.99 -17.88 -64.28
CA TYR E 243 28.75 -18.75 -63.41
C TYR E 243 27.95 -19.13 -62.17
N GLY E 244 28.40 -20.21 -61.52
CA GLY E 244 27.83 -20.64 -60.27
C GLY E 244 28.92 -21.00 -59.29
N VAL E 245 28.59 -20.86 -58.01
CA VAL E 245 29.48 -21.23 -56.91
C VAL E 245 28.83 -22.38 -56.16
N THR E 246 29.49 -23.53 -56.12
CA THR E 246 28.89 -24.74 -55.58
C THR E 246 29.89 -25.47 -54.69
N VAL E 247 29.48 -26.65 -54.22
CA VAL E 247 30.30 -27.44 -53.33
C VAL E 247 31.48 -28.04 -54.10
N LEU E 248 32.62 -28.16 -53.42
CA LEU E 248 33.79 -28.75 -54.03
C LEU E 248 33.56 -30.22 -54.36
N PRO E 249 34.23 -30.76 -55.38
CA PRO E 249 34.04 -32.17 -55.73
C PRO E 249 34.54 -33.09 -54.62
N THR E 250 33.96 -34.28 -54.57
CA THR E 250 34.36 -35.31 -53.62
C THR E 250 35.53 -36.11 -54.18
N PHE E 251 36.42 -36.55 -53.29
CA PHE E 251 37.56 -37.38 -53.65
C PHE E 251 37.48 -38.69 -52.89
N LYS E 252 37.35 -39.80 -53.63
CA LYS E 252 37.27 -41.13 -53.05
C LYS E 252 36.10 -41.22 -52.05
N GLY E 253 34.95 -40.70 -52.47
CA GLY E 253 33.76 -40.69 -51.64
C GLY E 253 33.77 -39.69 -50.51
N GLN E 254 34.93 -39.05 -50.21
CA GLN E 254 35.05 -38.09 -49.12
C GLN E 254 35.07 -36.66 -49.65
N PRO E 255 34.49 -35.72 -48.93
CA PRO E 255 34.47 -34.33 -49.42
C PRO E 255 35.85 -33.73 -49.46
N SER E 256 36.01 -32.74 -50.33
CA SER E 256 37.23 -31.92 -50.34
C SER E 256 37.17 -30.97 -49.15
N LYS E 257 38.24 -30.93 -48.38
CA LYS E 257 38.25 -30.22 -47.09
C LYS E 257 39.14 -29.00 -47.18
N PRO E 258 38.59 -27.84 -47.52
CA PRO E 258 39.43 -26.65 -47.69
C PRO E 258 39.89 -26.06 -46.37
N PHE E 259 41.10 -25.53 -46.39
CA PHE E 259 41.58 -24.74 -45.26
C PHE E 259 40.70 -23.49 -45.11
N VAL E 260 40.15 -23.31 -43.93
CA VAL E 260 39.29 -22.16 -43.63
C VAL E 260 40.16 -21.03 -43.12
N GLY E 261 40.01 -19.85 -43.73
CA GLY E 261 40.76 -18.68 -43.33
C GLY E 261 39.83 -17.59 -42.82
N VAL E 262 40.33 -16.83 -41.84
CA VAL E 262 39.62 -15.68 -41.31
C VAL E 262 40.52 -14.48 -41.55
N LEU E 263 40.20 -13.68 -42.57
CA LEU E 263 40.96 -12.48 -42.85
C LEU E 263 40.88 -11.54 -41.65
N SER E 264 42.04 -11.06 -41.21
CA SER E 264 42.12 -10.28 -39.98
C SER E 264 43.01 -9.06 -40.21
N ALA E 265 42.93 -8.12 -39.27
CA ALA E 265 43.70 -6.88 -39.32
C ALA E 265 44.46 -6.72 -38.01
N GLY E 266 45.77 -6.91 -38.06
CA GLY E 266 46.63 -6.73 -36.90
C GLY E 266 47.29 -5.37 -36.90
N ILE E 267 47.69 -4.93 -35.72
CA ILE E 267 48.29 -3.61 -35.52
C ILE E 267 49.74 -3.80 -35.12
N ASN E 268 50.65 -3.19 -35.88
CA ASN E 268 52.07 -3.32 -35.63
C ASN E 268 52.42 -2.81 -34.24
N ALA E 269 53.27 -3.57 -33.54
CA ALA E 269 53.69 -3.18 -32.20
C ALA E 269 54.55 -1.92 -32.23
N ALA E 270 55.27 -1.68 -33.31
CA ALA E 270 56.13 -0.51 -33.44
C ALA E 270 55.38 0.71 -33.98
N SER E 271 54.07 0.64 -34.09
CA SER E 271 53.29 1.76 -34.61
C SER E 271 53.00 2.76 -33.51
N PRO E 272 53.22 4.06 -33.75
CA PRO E 272 52.83 5.08 -32.77
C PRO E 272 51.39 5.58 -32.90
N ASN E 273 50.63 5.08 -33.87
CA ASN E 273 49.25 5.49 -34.10
C ASN E 273 48.26 4.37 -33.79
N LYS E 274 48.49 3.68 -32.68
CA LYS E 274 47.72 2.46 -32.38
C LYS E 274 46.24 2.79 -32.14
N GLU E 275 45.95 3.90 -31.47
CA GLU E 275 44.57 4.21 -31.13
C GLU E 275 43.78 4.75 -32.32
N LEU E 276 44.45 5.45 -33.25
CA LEU E 276 43.80 5.79 -34.50
C LEU E 276 43.47 4.53 -35.30
N ALA E 277 44.35 3.53 -35.23
CA ALA E 277 44.10 2.29 -35.95
C ALA E 277 42.90 1.54 -35.37
N LYS E 278 42.75 1.55 -34.05
CA LYS E 278 41.59 0.93 -33.43
C LYS E 278 40.31 1.68 -33.79
N GLU E 279 40.34 3.00 -33.71
CA GLU E 279 39.17 3.80 -34.07
C GLU E 279 38.80 3.60 -35.53
N PHE E 280 39.79 3.33 -36.40
CA PHE E 280 39.48 3.07 -37.79
C PHE E 280 38.91 1.67 -37.98
N LEU E 281 39.45 0.68 -37.28
CA LEU E 281 38.99 -0.70 -37.44
C LEU E 281 37.66 -0.95 -36.73
N GLU E 282 37.44 -0.33 -35.57
CA GLU E 282 36.23 -0.59 -34.80
C GLU E 282 35.05 0.27 -35.23
N ASN E 283 35.28 1.56 -35.47
CA ASN E 283 34.20 2.50 -35.72
C ASN E 283 34.07 2.89 -37.19
N TYR E 284 34.82 2.26 -38.08
CA TYR E 284 34.74 2.61 -39.50
C TYR E 284 34.75 1.38 -40.39
N LEU E 285 35.80 0.55 -40.28
CA LEU E 285 35.87 -0.64 -41.12
C LEU E 285 34.81 -1.66 -40.71
N LEU E 286 34.83 -2.09 -39.45
CA LEU E 286 33.90 -3.10 -38.97
C LEU E 286 32.57 -2.46 -38.57
N THR E 287 31.99 -1.73 -39.52
CA THR E 287 30.60 -1.28 -39.47
C THR E 287 29.89 -1.71 -40.73
N ASP E 288 28.58 -1.50 -40.77
CA ASP E 288 27.78 -1.93 -41.91
C ASP E 288 28.18 -1.17 -43.17
N GLU E 289 28.40 0.13 -43.07
CA GLU E 289 28.80 0.90 -44.25
C GLU E 289 30.24 0.59 -44.64
N GLY E 290 31.10 0.37 -43.65
CA GLY E 290 32.51 0.10 -43.97
C GLY E 290 32.70 -1.20 -44.72
N LEU E 291 32.08 -2.28 -44.24
CA LEU E 291 32.25 -3.58 -44.89
C LEU E 291 31.55 -3.64 -46.24
N GLU E 292 30.44 -2.91 -46.39
CA GLU E 292 29.80 -2.80 -47.71
C GLU E 292 30.75 -2.19 -48.73
N ALA E 293 31.47 -1.14 -48.34
CA ALA E 293 32.38 -0.47 -49.26
C ALA E 293 33.48 -1.41 -49.74
N VAL E 294 33.98 -2.27 -48.86
CA VAL E 294 35.02 -3.22 -49.25
C VAL E 294 34.42 -4.39 -50.01
N ASN E 295 33.26 -4.90 -49.56
CA ASN E 295 32.66 -6.08 -50.18
C ASN E 295 32.26 -5.80 -51.62
N LYS E 296 31.78 -4.59 -51.91
CA LYS E 296 31.42 -4.24 -53.28
C LYS E 296 32.62 -4.27 -54.20
N ASP E 297 33.82 -3.95 -53.67
CA ASP E 297 35.05 -3.99 -54.45
C ASP E 297 35.42 -5.43 -54.77
N LYS E 298 35.79 -6.20 -53.76
CA LYS E 298 36.00 -7.63 -53.88
C LYS E 298 35.26 -8.30 -52.73
N PRO E 299 34.39 -9.28 -52.99
CA PRO E 299 33.61 -9.88 -51.91
C PRO E 299 34.52 -10.53 -50.88
N LEU E 300 34.12 -10.44 -49.61
CA LEU E 300 34.89 -10.99 -48.50
C LEU E 300 34.41 -12.36 -48.07
N GLY E 301 33.13 -12.67 -48.29
CA GLY E 301 32.56 -13.93 -47.85
C GLY E 301 31.63 -13.75 -46.67
N ALA E 302 31.77 -14.59 -45.65
CA ALA E 302 30.97 -14.48 -44.43
C ALA E 302 31.60 -13.42 -43.54
N VAL E 303 31.01 -12.22 -43.54
CA VAL E 303 31.57 -11.11 -42.78
C VAL E 303 31.51 -11.41 -41.29
N ALA E 304 32.45 -10.84 -40.54
CA ALA E 304 32.48 -11.06 -39.09
C ALA E 304 31.43 -10.25 -38.35
N LEU E 305 30.99 -9.13 -38.92
CA LEU E 305 29.95 -8.31 -38.30
C LEU E 305 28.61 -9.04 -38.41
N LYS E 306 27.97 -9.29 -37.26
CA LYS E 306 26.73 -10.06 -37.25
C LYS E 306 25.63 -9.33 -38.03
N SER E 307 25.56 -8.01 -37.91
CA SER E 307 24.50 -7.26 -38.58
C SER E 307 24.65 -7.36 -40.10
N TYR E 308 25.89 -7.32 -40.61
CA TYR E 308 26.08 -7.38 -42.05
C TYR E 308 26.00 -8.81 -42.59
N GLU E 309 26.39 -9.81 -41.80
CA GLU E 309 26.18 -11.19 -42.22
C GLU E 309 24.71 -11.54 -42.27
N GLU E 310 23.90 -10.93 -41.41
CA GLU E 310 22.46 -11.17 -41.44
C GLU E 310 21.84 -10.64 -42.73
N GLU E 311 22.43 -9.61 -43.32
CA GLU E 311 21.92 -9.08 -44.58
C GLU E 311 22.41 -9.88 -45.77
N LEU E 312 23.65 -10.35 -45.73
CA LEU E 312 24.27 -11.02 -46.86
C LEU E 312 24.12 -12.54 -46.83
N ALA E 313 23.45 -13.09 -45.81
CA ALA E 313 23.33 -14.54 -45.69
C ALA E 313 22.49 -15.15 -46.81
N LYS E 314 21.62 -14.35 -47.45
CA LYS E 314 20.75 -14.84 -48.49
C LYS E 314 21.47 -15.07 -49.81
N ASP E 315 22.72 -14.66 -49.91
CA ASP E 315 23.53 -14.87 -51.11
C ASP E 315 23.79 -16.35 -51.31
N PRO E 316 23.37 -16.96 -52.43
CA PRO E 316 23.67 -18.38 -52.65
C PRO E 316 25.15 -18.67 -52.80
N ARG E 317 25.96 -17.68 -53.11
CA ARG E 317 27.41 -17.90 -53.22
C ARG E 317 28.09 -17.91 -51.87
N ILE E 318 27.59 -17.11 -50.90
CA ILE E 318 28.11 -17.16 -49.55
C ILE E 318 27.70 -18.47 -48.88
N ALA E 319 26.47 -18.93 -49.12
CA ALA E 319 26.02 -20.20 -48.59
C ALA E 319 26.86 -21.34 -49.13
N ALA E 320 27.26 -21.26 -50.40
CA ALA E 320 28.13 -22.29 -50.98
C ALA E 320 29.51 -22.25 -50.33
N THR E 321 30.04 -21.05 -50.08
CA THR E 321 31.30 -20.93 -49.36
C THR E 321 31.16 -21.46 -47.93
N MET E 322 30.00 -21.24 -47.31
CA MET E 322 29.78 -21.74 -45.95
C MET E 322 29.71 -23.27 -45.94
N GLU E 323 29.13 -23.87 -46.98
CA GLU E 323 29.07 -25.33 -47.03
C GLU E 323 30.46 -25.93 -47.22
N ASN E 324 31.28 -25.30 -48.05
CA ASN E 324 32.66 -25.78 -48.19
C ASN E 324 33.46 -25.58 -46.93
N ALA E 325 33.18 -24.52 -46.17
CA ALA E 325 33.88 -24.29 -44.92
C ALA E 325 33.57 -25.39 -43.90
N GLN E 326 32.30 -25.77 -43.80
CA GLN E 326 31.92 -26.81 -42.85
C GLN E 326 32.61 -28.13 -43.17
N LYS E 327 32.76 -28.45 -44.45
CA LYS E 327 33.45 -29.68 -44.85
C LYS E 327 34.95 -29.58 -44.64
N GLY E 328 35.50 -28.37 -44.52
CA GLY E 328 36.90 -28.18 -44.24
C GLY E 328 37.16 -27.93 -42.76
N GLU E 329 38.40 -27.55 -42.46
CA GLU E 329 38.81 -27.30 -41.09
C GLU E 329 39.64 -26.01 -41.01
N ILE E 330 39.58 -25.38 -39.83
CA ILE E 330 40.19 -24.08 -39.63
C ILE E 330 41.71 -24.19 -39.66
N MET E 331 42.35 -23.21 -40.29
CA MET E 331 43.81 -23.16 -40.32
C MET E 331 44.35 -22.82 -38.93
N PRO E 332 45.32 -23.58 -38.42
CA PRO E 332 45.98 -23.16 -37.18
C PRO E 332 46.79 -21.90 -37.39
N ASN E 333 47.03 -21.17 -36.31
CA ASN E 333 47.86 -19.98 -36.35
C ASN E 333 49.14 -20.16 -35.53
N ILE E 334 49.57 -21.39 -35.31
CA ILE E 334 50.82 -21.67 -34.61
C ILE E 334 51.99 -21.14 -35.42
N PRO E 335 53.08 -20.71 -34.78
CA PRO E 335 54.16 -20.04 -35.52
C PRO E 335 54.91 -20.93 -36.51
N GLN E 336 54.74 -22.25 -36.46
CA GLN E 336 55.37 -23.14 -37.43
C GLN E 336 54.52 -23.35 -38.67
N MET E 337 53.51 -22.49 -38.89
CA MET E 337 52.73 -22.59 -40.12
C MET E 337 53.55 -22.15 -41.33
N SER E 338 54.43 -21.15 -41.16
CA SER E 338 55.31 -20.71 -42.24
C SER E 338 56.13 -21.87 -42.79
N ALA E 339 56.80 -22.61 -41.89
CA ALA E 339 57.62 -23.75 -42.33
C ALA E 339 56.76 -24.83 -42.96
N PHE E 340 55.51 -24.98 -42.51
CA PHE E 340 54.61 -25.96 -43.10
C PHE E 340 54.16 -25.51 -44.49
N TRP E 341 53.77 -24.24 -44.62
CA TRP E 341 53.38 -23.71 -45.92
C TRP E 341 54.50 -23.82 -46.93
N TYR E 342 55.72 -23.43 -46.53
CA TYR E 342 56.85 -23.50 -47.43
C TYR E 342 57.15 -24.94 -47.83
N ALA E 343 56.95 -25.89 -46.91
CA ALA E 343 57.21 -27.29 -47.20
C ALA E 343 56.23 -27.83 -48.23
N VAL E 344 54.93 -27.60 -48.03
CA VAL E 344 53.94 -28.08 -48.98
C VAL E 344 53.97 -27.29 -50.28
N ARG E 345 54.44 -26.03 -50.25
CA ARG E 345 54.54 -25.27 -51.48
C ARG E 345 55.52 -25.90 -52.45
N THR E 346 56.72 -26.25 -51.97
CA THR E 346 57.71 -26.86 -52.86
C THR E 346 57.34 -28.30 -53.20
N ALA E 347 56.75 -29.03 -52.25
CA ALA E 347 56.38 -30.41 -52.51
C ALA E 347 55.30 -30.50 -53.58
N VAL E 348 54.33 -29.59 -53.55
CA VAL E 348 53.29 -29.57 -54.58
C VAL E 348 53.89 -29.24 -55.94
N ILE E 349 54.82 -28.27 -55.97
CA ILE E 349 55.40 -27.84 -57.24
C ILE E 349 56.31 -28.92 -57.82
N ASN E 350 57.10 -29.59 -56.97
CA ASN E 350 58.08 -30.54 -57.47
C ASN E 350 57.43 -31.79 -58.04
N ALA E 351 56.37 -32.28 -57.39
CA ALA E 351 55.67 -33.45 -57.89
C ALA E 351 54.79 -33.12 -59.07
N ALA E 352 54.26 -31.89 -59.14
CA ALA E 352 53.47 -31.48 -60.28
C ALA E 352 54.31 -31.40 -61.56
N SER E 353 55.59 -31.03 -61.42
CA SER E 353 56.49 -30.91 -62.55
C SER E 353 57.23 -32.20 -62.87
N GLY E 354 57.21 -33.18 -61.97
CA GLY E 354 57.98 -34.39 -62.16
C GLY E 354 59.40 -34.34 -61.64
N ARG E 355 59.82 -33.22 -61.04
CA ARG E 355 61.14 -33.16 -60.42
C ARG E 355 61.27 -34.17 -59.30
N GLN E 356 60.19 -34.43 -58.58
CA GLN E 356 60.15 -35.43 -57.52
C GLN E 356 58.89 -36.25 -57.69
N THR E 357 58.96 -37.53 -57.30
CA THR E 357 57.73 -38.29 -57.21
C THR E 357 56.87 -37.74 -56.08
N VAL E 358 55.63 -38.21 -55.99
CA VAL E 358 54.74 -37.74 -54.94
C VAL E 358 55.28 -38.14 -53.57
N ASP E 359 55.90 -39.32 -53.48
CA ASP E 359 56.32 -39.85 -52.18
C ASP E 359 57.54 -39.11 -51.63
N GLU E 360 58.52 -38.79 -52.48
CA GLU E 360 59.69 -38.09 -51.98
C GLU E 360 59.43 -36.61 -51.73
N ALA E 361 58.49 -36.01 -52.47
CA ALA E 361 58.12 -34.62 -52.21
C ALA E 361 57.39 -34.49 -50.89
N LEU E 362 56.48 -35.43 -50.59
CA LEU E 362 55.75 -35.37 -49.34
C LEU E 362 56.61 -35.78 -48.15
N LYS E 363 57.62 -36.63 -48.38
CA LYS E 363 58.55 -36.97 -47.30
C LYS E 363 59.44 -35.77 -46.96
N ASP E 364 59.90 -35.04 -47.98
CA ASP E 364 60.68 -33.85 -47.71
C ASP E 364 59.84 -32.75 -47.07
N ALA E 365 58.56 -32.65 -47.44
CA ALA E 365 57.69 -31.67 -46.81
C ALA E 365 57.41 -32.01 -45.35
N GLN E 366 57.42 -33.30 -45.01
CA GLN E 366 57.25 -33.69 -43.61
C GLN E 366 58.49 -33.33 -42.79
N THR E 367 59.68 -33.52 -43.35
CA THR E 367 60.89 -33.10 -42.67
C THR E 367 60.93 -31.58 -42.52
N GLY E 368 60.47 -30.86 -43.53
CA GLY E 368 60.43 -29.41 -43.44
C GLY E 368 59.52 -28.89 -42.35
N SER E 369 58.41 -29.59 -42.09
CA SER E 369 57.49 -29.15 -41.05
C SER E 369 58.09 -29.37 -39.67
N ASP E 370 58.77 -30.50 -39.48
CA ASP E 370 59.37 -30.86 -38.19
C ASP E 370 60.80 -30.37 -38.05
N LEU E 371 61.28 -29.52 -38.95
CA LEU E 371 62.70 -29.17 -38.96
C LEU E 371 63.10 -28.41 -37.71
N TYR E 372 62.35 -27.34 -37.37
CA TYR E 372 62.75 -26.53 -36.22
C TYR E 372 62.60 -27.29 -34.92
N ARG E 373 61.52 -28.04 -34.75
CA ARG E 373 61.27 -28.70 -33.47
C ARG E 373 62.30 -29.78 -33.19
N GLN E 374 62.52 -30.69 -34.15
CA GLN E 374 63.44 -31.79 -33.91
C GLN E 374 64.88 -31.32 -33.86
N SER E 375 65.24 -30.30 -34.65
CA SER E 375 66.58 -29.74 -34.53
C SER E 375 66.77 -29.09 -33.17
N LEU E 376 65.75 -28.41 -32.66
CA LEU E 376 65.84 -27.82 -31.33
C LEU E 376 65.91 -28.88 -30.25
N GLU E 377 65.21 -30.02 -30.45
CA GLU E 377 65.26 -31.09 -29.45
C GLU E 377 66.66 -31.69 -29.36
N ILE E 378 67.28 -31.98 -30.50
CA ILE E 378 68.57 -32.65 -30.51
C ILE E 378 69.66 -31.75 -29.94
N ILE E 379 69.67 -30.48 -30.36
CA ILE E 379 70.73 -29.58 -29.92
C ILE E 379 70.55 -29.19 -28.45
N SER E 380 69.30 -28.99 -28.02
CA SER E 380 69.08 -28.61 -26.62
C SER E 380 69.35 -29.77 -25.68
N ARG E 381 69.00 -30.99 -26.08
CA ARG E 381 69.28 -32.15 -25.24
C ARG E 381 70.78 -32.38 -25.11
N TYR E 382 71.54 -32.13 -26.19
CA TYR E 382 72.99 -32.33 -26.14
C TYR E 382 73.67 -31.27 -25.30
N LEU E 383 73.24 -30.00 -25.43
CA LEU E 383 73.86 -28.93 -24.67
C LEU E 383 73.59 -29.07 -23.18
N ARG E 384 72.37 -29.45 -22.81
CA ARG E 384 72.02 -29.59 -21.40
C ARG E 384 72.76 -30.77 -20.78
N GLU E 385 72.80 -31.91 -21.47
CA GLU E 385 73.38 -33.11 -20.88
C GLU E 385 74.90 -33.01 -20.78
N GLN E 386 75.54 -32.23 -21.63
CA GLN E 386 76.99 -32.04 -21.50
C GLN E 386 77.34 -31.00 -20.45
N ALA E 387 76.36 -30.23 -19.98
CA ALA E 387 76.59 -29.38 -18.81
C ALA E 387 76.48 -30.18 -17.53
N THR E 388 75.54 -31.14 -17.47
CA THR E 388 75.34 -31.95 -16.28
C THR E 388 76.15 -33.24 -16.33
N GLY E 389 76.01 -34.01 -17.40
CA GLY E 389 76.73 -35.26 -17.54
C GLY E 389 75.81 -36.46 -17.51
N GLY E 400 60.59 -40.29 -32.40
CA GLY E 400 61.47 -40.56 -31.26
C GLY E 400 62.78 -41.20 -31.67
N ALA E 401 62.71 -42.15 -32.60
CA ALA E 401 63.89 -42.87 -33.07
C ALA E 401 64.91 -41.93 -33.70
N ALA E 402 64.42 -40.99 -34.51
CA ALA E 402 65.31 -40.07 -35.19
C ALA E 402 66.12 -39.28 -34.18
N GLY E 403 65.51 -38.95 -33.04
CA GLY E 403 66.22 -38.21 -32.02
C GLY E 403 67.19 -39.03 -31.20
N ARG E 404 66.90 -40.32 -31.05
CA ARG E 404 67.76 -41.21 -30.28
C ARG E 404 69.12 -41.41 -30.94
N ARG E 405 69.10 -41.89 -32.17
CA ARG E 405 70.34 -42.13 -32.92
C ARG E 405 71.10 -40.84 -33.16
N ALA E 406 70.38 -39.76 -33.46
CA ALA E 406 71.05 -38.48 -33.70
C ALA E 406 71.77 -37.99 -32.45
N LEU E 407 71.12 -38.10 -31.29
CA LEU E 407 71.75 -37.64 -30.05
C LEU E 407 72.92 -38.54 -29.67
N GLU E 408 72.79 -39.85 -29.86
CA GLU E 408 73.91 -40.75 -29.64
C GLU E 408 75.03 -40.46 -30.62
N THR E 409 74.70 -40.28 -31.89
CA THR E 409 75.71 -39.92 -32.88
C THR E 409 76.33 -38.56 -32.57
N LEU E 410 75.51 -37.60 -32.11
CA LEU E 410 76.02 -36.29 -31.74
C LEU E 410 76.97 -36.39 -30.55
N ARG E 411 76.70 -37.31 -29.62
CA ARG E 411 77.63 -37.54 -28.51
C ARG E 411 78.95 -38.08 -29.02
N ARG E 412 78.91 -39.07 -29.92
CA ARG E 412 80.12 -39.70 -30.42
C ARG E 412 80.91 -38.74 -31.31
N VAL E 413 80.20 -37.92 -32.10
CA VAL E 413 80.88 -37.03 -33.04
C VAL E 413 81.32 -35.75 -32.35
N GLY E 414 80.48 -35.20 -31.46
CA GLY E 414 80.77 -33.92 -30.87
C GLY E 414 81.88 -33.95 -29.83
N ASP E 415 82.04 -35.07 -29.14
CA ASP E 415 83.09 -35.18 -28.14
C ASP E 415 84.47 -35.14 -28.79
N GLY E 416 84.66 -35.87 -29.89
CA GLY E 416 85.95 -35.85 -30.57
C GLY E 416 86.28 -34.51 -31.19
N VAL E 417 85.29 -33.88 -31.82
CA VAL E 417 85.52 -32.59 -32.46
C VAL E 417 85.82 -31.52 -31.42
N GLN E 418 85.20 -31.61 -30.25
CA GLN E 418 85.46 -30.66 -29.17
C GLN E 418 86.92 -30.75 -28.71
N ARG E 419 87.47 -31.96 -28.65
CA ARG E 419 88.86 -32.13 -28.24
C ARG E 419 89.82 -31.80 -29.38
N ASN E 420 89.41 -31.99 -30.63
CA ASN E 420 90.26 -31.62 -31.76
C ASN E 420 90.42 -30.11 -31.83
N HIS E 421 89.31 -29.39 -31.85
CA HIS E 421 89.32 -27.92 -31.77
C HIS E 421 89.28 -27.46 -30.32
N GLU E 422 90.13 -28.07 -29.47
CA GLU E 422 90.16 -27.69 -28.06
C GLU E 422 90.86 -26.35 -27.87
N THR E 423 92.07 -26.22 -28.39
CA THR E 423 92.61 -24.90 -28.64
C THR E 423 91.71 -24.19 -29.64
N ALA E 424 91.66 -22.85 -29.52
CA ALA E 424 90.78 -21.95 -30.26
C ALA E 424 89.38 -21.92 -29.66
N PHE E 425 88.85 -23.05 -29.20
CA PHE E 425 87.59 -23.02 -28.46
C PHE E 425 87.78 -22.37 -27.10
N GLN E 426 88.94 -22.60 -26.46
CA GLN E 426 89.25 -21.94 -25.21
C GLN E 426 89.68 -20.49 -25.44
N GLY E 427 90.43 -20.25 -26.52
CA GLY E 427 90.82 -18.88 -26.83
C GLY E 427 89.64 -18.01 -27.22
N MET E 428 88.70 -18.58 -27.98
CA MET E 428 87.48 -17.85 -28.32
C MET E 428 86.61 -17.60 -27.09
N LEU E 429 86.71 -18.48 -26.10
CA LEU E 429 85.92 -18.38 -24.87
C LEU E 429 86.33 -17.19 -24.00
N ARG E 430 87.42 -16.49 -24.34
CA ARG E 430 87.85 -15.31 -23.60
C ARG E 430 87.47 -14.07 -24.41
N LYS E 431 86.34 -13.45 -24.05
CA LYS E 431 85.95 -12.14 -24.57
C LYS E 431 84.61 -11.69 -24.03
N LEU E 432 83.59 -12.54 -24.16
CA LEU E 432 82.21 -12.09 -24.08
C LEU E 432 81.86 -11.50 -22.72
N ASP E 433 82.29 -12.16 -21.64
CA ASP E 433 81.85 -11.79 -20.29
C ASP E 433 80.33 -11.73 -20.25
N ILE E 434 79.71 -12.81 -20.77
CA ILE E 434 78.27 -12.88 -21.02
C ILE E 434 77.50 -12.39 -19.80
N LYS E 435 77.03 -11.14 -19.88
CA LYS E 435 76.41 -10.49 -18.72
C LYS E 435 74.92 -10.74 -18.62
N ASN E 436 74.23 -10.89 -19.76
CA ASN E 436 72.77 -10.93 -19.79
C ASN E 436 72.33 -12.01 -20.77
N GLU E 437 71.01 -12.16 -20.91
CA GLU E 437 70.49 -13.05 -21.94
C GLU E 437 70.57 -12.40 -23.31
N GLY E 438 70.52 -11.07 -23.38
CA GLY E 438 70.66 -10.38 -24.65
C GLY E 438 72.00 -10.62 -25.31
N ASP E 439 73.06 -10.77 -24.53
CA ASP E 439 74.37 -11.09 -25.09
C ASP E 439 74.35 -12.45 -25.79
N VAL E 440 73.68 -13.43 -25.17
CA VAL E 440 73.54 -14.75 -25.80
C VAL E 440 72.77 -14.63 -27.10
N LYS E 441 71.63 -13.94 -27.06
CA LYS E 441 70.84 -13.74 -28.27
C LYS E 441 71.58 -12.87 -29.29
N SER E 442 72.52 -12.04 -28.83
CA SER E 442 73.27 -11.20 -29.75
C SER E 442 74.23 -11.99 -30.63
N PHE E 443 74.55 -13.24 -30.25
CA PHE E 443 75.37 -14.07 -31.10
C PHE E 443 74.69 -14.40 -32.43
N SER E 444 73.40 -14.14 -32.56
CA SER E 444 72.69 -14.45 -33.80
C SER E 444 73.27 -13.71 -34.98
N ARG E 445 73.57 -12.41 -34.82
CA ARG E 445 74.10 -11.63 -35.93
C ARG E 445 75.39 -12.22 -36.47
N VAL E 446 76.30 -12.61 -35.57
CA VAL E 446 77.56 -13.21 -36.01
C VAL E 446 77.31 -14.54 -36.71
N MET E 447 76.53 -15.41 -36.07
CA MET E 447 76.36 -16.77 -36.60
C MET E 447 75.64 -16.77 -37.93
N VAL E 448 74.67 -15.87 -38.11
CA VAL E 448 73.96 -15.79 -39.38
C VAL E 448 74.90 -15.38 -40.50
N HIS E 449 75.83 -14.47 -40.22
CA HIS E 449 76.72 -13.97 -41.26
C HIS E 449 77.83 -14.95 -41.59
N VAL E 450 78.38 -15.63 -40.58
CA VAL E 450 79.48 -16.56 -40.85
C VAL E 450 78.95 -17.83 -41.53
N PHE E 451 77.69 -18.19 -41.29
CA PHE E 451 77.16 -19.45 -41.78
C PHE E 451 76.33 -19.30 -43.05
N LYS E 452 75.91 -18.08 -43.39
CA LYS E 452 75.20 -17.88 -44.66
C LYS E 452 76.07 -18.29 -45.83
N ASP E 453 77.27 -17.75 -45.91
CA ASP E 453 78.18 -18.03 -47.01
C ASP E 453 79.12 -19.18 -46.64
N GLY E 454 79.60 -19.86 -47.67
CA GLY E 454 80.69 -20.81 -47.53
C GLY E 454 80.24 -22.25 -47.60
N VAL E 455 81.18 -23.13 -47.27
CA VAL E 455 80.99 -24.57 -47.41
C VAL E 455 79.94 -25.06 -46.43
N THR E 456 79.08 -25.95 -46.90
CA THR E 456 78.05 -26.56 -46.08
C THR E 456 78.25 -28.07 -46.05
N ASN E 457 78.44 -28.63 -44.86
CA ASN E 457 78.57 -30.07 -44.69
C ASN E 457 78.21 -30.42 -43.26
N TRP E 458 78.14 -31.73 -42.99
CA TRP E 458 77.80 -32.19 -41.64
C TRP E 458 78.92 -31.90 -40.64
N GLY E 459 80.17 -31.85 -41.10
CA GLY E 459 81.27 -31.61 -40.19
C GLY E 459 81.27 -30.22 -39.62
N ARG E 460 80.93 -29.22 -40.44
CA ARG E 460 80.82 -27.85 -39.96
C ARG E 460 79.61 -27.67 -39.07
N ILE E 461 78.49 -28.30 -39.44
CA ILE E 461 77.28 -28.24 -38.61
C ILE E 461 77.56 -28.81 -37.23
N VAL E 462 78.29 -29.93 -37.17
CA VAL E 462 78.72 -30.46 -35.88
C VAL E 462 79.57 -29.44 -35.14
N THR E 463 80.52 -28.82 -35.84
CA THR E 463 81.38 -27.82 -35.22
C THR E 463 80.56 -26.70 -34.60
N LEU E 464 79.51 -26.25 -35.30
CA LEU E 464 78.67 -25.20 -34.74
C LEU E 464 77.95 -25.68 -33.49
N ILE E 465 77.47 -26.92 -33.50
CA ILE E 465 76.82 -27.48 -32.31
C ILE E 465 77.86 -27.79 -31.24
N SER E 466 79.07 -28.17 -31.65
CA SER E 466 80.10 -28.54 -30.68
C SER E 466 80.56 -27.33 -29.87
N PHE E 467 80.76 -26.19 -30.53
CA PHE E 467 81.16 -25.00 -29.79
C PHE E 467 80.04 -24.50 -28.89
N GLY E 468 78.78 -24.70 -29.29
CA GLY E 468 77.68 -24.37 -28.40
C GLY E 468 77.68 -25.21 -27.14
N ALA E 469 77.99 -26.50 -27.27
CA ALA E 469 78.13 -27.36 -26.10
C ALA E 469 79.34 -26.93 -25.27
N PHE E 470 80.41 -26.49 -25.92
CA PHE E 470 81.57 -26.01 -25.19
C PHE E 470 81.24 -24.76 -24.38
N VAL E 471 80.51 -23.82 -24.99
CA VAL E 471 80.06 -22.64 -24.25
C VAL E 471 79.09 -23.04 -23.15
N ALA E 472 78.21 -24.02 -23.43
CA ALA E 472 77.27 -24.50 -22.43
C ALA E 472 77.99 -25.00 -21.18
N LYS E 473 79.04 -25.80 -21.36
CA LYS E 473 79.85 -26.24 -20.23
C LYS E 473 80.39 -25.05 -19.45
N HIS E 474 80.89 -24.04 -20.16
CA HIS E 474 81.39 -22.83 -19.51
C HIS E 474 80.29 -22.13 -18.73
N LEU E 475 79.06 -22.17 -19.22
CA LEU E 475 77.96 -21.48 -18.54
C LEU E 475 77.66 -22.12 -17.20
N LYS E 476 77.64 -23.46 -17.12
CA LYS E 476 77.40 -24.10 -15.83
C LYS E 476 78.55 -23.89 -14.87
N SER E 477 79.78 -23.77 -15.38
CA SER E 477 80.94 -23.63 -14.51
C SER E 477 81.04 -22.23 -13.91
N VAL E 478 80.57 -21.21 -14.62
CA VAL E 478 80.65 -19.83 -14.16
C VAL E 478 79.32 -19.50 -13.50
N ASN E 479 78.50 -20.53 -13.30
CA ASN E 479 77.20 -20.43 -12.64
C ASN E 479 76.23 -19.60 -13.48
N GLN E 480 76.26 -19.84 -14.78
CA GLN E 480 75.33 -19.23 -15.72
C GLN E 480 74.37 -20.31 -16.21
N GLU E 481 73.66 -20.92 -15.28
CA GLU E 481 72.86 -22.11 -15.58
C GLU E 481 71.74 -21.78 -16.56
N SER E 482 71.01 -20.69 -16.31
CA SER E 482 69.80 -20.41 -17.07
C SER E 482 70.06 -20.00 -18.52
N PHE E 483 71.31 -19.72 -18.89
CA PHE E 483 71.60 -19.23 -20.24
C PHE E 483 71.80 -20.35 -21.26
N ILE E 484 71.81 -21.61 -20.83
CA ILE E 484 72.10 -22.70 -21.76
C ILE E 484 70.91 -22.95 -22.68
N GLU E 485 69.69 -22.91 -22.13
CA GLU E 485 68.51 -23.17 -22.96
C GLU E 485 68.30 -22.09 -24.00
N PRO E 486 68.32 -20.79 -23.68
CA PRO E 486 68.25 -19.78 -24.74
C PRO E 486 69.42 -19.84 -25.71
N LEU E 487 70.58 -20.32 -25.27
CA LEU E 487 71.69 -20.51 -26.20
C LEU E 487 71.35 -21.58 -27.23
N ALA E 488 70.67 -22.64 -26.81
CA ALA E 488 70.26 -23.68 -27.75
C ALA E 488 69.24 -23.15 -28.75
N GLU E 489 68.34 -22.27 -28.29
CA GLU E 489 67.37 -21.65 -29.21
C GLU E 489 68.09 -20.88 -30.31
N THR E 490 69.13 -20.13 -29.94
CA THR E 490 69.87 -19.35 -30.93
C THR E 490 70.60 -20.26 -31.91
N ILE E 491 71.16 -21.36 -31.42
CA ILE E 491 71.87 -22.30 -32.29
C ILE E 491 70.90 -22.91 -33.30
N THR E 492 69.74 -23.37 -32.82
CA THR E 492 68.74 -23.95 -33.70
C THR E 492 68.22 -22.92 -34.70
N ASP E 493 67.97 -21.70 -34.24
CA ASP E 493 67.47 -20.64 -35.11
C ASP E 493 68.45 -20.34 -36.23
N VAL E 494 69.74 -20.29 -35.89
CA VAL E 494 70.75 -20.04 -36.92
C VAL E 494 70.84 -21.22 -37.89
N LEU E 495 70.84 -22.44 -37.35
CA LEU E 495 71.10 -23.62 -38.18
C LEU E 495 70.02 -23.82 -39.24
N VAL E 496 68.74 -23.71 -38.84
CA VAL E 496 67.68 -24.00 -39.80
C VAL E 496 67.43 -22.84 -40.75
N ARG E 497 67.55 -21.59 -40.27
CA ARG E 497 67.31 -20.47 -41.17
C ARG E 497 68.43 -20.28 -42.17
N THR E 498 69.57 -20.94 -41.98
CA THR E 498 70.69 -20.84 -42.91
C THR E 498 70.93 -22.10 -43.72
N LYS E 499 70.41 -23.26 -43.29
CA LYS E 499 70.64 -24.52 -43.98
C LYS E 499 69.36 -25.31 -44.23
N ARG E 500 68.19 -24.67 -44.19
CA ARG E 500 66.92 -25.39 -44.26
C ARG E 500 66.87 -26.30 -45.49
N ASP E 501 67.09 -25.74 -46.67
CA ASP E 501 66.94 -26.52 -47.90
C ASP E 501 68.02 -27.58 -48.05
N TRP E 502 69.21 -27.34 -47.50
CA TRP E 502 70.24 -28.36 -47.52
C TRP E 502 69.89 -29.51 -46.57
N LEU E 503 69.44 -29.17 -45.36
CA LEU E 503 69.11 -30.20 -44.37
C LEU E 503 67.95 -31.07 -44.86
N VAL E 504 67.01 -30.48 -45.59
CA VAL E 504 65.92 -31.28 -46.14
C VAL E 504 66.41 -32.17 -47.26
N LYS E 505 67.29 -31.65 -48.12
CA LYS E 505 67.84 -32.46 -49.20
C LYS E 505 68.66 -33.63 -48.69
N GLN E 506 69.18 -33.54 -47.46
CA GLN E 506 69.88 -34.66 -46.83
C GLN E 506 68.97 -35.46 -45.91
N ARG E 507 67.65 -35.35 -46.10
CA ARG E 507 66.67 -36.09 -45.30
C ARG E 507 66.84 -35.81 -43.80
N GLY E 508 67.14 -34.57 -43.47
CA GLY E 508 67.15 -34.15 -42.08
C GLY E 508 68.25 -34.84 -41.29
N TRP E 509 67.98 -35.04 -40.00
CA TRP E 509 68.94 -35.68 -39.10
C TRP E 509 69.12 -37.16 -39.37
N ASP E 510 68.32 -37.75 -40.27
CA ASP E 510 68.60 -39.11 -40.71
C ASP E 510 69.90 -39.15 -41.49
N GLY E 511 70.09 -38.20 -42.42
CA GLY E 511 71.35 -38.10 -43.12
C GLY E 511 72.53 -37.87 -42.20
N PHE E 512 72.29 -37.20 -41.07
CA PHE E 512 73.34 -37.04 -40.07
C PHE E 512 73.71 -38.37 -39.43
N VAL E 513 72.75 -39.28 -39.28
CA VAL E 513 73.03 -40.57 -38.70
C VAL E 513 73.72 -41.49 -39.72
N GLU E 514 73.27 -41.45 -40.98
CA GLU E 514 73.91 -42.27 -42.00
C GLU E 514 75.31 -41.79 -42.33
N PHE E 515 75.60 -40.51 -42.12
CA PHE E 515 76.92 -39.99 -42.49
C PHE E 515 78.02 -40.53 -41.59
N PHE E 516 77.72 -40.78 -40.33
CA PHE E 516 78.71 -41.25 -39.37
C PHE E 516 78.57 -42.73 -39.06
N HIS E 517 77.37 -43.18 -38.70
CA HIS E 517 77.14 -44.58 -38.37
C HIS E 517 77.32 -45.48 -39.59
N LYS F 2 36.61 26.37 10.30
CA LYS F 2 36.80 24.95 10.53
C LYS F 2 38.15 24.70 11.20
N ILE F 3 38.89 25.77 11.49
CA ILE F 3 40.16 25.71 12.19
C ILE F 3 40.03 26.32 13.58
N GLU F 4 40.63 25.67 14.57
CA GLU F 4 40.57 26.03 15.98
C GLU F 4 41.60 27.10 16.35
N GLU F 5 41.20 28.01 17.22
CA GLU F 5 42.18 28.88 17.88
C GLU F 5 42.76 28.17 19.10
N GLY F 6 44.03 28.48 19.40
CA GLY F 6 44.65 27.97 20.60
C GLY F 6 45.45 26.69 20.47
N LYS F 7 45.59 26.13 19.28
CA LYS F 7 46.33 24.89 19.12
C LYS F 7 46.97 24.86 17.73
N LEU F 8 48.07 24.11 17.62
CA LEU F 8 48.80 23.97 16.37
C LEU F 8 48.68 22.55 15.84
N VAL F 9 48.31 22.42 14.57
CA VAL F 9 48.26 21.15 13.87
C VAL F 9 49.27 21.22 12.72
N ILE F 10 50.22 20.28 12.71
CA ILE F 10 51.30 20.27 11.73
C ILE F 10 51.26 18.97 10.95
N TRP F 11 51.36 19.07 9.64
CA TRP F 11 51.41 17.91 8.75
C TRP F 11 52.81 17.83 8.16
N ILE F 12 53.53 16.75 8.47
CA ILE F 12 54.86 16.47 7.93
C ILE F 12 54.83 15.10 7.31
N ASN F 13 55.71 14.88 6.33
CA ASN F 13 55.71 13.63 5.58
C ASN F 13 56.15 12.46 6.46
N GLY F 14 55.77 11.26 6.02
CA GLY F 14 55.98 10.04 6.79
C GLY F 14 57.42 9.58 6.85
N ASP F 15 58.28 10.02 5.93
CA ASP F 15 59.68 9.65 5.96
C ASP F 15 60.56 10.64 6.72
N LYS F 16 59.96 11.59 7.42
CA LYS F 16 60.71 12.60 8.16
C LYS F 16 60.71 12.25 9.65
N GLY F 17 61.16 13.20 10.47
CA GLY F 17 61.20 13.01 11.91
C GLY F 17 59.99 13.57 12.61
N TYR F 18 58.91 12.81 12.66
CA TYR F 18 57.69 13.30 13.29
C TYR F 18 57.69 13.10 14.80
N ASN F 19 58.42 12.10 15.29
CA ASN F 19 58.56 11.94 16.74
C ASN F 19 59.39 13.06 17.35
N GLY F 20 60.49 13.43 16.68
CA GLY F 20 61.29 14.55 17.15
C GLY F 20 60.56 15.87 17.06
N LEU F 21 59.72 16.03 16.02
CA LEU F 21 58.94 17.26 15.88
C LEU F 21 57.83 17.33 16.90
N ALA F 22 57.30 16.18 17.34
CA ALA F 22 56.35 16.17 18.45
C ALA F 22 57.02 16.55 19.76
N GLU F 23 58.30 16.22 19.92
CA GLU F 23 59.02 16.58 21.14
C GLU F 23 59.28 18.09 21.21
N VAL F 24 59.62 18.71 20.08
CA VAL F 24 59.74 20.16 20.05
C VAL F 24 58.40 20.81 20.39
N GLY F 25 57.31 20.21 19.92
CA GLY F 25 55.99 20.70 20.28
C GLY F 25 55.64 20.43 21.72
N LYS F 26 56.15 19.32 22.28
CA LYS F 26 55.95 19.05 23.70
C LYS F 26 56.68 20.05 24.58
N LYS F 27 57.89 20.46 24.18
CA LYS F 27 58.58 21.53 24.90
C LYS F 27 57.86 22.87 24.70
N PHE F 28 57.26 23.07 23.53
CA PHE F 28 56.45 24.26 23.30
C PHE F 28 55.19 24.26 24.17
N GLU F 29 54.63 23.08 24.44
CA GLU F 29 53.44 22.98 25.27
C GLU F 29 53.76 23.22 26.73
N LYS F 30 54.97 22.85 27.17
CA LYS F 30 55.34 23.06 28.57
C LYS F 30 55.54 24.55 28.86
N ASP F 31 56.08 25.29 27.90
CA ASP F 31 56.36 26.71 28.12
C ASP F 31 55.13 27.58 27.95
N THR F 32 54.27 27.27 26.97
CA THR F 32 53.15 28.13 26.64
C THR F 32 51.79 27.53 26.98
N GLY F 33 51.69 26.22 27.14
CA GLY F 33 50.40 25.59 27.36
C GLY F 33 49.61 25.38 26.10
N ILE F 34 50.29 25.19 24.97
CA ILE F 34 49.64 25.03 23.67
C ILE F 34 49.94 23.64 23.17
N LYS F 35 48.90 22.88 22.86
CA LYS F 35 49.08 21.53 22.34
C LYS F 35 49.56 21.56 20.90
N VAL F 36 50.41 20.61 20.56
CA VAL F 36 50.94 20.46 19.21
C VAL F 36 50.68 19.02 18.80
N THR F 37 49.94 18.84 17.71
CA THR F 37 49.67 17.51 17.17
C THR F 37 50.27 17.46 15.78
N VAL F 38 51.21 16.54 15.60
CA VAL F 38 51.91 16.35 14.33
C VAL F 38 51.42 15.05 13.70
N GLU F 39 50.94 15.14 12.46
CA GLU F 39 50.44 13.98 11.75
C GLU F 39 51.10 13.86 10.38
N HIS F 40 51.12 12.63 9.87
CA HIS F 40 51.72 12.31 8.58
C HIS F 40 50.67 11.62 7.72
N PRO F 41 49.76 12.38 7.12
CA PRO F 41 48.70 11.80 6.30
C PRO F 41 49.25 11.13 5.05
N ASP F 42 48.46 10.22 4.49
CA ASP F 42 48.89 9.52 3.29
C ASP F 42 48.84 10.42 2.06
N LYS F 43 49.89 10.33 1.25
CA LYS F 43 50.07 11.13 0.04
C LYS F 43 49.81 12.61 0.35
N LEU F 44 50.57 13.08 1.33
CA LEU F 44 50.44 14.44 1.85
C LEU F 44 50.68 15.49 0.77
N GLU F 45 51.47 15.16 -0.26
CA GLU F 45 51.69 16.10 -1.35
C GLU F 45 50.37 16.50 -2.00
N GLU F 46 49.45 15.54 -2.16
CA GLU F 46 48.16 15.83 -2.76
C GLU F 46 47.04 16.06 -1.74
N LYS F 47 47.19 15.58 -0.50
CA LYS F 47 46.06 15.71 0.42
C LYS F 47 45.99 17.08 1.09
N PHE F 48 47.07 17.87 1.08
CA PHE F 48 46.95 19.22 1.61
C PHE F 48 46.10 20.12 0.72
N PRO F 49 46.36 20.24 -0.59
CA PRO F 49 45.47 21.07 -1.42
C PRO F 49 44.06 20.53 -1.42
N GLN F 50 43.86 19.29 -0.97
CA GLN F 50 42.52 18.73 -0.86
C GLN F 50 41.70 19.47 0.17
N VAL F 51 42.26 19.67 1.36
CA VAL F 51 41.52 20.20 2.49
C VAL F 51 41.74 21.70 2.68
N ALA F 52 42.92 22.20 2.29
CA ALA F 52 43.18 23.62 2.51
C ALA F 52 42.39 24.51 1.57
N ALA F 53 41.98 23.98 0.41
CA ALA F 53 41.17 24.76 -0.51
C ALA F 53 39.79 25.05 0.06
N THR F 54 39.33 24.19 0.97
CA THR F 54 38.06 24.32 1.66
C THR F 54 38.18 25.16 2.94
N GLY F 55 39.34 25.78 3.16
CA GLY F 55 39.56 26.51 4.39
C GLY F 55 39.76 25.61 5.59
N ASP F 56 40.39 24.46 5.39
CA ASP F 56 40.62 23.47 6.45
C ASP F 56 42.05 22.99 6.36
N GLY F 57 42.43 22.11 7.28
CA GLY F 57 43.73 21.50 7.27
C GLY F 57 44.62 21.91 8.44
N PRO F 58 45.92 21.74 8.27
CA PRO F 58 46.85 22.04 9.36
C PRO F 58 47.21 23.52 9.43
N ASP F 59 47.67 23.93 10.62
CA ASP F 59 48.18 25.28 10.77
C ASP F 59 49.54 25.43 10.08
N ILE F 60 50.40 24.43 10.22
CA ILE F 60 51.71 24.40 9.59
C ILE F 60 51.81 23.13 8.76
N ILE F 61 52.39 23.25 7.57
CA ILE F 61 52.63 22.09 6.71
C ILE F 61 54.10 22.06 6.35
N PHE F 62 54.66 20.85 6.31
CA PHE F 62 56.06 20.64 5.97
C PHE F 62 56.17 19.87 4.67
N TRP F 63 56.92 20.42 3.72
CA TRP F 63 57.19 19.74 2.46
C TRP F 63 58.40 20.40 1.81
N ALA F 64 58.91 19.74 0.77
CA ALA F 64 59.94 20.35 -0.06
C ALA F 64 59.40 21.60 -0.73
N HIS F 65 60.30 22.54 -1.02
CA HIS F 65 59.89 23.86 -1.48
C HIS F 65 59.23 23.85 -2.84
N ASP F 66 59.33 22.76 -3.60
CA ASP F 66 58.88 22.77 -4.98
C ASP F 66 57.36 22.88 -5.12
N ARG F 67 56.63 22.60 -4.09
CA ARG F 67 55.24 22.65 -4.17
C ARG F 67 54.58 23.84 -3.55
N PHE F 68 55.29 24.63 -2.78
CA PHE F 68 54.70 25.76 -2.06
C PHE F 68 54.30 26.88 -3.00
N GLY F 69 54.96 27.00 -4.15
CA GLY F 69 54.54 28.01 -5.10
C GLY F 69 53.16 27.72 -5.66
N GLY F 70 52.87 26.44 -5.91
CA GLY F 70 51.53 26.06 -6.33
C GLY F 70 50.51 26.29 -5.24
N TYR F 71 50.88 26.01 -3.98
CA TYR F 71 49.99 26.33 -2.88
C TYR F 71 49.83 27.84 -2.72
N ALA F 72 50.88 28.60 -2.99
CA ALA F 72 50.76 30.06 -2.88
C ALA F 72 49.96 30.63 -4.04
N GLN F 73 49.97 29.94 -5.19
CA GLN F 73 49.26 30.44 -6.37
C GLN F 73 47.76 30.47 -6.12
N SER F 74 47.20 29.40 -5.56
CA SER F 74 45.80 29.39 -5.16
C SER F 74 45.56 30.10 -3.83
N GLY F 75 46.62 30.62 -3.19
CA GLY F 75 46.47 31.43 -2.00
C GLY F 75 46.20 30.70 -0.71
N LEU F 76 46.97 29.63 -0.46
CA LEU F 76 46.78 28.80 0.71
C LEU F 76 47.90 28.97 1.73
N LEU F 77 48.81 29.92 1.52
CA LEU F 77 49.87 30.17 2.49
C LEU F 77 50.02 31.67 2.69
N ALA F 78 50.07 32.08 3.96
CA ALA F 78 50.23 33.48 4.28
C ALA F 78 51.69 33.87 4.13
N GLU F 79 51.89 35.14 3.81
CA GLU F 79 53.23 35.68 3.69
C GLU F 79 53.97 35.60 5.01
N ILE F 80 55.16 35.07 4.98
CA ILE F 80 55.92 35.11 6.22
C ILE F 80 56.43 36.49 6.52
N THR F 81 56.56 36.71 7.82
CA THR F 81 57.02 37.97 8.39
C THR F 81 58.14 37.67 9.37
N PRO F 82 59.29 37.19 8.89
CA PRO F 82 60.46 37.09 9.78
C PRO F 82 61.14 38.43 9.86
N ASP F 83 61.80 38.66 10.98
CA ASP F 83 62.42 39.95 11.27
C ASP F 83 63.86 40.00 10.76
N LYS F 84 64.44 41.20 10.89
CA LYS F 84 65.79 41.43 10.40
C LYS F 84 66.81 40.55 11.10
N ALA F 85 66.65 40.35 12.41
CA ALA F 85 67.59 39.55 13.18
C ALA F 85 67.43 38.07 12.94
N PHE F 86 66.22 37.62 12.59
CA PHE F 86 65.98 36.20 12.40
C PHE F 86 66.33 35.73 10.99
N GLN F 87 66.14 36.57 9.97
CA GLN F 87 66.46 36.17 8.61
C GLN F 87 67.93 35.82 8.45
N ASP F 88 68.81 36.53 9.16
CA ASP F 88 70.24 36.25 9.09
C ASP F 88 70.66 35.09 9.99
N LYS F 89 69.74 34.54 10.79
CA LYS F 89 70.04 33.29 11.48
C LYS F 89 70.25 32.17 10.47
N LEU F 90 69.53 32.21 9.35
CA LEU F 90 69.60 31.20 8.31
C LEU F 90 70.34 31.74 7.10
N TYR F 91 70.88 30.83 6.31
CA TYR F 91 71.61 31.21 5.10
C TYR F 91 70.67 31.89 4.11
N PRO F 92 71.12 32.97 3.46
CA PRO F 92 70.20 33.75 2.60
C PRO F 92 69.67 32.96 1.42
N PHE F 93 70.45 32.05 0.84
CA PHE F 93 69.99 31.31 -0.33
C PHE F 93 68.84 30.38 0.00
N THR F 94 68.73 29.94 1.26
CA THR F 94 67.59 29.12 1.64
C THR F 94 66.29 29.91 1.55
N TRP F 95 66.36 31.23 1.74
CA TRP F 95 65.18 32.07 1.54
C TRP F 95 64.81 32.15 0.06
N ASP F 96 65.79 32.03 -0.84
CA ASP F 96 65.48 32.07 -2.26
C ASP F 96 64.62 30.89 -2.70
N ALA F 97 64.70 29.78 -1.98
CA ALA F 97 63.89 28.61 -2.29
C ALA F 97 62.45 28.77 -1.84
N VAL F 98 62.18 29.76 -0.99
CA VAL F 98 60.89 29.88 -0.35
C VAL F 98 60.21 31.23 -0.64
N ARG F 99 60.62 31.87 -1.73
CA ARG F 99 60.02 33.12 -2.16
C ARG F 99 59.13 32.87 -3.36
N TYR F 100 57.99 33.57 -3.41
CA TYR F 100 57.07 33.44 -4.54
C TYR F 100 56.62 34.84 -4.90
N ASN F 101 57.05 35.31 -6.07
CA ASN F 101 56.75 36.65 -6.57
C ASN F 101 57.15 37.74 -5.57
N GLY F 102 58.36 37.59 -5.04
CA GLY F 102 58.96 38.54 -4.12
C GLY F 102 58.61 38.40 -2.66
N LYS F 103 57.48 37.76 -2.32
CA LYS F 103 57.04 37.59 -0.95
C LYS F 103 57.29 36.14 -0.51
N LEU F 104 57.97 35.98 0.62
CA LEU F 104 58.27 34.66 1.17
C LEU F 104 57.01 33.96 1.71
N ILE F 105 56.94 32.64 1.51
CA ILE F 105 55.71 31.89 1.71
C ILE F 105 55.86 30.69 2.65
N ALA F 106 57.06 30.35 3.10
CA ALA F 106 57.22 29.23 4.02
C ALA F 106 58.55 29.39 4.77
N TYR F 107 58.72 28.62 5.84
CA TYR F 107 59.95 28.66 6.61
C TYR F 107 60.88 27.56 6.14
N PRO F 108 62.07 27.89 5.62
CA PRO F 108 62.98 26.84 5.17
C PRO F 108 63.71 26.19 6.34
N ILE F 109 63.80 24.85 6.28
CA ILE F 109 64.34 24.05 7.38
C ILE F 109 65.72 23.48 7.04
N ALA F 110 65.82 22.68 5.97
CA ALA F 110 67.07 22.00 5.66
C ALA F 110 67.19 21.73 4.17
N VAL F 111 68.41 21.43 3.73
CA VAL F 111 68.72 21.13 2.34
C VAL F 111 68.93 19.64 2.18
N GLU F 112 68.18 19.03 1.25
CA GLU F 112 68.19 17.60 1.02
C GLU F 112 68.72 17.27 -0.37
N ALA F 113 69.46 16.18 -0.46
CA ALA F 113 69.95 15.66 -1.74
C ALA F 113 70.24 14.17 -1.57
N LEU F 114 70.04 13.43 -2.65
CA LEU F 114 70.25 11.99 -2.61
C LEU F 114 71.73 11.64 -2.70
N SER F 115 72.09 10.52 -2.10
CA SER F 115 73.46 10.03 -2.11
C SER F 115 73.44 8.52 -2.25
N LEU F 116 74.61 7.97 -2.56
CA LEU F 116 74.77 6.53 -2.74
C LEU F 116 75.15 5.92 -1.40
N ILE F 117 74.26 5.11 -0.84
CA ILE F 117 74.51 4.40 0.40
C ILE F 117 74.86 2.96 0.06
N TYR F 118 76.00 2.49 0.58
CA TYR F 118 76.52 1.19 0.22
C TYR F 118 76.93 0.41 1.45
N ASN F 119 76.79 -0.91 1.37
CA ASN F 119 77.14 -1.82 2.45
C ASN F 119 78.65 -2.03 2.45
N LYS F 120 79.31 -1.66 3.55
CA LYS F 120 80.76 -1.80 3.62
C LYS F 120 81.20 -3.26 3.71
N ASP F 121 80.37 -4.12 4.32
CA ASP F 121 80.79 -5.51 4.49
C ASP F 121 80.71 -6.28 3.18
N LEU F 122 79.71 -5.99 2.35
CA LEU F 122 79.58 -6.65 1.06
C LEU F 122 80.27 -5.90 -0.06
N LEU F 123 80.52 -4.61 0.12
CA LEU F 123 81.09 -3.77 -0.93
C LEU F 123 81.95 -2.69 -0.28
N PRO F 124 83.20 -3.00 0.03
CA PRO F 124 84.06 -1.99 0.68
C PRO F 124 84.44 -0.83 -0.23
N ASN F 125 84.47 -1.04 -1.55
CA ASN F 125 84.77 0.02 -2.50
C ASN F 125 83.64 0.13 -3.51
N PRO F 126 82.71 1.08 -3.36
CA PRO F 126 81.57 1.14 -4.26
C PRO F 126 81.98 1.58 -5.63
N PRO F 127 81.23 1.20 -6.68
CA PRO F 127 81.58 1.61 -8.04
C PRO F 127 81.34 3.10 -8.24
N LYS F 128 82.31 3.75 -8.88
CA LYS F 128 82.16 5.17 -9.17
C LYS F 128 81.27 5.43 -10.37
N THR F 129 81.03 4.43 -11.21
CA THR F 129 80.27 4.62 -12.45
C THR F 129 79.07 3.67 -12.48
N TRP F 130 78.02 4.11 -13.18
CA TRP F 130 76.86 3.27 -13.39
C TRP F 130 77.17 2.08 -14.29
N GLU F 131 78.09 2.25 -15.24
CA GLU F 131 78.34 1.24 -16.25
C GLU F 131 78.95 -0.04 -15.67
N GLU F 132 79.61 0.03 -14.53
CA GLU F 132 80.19 -1.15 -13.89
C GLU F 132 79.23 -1.83 -12.91
N ILE F 133 78.05 -1.25 -12.68
CA ILE F 133 77.07 -1.83 -11.76
C ILE F 133 76.55 -3.17 -12.28
N PRO F 134 76.22 -3.30 -13.57
CA PRO F 134 75.86 -4.65 -14.07
C PRO F 134 76.93 -5.69 -13.82
N ALA F 135 78.20 -5.35 -14.05
CA ALA F 135 79.27 -6.29 -13.82
C ALA F 135 79.38 -6.66 -12.35
N LEU F 136 79.21 -5.68 -11.45
CA LEU F 136 79.23 -5.98 -10.02
C LEU F 136 78.03 -6.81 -9.62
N ASP F 137 76.88 -6.60 -10.26
CA ASP F 137 75.71 -7.38 -9.91
C ASP F 137 75.92 -8.86 -10.26
N LYS F 138 76.54 -9.14 -11.41
CA LYS F 138 76.78 -10.52 -11.80
C LYS F 138 77.64 -11.26 -10.77
N GLU F 139 78.52 -10.55 -10.08
CA GLU F 139 79.39 -11.19 -9.10
C GLU F 139 78.62 -11.64 -7.86
N LEU F 140 77.80 -10.74 -7.28
CA LEU F 140 77.08 -11.04 -6.06
C LEU F 140 75.90 -11.98 -6.28
N LYS F 141 75.50 -12.12 -7.55
CA LYS F 141 74.45 -13.06 -7.90
C LYS F 141 75.00 -14.43 -7.52
N ALA F 142 76.27 -14.67 -7.85
CA ALA F 142 76.93 -15.92 -7.52
C ALA F 142 76.91 -16.20 -6.02
N LYS F 143 76.80 -15.16 -5.20
CA LYS F 143 76.66 -15.31 -3.76
C LYS F 143 75.22 -15.14 -3.30
N GLY F 144 74.27 -15.13 -4.23
CA GLY F 144 72.88 -14.94 -3.87
C GLY F 144 72.55 -13.54 -3.37
N LYS F 145 73.20 -12.52 -3.90
CA LYS F 145 72.96 -11.15 -3.51
C LYS F 145 72.69 -10.31 -4.75
N SER F 146 72.29 -9.06 -4.54
CA SER F 146 72.10 -8.12 -5.62
C SER F 146 72.96 -6.89 -5.40
N ALA F 147 73.14 -6.11 -6.47
CA ALA F 147 74.01 -4.93 -6.40
C ALA F 147 73.27 -3.73 -5.83
N LEU F 148 72.22 -3.28 -6.51
CA LEU F 148 71.60 -2.00 -6.21
C LEU F 148 70.09 -2.14 -6.16
N MET F 149 69.48 -1.57 -5.12
CA MET F 149 68.04 -1.54 -4.96
C MET F 149 67.65 -0.19 -4.39
N PHE F 150 66.86 0.56 -5.15
CA PHE F 150 66.33 1.83 -4.68
C PHE F 150 64.94 2.02 -5.28
N ASN F 151 64.21 2.98 -4.73
CA ASN F 151 62.82 3.21 -5.14
C ASN F 151 62.79 3.66 -6.60
N LEU F 152 62.20 2.83 -7.45
CA LEU F 152 62.09 3.14 -8.88
C LEU F 152 60.72 3.67 -9.26
N GLN F 153 59.82 3.86 -8.30
CA GLN F 153 58.49 4.35 -8.59
C GLN F 153 58.37 5.86 -8.52
N GLU F 154 59.35 6.56 -7.95
CA GLU F 154 59.31 8.02 -7.83
C GLU F 154 60.46 8.62 -8.64
N PRO F 155 60.18 9.59 -9.53
CA PRO F 155 61.23 10.15 -10.37
C PRO F 155 62.27 10.93 -9.60
N TYR F 156 61.99 11.25 -8.34
CA TYR F 156 62.98 11.90 -7.49
C TYR F 156 64.26 11.06 -7.40
N PHE F 157 64.12 9.75 -7.36
CA PHE F 157 65.27 8.85 -7.24
C PHE F 157 65.86 8.45 -8.57
N THR F 158 65.05 8.40 -9.63
CA THR F 158 65.51 7.84 -10.91
C THR F 158 66.03 8.88 -11.88
N TRP F 159 65.58 10.12 -11.75
CA TRP F 159 65.96 11.16 -12.71
C TRP F 159 67.45 11.55 -12.66
N PRO F 160 68.13 11.49 -11.49
CA PRO F 160 69.57 11.78 -11.51
C PRO F 160 70.35 10.99 -12.53
N LEU F 161 70.05 9.70 -12.71
CA LEU F 161 70.72 8.92 -13.72
C LEU F 161 70.28 9.32 -15.13
N ILE F 162 68.97 9.54 -15.31
CA ILE F 162 68.45 9.90 -16.62
C ILE F 162 68.99 11.25 -17.08
N ALA F 163 69.19 12.16 -16.13
CA ALA F 163 69.67 13.51 -16.44
C ALA F 163 71.19 13.62 -16.43
N ALA F 164 71.92 12.50 -16.42
CA ALA F 164 73.38 12.60 -16.38
C ALA F 164 73.93 13.15 -17.69
N ASP F 165 73.55 12.54 -18.81
CA ASP F 165 74.09 12.89 -20.12
C ASP F 165 73.32 14.03 -20.78
N GLY F 166 72.44 14.70 -20.05
CA GLY F 166 71.70 15.82 -20.60
C GLY F 166 70.88 16.53 -19.55
N GLY F 167 71.54 16.95 -18.46
CA GLY F 167 70.85 17.45 -17.29
C GLY F 167 70.50 18.91 -17.37
N TYR F 168 69.98 19.40 -16.25
CA TYR F 168 69.42 20.74 -16.10
C TYR F 168 68.13 20.79 -16.90
N ALA F 169 67.05 20.25 -16.31
CA ALA F 169 65.72 20.23 -16.93
C ALA F 169 64.96 21.53 -16.74
N PHE F 170 65.57 22.52 -16.10
CA PHE F 170 64.93 23.78 -15.78
C PHE F 170 65.80 24.90 -16.32
N LYS F 171 65.18 25.89 -16.96
CA LYS F 171 65.88 27.04 -17.48
C LYS F 171 65.65 28.26 -16.60
N TYR F 172 66.57 29.21 -16.71
CA TYR F 172 66.38 30.53 -16.10
C TYR F 172 66.40 31.63 -17.16
N LYS F 176 61.73 34.02 -15.10
CA LYS F 176 62.06 33.38 -13.83
C LYS F 176 62.54 31.94 -14.03
N TYR F 177 62.47 31.15 -12.97
CA TYR F 177 62.96 29.77 -13.01
C TYR F 177 61.86 28.88 -13.57
N ASP F 178 62.09 28.37 -14.77
CA ASP F 178 61.06 27.68 -15.53
C ASP F 178 61.61 26.35 -16.02
N ILE F 179 60.70 25.50 -16.46
CA ILE F 179 61.02 24.21 -17.05
C ILE F 179 61.16 24.39 -18.55
N LYS F 180 62.06 23.63 -19.12
CA LYS F 180 62.35 23.75 -20.49
C LYS F 180 62.11 22.58 -21.36
N ASP F 181 61.92 22.90 -22.61
CA ASP F 181 61.73 21.94 -23.66
C ASP F 181 63.13 21.57 -24.02
N VAL F 182 63.35 20.27 -24.02
CA VAL F 182 64.59 19.63 -24.26
C VAL F 182 65.19 19.25 -22.93
N GLY F 183 64.56 19.52 -21.82
CA GLY F 183 65.13 19.13 -20.56
C GLY F 183 64.76 17.72 -20.15
N VAL F 184 63.65 17.20 -20.67
CA VAL F 184 63.22 15.84 -20.38
C VAL F 184 63.50 14.87 -21.53
N ASP F 185 63.34 15.29 -22.78
CA ASP F 185 63.54 14.39 -23.91
C ASP F 185 64.70 14.92 -24.76
N ASN F 186 65.91 14.46 -24.43
CA ASN F 186 67.09 14.70 -25.24
C ASN F 186 67.78 13.36 -25.42
N ALA F 187 68.77 13.33 -26.30
CA ALA F 187 69.50 12.08 -26.53
C ALA F 187 70.15 11.57 -25.24
N GLY F 188 70.63 12.50 -24.40
CA GLY F 188 71.21 12.10 -23.14
C GLY F 188 70.21 11.44 -22.21
N ALA F 189 68.99 11.99 -22.17
CA ALA F 189 67.94 11.36 -21.37
C ALA F 189 67.53 10.01 -21.95
N LYS F 190 67.50 9.90 -23.27
CA LYS F 190 67.21 8.61 -23.89
C LYS F 190 68.29 7.59 -23.54
N ALA F 191 69.55 8.02 -23.52
CA ALA F 191 70.64 7.11 -23.17
C ALA F 191 70.55 6.68 -21.71
N GLY F 192 70.17 7.59 -20.81
CA GLY F 192 70.06 7.24 -19.41
C GLY F 192 68.87 6.35 -19.10
N LEU F 193 67.72 6.64 -19.71
CA LEU F 193 66.54 5.82 -19.46
C LEU F 193 66.69 4.44 -20.08
N THR F 194 67.31 4.36 -21.26
CA THR F 194 67.60 3.06 -21.86
C THR F 194 68.48 2.22 -20.95
N PHE F 195 69.49 2.84 -20.34
CA PHE F 195 70.35 2.13 -19.42
C PHE F 195 69.58 1.65 -18.20
N LEU F 196 68.62 2.45 -17.73
CA LEU F 196 67.81 2.05 -16.59
C LEU F 196 66.89 0.90 -16.95
N VAL F 197 66.22 0.99 -18.10
CA VAL F 197 65.36 -0.10 -18.56
C VAL F 197 66.18 -1.35 -18.84
N ASP F 198 67.41 -1.19 -19.33
CA ASP F 198 68.27 -2.35 -19.55
C ASP F 198 68.70 -3.00 -18.24
N LEU F 199 68.90 -2.21 -17.18
CA LEU F 199 69.15 -2.80 -15.87
C LEU F 199 67.96 -3.62 -15.41
N ILE F 200 66.75 -3.22 -15.77
CA ILE F 200 65.55 -3.96 -15.42
C ILE F 200 65.39 -5.19 -16.31
N LYS F 201 65.67 -5.03 -17.61
CA LYS F 201 65.56 -6.15 -18.54
C LYS F 201 66.52 -7.28 -18.16
N ASN F 202 67.79 -6.95 -17.94
CA ASN F 202 68.84 -7.90 -17.58
C ASN F 202 68.69 -8.45 -16.16
N LYS F 203 67.55 -8.20 -15.50
CA LYS F 203 67.25 -8.75 -14.18
C LYS F 203 68.24 -8.29 -13.12
N HIS F 204 68.74 -7.06 -13.22
CA HIS F 204 69.57 -6.51 -12.15
C HIS F 204 68.74 -5.83 -11.07
N MET F 205 67.58 -5.27 -11.44
CA MET F 205 66.56 -4.87 -10.49
C MET F 205 65.22 -5.00 -11.20
N ASN F 206 64.14 -4.97 -10.42
CA ASN F 206 62.80 -5.16 -10.96
C ASN F 206 62.01 -3.86 -10.89
N ALA F 207 61.19 -3.62 -11.92
CA ALA F 207 60.48 -2.36 -12.07
C ALA F 207 59.47 -2.10 -10.96
N ASP F 208 59.16 -3.09 -10.13
CA ASP F 208 58.20 -2.90 -9.05
C ASP F 208 58.83 -2.41 -7.75
N THR F 209 60.16 -2.37 -7.67
CA THR F 209 60.82 -1.99 -6.42
C THR F 209 60.43 -0.58 -6.03
N ASP F 210 59.96 -0.41 -4.79
CA ASP F 210 59.62 0.92 -4.32
C ASP F 210 60.48 1.28 -3.12
N TYR F 211 60.01 2.23 -2.31
CA TYR F 211 60.83 2.71 -1.20
C TYR F 211 61.00 1.65 -0.13
N SER F 212 59.91 1.05 0.32
CA SER F 212 59.98 0.12 1.45
C SER F 212 60.74 -1.14 1.09
N ILE F 213 60.55 -1.68 -0.11
CA ILE F 213 61.28 -2.88 -0.48
C ILE F 213 62.77 -2.57 -0.57
N ALA F 214 63.12 -1.42 -1.15
CA ALA F 214 64.52 -1.03 -1.20
C ALA F 214 65.08 -0.75 0.19
N GLU F 215 64.24 -0.19 1.08
CA GLU F 215 64.70 0.10 2.43
C GLU F 215 64.84 -1.17 3.26
N ALA F 216 64.00 -2.17 3.01
CA ALA F 216 64.15 -3.42 3.73
C ALA F 216 65.32 -4.24 3.21
N ALA F 217 65.57 -4.19 1.91
CA ALA F 217 66.63 -5.02 1.33
C ALA F 217 68.02 -4.55 1.76
N PHE F 218 68.25 -3.24 1.80
CA PHE F 218 69.58 -2.77 2.17
C PHE F 218 69.83 -2.90 3.66
N ASN F 219 68.81 -2.66 4.49
CA ASN F 219 69.03 -2.67 5.94
C ASN F 219 69.35 -4.07 6.45
N LYS F 220 68.80 -5.11 5.84
CA LYS F 220 69.07 -6.47 6.26
C LYS F 220 70.34 -7.06 5.63
N GLY F 221 70.87 -6.43 4.59
CA GLY F 221 72.11 -6.87 3.99
C GLY F 221 72.02 -7.77 2.78
N GLU F 222 70.85 -7.87 2.13
CA GLU F 222 70.73 -8.67 0.92
C GLU F 222 71.12 -7.90 -0.35
N THR F 223 71.41 -6.61 -0.23
CA THR F 223 71.83 -5.79 -1.36
C THR F 223 73.04 -4.97 -0.95
N ALA F 224 73.83 -4.57 -1.95
CA ALA F 224 75.06 -3.84 -1.68
C ALA F 224 74.89 -2.34 -1.68
N MET F 225 73.94 -1.81 -2.46
CA MET F 225 73.80 -0.36 -2.59
C MET F 225 72.34 0.03 -2.61
N THR F 226 72.08 1.26 -2.16
CA THR F 226 70.76 1.87 -2.24
C THR F 226 70.93 3.38 -2.40
N ILE F 227 69.86 4.03 -2.84
CA ILE F 227 69.86 5.47 -3.11
C ILE F 227 68.81 6.13 -2.24
N ASN F 228 69.24 7.06 -1.39
CA ASN F 228 68.29 7.83 -0.59
C ASN F 228 68.99 9.02 0.05
N GLY F 229 68.22 9.81 0.78
CA GLY F 229 68.69 11.02 1.40
C GLY F 229 68.95 10.83 2.88
N PRO F 230 69.23 11.94 3.58
CA PRO F 230 69.62 11.85 5.00
C PRO F 230 68.56 11.25 5.90
N TRP F 231 67.29 11.31 5.52
CA TRP F 231 66.23 10.78 6.39
C TRP F 231 66.34 9.28 6.58
N ALA F 232 66.95 8.57 5.63
CA ALA F 232 67.06 7.12 5.72
C ALA F 232 68.20 6.65 6.62
N TRP F 233 69.06 7.57 7.09
CA TRP F 233 70.22 7.15 7.88
C TRP F 233 69.81 6.53 9.22
N SER F 234 68.71 6.99 9.81
CA SER F 234 68.31 6.50 11.13
C SER F 234 67.99 5.01 11.10
N ASN F 235 67.19 4.58 10.11
CA ASN F 235 66.81 3.18 10.04
C ASN F 235 68.01 2.28 9.71
N ILE F 236 68.98 2.80 8.96
CA ILE F 236 70.18 2.04 8.67
C ILE F 236 71.05 1.91 9.93
N ASP F 237 71.04 2.92 10.79
CA ASP F 237 71.84 2.87 12.01
C ASP F 237 71.38 1.75 12.93
N THR F 238 70.07 1.52 13.02
CA THR F 238 69.55 0.46 13.88
C THR F 238 69.89 -0.93 13.35
N SER F 239 69.99 -1.08 12.03
CA SER F 239 70.26 -2.38 11.40
C SER F 239 71.69 -2.85 11.62
N LYS F 240 72.55 -2.04 12.21
CA LYS F 240 73.94 -2.36 12.56
C LYS F 240 74.79 -2.65 11.33
N VAL F 241 74.27 -2.45 10.12
CA VAL F 241 75.08 -2.65 8.94
C VAL F 241 76.04 -1.48 8.80
N ASN F 242 77.34 -1.78 8.72
CA ASN F 242 78.32 -0.72 8.57
C ASN F 242 78.21 -0.16 7.16
N TYR F 243 77.70 1.06 7.05
CA TYR F 243 77.40 1.68 5.77
C TYR F 243 78.29 2.90 5.55
N GLY F 244 78.40 3.27 4.28
CA GLY F 244 79.06 4.51 3.91
C GLY F 244 78.16 5.31 2.99
N VAL F 245 78.31 6.63 3.06
CA VAL F 245 77.56 7.55 2.22
C VAL F 245 78.56 8.29 1.36
N THR F 246 78.42 8.17 0.04
CA THR F 246 79.39 8.71 -0.89
C THR F 246 78.65 9.40 -2.04
N VAL F 247 79.42 9.81 -3.04
CA VAL F 247 78.86 10.51 -4.19
C VAL F 247 78.09 9.53 -5.07
N LEU F 248 77.04 10.01 -5.73
CA LEU F 248 76.29 9.18 -6.64
C LEU F 248 77.20 8.73 -7.79
N PRO F 249 76.99 7.53 -8.32
CA PRO F 249 77.80 7.07 -9.45
C PRO F 249 77.57 7.94 -10.68
N THR F 250 78.61 8.05 -11.50
CA THR F 250 78.53 8.80 -12.73
C THR F 250 78.03 7.90 -13.86
N PHE F 251 77.50 8.53 -14.91
CA PHE F 251 77.02 7.82 -16.09
C PHE F 251 77.59 8.51 -17.32
N LYS F 252 78.30 7.74 -18.14
CA LYS F 252 79.01 8.29 -19.30
C LYS F 252 79.94 9.43 -18.88
N GLY F 253 80.62 9.23 -17.76
CA GLY F 253 81.54 10.22 -17.23
C GLY F 253 80.89 11.45 -16.64
N GLN F 254 79.58 11.60 -16.75
CA GLN F 254 78.90 12.78 -16.24
C GLN F 254 78.30 12.50 -14.87
N PRO F 255 78.34 13.46 -13.96
CA PRO F 255 77.77 13.24 -12.63
C PRO F 255 76.25 13.13 -12.67
N SER F 256 75.72 12.18 -11.90
CA SER F 256 74.28 12.08 -11.72
C SER F 256 73.77 13.26 -10.87
N LYS F 257 72.76 13.96 -11.39
CA LYS F 257 72.31 15.22 -10.81
C LYS F 257 71.07 14.98 -9.94
N PRO F 258 71.21 14.95 -8.62
CA PRO F 258 70.02 14.85 -7.77
C PRO F 258 69.28 16.18 -7.71
N PHE F 259 67.99 16.09 -7.37
CA PHE F 259 67.20 17.30 -7.18
C PHE F 259 67.56 17.91 -5.82
N VAL F 260 67.96 19.17 -5.83
CA VAL F 260 68.27 19.89 -4.60
C VAL F 260 66.97 20.45 -4.05
N GLY F 261 66.56 19.94 -2.89
CA GLY F 261 65.31 20.35 -2.27
C GLY F 261 65.53 20.99 -0.91
N VAL F 262 64.63 21.90 -0.57
CA VAL F 262 64.64 22.59 0.71
C VAL F 262 63.35 22.22 1.44
N LEU F 263 63.47 21.45 2.52
CA LEU F 263 62.33 21.18 3.37
C LEU F 263 61.84 22.48 4.00
N SER F 264 60.57 22.79 3.80
CA SER F 264 60.03 24.07 4.24
C SER F 264 58.76 23.87 5.04
N ALA F 265 58.43 24.88 5.85
CA ALA F 265 57.26 24.88 6.72
C ALA F 265 56.39 26.07 6.36
N GLY F 266 55.23 25.81 5.77
CA GLY F 266 54.29 26.85 5.41
C GLY F 266 53.14 26.93 6.39
N ILE F 267 52.59 28.14 6.52
CA ILE F 267 51.46 28.41 7.42
C ILE F 267 50.22 28.62 6.57
N ASN F 268 49.17 27.84 6.86
CA ASN F 268 47.94 27.89 6.07
C ASN F 268 47.33 29.28 6.09
N ALA F 269 46.93 29.76 4.91
CA ALA F 269 46.24 31.03 4.78
C ALA F 269 44.79 30.96 5.26
N ALA F 270 44.45 29.88 5.96
CA ALA F 270 43.14 29.73 6.59
C ALA F 270 43.24 29.41 8.08
N SER F 271 44.41 29.57 8.69
CA SER F 271 44.61 29.22 10.10
C SER F 271 44.54 30.44 11.00
N PRO F 272 43.85 30.34 12.14
CA PRO F 272 43.77 31.47 13.08
C PRO F 272 44.92 31.57 14.07
N ASN F 273 45.83 30.60 14.08
CA ASN F 273 46.98 30.60 14.99
C ASN F 273 48.28 30.87 14.23
N LYS F 274 48.27 31.86 13.35
CA LYS F 274 49.45 32.15 12.54
C LYS F 274 50.63 32.62 13.39
N GLU F 275 50.36 33.52 14.35
CA GLU F 275 51.45 34.09 15.13
C GLU F 275 51.98 33.13 16.19
N LEU F 276 51.13 32.21 16.66
CA LEU F 276 51.65 31.12 17.48
C LEU F 276 52.47 30.15 16.64
N ALA F 277 52.08 29.96 15.39
CA ALA F 277 52.88 29.15 14.47
C ALA F 277 54.23 29.79 14.19
N LYS F 278 54.25 31.11 13.96
CA LYS F 278 55.50 31.79 13.65
C LYS F 278 56.49 31.69 14.80
N GLU F 279 56.01 31.85 16.03
CA GLU F 279 56.89 31.73 17.18
C GLU F 279 57.20 30.27 17.54
N PHE F 280 56.31 29.31 17.22
CA PHE F 280 56.70 27.91 17.35
C PHE F 280 57.83 27.59 16.38
N LEU F 281 57.71 28.07 15.15
CA LEU F 281 58.69 27.75 14.12
C LEU F 281 59.98 28.54 14.32
N GLU F 282 59.89 29.82 14.69
CA GLU F 282 61.09 30.65 14.75
C GLU F 282 61.85 30.50 16.07
N ASN F 283 61.14 30.30 17.19
CA ASN F 283 61.78 30.31 18.50
C ASN F 283 61.87 28.94 19.15
N TYR F 284 61.24 27.91 18.60
CA TYR F 284 61.29 26.58 19.16
C TYR F 284 61.78 25.55 18.15
N LEU F 285 61.23 25.56 16.93
CA LEU F 285 61.68 24.62 15.91
C LEU F 285 63.03 25.03 15.34
N LEU F 286 63.18 26.29 14.94
CA LEU F 286 64.41 26.76 14.29
C LEU F 286 65.45 27.20 15.31
N THR F 287 65.76 26.33 16.27
CA THR F 287 66.82 26.55 17.24
C THR F 287 67.70 25.31 17.30
N ASP F 288 68.82 25.44 18.02
CA ASP F 288 69.72 24.30 18.19
C ASP F 288 69.01 23.13 18.86
N GLU F 289 68.10 23.42 19.79
CA GLU F 289 67.35 22.35 20.46
C GLU F 289 66.29 21.77 19.55
N GLY F 290 65.57 22.62 18.81
CA GLY F 290 64.53 22.12 17.93
C GLY F 290 65.07 21.27 16.79
N LEU F 291 66.11 21.77 16.12
CA LEU F 291 66.71 21.01 15.03
C LEU F 291 67.37 19.73 15.52
N GLU F 292 67.91 19.74 16.75
CA GLU F 292 68.57 18.54 17.27
C GLU F 292 67.57 17.42 17.54
N ALA F 293 66.38 17.76 18.05
CA ALA F 293 65.39 16.73 18.33
C ALA F 293 64.86 16.10 17.05
N VAL F 294 64.65 16.90 16.01
CA VAL F 294 64.16 16.35 14.75
C VAL F 294 65.25 15.56 14.05
N ASN F 295 66.49 16.05 14.09
CA ASN F 295 67.58 15.37 13.40
C ASN F 295 67.91 14.05 14.09
N LYS F 296 67.86 14.01 15.42
CA LYS F 296 68.12 12.77 16.13
C LYS F 296 67.07 11.70 15.80
N ASP F 297 65.84 12.13 15.56
CA ASP F 297 64.80 11.23 15.07
C ASP F 297 65.13 10.74 13.68
N LYS F 298 65.00 11.63 12.68
CA LYS F 298 65.39 11.34 11.31
C LYS F 298 66.17 12.52 10.77
N PRO F 299 67.38 12.31 10.25
CA PRO F 299 68.22 13.45 9.84
C PRO F 299 67.59 14.27 8.72
N LEU F 300 67.78 15.58 8.81
CA LEU F 300 67.20 16.53 7.87
C LEU F 300 68.11 16.85 6.69
N GLY F 301 69.43 16.72 6.87
CA GLY F 301 70.37 17.14 5.85
C GLY F 301 71.16 18.36 6.29
N ALA F 302 71.28 19.35 5.41
CA ALA F 302 71.97 20.60 5.72
C ALA F 302 70.94 21.60 6.25
N VAL F 303 70.96 21.82 7.56
CA VAL F 303 69.96 22.70 8.17
C VAL F 303 70.20 24.15 7.77
N ALA F 304 69.14 24.94 7.83
CA ALA F 304 69.21 26.36 7.46
C ALA F 304 69.90 27.19 8.52
N LEU F 305 69.77 26.81 9.80
CA LEU F 305 70.36 27.59 10.87
C LEU F 305 71.89 27.47 10.82
N LYS F 306 72.57 28.62 10.75
CA LYS F 306 74.01 28.62 10.56
C LYS F 306 74.72 27.94 11.73
N SER F 307 74.33 28.28 12.95
CA SER F 307 75.05 27.82 14.13
C SER F 307 75.03 26.30 14.24
N TYR F 308 73.90 25.69 13.88
CA TYR F 308 73.81 24.23 13.92
C TYR F 308 74.41 23.60 12.67
N GLU F 309 74.22 24.23 11.50
CA GLU F 309 74.81 23.71 10.28
C GLU F 309 76.34 23.71 10.36
N GLU F 310 76.91 24.74 11.00
CA GLU F 310 78.35 24.76 11.19
C GLU F 310 78.83 23.53 11.95
N GLU F 311 77.97 23.00 12.82
CA GLU F 311 78.29 21.74 13.49
C GLU F 311 77.99 20.55 12.59
N LEU F 312 76.92 20.62 11.81
CA LEU F 312 76.58 19.47 10.98
C LEU F 312 77.47 19.36 9.73
N ALA F 313 78.22 20.42 9.37
CA ALA F 313 79.13 20.33 8.24
C ALA F 313 80.28 19.38 8.49
N LYS F 314 80.59 19.07 9.75
CA LYS F 314 81.69 18.15 10.05
C LYS F 314 81.32 16.69 9.84
N ASP F 315 80.05 16.38 9.56
CA ASP F 315 79.62 15.02 9.29
C ASP F 315 80.02 14.62 7.88
N PRO F 316 80.78 13.53 7.71
CA PRO F 316 81.09 13.08 6.34
C PRO F 316 79.85 12.68 5.56
N ARG F 317 78.80 12.23 6.25
CA ARG F 317 77.55 11.92 5.56
C ARG F 317 76.91 13.18 4.98
N ILE F 318 76.98 14.30 5.71
CA ILE F 318 76.48 15.56 5.19
C ILE F 318 77.38 16.09 4.08
N ALA F 319 78.70 15.90 4.22
CA ALA F 319 79.63 16.35 3.19
C ALA F 319 79.35 15.68 1.86
N ALA F 320 79.13 14.36 1.87
CA ALA F 320 78.77 13.66 0.65
C ALA F 320 77.42 14.13 0.13
N THR F 321 76.48 14.43 1.03
CA THR F 321 75.19 14.94 0.62
C THR F 321 75.33 16.28 -0.10
N MET F 322 76.27 17.13 0.36
CA MET F 322 76.48 18.41 -0.28
C MET F 322 77.31 18.30 -1.56
N GLU F 323 78.19 17.29 -1.64
CA GLU F 323 78.90 17.06 -2.89
C GLU F 323 77.93 16.70 -4.00
N ASN F 324 76.99 15.79 -3.72
CA ASN F 324 75.94 15.49 -4.68
C ASN F 324 75.08 16.71 -4.97
N ALA F 325 74.76 17.48 -3.92
CA ALA F 325 73.93 18.67 -4.10
C ALA F 325 74.61 19.71 -4.96
N GLN F 326 75.93 19.86 -4.84
CA GLN F 326 76.66 20.78 -5.70
C GLN F 326 76.58 20.35 -7.15
N LYS F 327 76.62 19.04 -7.39
CA LYS F 327 76.50 18.49 -8.74
C LYS F 327 75.05 18.32 -9.17
N GLY F 328 74.11 18.80 -8.35
CA GLY F 328 72.69 18.62 -8.58
C GLY F 328 72.04 19.83 -9.23
N GLU F 329 70.72 19.88 -9.10
CA GLU F 329 69.91 20.97 -9.63
C GLU F 329 68.81 21.32 -8.64
N ILE F 330 68.54 22.60 -8.46
CA ILE F 330 67.52 23.05 -7.53
C ILE F 330 66.16 23.00 -8.20
N MET F 331 65.17 22.49 -7.49
CA MET F 331 63.82 22.39 -8.04
C MET F 331 63.18 23.78 -8.08
N PRO F 332 62.40 24.08 -9.12
CA PRO F 332 61.62 25.32 -9.13
C PRO F 332 60.40 25.17 -8.22
N ASN F 333 59.69 26.28 -8.05
CA ASN F 333 58.47 26.28 -7.26
C ASN F 333 57.28 26.86 -8.03
N ILE F 334 57.34 26.85 -9.36
CA ILE F 334 56.23 27.34 -10.19
C ILE F 334 55.01 26.48 -9.92
N PRO F 335 53.79 27.01 -10.06
CA PRO F 335 52.59 26.22 -9.73
C PRO F 335 52.36 25.03 -10.65
N GLN F 336 53.05 24.97 -11.78
CA GLN F 336 52.98 23.85 -12.71
C GLN F 336 54.01 22.76 -12.43
N MET F 337 54.69 22.82 -11.28
CA MET F 337 55.67 21.77 -10.97
C MET F 337 55.01 20.41 -10.77
N SER F 338 53.79 20.38 -10.26
CA SER F 338 53.10 19.11 -10.03
C SER F 338 52.84 18.38 -11.34
N ALA F 339 52.49 19.12 -12.39
CA ALA F 339 52.27 18.49 -13.69
C ALA F 339 53.57 17.93 -14.25
N PHE F 340 54.70 18.57 -13.95
CA PHE F 340 55.99 18.05 -14.36
C PHE F 340 56.28 16.71 -13.68
N TRP F 341 56.03 16.63 -12.37
CA TRP F 341 56.31 15.40 -11.65
C TRP F 341 55.43 14.26 -12.14
N TYR F 342 54.16 14.55 -12.42
CA TYR F 342 53.26 13.52 -12.93
C TYR F 342 53.70 13.07 -14.32
N ALA F 343 54.18 14.01 -15.14
CA ALA F 343 54.66 13.65 -16.47
C ALA F 343 55.87 12.74 -16.38
N VAL F 344 56.82 13.07 -15.49
CA VAL F 344 58.02 12.26 -15.35
C VAL F 344 57.70 10.95 -14.63
N ARG F 345 56.76 11.00 -13.68
CA ARG F 345 56.37 9.79 -12.95
C ARG F 345 55.81 8.74 -13.91
N THR F 346 54.85 9.14 -14.75
CA THR F 346 54.20 8.20 -15.65
C THR F 346 55.18 7.65 -16.70
N ALA F 347 56.11 8.49 -17.15
CA ALA F 347 57.03 8.06 -18.21
C ALA F 347 57.99 7.00 -17.71
N VAL F 348 58.61 7.23 -16.55
CA VAL F 348 59.60 6.29 -16.03
C VAL F 348 58.93 4.97 -15.66
N ILE F 349 57.72 5.03 -15.10
CA ILE F 349 57.03 3.81 -14.71
C ILE F 349 56.64 2.99 -15.93
N ASN F 350 56.02 3.65 -16.92
CA ASN F 350 55.54 2.92 -18.09
C ASN F 350 56.68 2.41 -18.94
N ALA F 351 57.80 3.14 -18.99
CA ALA F 351 58.94 2.67 -19.76
C ALA F 351 59.63 1.50 -19.08
N ALA F 352 59.69 1.51 -17.74
CA ALA F 352 60.30 0.40 -17.00
C ALA F 352 59.47 -0.87 -17.10
N SER F 353 58.16 -0.75 -17.30
CA SER F 353 57.25 -1.89 -17.37
C SER F 353 57.07 -2.46 -18.76
N GLY F 354 57.46 -1.75 -19.81
CA GLY F 354 57.10 -2.15 -21.15
C GLY F 354 55.77 -1.61 -21.62
N ARG F 355 55.15 -0.69 -20.87
CA ARG F 355 53.89 -0.09 -21.29
C ARG F 355 54.09 0.91 -22.42
N GLN F 356 55.26 1.51 -22.54
CA GLN F 356 55.58 2.37 -23.67
C GLN F 356 57.09 2.35 -23.86
N THR F 357 57.53 2.75 -25.06
CA THR F 357 58.93 2.81 -25.40
C THR F 357 59.69 3.76 -24.49
N VAL F 358 61.02 3.70 -24.57
CA VAL F 358 61.85 4.75 -23.98
C VAL F 358 61.61 6.06 -24.71
N ASP F 359 61.38 5.98 -26.03
CA ASP F 359 61.16 7.17 -26.84
C ASP F 359 59.78 7.79 -26.58
N GLU F 360 58.72 6.97 -26.58
CA GLU F 360 57.38 7.50 -26.36
C GLU F 360 57.19 7.99 -24.94
N ALA F 361 57.82 7.34 -23.96
CA ALA F 361 57.72 7.81 -22.58
C ALA F 361 58.31 9.21 -22.45
N LEU F 362 59.49 9.42 -23.03
CA LEU F 362 60.15 10.72 -22.88
C LEU F 362 59.50 11.77 -23.76
N LYS F 363 58.85 11.35 -24.84
CA LYS F 363 58.10 12.30 -25.67
C LYS F 363 56.81 12.74 -24.98
N ASP F 364 56.13 11.82 -24.31
CA ASP F 364 54.93 12.19 -23.57
C ASP F 364 55.25 13.01 -22.33
N ALA F 365 56.32 12.66 -21.62
CA ALA F 365 56.68 13.42 -20.42
C ALA F 365 57.12 14.83 -20.76
N GLN F 366 57.86 14.99 -21.85
CA GLN F 366 58.29 16.32 -22.26
C GLN F 366 57.08 17.19 -22.59
N THR F 367 56.14 16.64 -23.37
CA THR F 367 54.94 17.40 -23.73
C THR F 367 54.12 17.75 -22.49
N GLY F 368 53.93 16.78 -21.59
CA GLY F 368 53.17 17.05 -20.38
C GLY F 368 53.85 18.09 -19.51
N SER F 369 55.18 18.14 -19.55
CA SER F 369 55.91 19.18 -18.84
C SER F 369 55.69 20.53 -19.48
N ASP F 370 55.55 20.58 -20.80
CA ASP F 370 55.44 21.82 -21.54
C ASP F 370 54.01 22.32 -21.69
N LEU F 371 53.00 21.56 -21.27
CA LEU F 371 51.64 21.82 -21.70
C LEU F 371 51.17 23.21 -21.29
N TYR F 372 51.22 23.53 -19.99
CA TYR F 372 50.67 24.81 -19.54
C TYR F 372 51.54 25.98 -19.99
N ARG F 373 52.85 25.90 -19.76
CA ARG F 373 53.72 27.02 -20.08
C ARG F 373 53.71 27.35 -21.57
N GLN F 374 53.88 26.33 -22.42
CA GLN F 374 53.92 26.60 -23.85
C GLN F 374 52.56 27.06 -24.38
N SER F 375 51.47 26.45 -23.91
CA SER F 375 50.15 26.84 -24.40
C SER F 375 49.79 28.25 -23.98
N LEU F 376 50.07 28.60 -22.72
CA LEU F 376 49.81 29.96 -22.26
C LEU F 376 50.60 30.97 -23.08
N GLU F 377 51.84 30.62 -23.43
CA GLU F 377 52.66 31.53 -24.23
C GLU F 377 52.02 31.80 -25.60
N ILE F 378 51.53 30.77 -26.28
CA ILE F 378 50.96 30.98 -27.61
C ILE F 378 49.59 31.63 -27.53
N ILE F 379 48.75 31.20 -26.59
CA ILE F 379 47.40 31.74 -26.51
C ILE F 379 47.44 33.21 -26.08
N SER F 380 48.29 33.56 -25.12
CA SER F 380 48.41 34.95 -24.71
C SER F 380 48.95 35.82 -25.84
N ARG F 381 49.96 35.34 -26.56
CA ARG F 381 50.52 36.13 -27.65
C ARG F 381 49.52 36.28 -28.79
N TYR F 382 48.76 35.23 -29.10
CA TYR F 382 47.79 35.33 -30.19
C TYR F 382 46.67 36.30 -29.84
N LEU F 383 46.13 36.22 -28.62
CA LEU F 383 45.02 37.08 -28.25
C LEU F 383 45.43 38.54 -28.17
N ARG F 384 46.65 38.81 -27.72
CA ARG F 384 47.13 40.19 -27.71
C ARG F 384 47.33 40.72 -29.12
N GLU F 385 47.92 39.92 -30.00
CA GLU F 385 48.10 40.32 -31.39
C GLU F 385 46.76 40.51 -32.10
N GLN F 386 45.71 39.85 -31.65
CA GLN F 386 44.40 39.97 -32.29
C GLN F 386 43.64 41.20 -31.80
N ALA F 387 43.79 41.55 -30.53
CA ALA F 387 43.12 42.74 -30.00
C ALA F 387 43.82 44.02 -30.42
N THR F 388 45.15 43.98 -30.57
CA THR F 388 45.94 45.16 -30.90
C THR F 388 46.07 45.34 -32.40
N GLY F 389 46.18 44.24 -33.14
CA GLY F 389 46.45 44.27 -34.56
C GLY F 389 47.90 44.46 -34.93
N SER F 390 48.81 44.19 -34.00
CA SER F 390 50.24 44.31 -34.24
C SER F 390 50.90 42.99 -33.87
N LYS F 391 52.00 42.68 -34.56
CA LYS F 391 52.74 41.47 -34.26
C LYS F 391 53.61 41.65 -33.02
N ASP F 392 53.81 40.56 -32.29
CA ASP F 392 54.63 40.59 -31.08
C ASP F 392 56.11 40.60 -31.44
N ALA F 402 58.54 25.98 -30.62
CA ALA F 402 57.19 25.43 -30.66
C ALA F 402 56.15 26.54 -30.59
N GLY F 403 56.43 27.55 -29.75
CA GLY F 403 55.50 28.66 -29.63
C GLY F 403 55.45 29.51 -30.89
N ARG F 404 56.61 29.75 -31.52
CA ARG F 404 56.65 30.54 -32.74
C ARG F 404 55.92 29.83 -33.88
N ARG F 405 56.08 28.51 -33.98
CA ARG F 405 55.34 27.75 -35.00
C ARG F 405 53.84 27.88 -34.79
N ALA F 406 53.38 27.77 -33.54
CA ALA F 406 51.95 27.70 -33.31
C ALA F 406 51.27 29.05 -33.52
N LEU F 407 51.98 30.16 -33.35
CA LEU F 407 51.41 31.46 -33.69
C LEU F 407 51.14 31.54 -35.19
N GLU F 408 52.15 31.24 -36.01
CA GLU F 408 51.97 31.21 -37.45
C GLU F 408 50.93 30.18 -37.84
N THR F 409 50.94 29.03 -37.18
CA THR F 409 49.85 28.07 -37.34
C THR F 409 48.53 28.75 -37.04
N LEU F 410 48.44 29.43 -35.88
CA LEU F 410 47.17 29.93 -35.40
C LEU F 410 46.76 31.22 -36.10
N ARG F 411 47.73 31.97 -36.61
CA ARG F 411 47.42 33.14 -37.42
C ARG F 411 46.60 32.75 -38.66
N ARG F 412 47.00 31.66 -39.32
CA ARG F 412 46.26 31.20 -40.49
C ARG F 412 44.88 30.69 -40.11
N VAL F 413 44.81 29.68 -39.24
CA VAL F 413 43.52 29.20 -38.75
C VAL F 413 42.78 30.34 -38.06
N GLY F 414 43.50 31.39 -37.67
CA GLY F 414 42.86 32.57 -37.13
C GLY F 414 41.94 33.29 -38.09
N ASP F 415 42.22 33.22 -39.40
CA ASP F 415 41.34 33.87 -40.39
C ASP F 415 39.96 33.22 -40.41
N GLY F 416 39.91 31.91 -40.60
CA GLY F 416 38.67 31.17 -40.53
C GLY F 416 38.24 30.96 -39.09
N VAL F 417 37.42 29.93 -38.89
CA VAL F 417 36.96 29.52 -37.56
C VAL F 417 36.27 30.67 -36.83
N GLN F 418 37.00 31.75 -36.58
CA GLN F 418 36.44 32.91 -35.88
C GLN F 418 35.52 33.71 -36.78
N ARG F 419 35.89 33.92 -38.05
CA ARG F 419 34.98 34.57 -38.98
C ARG F 419 33.78 33.68 -39.29
N ASN F 420 33.99 32.36 -39.25
CA ASN F 420 32.91 31.42 -39.54
C ASN F 420 31.82 31.47 -38.47
N HIS F 421 32.20 31.70 -37.22
CA HIS F 421 31.28 31.68 -36.09
C HIS F 421 31.00 33.06 -35.53
N GLU F 422 31.00 34.10 -36.38
CA GLU F 422 30.96 35.46 -35.87
C GLU F 422 29.64 35.77 -35.16
N THR F 423 28.50 35.52 -35.81
CA THR F 423 27.23 35.90 -35.21
C THR F 423 26.95 35.08 -33.94
N ALA F 424 27.37 33.80 -33.93
CA ALA F 424 27.28 33.01 -32.72
C ALA F 424 28.19 33.56 -31.63
N PHE F 425 29.42 33.92 -31.99
CA PHE F 425 30.35 34.50 -31.02
C PHE F 425 29.81 35.81 -30.45
N GLN F 426 29.07 36.57 -31.27
CA GLN F 426 28.49 37.82 -30.78
C GLN F 426 27.40 37.55 -29.75
N GLY F 427 26.58 36.52 -29.98
CA GLY F 427 25.52 36.21 -29.02
C GLY F 427 26.05 35.73 -27.70
N MET F 428 27.16 34.97 -27.71
CA MET F 428 27.79 34.57 -26.47
C MET F 428 28.43 35.75 -25.75
N LEU F 429 29.01 36.68 -26.52
CA LEU F 429 29.67 37.84 -25.93
C LEU F 429 28.66 38.77 -25.27
N ARG F 430 27.56 39.06 -25.96
CA ARG F 430 26.50 39.87 -25.34
C ARG F 430 25.95 39.19 -24.10
N LYS F 431 26.02 37.86 -24.05
CA LYS F 431 25.58 37.11 -22.87
C LYS F 431 26.58 37.16 -21.73
N LEU F 432 27.82 37.52 -21.94
CA LEU F 432 28.76 37.62 -20.84
C LEU F 432 28.50 39.04 -20.48
N ASP F 433 28.93 39.54 -19.33
CA ASP F 433 28.62 40.92 -18.98
C ASP F 433 29.81 41.71 -18.88
N ILE F 434 30.69 41.15 -18.08
CA ILE F 434 32.00 41.65 -17.72
C ILE F 434 32.24 43.10 -17.36
N LYS F 435 32.57 43.29 -16.10
CA LYS F 435 32.97 44.59 -15.57
C LYS F 435 34.20 44.59 -14.67
N ASN F 436 34.63 43.44 -14.15
CA ASN F 436 35.84 43.39 -13.34
C ASN F 436 36.65 42.16 -13.70
N GLU F 437 37.77 41.98 -13.01
CA GLU F 437 38.64 40.83 -13.23
C GLU F 437 38.04 39.55 -12.65
N GLY F 438 37.31 39.66 -11.54
CA GLY F 438 36.71 38.49 -10.93
C GLY F 438 35.61 37.89 -11.78
N ASP F 439 34.91 38.73 -12.56
CA ASP F 439 33.92 38.20 -13.50
C ASP F 439 34.58 37.27 -14.50
N VAL F 440 35.80 37.60 -14.93
CA VAL F 440 36.53 36.75 -15.86
C VAL F 440 37.04 35.50 -15.16
N LYS F 441 37.34 35.60 -13.85
CA LYS F 441 37.77 34.42 -13.11
C LYS F 441 36.66 33.38 -13.04
N SER F 442 35.40 33.83 -12.91
CA SER F 442 34.25 32.93 -12.96
C SER F 442 34.08 32.24 -14.31
N PHE F 443 34.77 32.70 -15.36
CA PHE F 443 34.54 32.17 -16.70
C PHE F 443 34.90 30.70 -16.82
N SER F 444 35.63 30.13 -15.86
CA SER F 444 36.08 28.75 -15.95
C SER F 444 34.91 27.80 -16.16
N ARG F 445 33.93 27.84 -15.26
CA ARG F 445 32.83 26.88 -15.31
C ARG F 445 32.04 26.99 -16.61
N VAL F 446 31.85 28.22 -17.11
CA VAL F 446 31.10 28.38 -18.35
C VAL F 446 31.90 27.84 -19.53
N MET F 447 33.22 28.05 -19.52
CA MET F 447 34.05 27.48 -20.59
C MET F 447 34.08 25.96 -20.53
N VAL F 448 34.19 25.40 -19.32
CA VAL F 448 34.30 23.96 -19.15
C VAL F 448 33.03 23.26 -19.64
N HIS F 449 31.86 23.83 -19.33
CA HIS F 449 30.61 23.18 -19.68
C HIS F 449 30.41 23.11 -21.19
N VAL F 450 30.88 24.12 -21.93
CA VAL F 450 30.75 24.10 -23.39
C VAL F 450 31.88 23.34 -24.07
N PHE F 451 33.01 23.10 -23.38
CA PHE F 451 34.19 22.54 -24.02
C PHE F 451 34.57 21.13 -23.57
N LYS F 452 34.11 20.67 -22.40
CA LYS F 452 34.58 19.40 -21.87
C LYS F 452 33.89 18.19 -22.53
N ASP F 453 32.57 18.09 -22.40
CA ASP F 453 31.87 16.90 -22.84
C ASP F 453 31.81 16.83 -24.36
N GLY F 454 31.78 15.61 -24.88
CA GLY F 454 31.68 15.36 -26.30
C GLY F 454 32.95 14.81 -26.91
N VAL F 455 33.00 14.83 -28.25
CA VAL F 455 34.16 14.38 -29.00
C VAL F 455 35.19 15.48 -29.02
N THR F 456 36.46 15.10 -28.82
CA THR F 456 37.57 16.03 -28.77
C THR F 456 38.40 15.96 -30.05
N ASN F 457 38.70 17.13 -30.61
CA ASN F 457 39.53 17.25 -31.80
C ASN F 457 40.16 18.64 -31.78
N TRP F 458 41.13 18.84 -32.68
CA TRP F 458 41.82 20.13 -32.75
C TRP F 458 40.89 21.26 -33.16
N GLY F 459 39.82 20.98 -33.90
CA GLY F 459 38.90 22.03 -34.29
C GLY F 459 38.25 22.73 -33.10
N ARG F 460 37.99 21.98 -32.03
CA ARG F 460 37.45 22.60 -30.82
C ARG F 460 38.49 23.48 -30.14
N ILE F 461 39.74 23.02 -30.10
CA ILE F 461 40.79 23.77 -29.42
C ILE F 461 41.02 25.11 -30.12
N VAL F 462 40.99 25.12 -31.45
CA VAL F 462 41.12 26.39 -32.17
C VAL F 462 39.91 27.27 -31.93
N THR F 463 38.71 26.68 -31.92
CA THR F 463 37.50 27.45 -31.63
C THR F 463 37.53 28.00 -30.22
N LEU F 464 38.11 27.25 -29.28
CA LEU F 464 38.27 27.75 -27.92
C LEU F 464 39.14 29.00 -27.90
N ILE F 465 40.27 28.95 -28.60
CA ILE F 465 41.16 30.11 -28.66
C ILE F 465 40.59 31.18 -29.60
N SER F 466 39.82 30.78 -30.61
CA SER F 466 39.28 31.74 -31.56
C SER F 466 38.25 32.65 -30.91
N PHE F 467 37.34 32.09 -30.10
CA PHE F 467 36.42 32.94 -29.36
C PHE F 467 37.15 33.77 -28.32
N GLY F 468 38.22 33.21 -27.74
CA GLY F 468 39.05 34.00 -26.85
C GLY F 468 39.58 35.26 -27.52
N ALA F 469 39.94 35.14 -28.81
CA ALA F 469 40.39 36.32 -29.55
C ALA F 469 39.26 37.32 -29.76
N PHE F 470 38.05 36.83 -30.05
CA PHE F 470 36.90 37.71 -30.20
C PHE F 470 36.67 38.48 -28.91
N VAL F 471 36.63 37.78 -27.78
CA VAL F 471 36.44 38.43 -26.49
C VAL F 471 37.59 39.39 -26.23
N ALA F 472 38.81 39.01 -26.63
CA ALA F 472 39.94 39.92 -26.48
C ALA F 472 39.75 41.18 -27.32
N LYS F 473 39.17 41.04 -28.51
CA LYS F 473 38.87 42.21 -29.33
C LYS F 473 37.80 43.08 -28.68
N HIS F 474 36.74 42.47 -28.15
CA HIS F 474 35.67 43.27 -27.55
C HIS F 474 36.12 43.98 -26.27
N LEU F 475 36.96 43.33 -25.46
CA LEU F 475 37.45 44.01 -24.27
C LEU F 475 38.27 45.22 -24.64
N LYS F 476 39.01 45.17 -25.74
CA LYS F 476 39.71 46.35 -26.20
C LYS F 476 38.72 47.42 -26.66
N SER F 477 37.60 47.01 -27.26
CA SER F 477 36.59 47.97 -27.68
C SER F 477 35.90 48.61 -26.48
N VAL F 478 35.57 47.82 -25.46
CA VAL F 478 35.02 48.34 -24.21
C VAL F 478 36.17 48.78 -23.33
N ASN F 479 37.39 48.73 -23.87
CA ASN F 479 38.63 49.09 -23.20
C ASN F 479 38.76 48.37 -21.85
N GLN F 480 38.98 47.07 -21.95
CA GLN F 480 39.22 46.21 -20.81
C GLN F 480 40.40 45.42 -21.32
N GLU F 481 41.34 46.12 -21.95
CA GLU F 481 42.51 45.49 -22.56
C GLU F 481 43.37 44.74 -21.57
N SER F 482 43.48 45.32 -20.39
CA SER F 482 44.28 44.75 -19.31
C SER F 482 43.72 43.41 -18.83
N PHE F 483 42.43 43.17 -19.02
CA PHE F 483 41.79 41.92 -18.61
C PHE F 483 42.02 40.78 -19.59
N ILE F 484 42.76 41.02 -20.68
CA ILE F 484 42.96 39.97 -21.67
C ILE F 484 43.95 38.94 -21.15
N GLU F 485 44.94 39.37 -20.36
CA GLU F 485 45.92 38.41 -19.84
C GLU F 485 45.29 37.43 -18.86
N PRO F 486 44.53 37.86 -17.84
CA PRO F 486 43.84 36.86 -17.01
C PRO F 486 42.87 36.01 -17.81
N LEU F 487 42.34 36.55 -18.91
CA LEU F 487 41.50 35.77 -19.82
C LEU F 487 42.32 34.67 -20.50
N ALA F 488 43.51 35.00 -20.97
CA ALA F 488 44.36 33.97 -21.56
C ALA F 488 44.74 32.90 -20.55
N GLU F 489 44.90 33.28 -19.28
CA GLU F 489 45.23 32.32 -18.24
C GLU F 489 44.09 31.34 -18.00
N THR F 490 42.85 31.84 -17.90
CA THR F 490 41.73 30.94 -17.62
C THR F 490 41.43 30.04 -18.81
N ILE F 491 41.63 30.55 -20.04
CA ILE F 491 41.49 29.70 -21.22
C ILE F 491 42.52 28.57 -21.19
N THR F 492 43.78 28.93 -20.96
CA THR F 492 44.84 27.91 -20.89
C THR F 492 44.59 26.93 -19.76
N ASP F 493 44.12 27.43 -18.61
CA ASP F 493 43.86 26.57 -17.47
C ASP F 493 42.78 25.54 -17.78
N VAL F 494 41.70 25.96 -18.45
CA VAL F 494 40.62 25.05 -18.78
C VAL F 494 41.09 24.01 -19.80
N LEU F 495 41.98 24.39 -20.71
CA LEU F 495 42.45 23.45 -21.72
C LEU F 495 43.32 22.35 -21.11
N VAL F 496 44.12 22.67 -20.10
CA VAL F 496 44.97 21.64 -19.50
C VAL F 496 44.17 20.74 -18.57
N ARG F 497 43.22 21.30 -17.84
CA ARG F 497 42.48 20.52 -16.85
C ARG F 497 41.58 19.47 -17.50
N THR F 498 41.12 19.73 -18.73
CA THR F 498 40.15 18.86 -19.38
C THR F 498 40.72 18.00 -20.50
N LYS F 499 41.77 18.47 -21.18
CA LYS F 499 42.31 17.79 -22.35
C LYS F 499 43.79 17.43 -22.17
N ARG F 500 44.23 17.26 -20.92
CA ARG F 500 45.63 16.96 -20.67
C ARG F 500 46.06 15.67 -21.37
N ASP F 501 45.28 14.60 -21.20
CA ASP F 501 45.67 13.33 -21.79
C ASP F 501 45.52 13.34 -23.30
N TRP F 502 44.52 14.07 -23.80
CA TRP F 502 44.32 14.10 -25.25
C TRP F 502 45.42 14.89 -25.95
N LEU F 503 45.77 16.06 -25.41
CA LEU F 503 46.84 16.85 -26.02
C LEU F 503 48.16 16.09 -26.01
N VAL F 504 48.46 15.39 -24.92
CA VAL F 504 49.68 14.58 -24.86
C VAL F 504 49.62 13.46 -25.89
N LYS F 505 48.46 12.82 -26.01
CA LYS F 505 48.29 11.74 -26.98
C LYS F 505 48.42 12.26 -28.42
N GLN F 506 48.15 13.54 -28.66
CA GLN F 506 48.30 14.15 -29.97
C GLN F 506 49.62 14.87 -30.15
N ARG F 507 50.60 14.59 -29.29
CA ARG F 507 51.96 15.11 -29.42
C ARG F 507 52.00 16.64 -29.32
N GLY F 508 51.25 17.19 -28.36
CA GLY F 508 51.34 18.60 -28.03
C GLY F 508 51.07 19.52 -29.20
N TRP F 509 51.72 20.68 -29.17
CA TRP F 509 51.57 21.67 -30.23
C TRP F 509 52.26 21.27 -31.52
N ASP F 510 53.13 20.26 -31.49
CA ASP F 510 53.74 19.77 -32.73
C ASP F 510 52.71 19.03 -33.58
N GLY F 511 51.84 18.24 -32.94
CA GLY F 511 50.71 17.67 -33.65
C GLY F 511 49.73 18.71 -34.15
N PHE F 512 49.69 19.86 -33.49
CA PHE F 512 48.83 20.94 -33.93
C PHE F 512 49.31 21.52 -35.27
N VAL F 513 50.61 21.65 -35.45
CA VAL F 513 51.15 22.08 -36.74
C VAL F 513 50.91 21.02 -37.81
N GLU F 514 51.06 19.75 -37.46
CA GLU F 514 50.94 18.69 -38.45
C GLU F 514 49.51 18.53 -38.93
N PHE F 515 48.52 18.78 -38.06
CA PHE F 515 47.13 18.54 -38.42
C PHE F 515 46.66 19.51 -39.50
N PHE F 516 47.05 20.78 -39.42
CA PHE F 516 46.57 21.80 -40.34
C PHE F 516 47.49 22.05 -41.53
N HIS F 517 48.35 21.09 -41.86
CA HIS F 517 49.15 21.22 -43.07
C HIS F 517 49.66 19.86 -43.51
N LYS G 2 -48.88 14.38 22.51
CA LYS G 2 -49.55 15.43 23.27
C LYS G 2 -50.36 16.32 22.35
N ILE G 3 -50.34 15.99 21.06
CA ILE G 3 -51.20 16.62 20.08
C ILE G 3 -52.26 15.60 19.72
N GLU G 4 -53.51 16.03 19.65
CA GLU G 4 -54.59 15.07 19.50
C GLU G 4 -54.71 14.66 18.04
N GLU G 5 -54.80 13.35 17.80
CA GLU G 5 -54.91 12.80 16.45
C GLU G 5 -56.35 12.78 15.96
N GLY G 6 -56.68 13.68 15.06
CA GLY G 6 -57.98 13.69 14.41
C GLY G 6 -58.39 15.09 14.06
N LYS G 7 -57.56 16.05 14.45
CA LYS G 7 -57.82 17.47 14.25
C LYS G 7 -56.48 18.17 14.07
N LEU G 8 -56.53 19.33 13.42
CA LEU G 8 -55.35 20.13 13.16
C LEU G 8 -55.40 21.42 13.96
N VAL G 9 -54.28 21.76 14.59
CA VAL G 9 -54.12 23.02 15.29
C VAL G 9 -53.08 23.83 14.52
N ILE G 10 -53.47 25.00 14.05
CA ILE G 10 -52.65 25.84 13.17
C ILE G 10 -52.46 27.19 13.84
N TRP G 11 -51.23 27.66 13.88
CA TRP G 11 -50.90 28.97 14.44
C TRP G 11 -50.41 29.90 13.34
N ILE G 12 -51.15 31.00 13.12
CA ILE G 12 -50.78 32.05 12.17
C ILE G 12 -50.79 33.37 12.91
N ASN G 13 -49.99 34.32 12.41
CA ASN G 13 -49.84 35.59 13.11
C ASN G 13 -51.13 36.41 13.07
N GLY G 14 -51.26 37.31 14.04
CA GLY G 14 -52.49 38.07 14.20
C GLY G 14 -52.74 39.11 13.13
N ASP G 15 -51.70 39.58 12.46
CA ASP G 15 -51.85 40.51 11.35
C ASP G 15 -51.84 39.78 10.01
N LYS G 16 -52.58 38.68 9.93
CA LYS G 16 -52.70 37.93 8.68
C LYS G 16 -54.10 37.33 8.64
N GLY G 17 -54.50 36.90 7.44
CA GLY G 17 -55.85 36.42 7.25
C GLY G 17 -56.13 35.10 7.96
N TYR G 18 -56.44 35.18 9.25
CA TYR G 18 -56.74 33.98 10.02
C TYR G 18 -58.20 33.59 9.91
N ASN G 19 -59.09 34.54 9.60
CA ASN G 19 -60.48 34.18 9.32
C ASN G 19 -60.57 33.42 8.00
N GLY G 20 -59.81 33.85 7.00
CA GLY G 20 -59.78 33.15 5.72
C GLY G 20 -59.16 31.77 5.80
N LEU G 21 -58.15 31.61 6.68
CA LEU G 21 -57.54 30.29 6.83
C LEU G 21 -58.42 29.32 7.61
N ALA G 22 -59.20 29.83 8.57
CA ALA G 22 -60.20 29.00 9.20
C ALA G 22 -61.23 28.59 8.17
N GLU G 23 -61.40 29.44 7.16
CA GLU G 23 -62.53 29.26 6.29
C GLU G 23 -62.16 28.18 5.28
N VAL G 24 -60.88 28.15 4.82
CA VAL G 24 -60.30 27.02 4.09
C VAL G 24 -60.36 25.74 4.93
N GLY G 25 -60.15 25.89 6.24
CA GLY G 25 -60.26 24.73 7.11
C GLY G 25 -61.69 24.24 7.25
N LYS G 26 -62.67 25.15 7.15
CA LYS G 26 -64.06 24.73 7.15
C LYS G 26 -64.37 23.93 5.89
N LYS G 27 -63.80 24.34 4.76
CA LYS G 27 -63.91 23.53 3.55
C LYS G 27 -63.17 22.21 3.70
N PHE G 28 -62.07 22.20 4.46
CA PHE G 28 -61.41 20.94 4.77
C PHE G 28 -62.30 20.04 5.61
N GLU G 29 -63.14 20.65 6.46
CA GLU G 29 -64.06 19.87 7.29
C GLU G 29 -65.24 19.34 6.48
N LYS G 30 -65.70 20.09 5.48
CA LYS G 30 -66.84 19.64 4.68
C LYS G 30 -66.45 18.50 3.75
N ASP G 31 -65.26 18.55 3.15
CA ASP G 31 -64.86 17.53 2.20
C ASP G 31 -64.33 16.28 2.88
N THR G 32 -63.58 16.43 3.97
CA THR G 32 -62.89 15.31 4.59
C THR G 32 -63.43 14.92 5.95
N GLY G 33 -64.13 15.81 6.64
CA GLY G 33 -64.62 15.49 7.97
C GLY G 33 -63.60 15.66 9.08
N ILE G 34 -62.65 16.58 8.93
CA ILE G 34 -61.61 16.82 9.91
C ILE G 34 -61.74 18.25 10.42
N LYS G 35 -61.82 18.41 11.74
CA LYS G 35 -61.91 19.74 12.33
C LYS G 35 -60.56 20.44 12.32
N VAL G 36 -60.58 21.74 12.04
CA VAL G 36 -59.38 22.58 12.01
C VAL G 36 -59.65 23.84 12.82
N THR G 37 -58.81 24.10 13.81
CA THR G 37 -58.92 25.28 14.65
C THR G 37 -57.72 26.16 14.41
N VAL G 38 -57.97 27.42 14.05
CA VAL G 38 -56.91 28.39 13.78
C VAL G 38 -56.82 29.33 14.97
N GLU G 39 -55.62 29.43 15.54
CA GLU G 39 -55.39 30.30 16.69
C GLU G 39 -54.26 31.26 16.34
N HIS G 40 -54.28 32.42 16.96
CA HIS G 40 -53.28 33.46 16.75
C HIS G 40 -52.72 33.86 18.10
N PRO G 41 -51.83 33.06 18.67
CA PRO G 41 -51.27 33.42 19.98
C PRO G 41 -50.41 34.66 19.86
N ASP G 42 -50.34 35.40 20.96
CA ASP G 42 -49.49 36.58 21.04
C ASP G 42 -48.04 36.15 21.28
N LYS G 43 -47.11 36.89 20.69
CA LYS G 43 -45.68 36.55 20.71
C LYS G 43 -45.47 35.14 20.18
N LEU G 44 -46.04 34.89 19.00
CA LEU G 44 -46.00 33.56 18.41
C LEU G 44 -44.58 33.11 18.04
N GLU G 45 -43.72 34.04 17.66
CA GLU G 45 -42.35 33.65 17.32
C GLU G 45 -41.62 33.02 18.50
N GLU G 46 -42.00 33.37 19.72
CA GLU G 46 -41.37 32.81 20.90
C GLU G 46 -42.23 31.78 21.62
N LYS G 47 -43.55 31.87 21.52
CA LYS G 47 -44.39 30.89 22.21
C LYS G 47 -44.38 29.54 21.51
N PHE G 48 -44.05 29.51 20.21
CA PHE G 48 -43.99 28.22 19.52
C PHE G 48 -42.78 27.40 19.94
N PRO G 49 -41.54 27.89 19.92
CA PRO G 49 -40.41 27.03 20.31
C PRO G 49 -40.45 26.60 21.77
N GLN G 50 -41.13 27.35 22.64
CA GLN G 50 -41.28 26.94 24.03
C GLN G 50 -42.16 25.70 24.16
N VAL G 51 -43.26 25.66 23.41
CA VAL G 51 -44.22 24.56 23.58
C VAL G 51 -43.89 23.40 22.64
N ALA G 52 -43.25 23.68 21.50
CA ALA G 52 -42.87 22.63 20.56
C ALA G 52 -41.68 21.82 21.07
N ALA G 53 -40.88 22.38 21.97
CA ALA G 53 -39.76 21.62 22.51
C ALA G 53 -40.23 20.44 23.35
N THR G 54 -41.42 20.55 23.93
CA THR G 54 -42.06 19.52 24.74
C THR G 54 -42.89 18.54 23.90
N GLY G 55 -42.89 18.68 22.59
CA GLY G 55 -43.79 17.85 21.80
C GLY G 55 -45.24 18.25 21.96
N ASP G 56 -45.50 19.55 22.10
CA ASP G 56 -46.84 20.08 22.26
C ASP G 56 -46.97 21.28 21.32
N GLY G 57 -48.18 21.82 21.21
CA GLY G 57 -48.39 22.97 20.37
C GLY G 57 -49.22 22.66 19.14
N PRO G 58 -49.06 23.47 18.10
CA PRO G 58 -49.87 23.29 16.88
C PRO G 58 -49.27 22.26 15.94
N ASP G 59 -50.14 21.73 15.08
CA ASP G 59 -49.69 20.85 14.00
C ASP G 59 -48.98 21.64 12.91
N ILE G 60 -49.50 22.81 12.57
CA ILE G 60 -48.94 23.67 11.54
C ILE G 60 -48.66 25.04 12.13
N ILE G 61 -47.53 25.62 11.74
CA ILE G 61 -47.13 26.95 12.19
C ILE G 61 -46.90 27.84 10.98
N PHE G 62 -47.34 29.09 11.07
CA PHE G 62 -47.17 30.06 10.00
C PHE G 62 -46.31 31.23 10.49
N TRP G 63 -45.23 31.50 9.76
CA TRP G 63 -44.36 32.64 10.07
C TRP G 63 -43.49 32.93 8.87
N ALA G 64 -42.80 34.06 8.93
CA ALA G 64 -41.75 34.33 7.96
C ALA G 64 -40.64 33.30 8.10
N HIS G 65 -39.96 33.03 6.98
CA HIS G 65 -39.02 31.91 6.92
C HIS G 65 -37.80 32.08 7.82
N ASP G 66 -37.54 33.29 8.31
CA ASP G 66 -36.27 33.56 8.99
C ASP G 66 -36.13 32.81 10.30
N ARG G 67 -37.23 32.35 10.89
CA ARG G 67 -37.18 31.68 12.18
C ARG G 67 -37.30 30.17 12.08
N PHE G 68 -37.61 29.63 10.90
CA PHE G 68 -37.80 28.20 10.77
C PHE G 68 -36.49 27.43 10.86
N GLY G 69 -35.37 28.07 10.51
CA GLY G 69 -34.09 27.40 10.64
C GLY G 69 -33.68 27.15 12.07
N GLY G 70 -33.95 28.12 12.95
CA GLY G 70 -33.65 27.92 14.36
C GLY G 70 -34.47 26.79 14.97
N TYR G 71 -35.72 26.65 14.53
CA TYR G 71 -36.53 25.52 14.97
C TYR G 71 -36.01 24.21 14.39
N ALA G 72 -35.45 24.24 13.18
CA ALA G 72 -34.94 23.03 12.56
C ALA G 72 -33.64 22.55 13.18
N GLN G 73 -32.78 23.48 13.60
CA GLN G 73 -31.57 23.10 14.34
C GLN G 73 -31.94 22.41 15.64
N SER G 74 -33.01 22.88 16.29
CA SER G 74 -33.48 22.24 17.52
C SER G 74 -34.41 21.06 17.25
N GLY G 75 -34.79 20.82 15.99
CA GLY G 75 -35.56 19.65 15.64
C GLY G 75 -37.03 19.69 16.00
N LEU G 76 -37.73 20.78 15.70
CA LEU G 76 -39.12 20.93 16.10
C LEU G 76 -40.11 20.83 14.93
N LEU G 77 -39.64 20.61 13.71
CA LEU G 77 -40.53 20.44 12.56
C LEU G 77 -40.01 19.34 11.65
N ALA G 78 -40.92 18.48 11.21
CA ALA G 78 -40.54 17.37 10.35
C ALA G 78 -40.30 17.85 8.92
N GLU G 79 -39.41 17.15 8.23
CA GLU G 79 -39.08 17.46 6.85
C GLU G 79 -40.31 17.21 5.97
N ILE G 80 -40.72 18.23 5.22
CA ILE G 80 -41.88 18.11 4.34
C ILE G 80 -41.48 17.36 3.07
N THR G 81 -42.43 16.63 2.50
CA THR G 81 -42.18 15.77 1.35
C THR G 81 -43.14 16.07 0.21
N PRO G 82 -42.98 17.19 -0.49
CA PRO G 82 -43.76 17.41 -1.71
C PRO G 82 -43.09 16.74 -2.90
N ASP G 83 -43.92 16.35 -3.88
CA ASP G 83 -43.43 15.62 -5.03
C ASP G 83 -43.03 16.59 -6.15
N LYS G 84 -42.50 16.02 -7.23
CA LYS G 84 -41.99 16.82 -8.34
C LYS G 84 -43.08 17.68 -8.97
N ALA G 85 -44.31 17.17 -9.05
CA ALA G 85 -45.37 17.92 -9.72
C ALA G 85 -45.84 19.11 -8.88
N PHE G 86 -45.75 19.01 -7.56
CA PHE G 86 -46.20 20.12 -6.71
C PHE G 86 -45.10 21.18 -6.55
N GLN G 87 -43.84 20.75 -6.50
CA GLN G 87 -42.75 21.72 -6.40
C GLN G 87 -42.68 22.64 -7.60
N ASP G 88 -43.06 22.15 -8.78
CA ASP G 88 -43.10 23.00 -9.96
C ASP G 88 -44.34 23.87 -10.02
N LYS G 89 -45.29 23.66 -9.10
CA LYS G 89 -46.44 24.54 -8.92
C LYS G 89 -46.02 25.92 -8.41
N LEU G 90 -44.99 25.98 -7.56
CA LEU G 90 -44.53 27.21 -6.93
C LEU G 90 -43.22 27.67 -7.58
N TYR G 91 -42.93 28.95 -7.42
CA TYR G 91 -41.69 29.49 -7.94
C TYR G 91 -40.51 28.85 -7.21
N PRO G 92 -39.47 28.42 -7.92
CA PRO G 92 -38.39 27.68 -7.26
C PRO G 92 -37.64 28.50 -6.23
N PHE G 93 -37.50 29.81 -6.43
CA PHE G 93 -36.78 30.61 -5.46
C PHE G 93 -37.52 30.69 -4.12
N THR G 94 -38.83 30.46 -4.12
CA THR G 94 -39.55 30.37 -2.84
C THR G 94 -39.12 29.14 -2.04
N TRP G 95 -38.72 28.07 -2.74
CA TRP G 95 -38.22 26.90 -2.03
C TRP G 95 -36.86 27.16 -1.42
N ASP G 96 -36.07 28.07 -2.01
CA ASP G 96 -34.77 28.43 -1.45
C ASP G 96 -34.89 29.09 -0.09
N ALA G 97 -36.04 29.71 0.20
CA ALA G 97 -36.25 30.37 1.49
C ALA G 97 -36.57 29.38 2.61
N VAL G 98 -36.93 28.14 2.30
CA VAL G 98 -37.39 27.20 3.31
C VAL G 98 -36.53 25.93 3.33
N ARG G 99 -35.30 26.00 2.85
CA ARG G 99 -34.39 24.87 2.89
C ARG G 99 -33.38 25.07 4.01
N TYR G 100 -33.08 23.99 4.73
CA TYR G 100 -32.15 24.03 5.84
C TYR G 100 -31.29 22.77 5.85
N ASN G 101 -29.99 22.93 5.63
CA ASN G 101 -29.05 21.80 5.59
C ASN G 101 -29.50 20.75 4.57
N GLY G 102 -29.96 21.21 3.40
CA GLY G 102 -30.44 20.28 2.40
C GLY G 102 -31.88 19.86 2.61
N LYS G 103 -32.41 20.10 3.81
CA LYS G 103 -33.72 19.65 4.25
C LYS G 103 -34.76 20.75 4.03
N LEU G 104 -35.83 20.42 3.32
CA LEU G 104 -36.97 21.32 3.26
C LEU G 104 -37.77 21.21 4.57
N ILE G 105 -38.18 22.37 5.10
CA ILE G 105 -38.75 22.38 6.44
C ILE G 105 -40.09 23.10 6.49
N ALA G 106 -40.50 23.70 5.38
CA ALA G 106 -41.77 24.40 5.37
C ALA G 106 -42.26 24.60 3.94
N TYR G 107 -43.54 24.93 3.83
CA TYR G 107 -44.16 25.23 2.55
C TYR G 107 -44.18 26.74 2.38
N PRO G 108 -43.56 27.30 1.34
CA PRO G 108 -43.61 28.76 1.16
C PRO G 108 -44.94 29.18 0.59
N ILE G 109 -45.49 30.27 1.14
CA ILE G 109 -46.83 30.74 0.81
C ILE G 109 -46.79 32.00 -0.06
N ALA G 110 -46.18 33.07 0.46
CA ALA G 110 -46.18 34.34 -0.25
C ALA G 110 -44.96 35.15 0.13
N VAL G 111 -44.65 36.15 -0.70
CA VAL G 111 -43.51 37.04 -0.50
C VAL G 111 -44.01 38.37 0.04
N GLU G 112 -43.43 38.81 1.15
CA GLU G 112 -43.85 40.03 1.85
C GLU G 112 -42.73 41.06 1.82
N ALA G 113 -43.12 42.33 1.72
CA ALA G 113 -42.18 43.44 1.80
C ALA G 113 -42.94 44.71 2.17
N LEU G 114 -42.27 45.59 2.92
CA LEU G 114 -42.89 46.83 3.35
C LEU G 114 -42.85 47.87 2.22
N SER G 115 -43.87 48.72 2.21
CA SER G 115 -43.99 49.79 1.23
C SER G 115 -44.57 51.04 1.90
N LEU G 116 -44.48 52.17 1.21
CA LEU G 116 -44.97 53.44 1.74
C LEU G 116 -46.42 53.61 1.35
N ILE G 117 -47.30 53.60 2.33
CA ILE G 117 -48.74 53.77 2.14
C ILE G 117 -49.10 55.21 2.45
N TYR G 118 -49.76 55.88 1.51
CA TYR G 118 -50.01 57.31 1.63
C TYR G 118 -51.45 57.64 1.26
N ASN G 119 -51.98 58.68 1.91
CA ASN G 119 -53.33 59.16 1.64
C ASN G 119 -53.31 60.02 0.38
N LYS G 120 -54.07 59.61 -0.63
CA LYS G 120 -54.09 60.38 -1.88
C LYS G 120 -54.77 61.74 -1.68
N ASP G 121 -55.75 61.81 -0.77
CA ASP G 121 -56.50 63.04 -0.59
C ASP G 121 -55.72 64.11 0.17
N LEU G 122 -54.90 63.70 1.14
CA LEU G 122 -54.10 64.67 1.88
C LEU G 122 -52.75 64.93 1.24
N LEU G 123 -52.24 63.96 0.47
CA LEU G 123 -50.91 64.07 -0.12
C LEU G 123 -50.88 63.29 -1.42
N PRO G 124 -51.35 63.90 -2.52
CA PRO G 124 -51.34 63.20 -3.81
C PRO G 124 -49.94 62.98 -4.37
N ASN G 125 -48.96 63.78 -3.96
CA ASN G 125 -47.58 63.64 -4.41
C ASN G 125 -46.75 63.36 -3.17
N PRO G 126 -46.51 62.09 -2.84
CA PRO G 126 -45.76 61.75 -1.64
C PRO G 126 -44.29 62.05 -1.81
N PRO G 127 -43.57 62.29 -0.72
CA PRO G 127 -42.14 62.58 -0.82
C PRO G 127 -41.36 61.37 -1.28
N LYS G 128 -40.48 61.58 -2.27
CA LYS G 128 -39.62 60.50 -2.74
C LYS G 128 -38.42 60.28 -1.84
N THR G 129 -38.09 61.25 -0.97
CA THR G 129 -36.91 61.20 -0.12
C THR G 129 -37.33 61.37 1.33
N TRP G 130 -36.53 60.78 2.23
CA TRP G 130 -36.78 60.93 3.66
C TRP G 130 -36.53 62.34 4.14
N GLU G 131 -35.55 63.04 3.57
CA GLU G 131 -35.13 64.33 4.10
C GLU G 131 -36.18 65.42 3.94
N GLU G 132 -37.11 65.28 3.00
CA GLU G 132 -38.16 66.29 2.81
C GLU G 132 -39.39 66.02 3.67
N ILE G 133 -39.42 64.94 4.43
CA ILE G 133 -40.53 64.62 5.32
C ILE G 133 -40.63 65.61 6.48
N PRO G 134 -39.51 66.02 7.13
CA PRO G 134 -39.63 67.03 8.18
C PRO G 134 -40.31 68.32 7.75
N ALA G 135 -39.92 68.87 6.59
CA ALA G 135 -40.57 70.08 6.09
C ALA G 135 -42.03 69.81 5.75
N LEU G 136 -42.32 68.64 5.18
CA LEU G 136 -43.69 68.29 4.85
C LEU G 136 -44.52 68.10 6.10
N ASP G 137 -43.89 67.65 7.19
CA ASP G 137 -44.63 67.49 8.44
C ASP G 137 -45.14 68.82 8.94
N LYS G 138 -44.25 69.81 9.06
CA LYS G 138 -44.66 71.15 9.48
C LYS G 138 -45.83 71.67 8.65
N GLU G 139 -45.90 71.30 7.37
CA GLU G 139 -46.97 71.77 6.52
C GLU G 139 -48.31 71.16 6.91
N LEU G 140 -48.35 69.84 7.13
CA LEU G 140 -49.62 69.20 7.44
C LEU G 140 -50.04 69.44 8.88
N LYS G 141 -49.09 69.68 9.79
CA LYS G 141 -49.49 70.00 11.15
C LYS G 141 -50.18 71.35 11.25
N ALA G 142 -49.92 72.23 10.29
CA ALA G 142 -50.68 73.48 10.19
C ALA G 142 -52.14 73.23 9.82
N LYS G 143 -52.43 72.10 9.18
CA LYS G 143 -53.79 71.71 8.86
C LYS G 143 -54.34 70.69 9.85
N GLY G 144 -53.69 70.54 11.00
CA GLY G 144 -54.10 69.57 12.00
C GLY G 144 -53.88 68.12 11.60
N LYS G 145 -52.83 67.86 10.82
CA LYS G 145 -52.48 66.53 10.35
C LYS G 145 -51.05 66.23 10.72
N SER G 146 -50.62 64.99 10.50
CA SER G 146 -49.23 64.63 10.66
C SER G 146 -48.73 64.01 9.37
N ALA G 147 -47.40 63.96 9.23
CA ALA G 147 -46.83 63.43 7.99
C ALA G 147 -46.76 61.92 8.00
N LEU G 148 -46.01 61.35 8.94
CA LEU G 148 -45.68 59.93 8.91
C LEU G 148 -45.81 59.32 10.29
N MET G 149 -46.45 58.16 10.37
CA MET G 149 -46.59 57.39 11.59
C MET G 149 -46.48 55.91 11.26
N PHE G 150 -45.48 55.23 11.83
CA PHE G 150 -45.37 53.79 11.63
C PHE G 150 -44.78 53.15 12.88
N ASN G 151 -44.88 51.82 12.93
CA ASN G 151 -44.43 51.07 14.09
C ASN G 151 -42.92 51.20 14.26
N LEU G 152 -42.51 51.84 15.35
CA LEU G 152 -41.10 52.03 15.65
C LEU G 152 -40.57 51.05 16.68
N GLN G 153 -41.39 50.08 17.12
CA GLN G 153 -40.97 49.19 18.19
C GLN G 153 -40.26 47.93 17.71
N GLU G 154 -40.39 47.55 16.44
CA GLU G 154 -39.71 46.37 15.97
C GLU G 154 -38.83 46.68 14.77
N PRO G 155 -37.58 46.17 14.74
CA PRO G 155 -36.64 46.59 13.69
C PRO G 155 -37.03 46.21 12.28
N TYR G 156 -38.05 45.35 12.09
CA TYR G 156 -38.52 45.06 10.74
C TYR G 156 -38.95 46.32 10.01
N PHE G 157 -39.58 47.25 10.72
CA PHE G 157 -40.08 48.48 10.12
C PHE G 157 -39.05 49.60 10.11
N THR G 158 -38.11 49.59 11.06
CA THR G 158 -37.20 50.71 11.27
C THR G 158 -35.85 50.54 10.59
N TRP G 159 -35.42 49.30 10.30
CA TRP G 159 -34.10 49.05 9.71
C TRP G 159 -33.96 49.48 8.25
N PRO G 160 -35.01 49.43 7.42
CA PRO G 160 -34.86 49.93 6.04
C PRO G 160 -34.29 51.34 5.96
N LEU G 161 -34.71 52.23 6.87
CA LEU G 161 -34.17 53.59 6.87
C LEU G 161 -32.73 53.61 7.37
N ILE G 162 -32.44 52.86 8.43
CA ILE G 162 -31.08 52.85 8.98
C ILE G 162 -30.10 52.22 8.01
N ALA G 163 -30.54 51.22 7.27
CA ALA G 163 -29.67 50.49 6.36
C ALA G 163 -29.58 51.11 4.97
N ALA G 164 -30.06 52.35 4.81
CA ALA G 164 -30.05 52.96 3.49
C ALA G 164 -28.63 53.29 3.04
N ASP G 165 -27.87 54.03 3.86
CA ASP G 165 -26.57 54.53 3.43
C ASP G 165 -25.43 53.54 3.64
N GLY G 166 -25.72 52.33 4.10
CA GLY G 166 -24.68 51.33 4.18
C GLY G 166 -25.22 50.00 4.65
N GLY G 167 -26.30 49.55 4.02
CA GLY G 167 -26.97 48.35 4.45
C GLY G 167 -26.42 47.11 3.80
N TYR G 168 -27.07 45.98 4.14
CA TYR G 168 -26.70 44.59 3.86
C TYR G 168 -26.04 43.98 5.08
N ALA G 169 -26.86 43.56 6.04
CA ALA G 169 -26.33 42.89 7.22
C ALA G 169 -26.06 41.42 6.94
N PHE G 170 -26.28 40.96 5.72
CA PHE G 170 -26.18 39.55 5.40
C PHE G 170 -25.20 39.36 4.26
N LYS G 171 -24.25 38.45 4.47
CA LYS G 171 -23.28 38.03 3.47
C LYS G 171 -23.63 36.64 2.98
N TYR G 172 -23.21 36.32 1.77
CA TYR G 172 -23.18 34.95 1.28
C TYR G 172 -21.72 34.69 0.95
N GLU G 173 -21.02 33.99 1.85
CA GLU G 173 -19.57 33.90 1.80
C GLU G 173 -19.11 32.48 1.50
N ASN G 174 -19.20 31.58 2.47
CA ASN G 174 -18.68 30.21 2.33
C ASN G 174 -19.79 29.24 1.90
N GLY G 175 -20.71 29.69 1.08
CA GLY G 175 -21.90 28.92 0.82
C GLY G 175 -22.96 29.03 1.88
N LYS G 176 -22.81 29.96 2.82
CA LYS G 176 -23.82 30.19 3.84
C LYS G 176 -24.19 31.67 3.89
N TYR G 177 -25.45 31.91 4.26
CA TYR G 177 -26.01 33.26 4.39
C TYR G 177 -25.91 33.68 5.85
N ASP G 178 -25.01 34.61 6.15
CA ASP G 178 -24.66 34.92 7.54
C ASP G 178 -24.71 36.43 7.77
N ILE G 179 -24.56 36.81 9.03
CA ILE G 179 -24.51 38.21 9.42
C ILE G 179 -23.10 38.78 9.31
N VAL G 182 -18.44 41.21 9.47
CA VAL G 182 -19.72 41.60 10.03
C VAL G 182 -19.71 43.11 10.34
N GLY G 183 -20.58 43.85 9.66
CA GLY G 183 -20.60 45.29 9.76
C GLY G 183 -21.98 45.91 9.82
N VAL G 184 -22.59 45.86 10.99
CA VAL G 184 -23.88 46.51 11.24
C VAL G 184 -23.61 47.89 11.82
N ASP G 185 -22.43 48.09 12.41
CA ASP G 185 -22.02 49.34 13.03
C ASP G 185 -21.06 49.98 12.03
N ASN G 186 -21.64 50.76 11.11
CA ASN G 186 -20.92 51.53 10.12
C ASN G 186 -21.42 52.97 10.15
N ALA G 187 -20.72 53.84 9.43
CA ALA G 187 -21.12 55.25 9.39
C ALA G 187 -22.50 55.42 8.77
N GLY G 188 -22.81 54.62 7.75
CA GLY G 188 -24.11 54.76 7.08
C GLY G 188 -25.28 54.43 7.98
N ALA G 189 -25.15 53.37 8.79
CA ALA G 189 -26.21 53.06 9.75
C ALA G 189 -26.32 54.13 10.83
N LYS G 190 -25.18 54.71 11.23
CA LYS G 190 -25.23 55.81 12.20
C LYS G 190 -25.98 57.00 11.62
N ALA G 191 -25.76 57.30 10.34
CA ALA G 191 -26.46 58.41 9.71
C ALA G 191 -27.95 58.11 9.60
N GLY G 192 -28.30 56.85 9.31
CA GLY G 192 -29.70 56.49 9.19
C GLY G 192 -30.41 56.53 10.53
N LEU G 193 -29.77 56.02 11.58
CA LEU G 193 -30.40 56.06 12.90
C LEU G 193 -30.44 57.48 13.45
N THR G 194 -29.38 58.27 13.19
CA THR G 194 -29.36 59.66 13.64
C THR G 194 -30.53 60.43 13.03
N PHE G 195 -30.82 60.21 11.76
CA PHE G 195 -31.97 60.87 11.14
C PHE G 195 -33.27 60.39 11.76
N LEU G 196 -33.33 59.12 12.16
CA LEU G 196 -34.55 58.60 12.78
C LEU G 196 -34.74 59.21 14.17
N VAL G 197 -33.68 59.23 14.97
CA VAL G 197 -33.76 59.83 16.30
C VAL G 197 -34.01 61.34 16.20
N ASP G 198 -33.48 61.99 15.16
CA ASP G 198 -33.76 63.41 14.97
C ASP G 198 -35.23 63.65 14.67
N LEU G 199 -35.86 62.74 13.93
CA LEU G 199 -37.30 62.83 13.70
C LEU G 199 -38.08 62.75 15.02
N ILE G 200 -37.54 62.01 16.00
CA ILE G 200 -38.21 61.91 17.29
C ILE G 200 -38.01 63.20 18.08
N LYS G 201 -36.79 63.72 18.08
CA LYS G 201 -36.47 64.90 18.88
C LYS G 201 -37.29 66.11 18.44
N ASN G 202 -37.38 66.33 17.13
CA ASN G 202 -38.12 67.46 16.59
C ASN G 202 -39.62 67.25 16.60
N LYS G 203 -40.10 66.22 17.30
CA LYS G 203 -41.54 65.96 17.48
C LYS G 203 -42.24 65.70 16.16
N HIS G 204 -41.52 65.12 15.19
CA HIS G 204 -42.12 64.63 13.97
C HIS G 204 -42.65 63.21 14.11
N MET G 205 -42.11 62.44 15.04
CA MET G 205 -42.64 61.13 15.42
C MET G 205 -42.42 60.94 16.92
N ASN G 206 -43.15 59.99 17.49
CA ASN G 206 -43.05 59.67 18.91
C ASN G 206 -42.44 58.28 19.08
N ALA G 207 -41.51 58.16 20.02
CA ALA G 207 -40.78 56.91 20.20
C ALA G 207 -41.65 55.77 20.69
N ASP G 208 -42.87 56.05 21.18
CA ASP G 208 -43.76 55.01 21.69
C ASP G 208 -44.70 54.45 20.62
N THR G 209 -44.75 55.06 19.44
CA THR G 209 -45.70 54.65 18.42
C THR G 209 -45.44 53.21 17.99
N ASP G 210 -46.48 52.39 18.01
CA ASP G 210 -46.38 51.01 17.57
C ASP G 210 -47.32 50.74 16.40
N TYR G 211 -47.65 49.46 16.17
CA TYR G 211 -48.45 49.09 15.01
C TYR G 211 -49.88 49.63 15.12
N SER G 212 -50.53 49.41 16.26
CA SER G 212 -51.94 49.76 16.39
C SER G 212 -52.17 51.26 16.30
N ILE G 213 -51.30 52.06 16.91
CA ILE G 213 -51.48 53.51 16.87
C ILE G 213 -51.32 54.04 15.44
N ALA G 214 -50.29 53.56 14.74
CA ALA G 214 -50.08 54.01 13.36
C ALA G 214 -51.19 53.51 12.44
N GLU G 215 -51.68 52.29 12.67
CA GLU G 215 -52.72 51.75 11.80
C GLU G 215 -54.05 52.47 12.03
N ALA G 216 -54.33 52.87 13.27
CA ALA G 216 -55.55 53.62 13.54
C ALA G 216 -55.42 55.06 13.07
N ALA G 217 -54.21 55.62 13.18
CA ALA G 217 -54.01 57.01 12.78
C ALA G 217 -54.15 57.16 11.27
N PHE G 218 -53.66 56.18 10.51
CA PHE G 218 -53.76 56.29 9.06
C PHE G 218 -55.18 56.02 8.59
N ASN G 219 -55.88 55.08 9.23
CA ASN G 219 -57.23 54.74 8.78
C ASN G 219 -58.23 55.84 9.11
N LYS G 220 -58.01 56.60 10.18
CA LYS G 220 -58.91 57.69 10.53
C LYS G 220 -58.62 58.97 9.79
N GLY G 221 -57.47 59.07 9.13
CA GLY G 221 -57.13 60.24 8.35
C GLY G 221 -56.31 61.26 9.10
N GLU G 222 -55.72 60.88 10.24
CA GLU G 222 -54.93 61.81 11.03
C GLU G 222 -53.47 61.89 10.58
N THR G 223 -53.04 61.01 9.67
CA THR G 223 -51.69 61.08 9.13
C THR G 223 -51.76 60.85 7.64
N ALA G 224 -50.73 61.32 6.94
CA ALA G 224 -50.71 61.21 5.48
C ALA G 224 -50.02 59.95 5.01
N MET G 225 -49.07 59.42 5.78
CA MET G 225 -48.26 58.28 5.33
C MET G 225 -48.05 57.30 6.46
N THR G 226 -47.86 56.03 6.08
CA THR G 226 -47.47 54.98 7.00
C THR G 226 -46.68 53.94 6.21
N ILE G 227 -45.98 53.08 6.94
CA ILE G 227 -45.15 52.03 6.35
C ILE G 227 -45.69 50.70 6.83
N ASN G 228 -46.09 49.84 5.89
CA ASN G 228 -46.67 48.56 6.23
C ASN G 228 -46.61 47.64 5.02
N GLY G 229 -47.06 46.39 5.23
CA GLY G 229 -47.06 45.37 4.21
C GLY G 229 -48.43 45.11 3.65
N PRO G 230 -48.56 44.08 2.81
CA PRO G 230 -49.85 43.82 2.15
C PRO G 230 -50.98 43.48 3.11
N TRP G 231 -50.68 42.96 4.30
CA TRP G 231 -51.73 42.56 5.23
C TRP G 231 -52.55 43.74 5.72
N ALA G 232 -51.97 44.93 5.75
CA ALA G 232 -52.69 46.10 6.25
C ALA G 232 -53.63 46.71 5.23
N TRP G 233 -53.61 46.23 3.98
CA TRP G 233 -54.44 46.84 2.93
C TRP G 233 -55.92 46.66 3.21
N SER G 234 -56.32 45.53 3.81
CA SER G 234 -57.73 45.26 4.02
C SER G 234 -58.37 46.28 4.96
N ASN G 235 -57.69 46.57 6.08
CA ASN G 235 -58.26 47.51 7.04
C ASN G 235 -58.34 48.93 6.48
N ILE G 236 -57.40 49.32 5.61
CA ILE G 236 -57.49 50.63 4.99
C ILE G 236 -58.62 50.66 3.98
N ASP G 237 -58.87 49.53 3.30
CA ASP G 237 -59.97 49.48 2.33
C ASP G 237 -61.31 49.66 3.01
N THR G 238 -61.50 49.06 4.20
CA THR G 238 -62.77 49.21 4.91
C THR G 238 -62.97 50.64 5.37
N SER G 239 -61.88 51.34 5.69
CA SER G 239 -61.96 52.73 6.12
C SER G 239 -62.28 53.67 4.97
N LYS G 240 -62.29 53.19 3.73
CA LYS G 240 -62.60 53.97 2.53
C LYS G 240 -61.59 55.08 2.27
N VAL G 241 -60.45 55.07 2.98
CA VAL G 241 -59.43 56.08 2.79
C VAL G 241 -58.78 55.88 1.42
N ASN G 242 -58.77 56.94 0.61
CA ASN G 242 -58.17 56.87 -0.71
C ASN G 242 -56.65 56.76 -0.50
N TYR G 243 -56.13 55.55 -0.65
CA TYR G 243 -54.74 55.29 -0.31
C TYR G 243 -53.94 54.88 -1.54
N GLY G 244 -52.64 55.06 -1.44
CA GLY G 244 -51.73 54.60 -2.47
C GLY G 244 -50.57 53.83 -1.86
N VAL G 245 -50.05 52.90 -2.66
CA VAL G 245 -48.88 52.11 -2.30
C VAL G 245 -47.78 52.41 -3.31
N THR G 246 -46.66 52.92 -2.84
CA THR G 246 -45.56 53.32 -3.72
C THR G 246 -44.24 52.87 -3.10
N VAL G 247 -43.14 53.27 -3.74
CA VAL G 247 -41.82 52.86 -3.28
C VAL G 247 -41.46 53.62 -2.00
N LEU G 248 -40.69 52.95 -1.13
CA LEU G 248 -40.26 53.57 0.11
C LEU G 248 -39.37 54.78 -0.19
N PRO G 249 -39.40 55.80 0.66
CA PRO G 249 -38.54 56.97 0.45
C PRO G 249 -37.07 56.60 0.57
N THR G 250 -36.25 57.31 -0.19
CA THR G 250 -34.80 57.13 -0.16
C THR G 250 -34.19 58.01 0.92
N PHE G 251 -32.97 57.64 1.33
CA PHE G 251 -32.22 58.40 2.31
C PHE G 251 -30.80 58.57 1.76
N LYS G 252 -30.37 59.82 1.60
CA LYS G 252 -29.10 60.15 0.96
C LYS G 252 -29.01 59.52 -0.43
N GLY G 253 -30.12 59.57 -1.17
CA GLY G 253 -30.18 59.03 -2.51
C GLY G 253 -30.19 57.53 -2.62
N GLN G 254 -30.04 56.80 -1.52
CA GLN G 254 -29.98 55.34 -1.48
C GLN G 254 -31.35 54.75 -1.16
N PRO G 255 -31.72 53.62 -1.78
CA PRO G 255 -33.02 53.03 -1.49
C PRO G 255 -33.08 52.48 -0.08
N SER G 256 -34.21 52.74 0.60
CA SER G 256 -34.45 52.11 1.89
C SER G 256 -34.72 50.63 1.64
N LYS G 257 -33.96 49.77 2.31
CA LYS G 257 -33.93 48.35 1.99
C LYS G 257 -34.90 47.57 2.87
N PRO G 258 -36.06 47.16 2.36
CA PRO G 258 -36.96 46.34 3.17
C PRO G 258 -36.44 44.91 3.27
N PHE G 259 -36.86 44.24 4.33
CA PHE G 259 -36.55 42.82 4.47
C PHE G 259 -37.53 42.03 3.61
N VAL G 260 -37.00 41.20 2.71
CA VAL G 260 -37.83 40.32 1.90
C VAL G 260 -38.05 39.05 2.70
N GLY G 261 -39.31 38.82 3.10
CA GLY G 261 -39.66 37.66 3.89
C GLY G 261 -40.68 36.80 3.15
N VAL G 262 -40.63 35.50 3.40
CA VAL G 262 -41.53 34.52 2.79
C VAL G 262 -42.38 33.89 3.89
N LEU G 263 -43.67 34.15 3.86
CA LEU G 263 -44.58 33.45 4.75
C LEU G 263 -44.58 31.97 4.42
N SER G 264 -44.25 31.14 5.43
CA SER G 264 -44.11 29.70 5.22
C SER G 264 -44.87 28.96 6.31
N ALA G 265 -45.20 27.70 6.01
CA ALA G 265 -45.98 26.84 6.90
C ALA G 265 -45.18 25.57 7.22
N GLY G 266 -44.76 25.43 8.47
CA GLY G 266 -44.05 24.25 8.92
C GLY G 266 -44.93 23.31 9.72
N ILE G 267 -44.61 22.01 9.65
CA ILE G 267 -45.34 20.96 10.35
C ILE G 267 -44.48 20.44 11.50
N ASN G 268 -45.02 20.48 12.72
CA ASN G 268 -44.28 20.07 13.91
C ASN G 268 -43.84 18.61 13.79
N ALA G 269 -42.57 18.35 14.12
CA ALA G 269 -42.01 17.00 14.12
C ALA G 269 -42.47 16.16 15.29
N ALA G 270 -43.46 16.60 16.06
CA ALA G 270 -44.01 15.83 17.16
C ALA G 270 -45.51 15.65 17.04
N SER G 271 -46.08 15.97 15.88
CA SER G 271 -47.51 15.88 15.62
C SER G 271 -47.83 14.60 14.85
N PRO G 272 -48.92 13.93 15.23
CA PRO G 272 -49.33 12.70 14.53
C PRO G 272 -50.16 12.96 13.28
N ASN G 273 -50.47 14.22 12.97
CA ASN G 273 -51.27 14.58 11.80
C ASN G 273 -50.40 15.11 10.68
N LYS G 274 -49.26 14.46 10.42
CA LYS G 274 -48.33 14.94 9.39
C LYS G 274 -48.94 14.82 8.00
N GLU G 275 -49.45 13.64 7.66
CA GLU G 275 -50.01 13.44 6.32
C GLU G 275 -51.28 14.27 6.11
N LEU G 276 -52.06 14.48 7.18
CA LEU G 276 -53.22 15.36 7.06
C LEU G 276 -52.81 16.83 6.95
N ALA G 277 -51.73 17.22 7.63
CA ALA G 277 -51.21 18.57 7.45
C ALA G 277 -50.70 18.77 6.03
N LYS G 278 -49.95 17.79 5.52
CA LYS G 278 -49.46 17.88 4.14
C LYS G 278 -50.61 17.92 3.15
N GLU G 279 -51.68 17.18 3.42
CA GLU G 279 -52.82 17.20 2.52
C GLU G 279 -53.54 18.55 2.58
N PHE G 280 -53.64 19.15 3.78
CA PHE G 280 -54.25 20.46 3.90
C PHE G 280 -53.42 21.54 3.22
N LEU G 281 -52.10 21.53 3.40
CA LEU G 281 -51.32 22.64 2.86
C LEU G 281 -51.16 22.54 1.35
N GLU G 282 -50.94 21.33 0.82
CA GLU G 282 -50.63 21.19 -0.59
C GLU G 282 -51.89 21.19 -1.46
N ASN G 283 -52.98 20.63 -0.96
CA ASN G 283 -54.20 20.42 -1.75
C ASN G 283 -55.36 21.32 -1.36
N TYR G 284 -55.25 22.09 -0.28
CA TYR G 284 -56.31 22.93 0.27
C TYR G 284 -55.91 24.39 0.36
N LEU G 285 -54.77 24.68 1.01
CA LEU G 285 -54.30 26.07 1.15
C LEU G 285 -53.63 26.58 -0.13
N LEU G 286 -52.70 25.82 -0.68
CA LEU G 286 -51.88 26.25 -1.82
C LEU G 286 -52.57 25.96 -3.14
N THR G 287 -53.80 26.45 -3.27
CA THR G 287 -54.57 26.37 -4.50
C THR G 287 -55.13 27.75 -4.83
N ASP G 288 -55.71 27.88 -6.01
CA ASP G 288 -56.28 29.17 -6.41
C ASP G 288 -57.39 29.61 -5.47
N GLU G 289 -58.25 28.67 -5.04
CA GLU G 289 -59.33 29.07 -4.13
C GLU G 289 -58.83 29.22 -2.69
N GLY G 290 -57.92 28.35 -2.26
CA GLY G 290 -57.41 28.45 -0.90
C GLY G 290 -56.64 29.75 -0.69
N LEU G 291 -55.76 30.09 -1.62
CA LEU G 291 -55.03 31.36 -1.51
C LEU G 291 -55.97 32.55 -1.66
N GLU G 292 -57.02 32.41 -2.46
CA GLU G 292 -57.96 33.52 -2.64
C GLU G 292 -58.71 33.81 -1.35
N ALA G 293 -59.06 32.76 -0.59
CA ALA G 293 -59.76 32.96 0.67
C ALA G 293 -58.87 33.67 1.68
N VAL G 294 -57.58 33.33 1.72
CA VAL G 294 -56.68 34.00 2.64
C VAL G 294 -56.36 35.41 2.17
N ASN G 295 -56.17 35.60 0.86
CA ASN G 295 -55.82 36.92 0.35
C ASN G 295 -56.98 37.90 0.46
N LYS G 296 -58.21 37.43 0.21
CA LYS G 296 -59.37 38.31 0.33
C LYS G 296 -59.56 38.77 1.78
N ASP G 297 -59.19 37.93 2.74
CA ASP G 297 -59.20 38.30 4.16
C ASP G 297 -58.17 39.39 4.40
N LYS G 298 -56.89 39.02 4.37
CA LYS G 298 -55.78 39.95 4.45
C LYS G 298 -54.80 39.58 3.35
N PRO G 299 -54.41 40.51 2.50
CA PRO G 299 -53.59 40.15 1.33
C PRO G 299 -52.26 39.53 1.75
N LEU G 300 -51.83 38.54 0.96
CA LEU G 300 -50.61 37.79 1.25
C LEU G 300 -49.38 38.40 0.61
N GLY G 301 -49.55 39.14 -0.48
CA GLY G 301 -48.43 39.67 -1.22
C GLY G 301 -48.27 38.97 -2.55
N ALA G 302 -47.03 38.60 -2.89
CA ALA G 302 -46.75 37.84 -4.10
C ALA G 302 -46.82 36.37 -3.71
N VAL G 303 -47.92 35.71 -4.07
CA VAL G 303 -48.11 34.33 -3.65
C VAL G 303 -47.14 33.42 -4.39
N ALA G 304 -46.82 32.29 -3.77
CA ALA G 304 -45.85 31.36 -4.34
C ALA G 304 -46.41 30.60 -5.52
N LEU G 305 -47.73 30.38 -5.55
CA LEU G 305 -48.35 29.63 -6.62
C LEU G 305 -48.23 30.38 -7.93
N LYS G 306 -47.66 29.73 -8.96
CA LYS G 306 -47.40 30.41 -10.22
C LYS G 306 -48.70 30.90 -10.84
N SER G 307 -49.70 30.01 -10.92
CA SER G 307 -50.93 30.33 -11.64
C SER G 307 -51.70 31.47 -10.96
N TYR G 308 -51.67 31.51 -9.62
CA TYR G 308 -52.38 32.57 -8.92
C TYR G 308 -51.59 33.87 -8.89
N GLU G 309 -50.26 33.78 -8.74
CA GLU G 309 -49.45 34.99 -8.79
C GLU G 309 -49.56 35.67 -10.14
N GLU G 310 -49.67 34.88 -11.22
CA GLU G 310 -49.88 35.46 -12.54
C GLU G 310 -51.14 36.31 -12.58
N GLU G 311 -52.15 35.98 -11.78
CA GLU G 311 -53.35 36.80 -11.73
C GLU G 311 -53.16 38.02 -10.83
N LEU G 312 -52.47 37.84 -9.70
CA LEU G 312 -52.26 38.92 -8.75
C LEU G 312 -51.15 39.87 -9.15
N ALA G 313 -50.29 39.51 -10.10
CA ALA G 313 -49.18 40.37 -10.48
C ALA G 313 -49.63 41.69 -11.10
N LYS G 314 -50.85 41.75 -11.64
CA LYS G 314 -51.34 42.99 -12.22
C LYS G 314 -51.78 44.01 -11.18
N ASP G 315 -51.77 43.64 -9.90
CA ASP G 315 -52.15 44.60 -8.87
C ASP G 315 -51.04 45.62 -8.69
N PRO G 316 -51.29 46.91 -8.87
CA PRO G 316 -50.23 47.91 -8.66
C PRO G 316 -49.73 47.95 -7.23
N ARG G 317 -50.55 47.56 -6.25
CA ARG G 317 -50.07 47.47 -4.89
C ARG G 317 -49.02 46.36 -4.76
N ILE G 318 -49.21 45.26 -5.50
CA ILE G 318 -48.21 44.21 -5.54
C ILE G 318 -47.00 44.68 -6.35
N ALA G 319 -47.24 45.45 -7.42
CA ALA G 319 -46.13 45.96 -8.23
C ALA G 319 -45.22 46.85 -7.40
N ALA G 320 -45.80 47.73 -6.58
CA ALA G 320 -44.99 48.54 -5.67
C ALA G 320 -44.30 47.67 -4.63
N THR G 321 -44.99 46.61 -4.17
CA THR G 321 -44.39 45.69 -3.22
C THR G 321 -43.17 44.99 -3.81
N MET G 322 -43.25 44.63 -5.10
CA MET G 322 -42.12 43.96 -5.72
C MET G 322 -40.99 44.92 -6.09
N GLU G 323 -41.31 46.18 -6.38
CA GLU G 323 -40.25 47.15 -6.62
C GLU G 323 -39.42 47.37 -5.36
N ASN G 324 -40.08 47.50 -4.21
CA ASN G 324 -39.33 47.59 -2.95
C ASN G 324 -38.54 46.33 -2.71
N ALA G 325 -39.14 45.16 -2.99
CA ALA G 325 -38.43 43.90 -2.83
C ALA G 325 -37.24 43.82 -3.76
N GLN G 326 -37.34 44.44 -4.94
CA GLN G 326 -36.19 44.50 -5.84
C GLN G 326 -35.01 45.23 -5.20
N LYS G 327 -35.30 46.32 -4.48
CA LYS G 327 -34.28 47.09 -3.80
C LYS G 327 -33.97 46.59 -2.41
N GLY G 328 -34.55 45.47 -2.00
CA GLY G 328 -34.44 44.99 -0.64
C GLY G 328 -33.36 43.95 -0.47
N GLU G 329 -33.45 43.21 0.63
CA GLU G 329 -32.49 42.18 0.97
C GLU G 329 -33.23 40.98 1.53
N ILE G 330 -32.81 39.81 1.15
CA ILE G 330 -33.49 38.58 1.57
C ILE G 330 -32.98 38.20 2.95
N MET G 331 -33.90 37.84 3.81
CA MET G 331 -33.50 37.44 5.16
C MET G 331 -32.90 36.04 5.13
N PRO G 332 -31.88 35.78 5.94
CA PRO G 332 -31.42 34.40 6.11
C PRO G 332 -32.34 33.64 7.05
N ASN G 333 -32.10 32.34 7.14
CA ASN G 333 -32.84 31.49 8.07
C ASN G 333 -31.90 30.68 8.97
N ILE G 334 -30.68 31.17 9.18
CA ILE G 334 -29.72 30.51 10.06
C ILE G 334 -30.31 30.45 11.46
N PRO G 335 -29.96 29.44 12.27
CA PRO G 335 -30.61 29.27 13.58
C PRO G 335 -30.33 30.39 14.57
N GLN G 336 -29.35 31.25 14.29
CA GLN G 336 -28.99 32.38 15.14
C GLN G 336 -29.69 33.69 14.76
N MET G 337 -30.70 33.66 13.88
CA MET G 337 -31.38 34.90 13.49
C MET G 337 -32.09 35.56 14.67
N SER G 338 -32.52 34.77 15.66
CA SER G 338 -33.23 35.35 16.81
C SER G 338 -32.35 36.33 17.58
N ALA G 339 -31.06 36.01 17.73
CA ALA G 339 -30.15 36.91 18.41
C ALA G 339 -29.93 38.19 17.61
N PHE G 340 -29.96 38.11 16.29
CA PHE G 340 -29.81 39.29 15.46
C PHE G 340 -30.97 40.25 15.68
N TRP G 341 -32.20 39.74 15.67
CA TRP G 341 -33.36 40.60 15.86
C TRP G 341 -33.40 41.22 17.26
N TYR G 342 -33.01 40.44 18.28
CA TYR G 342 -33.01 40.99 19.63
C TYR G 342 -31.98 42.10 19.79
N ALA G 343 -30.81 41.92 19.16
CA ALA G 343 -29.75 42.94 19.27
C ALA G 343 -30.18 44.25 18.63
N VAL G 344 -30.72 44.20 17.41
CA VAL G 344 -31.10 45.43 16.74
C VAL G 344 -32.36 46.04 17.33
N ARG G 345 -33.28 45.22 17.82
CA ARG G 345 -34.48 45.77 18.47
C ARG G 345 -34.10 46.59 19.69
N THR G 346 -33.17 46.10 20.50
CA THR G 346 -32.75 46.82 21.69
C THR G 346 -32.06 48.13 21.33
N ALA G 347 -31.28 48.12 20.26
CA ALA G 347 -30.52 49.32 19.89
C ALA G 347 -31.44 50.44 19.44
N VAL G 348 -32.40 50.13 18.57
CA VAL G 348 -33.29 51.17 18.05
C VAL G 348 -34.16 51.73 19.16
N ILE G 349 -34.65 50.87 20.05
CA ILE G 349 -35.46 51.34 21.16
C ILE G 349 -34.63 52.19 22.12
N ASN G 350 -33.42 51.72 22.44
CA ASN G 350 -32.57 52.47 23.37
C ASN G 350 -32.16 53.82 22.79
N ALA G 351 -31.94 53.88 21.47
CA ALA G 351 -31.58 55.14 20.85
C ALA G 351 -32.77 56.09 20.72
N ALA G 352 -33.95 55.55 20.37
CA ALA G 352 -35.12 56.40 20.23
C ALA G 352 -35.61 56.93 21.58
N SER G 353 -35.31 56.22 22.67
CA SER G 353 -35.69 56.62 24.02
C SER G 353 -34.64 57.50 24.70
N GLY G 354 -33.41 57.54 24.17
CA GLY G 354 -32.30 58.23 24.80
C GLY G 354 -31.50 57.44 25.81
N ARG G 355 -31.82 56.16 26.03
CA ARG G 355 -31.02 55.35 26.95
C ARG G 355 -29.57 55.26 26.50
N GLN G 356 -29.33 55.24 25.19
CA GLN G 356 -27.98 55.24 24.64
C GLN G 356 -27.95 56.16 23.43
N THR G 357 -26.75 56.67 23.13
CA THR G 357 -26.56 57.41 21.88
C THR G 357 -26.70 56.47 20.68
N VAL G 358 -26.70 57.06 19.49
CA VAL G 358 -26.67 56.25 18.27
C VAL G 358 -25.41 55.40 18.21
N ASP G 359 -24.29 55.93 18.68
CA ASP G 359 -23.05 55.17 18.63
C ASP G 359 -23.05 54.03 19.63
N GLU G 360 -23.46 54.29 20.87
CA GLU G 360 -23.52 53.25 21.88
C GLU G 360 -24.53 52.16 21.51
N ALA G 361 -25.63 52.54 20.87
CA ALA G 361 -26.69 51.57 20.60
C ALA G 361 -26.23 50.54 19.56
N LEU G 362 -25.66 51.01 18.46
CA LEU G 362 -25.29 50.11 17.36
C LEU G 362 -24.01 49.33 17.62
N LYS G 363 -23.14 49.82 18.51
CA LYS G 363 -21.99 49.00 18.90
C LYS G 363 -22.45 47.84 19.79
N ASP G 364 -23.44 48.09 20.64
CA ASP G 364 -24.01 47.01 21.43
C ASP G 364 -24.78 46.04 20.54
N ALA G 365 -25.47 46.56 19.54
CA ALA G 365 -26.19 45.70 18.59
C ALA G 365 -25.23 44.89 17.74
N GLN G 366 -24.09 45.49 17.36
CA GLN G 366 -23.13 44.80 16.50
C GLN G 366 -22.57 43.56 17.16
N THR G 367 -22.07 43.70 18.40
CA THR G 367 -21.50 42.56 19.10
C THR G 367 -22.54 41.48 19.38
N GLY G 368 -23.73 41.89 19.81
CA GLY G 368 -24.77 40.92 20.12
C GLY G 368 -25.25 40.15 18.91
N SER G 369 -25.24 40.78 17.73
CA SER G 369 -25.64 40.08 16.51
C SER G 369 -24.57 39.06 16.10
N ASP G 370 -23.30 39.41 16.26
CA ASP G 370 -22.19 38.57 15.81
C ASP G 370 -21.70 37.60 16.88
N LEU G 371 -22.29 37.62 18.07
CA LEU G 371 -21.69 36.97 19.23
C LEU G 371 -21.43 35.49 18.99
N TYR G 372 -22.45 34.75 18.56
CA TYR G 372 -22.29 33.31 18.41
C TYR G 372 -21.33 32.96 17.27
N ARG G 373 -21.53 33.57 16.10
CA ARG G 373 -20.69 33.25 14.95
C ARG G 373 -19.24 33.61 15.23
N GLN G 374 -19.01 34.81 15.78
CA GLN G 374 -17.65 35.25 16.05
C GLN G 374 -16.99 34.37 17.11
N SER G 375 -17.74 34.02 18.16
CA SER G 375 -17.19 33.21 19.23
C SER G 375 -16.93 31.78 18.77
N LEU G 376 -17.85 31.20 17.98
CA LEU G 376 -17.65 29.84 17.52
C LEU G 376 -16.41 29.71 16.64
N GLU G 377 -16.19 30.68 15.75
CA GLU G 377 -15.00 30.64 14.90
C GLU G 377 -13.72 30.77 15.71
N ILE G 378 -13.70 31.66 16.70
CA ILE G 378 -12.48 31.88 17.47
C ILE G 378 -12.18 30.67 18.33
N ILE G 379 -13.20 30.11 18.98
CA ILE G 379 -12.99 28.98 19.88
C ILE G 379 -12.62 27.73 19.08
N SER G 380 -13.31 27.49 17.96
CA SER G 380 -13.00 26.33 17.13
CA SER G 380 -13.00 26.33 17.13
C SER G 380 -11.62 26.45 16.50
N ARG G 381 -11.15 27.68 16.27
CA ARG G 381 -9.82 27.86 15.72
C ARG G 381 -8.74 27.50 16.74
N TYR G 382 -8.90 28.00 17.97
CA TYR G 382 -7.94 27.66 19.02
C TYR G 382 -7.97 26.17 19.34
N LEU G 383 -9.17 25.59 19.44
CA LEU G 383 -9.28 24.18 19.78
C LEU G 383 -8.69 23.30 18.68
N ARG G 384 -8.80 23.75 17.43
CA ARG G 384 -8.05 23.11 16.36
C ARG G 384 -6.57 23.22 16.65
N GLU G 385 -6.05 24.46 16.60
CA GLU G 385 -4.61 24.71 16.63
C GLU G 385 -3.90 24.04 17.79
N GLN G 386 -4.59 23.72 18.88
CA GLN G 386 -3.95 23.05 20.00
C GLN G 386 -3.88 21.55 19.79
N ALA G 387 -4.90 20.96 19.19
CA ALA G 387 -4.93 19.51 18.94
C ALA G 387 -4.06 19.10 17.76
N THR G 388 -3.93 19.97 16.74
CA THR G 388 -3.20 19.64 15.53
C THR G 388 -1.72 19.99 15.60
N GLY G 389 -1.39 21.10 16.24
CA GLY G 389 -0.07 21.67 16.21
C GLY G 389 0.22 22.48 14.96
N SER G 390 -0.77 22.67 14.10
CA SER G 390 -0.66 23.45 12.87
C SER G 390 -1.74 24.50 12.85
N LYS G 391 -1.44 25.66 12.27
CA LYS G 391 -2.39 26.75 12.23
C LYS G 391 -3.27 26.66 10.97
N ASP G 392 -4.55 26.98 11.15
CA ASP G 392 -5.49 27.05 10.03
C ASP G 392 -5.29 28.39 9.33
N SER G 393 -4.73 28.35 8.12
CA SER G 393 -4.39 29.56 7.39
C SER G 393 -5.57 30.20 6.69
N LYS G 394 -6.78 29.66 6.85
CA LYS G 394 -7.96 30.28 6.25
C LYS G 394 -8.24 31.63 6.90
N PRO G 395 -8.78 32.59 6.15
CA PRO G 395 -9.10 33.94 6.64
C PRO G 395 -9.89 33.95 7.94
N GLU G 398 -13.29 38.77 12.36
CA GLU G 398 -13.02 40.20 12.55
C GLU G 398 -11.77 40.41 13.40
N ALA G 399 -10.74 41.02 12.80
CA ALA G 399 -9.46 41.30 13.44
C ALA G 399 -8.73 40.02 13.79
N GLY G 400 -7.66 39.70 13.06
CA GLY G 400 -6.84 38.55 13.36
C GLY G 400 -6.11 38.66 14.68
N ALA G 401 -5.96 39.88 15.21
CA ALA G 401 -5.36 40.05 16.53
C ALA G 401 -6.14 39.37 17.63
N ALA G 402 -7.45 39.16 17.43
CA ALA G 402 -8.22 38.41 18.40
C ALA G 402 -7.72 36.98 18.51
N GLY G 403 -7.35 36.37 17.38
CA GLY G 403 -6.78 35.03 17.43
C GLY G 403 -5.36 35.02 17.97
N ARG G 404 -4.59 36.08 17.70
CA ARG G 404 -3.22 36.14 18.19
C ARG G 404 -3.18 36.46 19.68
N ARG G 405 -3.97 37.46 20.10
CA ARG G 405 -4.10 37.73 21.53
C ARG G 405 -4.63 36.50 22.27
N ALA G 406 -5.52 35.74 21.62
CA ALA G 406 -6.05 34.53 22.24
C ALA G 406 -4.97 33.49 22.44
N LEU G 407 -4.10 33.29 21.45
CA LEU G 407 -3.12 32.22 21.50
C LEU G 407 -2.07 32.44 22.58
N GLU G 408 -1.72 33.71 22.85
CA GLU G 408 -0.67 33.98 23.83
C GLU G 408 -1.13 33.67 25.24
N THR G 409 -2.25 34.28 25.67
CA THR G 409 -2.72 34.09 27.03
C THR G 409 -3.28 32.69 27.24
N LEU G 410 -3.82 32.06 26.21
CA LEU G 410 -4.33 30.70 26.35
C LEU G 410 -3.22 29.72 26.69
N ARG G 411 -1.99 30.00 26.26
CA ARG G 411 -0.85 29.22 26.72
C ARG G 411 -0.59 29.46 28.21
N ARG G 412 -0.82 30.69 28.68
CA ARG G 412 -0.56 31.01 30.08
C ARG G 412 -1.55 30.31 30.99
N VAL G 413 -2.85 30.47 30.72
CA VAL G 413 -3.86 29.91 31.62
C VAL G 413 -3.97 28.41 31.45
N GLY G 414 -3.91 27.92 30.20
CA GLY G 414 -3.88 26.48 29.98
C GLY G 414 -2.79 25.78 30.76
N ASP G 415 -1.69 26.48 31.02
CA ASP G 415 -0.61 25.98 31.88
C ASP G 415 -0.62 26.59 33.27
N GLY G 416 -1.16 27.80 33.43
CA GLY G 416 -1.28 28.36 34.77
C GLY G 416 -2.36 27.69 35.58
N VAL G 417 -3.38 27.15 34.92
CA VAL G 417 -4.42 26.38 35.59
C VAL G 417 -3.96 24.93 35.66
N GLN G 418 -2.67 24.70 35.44
CA GLN G 418 -2.04 23.44 35.84
C GLN G 418 -1.59 23.57 37.29
N ARG G 419 -0.58 24.41 37.52
CA ARG G 419 0.01 24.71 38.83
C ARG G 419 -0.56 23.93 40.01
N ASN G 420 -1.33 24.60 40.86
CA ASN G 420 -2.11 23.92 41.90
C ASN G 420 -3.49 23.54 41.39
N HIS G 421 -3.68 23.54 40.07
CA HIS G 421 -5.00 23.43 39.45
C HIS G 421 -5.05 22.33 38.39
N GLU G 422 -4.01 21.50 38.27
CA GLU G 422 -3.86 20.58 37.15
C GLU G 422 -4.79 19.37 37.27
N THR G 423 -4.80 18.73 38.43
CA THR G 423 -5.72 17.64 38.69
C THR G 423 -7.15 18.05 38.42
N ALA G 424 -7.46 19.35 38.57
CA ALA G 424 -8.80 19.81 38.23
C ALA G 424 -9.10 19.59 36.76
N PHE G 425 -8.20 20.03 35.86
CA PHE G 425 -8.41 19.76 34.45
C PHE G 425 -8.26 18.27 34.15
N GLN G 426 -7.31 17.60 34.81
CA GLN G 426 -7.07 16.19 34.57
C GLN G 426 -8.15 15.32 35.20
N GLY G 427 -8.46 15.56 36.48
CA GLY G 427 -9.52 14.81 37.14
C GLY G 427 -10.86 14.96 36.46
N MET G 428 -11.11 16.11 35.84
CA MET G 428 -12.35 16.33 35.10
C MET G 428 -12.40 15.40 33.90
N ARG G 430 -12.94 14.20 34.11
CA ARG G 430 -13.07 13.20 33.06
C ARG G 430 -14.08 12.13 33.48
N ASN G 436 -19.53 8.56 22.56
CA ASN G 436 -20.06 9.10 21.32
C ASN G 436 -20.15 10.63 21.39
N GLU G 437 -20.79 11.21 20.38
CA GLU G 437 -20.91 12.67 20.31
C GLU G 437 -21.86 13.23 21.37
N GLY G 438 -22.87 12.47 21.76
CA GLY G 438 -23.81 12.96 22.76
C GLY G 438 -23.19 13.15 24.12
N ASP G 439 -22.15 12.37 24.45
CA ASP G 439 -21.43 12.59 25.69
C ASP G 439 -20.84 13.98 25.74
N VAL G 440 -20.33 14.46 24.61
CA VAL G 440 -19.72 15.78 24.57
C VAL G 440 -20.80 16.86 24.61
N LYS G 441 -21.96 16.60 24.00
CA LYS G 441 -23.08 17.52 24.11
C LYS G 441 -23.62 17.56 25.53
N SER G 442 -23.61 16.43 26.23
CA SER G 442 -24.00 16.38 27.63
C SER G 442 -23.13 17.25 28.52
N PHE G 443 -21.97 17.69 28.03
CA PHE G 443 -21.07 18.51 28.84
C PHE G 443 -21.68 19.85 29.17
N SER G 444 -22.75 20.24 28.45
CA SER G 444 -23.38 21.54 28.64
C SER G 444 -23.81 21.75 30.08
N ARG G 445 -24.59 20.80 30.63
CA ARG G 445 -25.13 20.99 31.98
C ARG G 445 -24.01 21.14 32.99
N VAL G 446 -22.90 20.40 32.80
CA VAL G 446 -21.77 20.52 33.71
C VAL G 446 -21.10 21.87 33.56
N MET G 447 -21.02 22.38 32.32
CA MET G 447 -20.42 23.70 32.10
C MET G 447 -21.23 24.81 32.77
N VAL G 448 -22.56 24.75 32.65
CA VAL G 448 -23.39 25.82 33.20
C VAL G 448 -23.23 25.90 34.71
N HIS G 449 -23.16 24.75 35.37
CA HIS G 449 -23.05 24.76 36.83
C HIS G 449 -21.73 25.39 37.28
N VAL G 450 -20.66 25.13 36.53
CA VAL G 450 -19.36 25.70 36.88
C VAL G 450 -19.14 27.11 36.32
N PHE G 451 -19.91 27.52 35.31
CA PHE G 451 -19.64 28.79 34.64
C PHE G 451 -20.69 29.88 34.85
N LYS G 452 -21.71 29.64 35.67
CA LYS G 452 -22.74 30.64 35.85
C LYS G 452 -22.74 31.23 37.26
N ASP G 453 -22.18 30.52 38.23
CA ASP G 453 -22.13 31.00 39.59
C ASP G 453 -21.00 32.01 39.78
N GLY G 454 -21.36 33.19 40.28
CA GLY G 454 -20.42 34.13 40.84
C GLY G 454 -20.20 35.39 40.02
N VAL G 455 -18.97 35.60 39.59
CA VAL G 455 -18.49 36.89 39.11
C VAL G 455 -18.37 36.68 37.60
N THR G 456 -17.82 37.64 36.86
CA THR G 456 -17.51 37.40 35.46
C THR G 456 -16.31 38.25 35.09
N ASN G 457 -15.32 37.63 34.47
CA ASN G 457 -14.13 38.33 34.03
C ASN G 457 -13.54 37.58 32.85
N TRP G 458 -12.60 38.22 32.16
CA TRP G 458 -11.96 37.60 31.01
C TRP G 458 -11.12 36.39 31.41
N GLY G 459 -10.53 36.39 32.60
CA GLY G 459 -9.74 35.24 33.03
C GLY G 459 -10.58 33.99 33.17
N ARG G 460 -11.82 34.13 33.64
CA ARG G 460 -12.71 32.97 33.76
C ARG G 460 -13.12 32.45 32.39
N ILE G 461 -13.43 33.35 31.45
CA ILE G 461 -13.79 32.94 30.11
C ILE G 461 -12.60 32.25 29.45
N VAL G 462 -11.39 32.75 29.73
CA VAL G 462 -10.17 32.14 29.20
C VAL G 462 -9.99 30.75 29.78
N THR G 463 -10.36 30.56 31.04
CA THR G 463 -10.32 29.22 31.65
C THR G 463 -11.34 28.27 31.00
N LEU G 464 -12.49 28.79 30.58
CA LEU G 464 -13.52 27.95 29.95
C LEU G 464 -13.05 27.34 28.64
N ILE G 465 -12.47 28.16 27.76
CA ILE G 465 -11.98 27.63 26.48
C ILE G 465 -10.71 26.84 26.67
N SER G 466 -9.97 27.10 27.74
CA SER G 466 -8.71 26.38 27.99
C SER G 466 -8.97 24.90 28.26
N PHE G 467 -10.00 24.60 29.06
CA PHE G 467 -10.37 23.20 29.26
C PHE G 467 -10.92 22.58 27.97
N GLY G 468 -11.61 23.38 27.16
CA GLY G 468 -12.00 22.90 25.84
C GLY G 468 -10.81 22.42 25.03
N ALA G 469 -9.70 23.15 25.11
CA ALA G 469 -8.48 22.70 24.46
C ALA G 469 -7.91 21.47 25.15
N PHE G 470 -8.02 21.42 26.49
CA PHE G 470 -7.51 20.27 27.24
C PHE G 470 -8.17 18.97 26.78
N VAL G 471 -9.50 18.94 26.73
CA VAL G 471 -10.18 17.75 26.22
C VAL G 471 -9.87 17.57 24.73
N ALA G 472 -9.66 18.67 24.02
CA ALA G 472 -9.32 18.61 22.59
C ALA G 472 -8.02 17.84 22.37
N LYS G 473 -7.05 18.01 23.28
CA LYS G 473 -5.83 17.23 23.22
C LYS G 473 -6.12 15.76 23.50
N HIS G 474 -7.02 15.48 24.45
CA HIS G 474 -7.43 14.11 24.70
C HIS G 474 -8.17 13.56 23.49
N LEU G 475 -8.88 14.41 22.75
CA LEU G 475 -9.59 13.95 21.56
C LEU G 475 -8.63 13.42 20.51
N LYS G 476 -7.52 14.13 20.27
CA LYS G 476 -6.56 13.68 19.27
C LYS G 476 -5.82 12.42 19.71
N SER G 477 -5.52 12.30 21.01
CA SER G 477 -4.81 11.12 21.49
C SER G 477 -5.67 9.87 21.33
N VAL G 478 -6.96 9.98 21.61
CA VAL G 478 -7.90 8.89 21.39
C VAL G 478 -8.41 8.90 19.95
N ASN G 479 -7.81 9.74 19.11
CA ASN G 479 -8.22 9.93 17.70
C ASN G 479 -9.72 10.27 17.63
N GLN G 480 -10.04 11.45 18.16
CA GLN G 480 -11.40 11.98 18.13
C GLN G 480 -11.54 13.27 17.33
N GLU G 481 -11.08 13.28 16.08
CA GLU G 481 -11.12 14.52 15.30
C GLU G 481 -12.55 14.96 15.00
N SER G 482 -13.47 14.01 14.78
CA SER G 482 -14.85 14.38 14.51
C SER G 482 -15.60 14.89 15.73
N PHE G 483 -15.24 14.45 16.93
CA PHE G 483 -15.97 14.86 18.12
C PHE G 483 -15.51 16.21 18.68
N ILE G 484 -14.52 16.86 18.05
CA ILE G 484 -14.02 18.11 18.61
C ILE G 484 -14.94 19.29 18.32
N GLU G 485 -15.65 19.26 17.19
CA GLU G 485 -16.56 20.37 16.88
C GLU G 485 -17.75 20.45 17.82
N PRO G 486 -18.50 19.38 18.11
CA PRO G 486 -19.62 19.52 19.06
C PRO G 486 -19.20 20.06 20.41
N LEU G 487 -17.94 19.87 20.79
CA LEU G 487 -17.43 20.50 22.01
C LEU G 487 -17.37 22.01 21.85
N ALA G 488 -16.78 22.49 20.75
CA ALA G 488 -16.72 23.93 20.52
C ALA G 488 -18.10 24.52 20.33
N GLU G 489 -19.03 23.76 19.74
CA GLU G 489 -20.38 24.27 19.55
C GLU G 489 -21.07 24.51 20.88
N THR G 490 -20.99 23.52 21.79
CA THR G 490 -21.60 23.69 23.10
C THR G 490 -20.86 24.70 23.95
N ILE G 491 -19.53 24.79 23.79
CA ILE G 491 -18.78 25.83 24.47
C ILE G 491 -19.28 27.21 24.06
N THR G 492 -19.39 27.44 22.75
CA THR G 492 -19.94 28.70 22.27
C THR G 492 -21.38 28.88 22.71
N ASP G 493 -22.15 27.79 22.73
CA ASP G 493 -23.54 27.89 23.20
C ASP G 493 -23.60 28.31 24.66
N VAL G 494 -22.77 27.69 25.50
CA VAL G 494 -22.79 28.01 26.92
C VAL G 494 -22.32 29.43 27.17
N LEU G 495 -21.37 29.92 26.37
CA LEU G 495 -20.85 31.26 26.59
C LEU G 495 -21.88 32.34 26.27
N VAL G 496 -22.67 32.13 25.21
CA VAL G 496 -23.66 33.15 24.85
C VAL G 496 -24.88 33.06 25.78
N ARG G 497 -25.24 31.85 26.20
CA ARG G 497 -26.45 31.69 27.01
C ARG G 497 -26.31 32.33 28.38
N THR G 498 -25.09 32.41 28.91
CA THR G 498 -24.88 32.88 30.27
C THR G 498 -24.24 34.26 30.35
N LYS G 499 -23.47 34.68 29.35
CA LYS G 499 -22.74 35.94 29.41
C LYS G 499 -23.08 36.86 28.24
N ARG G 500 -24.29 36.75 27.69
CA ARG G 500 -24.67 37.61 26.55
C ARG G 500 -24.60 39.09 26.93
N ASP G 501 -25.19 39.46 28.06
CA ASP G 501 -25.21 40.88 28.43
C ASP G 501 -23.82 41.34 28.86
N TRP G 502 -23.05 40.46 29.49
CA TRP G 502 -21.72 40.85 29.94
C TRP G 502 -20.79 41.04 28.75
N LEU G 503 -20.79 40.07 27.83
CA LEU G 503 -19.92 40.18 26.66
C LEU G 503 -20.22 41.43 25.85
N VAL G 504 -21.50 41.74 25.66
CA VAL G 504 -21.86 42.96 24.96
C VAL G 504 -21.42 44.18 25.77
N LYS G 505 -21.61 44.14 27.09
CA LYS G 505 -21.18 45.26 27.92
C LYS G 505 -19.67 45.45 27.90
N GLN G 506 -18.91 44.39 27.60
CA GLN G 506 -17.47 44.50 27.43
C GLN G 506 -17.10 44.62 25.96
N ARG G 507 -18.08 44.92 25.10
CA ARG G 507 -17.85 45.20 23.69
C ARG G 507 -17.19 44.02 22.98
N GLY G 508 -17.70 42.82 23.26
CA GLY G 508 -17.33 41.60 22.58
C GLY G 508 -15.85 41.29 22.69
N TRP G 509 -15.32 40.60 21.68
CA TRP G 509 -13.92 40.21 21.68
C TRP G 509 -12.99 41.40 21.48
N ASP G 510 -13.51 42.55 21.09
CA ASP G 510 -12.68 43.75 20.99
C ASP G 510 -12.24 44.20 22.38
N GLY G 511 -13.13 44.12 23.37
CA GLY G 511 -12.70 44.33 24.73
C GLY G 511 -11.72 43.27 25.20
N PHE G 512 -11.78 42.07 24.61
CA PHE G 512 -10.83 41.02 24.95
C PHE G 512 -9.42 41.37 24.46
N VAL G 513 -9.30 41.91 23.24
CA VAL G 513 -8.00 42.35 22.77
C VAL G 513 -7.52 43.58 23.55
N GLU G 514 -8.45 44.47 23.91
CA GLU G 514 -8.06 45.68 24.63
C GLU G 514 -7.62 45.36 26.06
N PHE G 515 -8.21 44.32 26.67
CA PHE G 515 -7.91 44.01 28.06
C PHE G 515 -6.46 43.59 28.23
N PHE G 516 -5.93 42.82 27.28
CA PHE G 516 -4.55 42.35 27.34
C PHE G 516 -3.68 43.33 26.56
N HIS G 517 -3.05 44.26 27.27
CA HIS G 517 -2.23 45.28 26.63
C HIS G 517 -0.74 45.07 26.95
N GLY H 1 -7.15 -45.23 15.86
CA GLY H 1 -6.55 -45.03 17.17
C GLY H 1 -5.69 -43.79 17.26
N LYS H 2 -5.41 -43.35 18.49
CA LYS H 2 -4.59 -42.17 18.74
C LYS H 2 -3.61 -42.40 19.89
N ILE H 3 -3.16 -43.64 20.08
CA ILE H 3 -2.37 -44.03 21.24
C ILE H 3 -0.95 -44.38 20.79
N GLU H 4 0.01 -44.15 21.69
CA GLU H 4 1.35 -44.71 21.54
C GLU H 4 1.32 -46.17 21.96
N GLU H 5 1.73 -47.07 21.06
CA GLU H 5 1.50 -48.51 21.20
C GLU H 5 2.81 -49.25 21.33
N GLY H 6 2.92 -50.08 22.37
CA GLY H 6 4.08 -50.95 22.50
C GLY H 6 4.60 -51.16 23.91
N LYS H 7 4.29 -50.24 24.82
CA LYS H 7 4.81 -50.32 26.18
C LYS H 7 3.78 -49.70 27.13
N LEU H 8 4.00 -49.95 28.42
CA LEU H 8 3.02 -49.60 29.45
C LEU H 8 3.33 -48.24 30.07
N VAL H 9 2.30 -47.40 30.16
CA VAL H 9 2.35 -46.15 30.89
C VAL H 9 1.32 -46.24 32.02
N ILE H 10 1.79 -46.09 33.25
CA ILE H 10 0.98 -46.30 34.45
C ILE H 10 0.88 -44.97 35.19
N TRP H 11 -0.34 -44.62 35.60
CA TRP H 11 -0.58 -43.39 36.35
C TRP H 11 -1.06 -43.75 37.75
N ILE H 12 -0.33 -43.28 38.76
CA ILE H 12 -0.67 -43.49 40.17
C ILE H 12 -0.57 -42.14 40.88
N ASN H 13 -1.31 -42.01 41.98
CA ASN H 13 -1.40 -40.72 42.65
C ASN H 13 -0.09 -40.37 43.36
N GLY H 14 0.10 -39.06 43.58
CA GLY H 14 1.35 -38.54 44.09
C GLY H 14 1.62 -38.84 45.54
N ASP H 15 0.59 -39.12 46.32
CA ASP H 15 0.78 -39.53 47.72
C ASP H 15 0.66 -41.04 47.88
N LYS H 16 1.23 -41.80 46.95
CA LYS H 16 1.36 -43.25 47.10
C LYS H 16 2.72 -43.67 46.56
N GLY H 17 3.07 -44.93 46.80
CA GLY H 17 4.39 -45.42 46.47
C GLY H 17 4.66 -45.61 44.99
N TYR H 18 4.99 -44.52 44.28
CA TYR H 18 5.30 -44.64 42.85
C TYR H 18 6.74 -45.06 42.60
N ASN H 19 7.64 -44.84 43.56
CA ASN H 19 9.02 -45.33 43.39
C ASN H 19 9.06 -46.85 43.50
N GLY H 20 8.34 -47.41 44.47
CA GLY H 20 8.20 -48.86 44.53
C GLY H 20 7.43 -49.42 43.36
N LEU H 21 6.47 -48.66 42.83
CA LEU H 21 5.74 -49.09 41.65
C LEU H 21 6.65 -49.14 40.43
N ALA H 22 7.60 -48.20 40.33
CA ALA H 22 8.61 -48.28 39.29
C ALA H 22 9.56 -49.45 39.53
N GLU H 23 9.82 -49.78 40.79
CA GLU H 23 10.67 -50.92 41.11
C GLU H 23 10.06 -52.22 40.60
N VAL H 24 8.74 -52.39 40.77
CA VAL H 24 8.07 -53.56 40.21
C VAL H 24 8.12 -53.53 38.69
N GLY H 25 8.10 -52.32 38.10
CA GLY H 25 8.16 -52.21 36.66
C GLY H 25 9.53 -52.54 36.09
N LYS H 26 10.59 -52.20 36.82
CA LYS H 26 11.94 -52.57 36.37
C LYS H 26 12.14 -54.07 36.41
N LYS H 27 11.57 -54.74 37.41
CA LYS H 27 11.58 -56.19 37.44
C LYS H 27 10.75 -56.78 36.31
N PHE H 28 9.66 -56.09 35.93
CA PHE H 28 8.92 -56.46 34.74
C PHE H 28 9.76 -56.25 33.49
N GLU H 29 10.60 -55.21 33.49
CA GLU H 29 11.43 -54.93 32.32
C GLU H 29 12.56 -55.94 32.19
N LYS H 30 13.15 -56.35 33.31
CA LYS H 30 14.26 -57.31 33.25
C LYS H 30 13.80 -58.67 32.77
N ASP H 31 12.62 -59.11 33.20
CA ASP H 31 12.15 -60.46 32.89
C ASP H 31 11.58 -60.55 31.47
N THR H 32 10.89 -59.50 31.02
CA THR H 32 10.16 -59.54 29.76
C THR H 32 10.71 -58.63 28.67
N GLY H 33 11.45 -57.59 29.04
CA GLY H 33 11.97 -56.67 28.04
C GLY H 33 10.96 -55.64 27.57
N ILE H 34 10.09 -55.17 28.46
CA ILE H 34 9.07 -54.18 28.14
C ILE H 34 9.25 -52.99 29.07
N LYS H 35 9.30 -51.79 28.48
CA LYS H 35 9.55 -50.58 29.27
C LYS H 35 8.31 -50.19 30.06
N VAL H 36 8.52 -49.82 31.32
CA VAL H 36 7.45 -49.40 32.22
C VAL H 36 7.81 -48.04 32.78
N THR H 37 6.98 -47.04 32.51
CA THR H 37 7.16 -45.69 33.02
C THR H 37 5.93 -45.33 33.85
N VAL H 38 6.16 -44.98 35.12
CA VAL H 38 5.10 -44.59 36.04
C VAL H 38 5.19 -43.08 36.23
N GLU H 39 4.10 -42.38 35.96
CA GLU H 39 4.01 -40.95 36.16
C GLU H 39 2.89 -40.64 37.14
N HIS H 40 3.02 -39.52 37.85
CA HIS H 40 2.01 -39.07 38.80
C HIS H 40 1.54 -37.66 38.41
N PRO H 41 0.71 -37.56 37.37
CA PRO H 41 0.21 -36.25 36.97
C PRO H 41 -0.66 -35.64 38.07
N ASP H 42 -0.66 -34.32 38.12
CA ASP H 42 -1.51 -33.60 39.07
C ASP H 42 -2.94 -33.56 38.53
N LYS H 43 -3.90 -33.59 39.46
CA LYS H 43 -5.33 -33.72 39.13
C LYS H 43 -5.56 -34.99 38.32
N LEU H 44 -5.00 -36.10 38.81
CA LEU H 44 -5.03 -37.36 38.08
C LEU H 44 -6.45 -37.89 37.93
N GLU H 45 -7.32 -37.65 38.91
CA GLU H 45 -8.69 -38.13 38.80
C GLU H 45 -9.44 -37.41 37.69
N GLU H 46 -9.09 -36.16 37.42
CA GLU H 46 -9.71 -35.43 36.33
C GLU H 46 -8.86 -35.38 35.06
N LYS H 47 -7.55 -35.64 35.14
CA LYS H 47 -6.79 -35.65 33.89
C LYS H 47 -7.10 -36.89 33.06
N PHE H 48 -7.42 -38.00 33.72
CA PHE H 48 -7.65 -39.25 33.01
C PHE H 48 -8.90 -39.21 32.12
N PRO H 49 -10.08 -38.83 32.61
CA PRO H 49 -11.26 -38.87 31.72
C PRO H 49 -11.16 -37.95 30.51
N GLN H 50 -10.39 -36.86 30.59
CA GLN H 50 -10.24 -35.97 29.44
C GLN H 50 -9.41 -36.63 28.34
N VAL H 51 -8.23 -37.15 28.69
CA VAL H 51 -7.39 -37.79 27.69
C VAL H 51 -8.04 -39.08 27.20
N ALA H 52 -8.71 -39.81 28.09
CA ALA H 52 -9.33 -41.08 27.69
C ALA H 52 -10.53 -40.85 26.78
N ALA H 53 -11.24 -39.73 26.94
CA ALA H 53 -12.35 -39.42 26.05
C ALA H 53 -11.89 -39.38 24.59
N THR H 54 -10.65 -38.95 24.36
CA THR H 54 -10.05 -38.94 23.04
C THR H 54 -9.43 -40.29 22.68
N GLY H 55 -9.56 -41.29 23.55
CA GLY H 55 -8.83 -42.52 23.37
C GLY H 55 -7.34 -42.25 23.48
N ASP H 56 -6.94 -41.60 24.57
CA ASP H 56 -5.55 -41.26 24.84
C ASP H 56 -5.28 -41.45 26.33
N GLY H 57 -4.01 -41.42 26.71
CA GLY H 57 -3.64 -41.48 28.09
C GLY H 57 -2.83 -42.70 28.45
N PRO H 58 -2.89 -43.12 29.72
CA PRO H 58 -2.07 -44.23 30.19
C PRO H 58 -2.69 -45.58 29.92
N ASP H 59 -1.85 -46.61 30.00
CA ASP H 59 -2.33 -47.98 29.87
C ASP H 59 -3.02 -48.44 31.15
N ILE H 60 -2.46 -48.10 32.31
CA ILE H 60 -3.00 -48.49 33.61
C ILE H 60 -3.23 -47.23 34.43
N ILE H 61 -4.36 -47.19 35.15
CA ILE H 61 -4.74 -46.07 36.00
C ILE H 61 -4.87 -46.60 37.43
N PHE H 62 -4.33 -45.84 38.38
CA PHE H 62 -4.44 -46.17 39.80
C PHE H 62 -5.22 -45.09 40.51
N TRP H 63 -6.27 -45.49 41.23
CA TRP H 63 -7.09 -44.58 42.02
C TRP H 63 -8.00 -45.41 42.91
N ALA H 64 -8.63 -44.73 43.86
CA ALA H 64 -9.66 -45.36 44.67
C ALA H 64 -10.86 -45.72 43.81
N HIS H 65 -11.53 -46.81 44.19
CA HIS H 65 -12.55 -47.43 43.34
C HIS H 65 -13.71 -46.50 43.02
N ASP H 66 -13.94 -45.45 43.82
CA ASP H 66 -15.13 -44.62 43.68
C ASP H 66 -15.22 -43.90 42.34
N ARG H 67 -14.12 -43.84 41.57
CA ARG H 67 -14.11 -43.14 40.30
C ARG H 67 -14.16 -44.06 39.09
N PHE H 68 -14.03 -45.37 39.27
CA PHE H 68 -13.98 -46.27 38.13
C PHE H 68 -15.36 -46.55 37.53
N GLY H 69 -16.43 -46.38 38.30
CA GLY H 69 -17.76 -46.57 37.75
C GLY H 69 -18.13 -45.46 36.76
N GLY H 70 -17.72 -44.23 37.05
CA GLY H 70 -17.97 -43.15 36.11
C GLY H 70 -17.25 -43.34 34.79
N TYR H 71 -16.03 -43.87 34.84
CA TYR H 71 -15.31 -44.16 33.61
C TYR H 71 -15.98 -45.29 32.81
N ALA H 72 -16.59 -46.25 33.50
CA ALA H 72 -17.23 -47.37 32.80
C ALA H 72 -18.49 -46.91 32.07
N GLN H 73 -19.28 -46.03 32.68
CA GLN H 73 -20.41 -45.44 31.97
C GLN H 73 -19.93 -44.67 30.74
N SER H 74 -18.71 -44.12 30.79
CA SER H 74 -18.11 -43.48 29.64
C SER H 74 -17.43 -44.47 28.70
N GLY H 75 -17.23 -45.71 29.14
CA GLY H 75 -16.61 -46.72 28.30
C GLY H 75 -15.12 -46.56 28.12
N LEU H 76 -14.41 -46.20 29.19
CA LEU H 76 -12.98 -45.90 29.12
C LEU H 76 -12.11 -46.96 29.78
N LEU H 77 -12.69 -48.04 30.30
CA LEU H 77 -11.92 -49.11 30.92
C LEU H 77 -12.44 -50.46 30.45
N ALA H 78 -11.51 -51.34 30.08
CA ALA H 78 -11.87 -52.65 29.57
C ALA H 78 -12.25 -53.61 30.71
N GLU H 79 -13.12 -54.56 30.38
CA GLU H 79 -13.49 -55.58 31.35
C GLU H 79 -12.30 -56.48 31.65
N ILE H 80 -12.04 -56.68 32.94
CA ILE H 80 -10.84 -57.39 33.40
C ILE H 80 -11.09 -58.89 33.37
N THR H 81 -10.05 -59.66 33.06
CA THR H 81 -10.14 -61.10 32.86
C THR H 81 -9.20 -61.86 33.81
N PRO H 82 -9.56 -61.97 35.08
CA PRO H 82 -8.78 -62.82 35.99
C PRO H 82 -9.32 -64.24 36.09
N ASP H 83 -8.41 -65.17 36.35
CA ASP H 83 -8.79 -66.55 36.55
C ASP H 83 -9.21 -66.78 38.00
N LYS H 84 -9.90 -67.91 38.23
CA LYS H 84 -10.41 -68.21 39.56
C LYS H 84 -9.28 -68.51 40.54
N ALA H 85 -8.21 -69.17 40.07
CA ALA H 85 -7.03 -69.34 40.91
C ALA H 85 -6.52 -68.01 41.42
N PHE H 86 -6.64 -66.95 40.62
CA PHE H 86 -6.20 -65.63 41.03
C PHE H 86 -7.25 -64.89 41.84
N GLN H 87 -8.54 -65.12 41.56
CA GLN H 87 -9.59 -64.34 42.20
C GLN H 87 -9.69 -64.63 43.70
N ASP H 88 -9.38 -65.85 44.12
CA ASP H 88 -9.41 -66.17 45.54
C ASP H 88 -8.07 -65.97 46.22
N LYS H 89 -7.06 -65.51 45.49
CA LYS H 89 -5.87 -64.97 46.14
C LYS H 89 -6.17 -63.65 46.84
N LEU H 90 -7.23 -62.96 46.43
CA LEU H 90 -7.68 -61.72 47.05
C LEU H 90 -8.99 -61.97 47.80
N TYR H 91 -9.30 -61.07 48.72
CA TYR H 91 -10.51 -61.21 49.50
C TYR H 91 -11.74 -61.00 48.63
N PRO H 92 -12.82 -61.74 48.86
CA PRO H 92 -13.99 -61.63 47.98
C PRO H 92 -14.66 -60.27 48.02
N PHE H 93 -14.74 -59.65 49.21
CA PHE H 93 -15.31 -58.31 49.30
C PHE H 93 -14.43 -57.29 48.60
N THR H 94 -13.14 -57.57 48.50
CA THR H 94 -12.24 -56.68 47.77
C THR H 94 -12.62 -56.59 46.30
N TRP H 95 -13.17 -57.65 45.73
CA TRP H 95 -13.69 -57.60 44.37
C TRP H 95 -15.02 -56.87 44.27
N ASP H 96 -15.79 -56.80 45.36
CA ASP H 96 -17.08 -56.12 45.33
C ASP H 96 -16.94 -54.62 45.09
N ALA H 97 -15.76 -54.05 45.37
CA ALA H 97 -15.55 -52.62 45.17
C ALA H 97 -15.30 -52.24 43.73
N VAL H 98 -14.95 -53.19 42.87
CA VAL H 98 -14.60 -52.88 41.49
C VAL H 98 -15.55 -53.59 40.53
N ARG H 99 -16.79 -53.81 40.96
CA ARG H 99 -17.81 -54.42 40.13
C ARG H 99 -18.77 -53.34 39.61
N TYR H 100 -19.12 -53.44 38.34
CA TYR H 100 -20.00 -52.45 37.73
C TYR H 100 -20.82 -53.11 36.63
N ASN H 101 -22.15 -53.07 36.78
CA ASN H 101 -23.07 -53.71 35.85
C ASN H 101 -22.71 -55.18 35.62
N GLY H 102 -22.29 -55.85 36.70
CA GLY H 102 -21.86 -57.22 36.64
C GLY H 102 -20.48 -57.44 36.05
N LYS H 103 -19.87 -56.40 35.48
CA LYS H 103 -18.55 -56.50 34.87
C LYS H 103 -17.49 -56.02 35.85
N LEU H 104 -16.44 -56.82 36.04
CA LEU H 104 -15.29 -56.38 36.82
C LEU H 104 -14.46 -55.42 35.98
N ILE H 105 -14.12 -54.27 36.57
CA ILE H 105 -13.51 -53.17 35.82
C ILE H 105 -12.08 -52.88 36.22
N ALA H 106 -11.61 -53.41 37.34
CA ALA H 106 -10.27 -53.03 37.79
C ALA H 106 -9.74 -54.08 38.76
N TYR H 107 -8.43 -54.03 38.98
CA TYR H 107 -7.77 -54.86 39.96
C TYR H 107 -7.71 -54.11 41.28
N PRO H 108 -8.39 -54.57 42.32
CA PRO H 108 -8.31 -53.90 43.62
C PRO H 108 -7.02 -54.23 44.35
N ILE H 109 -6.39 -53.21 44.91
CA ILE H 109 -5.03 -53.31 45.45
C ILE H 109 -5.03 -53.36 46.98
N ALA H 110 -5.61 -52.35 47.62
CA ALA H 110 -5.56 -52.27 49.07
C ALA H 110 -6.72 -51.42 49.57
N VAL H 111 -7.05 -51.59 50.85
CA VAL H 111 -8.13 -50.85 51.49
C VAL H 111 -7.54 -49.75 52.36
N GLU H 112 -8.02 -48.53 52.14
CA GLU H 112 -7.47 -47.33 52.77
C GLU H 112 -8.51 -46.69 53.68
N ALA H 113 -8.05 -46.12 54.79
CA ALA H 113 -8.93 -45.41 55.71
C ALA H 113 -8.08 -44.44 56.53
N LEU H 114 -8.67 -43.29 56.85
CA LEU H 114 -7.96 -42.27 57.62
C LEU H 114 -7.97 -42.62 59.10
N SER H 115 -6.93 -42.15 59.80
CA SER H 115 -6.80 -42.38 61.23
C SER H 115 -6.21 -41.15 61.89
N LEU H 116 -6.33 -41.10 63.22
CA LEU H 116 -5.79 -40.02 64.02
C LEU H 116 -4.33 -40.31 64.34
N ILE H 117 -3.43 -39.54 63.76
CA ILE H 117 -2.00 -39.67 63.97
C ILE H 117 -1.57 -38.61 64.98
N TYR H 118 -0.81 -39.02 66.00
CA TYR H 118 -0.48 -38.13 67.10
C TYR H 118 0.97 -38.35 67.52
N ASN H 119 1.60 -37.27 68.00
CA ASN H 119 2.96 -37.33 68.52
C ASN H 119 2.93 -37.83 69.96
N LYS H 120 3.59 -38.97 70.19
CA LYS H 120 3.59 -39.56 71.53
C LYS H 120 4.35 -38.70 72.54
N ASP H 121 5.41 -38.01 72.09
CA ASP H 121 6.23 -37.23 73.02
C ASP H 121 5.52 -35.97 73.48
N LEU H 122 4.68 -35.38 72.62
CA LEU H 122 3.94 -34.18 72.98
C LEU H 122 2.61 -34.49 73.65
N LEU H 123 1.96 -35.58 73.26
CA LEU H 123 0.62 -35.91 73.74
C LEU H 123 0.46 -37.42 73.76
N PRO H 124 0.92 -38.07 74.82
CA PRO H 124 0.76 -39.53 74.93
C PRO H 124 -0.69 -39.97 75.07
N ASN H 125 -1.57 -39.11 75.58
CA ASN H 125 -2.98 -39.43 75.79
C ASN H 125 -3.82 -38.55 74.86
N PRO H 126 -4.06 -39.00 73.62
CA PRO H 126 -4.85 -38.19 72.69
C PRO H 126 -6.31 -38.15 73.10
N PRO H 127 -7.03 -37.11 72.70
CA PRO H 127 -8.45 -37.01 73.07
C PRO H 127 -9.29 -38.06 72.34
N LYS H 128 -10.16 -38.73 73.09
CA LYS H 128 -11.13 -39.63 72.47
C LYS H 128 -12.28 -38.88 71.82
N THR H 129 -12.47 -37.60 72.16
CA THR H 129 -13.58 -36.81 71.66
C THR H 129 -13.08 -35.55 70.98
N TRP H 130 -13.79 -35.15 69.93
CA TRP H 130 -13.50 -33.88 69.26
C TRP H 130 -13.66 -32.69 70.20
N GLU H 131 -14.57 -32.80 71.17
CA GLU H 131 -14.88 -31.66 72.04
C GLU H 131 -13.71 -31.27 72.94
N GLU H 132 -12.74 -32.16 73.14
CA GLU H 132 -11.56 -31.82 73.93
C GLU H 132 -10.53 -31.03 73.13
N ILE H 133 -10.74 -30.85 71.83
CA ILE H 133 -9.75 -30.14 71.01
C ILE H 133 -9.57 -28.68 71.44
N PRO H 134 -10.64 -27.90 71.66
CA PRO H 134 -10.42 -26.49 72.08
C PRO H 134 -9.55 -26.34 73.31
N ALA H 135 -9.87 -27.05 74.39
CA ALA H 135 -9.10 -26.93 75.62
C ALA H 135 -7.69 -27.50 75.45
N LEU H 136 -7.56 -28.62 74.72
CA LEU H 136 -6.25 -29.17 74.46
C LEU H 136 -5.39 -28.22 73.63
N ASP H 137 -6.02 -27.48 72.72
CA ASP H 137 -5.27 -26.51 71.91
C ASP H 137 -4.67 -25.43 72.79
N LYS H 138 -5.47 -24.82 73.67
CA LYS H 138 -4.97 -23.77 74.55
C LYS H 138 -3.75 -24.23 75.35
N GLU H 139 -3.73 -25.50 75.75
CA GLU H 139 -2.58 -26.03 76.47
C GLU H 139 -1.31 -25.97 75.61
N LEU H 140 -1.38 -26.55 74.41
CA LEU H 140 -0.20 -26.61 73.56
C LEU H 140 0.11 -25.25 72.95
N LYS H 141 -0.88 -24.37 72.81
CA LYS H 141 -0.62 -23.01 72.36
C LYS H 141 0.29 -22.27 73.35
N ALA H 142 0.19 -22.61 74.64
CA ALA H 142 1.06 -22.00 75.65
C ALA H 142 2.49 -22.50 75.56
N LYS H 143 2.71 -23.68 74.96
CA LYS H 143 4.04 -24.24 74.78
C LYS H 143 4.57 -24.04 73.37
N GLY H 144 4.02 -23.07 72.63
CA GLY H 144 4.48 -22.81 71.27
C GLY H 144 4.18 -23.93 70.29
N LYS H 145 3.10 -24.69 70.52
CA LYS H 145 2.67 -25.75 69.63
C LYS H 145 1.19 -25.57 69.32
N SER H 146 0.65 -26.44 68.49
CA SER H 146 -0.77 -26.46 68.17
C SER H 146 -1.30 -27.87 68.35
N ALA H 147 -2.62 -27.97 68.52
CA ALA H 147 -3.23 -29.27 68.80
C ALA H 147 -3.37 -30.10 67.53
N LEU H 148 -4.15 -29.60 66.56
CA LEU H 148 -4.54 -30.42 65.42
C LEU H 148 -4.42 -29.63 64.12
N MET H 149 -3.89 -30.29 63.10
CA MET H 149 -3.74 -29.70 61.76
C MET H 149 -3.94 -30.81 60.74
N PHE H 150 -4.98 -30.70 59.92
CA PHE H 150 -5.20 -31.66 58.84
C PHE H 150 -5.79 -30.94 57.63
N ASN H 151 -5.76 -31.63 56.48
CA ASN H 151 -6.19 -31.03 55.22
C ASN H 151 -7.68 -30.73 55.27
N LEU H 152 -8.02 -29.44 55.14
CA LEU H 152 -9.41 -29.01 55.17
C LEU H 152 -9.98 -28.76 53.78
N GLN H 153 -9.18 -28.91 52.72
CA GLN H 153 -9.61 -28.55 51.38
C GLN H 153 -10.36 -29.67 50.66
N GLU H 154 -10.30 -30.91 51.16
CA GLU H 154 -10.94 -32.03 50.50
C GLU H 154 -11.95 -32.69 51.44
N PRO H 155 -13.18 -32.93 51.00
CA PRO H 155 -14.19 -33.52 51.90
C PRO H 155 -13.85 -34.92 52.36
N TYR H 156 -12.85 -35.56 51.76
CA TYR H 156 -12.39 -36.85 52.24
C TYR H 156 -11.92 -36.76 53.68
N PHE H 157 -11.35 -35.62 54.06
CA PHE H 157 -10.79 -35.45 55.41
C PHE H 157 -11.75 -34.77 56.38
N THR H 158 -12.67 -33.94 55.89
CA THR H 158 -13.54 -33.17 56.77
C THR H 158 -14.92 -33.77 56.97
N TRP H 159 -15.39 -34.61 56.07
CA TRP H 159 -16.71 -35.20 56.25
C TRP H 159 -16.82 -36.20 57.39
N PRO H 160 -15.76 -36.96 57.76
CA PRO H 160 -15.89 -37.84 58.93
C PRO H 160 -16.44 -37.15 60.16
N LEU H 161 -15.97 -35.93 60.46
CA LEU H 161 -16.51 -35.19 61.59
C LEU H 161 -17.95 -34.76 61.33
N ILE H 162 -18.24 -34.29 60.12
CA ILE H 162 -19.56 -33.75 59.81
C ILE H 162 -20.60 -34.87 59.79
N ALA H 163 -20.23 -36.05 59.32
CA ALA H 163 -21.14 -37.18 59.23
C ALA H 163 -21.25 -37.97 60.53
N ALA H 164 -20.68 -37.45 61.64
CA ALA H 164 -20.71 -38.19 62.89
C ALA H 164 -22.14 -38.32 63.43
N ASP H 165 -22.84 -37.18 63.56
CA ASP H 165 -24.24 -37.20 63.97
C ASP H 165 -25.19 -37.19 62.78
N GLY H 166 -24.68 -36.97 61.57
CA GLY H 166 -25.47 -37.11 60.37
C GLY H 166 -25.16 -38.42 59.68
N GLY H 167 -25.46 -39.53 60.37
CA GLY H 167 -25.04 -40.86 60.00
C GLY H 167 -25.16 -41.25 58.54
N TYR H 168 -24.04 -41.67 57.95
CA TYR H 168 -23.97 -42.11 56.57
C TYR H 168 -24.34 -41.01 55.59
N ALA H 169 -24.47 -41.37 54.32
CA ALA H 169 -24.86 -40.47 53.24
C ALA H 169 -25.17 -41.32 52.03
N PHE H 170 -24.93 -42.61 52.17
CA PHE H 170 -25.18 -43.59 51.12
C PHE H 170 -26.09 -44.68 51.64
N LYS H 171 -27.02 -45.10 50.79
CA LYS H 171 -27.94 -46.18 51.12
C LYS H 171 -27.94 -47.19 50.00
N TYR H 172 -28.08 -48.47 50.36
CA TYR H 172 -28.28 -49.53 49.39
C TYR H 172 -29.78 -49.78 49.31
N GLU H 173 -30.43 -49.26 48.27
CA GLU H 173 -31.88 -49.29 48.17
C GLU H 173 -32.35 -50.38 47.22
N ASN H 174 -32.56 -50.04 45.97
CA ASN H 174 -33.07 -50.98 44.97
C ASN H 174 -32.04 -51.89 44.38
N GLY H 175 -31.08 -52.32 45.17
CA GLY H 175 -29.96 -53.08 44.68
C GLY H 175 -28.78 -52.26 44.23
N LYS H 176 -28.81 -50.94 44.41
CA LYS H 176 -27.74 -50.06 44.02
C LYS H 176 -27.30 -49.23 45.21
N TYR H 177 -26.02 -48.87 45.22
CA TYR H 177 -25.41 -48.09 46.30
C TYR H 177 -25.42 -46.62 45.87
N ASP H 178 -26.44 -45.88 46.31
CA ASP H 178 -26.67 -44.51 45.88
C ASP H 178 -26.37 -43.53 47.01
N ILE H 179 -26.61 -42.24 46.74
CA ILE H 179 -26.35 -41.18 47.71
C ILE H 179 -27.58 -40.99 48.60
N VAL H 182 -30.85 -37.37 49.82
CA VAL H 182 -31.91 -36.94 50.73
C VAL H 182 -31.36 -36.81 52.15
N GLY H 183 -30.08 -37.10 52.32
CA GLY H 183 -29.48 -37.08 53.64
C GLY H 183 -28.07 -36.53 53.76
N VAL H 184 -27.84 -35.34 53.21
CA VAL H 184 -26.62 -34.59 53.49
C VAL H 184 -26.91 -33.33 54.31
N ASP H 185 -28.09 -32.72 54.15
CA ASP H 185 -28.51 -31.57 54.95
C ASP H 185 -29.46 -32.08 56.03
N ASN H 186 -28.88 -32.51 57.15
CA ASN H 186 -29.65 -32.90 58.33
C ASN H 186 -29.12 -32.14 59.53
N ALA H 187 -29.81 -32.32 60.66
CA ALA H 187 -29.40 -31.63 61.88
C ALA H 187 -28.01 -32.08 62.33
N GLY H 188 -27.69 -33.36 62.14
CA GLY H 188 -26.40 -33.86 62.57
C GLY H 188 -25.25 -33.29 61.75
N ALA H 189 -25.42 -33.21 60.43
CA ALA H 189 -24.38 -32.63 59.58
C ALA H 189 -24.24 -31.13 59.83
N LYS H 190 -25.32 -30.46 60.22
CA LYS H 190 -25.20 -29.05 60.60
C LYS H 190 -24.42 -28.91 61.90
N ALA H 191 -24.70 -29.76 62.88
CA ALA H 191 -23.94 -29.73 64.13
C ALA H 191 -22.47 -30.06 63.89
N GLY H 192 -22.20 -31.00 62.98
CA GLY H 192 -20.81 -31.32 62.67
C GLY H 192 -20.10 -30.18 61.96
N LEU H 193 -20.71 -29.65 60.90
CA LEU H 193 -20.08 -28.57 60.16
C LEU H 193 -19.92 -27.32 61.02
N THR H 194 -20.93 -27.02 61.85
CA THR H 194 -20.83 -25.89 62.75
C THR H 194 -19.62 -26.02 63.68
N PHE H 195 -19.39 -27.22 64.21
CA PHE H 195 -18.24 -27.42 65.08
C PHE H 195 -16.93 -27.23 64.34
N LEU H 196 -16.89 -27.60 63.06
CA LEU H 196 -15.67 -27.39 62.27
C LEU H 196 -15.44 -25.90 62.02
N VAL H 197 -16.47 -25.20 61.56
CA VAL H 197 -16.33 -23.77 61.28
C VAL H 197 -16.05 -23.00 62.57
N ASP H 198 -16.57 -23.47 63.70
CA ASP H 198 -16.26 -22.82 64.98
C ASP H 198 -14.79 -22.99 65.34
N LEU H 199 -14.22 -24.16 65.06
CA LEU H 199 -12.78 -24.36 65.26
C LEU H 199 -11.98 -23.32 64.48
N ILE H 200 -12.41 -23.03 63.25
CA ILE H 200 -11.75 -22.01 62.45
C ILE H 200 -11.94 -20.64 63.08
N LYS H 201 -13.16 -20.33 63.53
CA LYS H 201 -13.44 -19.03 64.12
C LYS H 201 -12.59 -18.79 65.36
N ASN H 202 -12.62 -19.72 66.32
CA ASN H 202 -11.85 -19.58 67.55
C ASN H 202 -10.34 -19.78 67.35
N LYS H 203 -9.87 -19.83 66.11
CA LYS H 203 -8.45 -19.89 65.77
C LYS H 203 -7.79 -21.17 66.27
N HIS H 204 -8.55 -22.26 66.33
CA HIS H 204 -7.94 -23.56 66.61
C HIS H 204 -7.37 -24.20 65.35
N MET H 205 -7.93 -23.86 64.19
CA MET H 205 -7.40 -24.27 62.90
C MET H 205 -7.53 -23.11 61.93
N ASN H 206 -6.73 -23.17 60.86
CA ASN H 206 -6.79 -22.18 59.79
C ASN H 206 -7.50 -22.81 58.59
N ALA H 207 -8.45 -22.07 58.01
CA ALA H 207 -9.24 -22.62 56.92
C ALA H 207 -8.42 -22.85 55.66
N ASP H 208 -7.17 -22.39 55.61
CA ASP H 208 -6.35 -22.52 54.41
C ASP H 208 -5.50 -23.78 54.39
N THR H 209 -5.34 -24.46 55.53
CA THR H 209 -4.37 -25.54 55.62
C THR H 209 -4.78 -26.71 54.73
N ASP H 210 -3.82 -27.24 53.99
CA ASP H 210 -4.05 -28.40 53.12
C ASP H 210 -3.13 -29.55 53.53
N TYR H 211 -2.91 -30.48 52.60
CA TYR H 211 -2.14 -31.69 52.93
C TYR H 211 -0.70 -31.34 53.28
N SER H 212 -0.05 -30.50 52.46
CA SER H 212 1.37 -30.23 52.65
C SER H 212 1.63 -29.46 53.95
N ILE H 213 0.78 -28.48 54.26
CA ILE H 213 0.99 -27.68 55.47
C ILE H 213 0.85 -28.55 56.71
N ALA H 214 -0.19 -29.39 56.75
CA ALA H 214 -0.39 -30.27 57.91
C ALA H 214 0.72 -31.30 58.01
N GLU H 215 1.06 -31.94 56.88
CA GLU H 215 2.09 -32.98 56.90
C GLU H 215 3.42 -32.42 57.39
N ALA H 216 3.80 -31.24 56.94
CA ALA H 216 5.05 -30.63 57.39
C ALA H 216 4.95 -30.23 58.86
N ALA H 217 3.82 -29.67 59.28
CA ALA H 217 3.67 -29.26 60.67
C ALA H 217 3.79 -30.44 61.62
N PHE H 218 3.19 -31.58 61.26
CA PHE H 218 3.28 -32.74 62.14
C PHE H 218 4.66 -33.36 62.11
N ASN H 219 5.31 -33.36 60.94
CA ASN H 219 6.64 -33.97 60.85
C ASN H 219 7.70 -33.11 61.52
N LYS H 220 7.51 -31.79 61.53
CA LYS H 220 8.48 -30.89 62.15
C LYS H 220 8.35 -30.85 63.67
N GLY H 221 7.24 -31.31 64.22
CA GLY H 221 7.00 -31.25 65.65
C GLY H 221 6.26 -30.02 66.12
N GLU H 222 5.61 -29.29 65.22
CA GLU H 222 4.91 -28.06 65.57
C GLU H 222 3.44 -28.28 65.92
N THR H 223 2.89 -29.45 65.62
CA THR H 223 1.55 -29.81 66.04
C THR H 223 1.56 -31.21 66.64
N ALA H 224 0.54 -31.50 67.45
CA ALA H 224 0.46 -32.77 68.15
C ALA H 224 -0.29 -33.83 67.36
N MET H 225 -1.25 -33.45 66.53
CA MET H 225 -2.12 -34.41 65.87
C MET H 225 -2.41 -34.00 64.43
N THR H 226 -2.52 -35.01 63.57
CA THR H 226 -2.93 -34.83 62.19
C THR H 226 -3.84 -35.99 61.81
N ILE H 227 -4.51 -35.86 60.67
CA ILE H 227 -5.44 -36.86 60.18
C ILE H 227 -5.00 -37.25 58.77
N ASN H 228 -4.72 -38.53 58.57
CA ASN H 228 -4.17 -39.01 57.32
C ASN H 228 -4.31 -40.52 57.27
N GLY H 229 -4.00 -41.09 56.10
CA GLY H 229 -4.07 -42.52 55.90
C GLY H 229 -2.71 -43.17 55.93
N PRO H 230 -2.65 -44.45 55.51
CA PRO H 230 -1.40 -45.21 55.62
C PRO H 230 -0.27 -44.65 54.77
N TRP H 231 -0.58 -43.95 53.68
CA TRP H 231 0.44 -43.47 52.76
C TRP H 231 1.35 -42.42 53.38
N ALA H 232 0.91 -41.75 54.44
CA ALA H 232 1.71 -40.72 55.08
C ALA H 232 2.71 -41.28 56.08
N TRP H 233 2.66 -42.59 56.36
CA TRP H 233 3.45 -43.15 57.45
C TRP H 233 4.95 -43.07 57.14
N SER H 234 5.34 -43.27 55.89
CA SER H 234 6.75 -43.30 55.54
C SER H 234 7.43 -41.97 55.85
N ASN H 235 6.80 -40.86 55.47
CA ASN H 235 7.38 -39.55 55.72
C ASN H 235 7.48 -39.26 57.21
N ILE H 236 6.50 -39.71 57.99
CA ILE H 236 6.57 -39.51 59.43
C ILE H 236 7.68 -40.36 60.03
N ASP H 237 7.91 -41.56 59.49
CA ASP H 237 9.02 -42.39 59.96
C ASP H 237 10.35 -41.69 59.71
N THR H 238 10.54 -41.14 58.52
CA THR H 238 11.76 -40.42 58.19
C THR H 238 11.97 -39.24 59.14
N SER H 239 10.90 -38.56 59.54
CA SER H 239 10.99 -37.48 60.49
C SER H 239 11.39 -37.94 61.87
N LYS H 240 11.48 -39.26 62.08
CA LYS H 240 11.72 -39.92 63.37
C LYS H 240 10.87 -39.36 64.51
N VAL H 241 9.77 -38.69 64.19
CA VAL H 241 8.78 -38.34 65.21
C VAL H 241 8.19 -39.62 65.78
N ASN H 242 8.25 -39.78 67.10
CA ASN H 242 7.63 -40.93 67.75
C ASN H 242 6.12 -40.74 67.72
N TYR H 243 5.46 -41.41 66.77
CA TYR H 243 4.05 -41.20 66.53
C TYR H 243 3.25 -42.44 66.88
N GLY H 244 1.94 -42.23 67.06
CA GLY H 244 1.01 -43.32 67.20
C GLY H 244 -0.14 -43.14 66.22
N VAL H 245 -0.80 -44.25 65.92
CA VAL H 245 -1.97 -44.27 65.06
C VAL H 245 -3.10 -44.90 65.85
N THR H 246 -4.20 -44.15 66.01
CA THR H 246 -5.29 -44.58 66.86
C THR H 246 -6.62 -44.23 66.20
N VAL H 247 -7.71 -44.50 66.92
CA VAL H 247 -9.05 -44.27 66.39
C VAL H 247 -9.33 -42.78 66.29
N LEU H 248 -10.14 -42.41 65.29
CA LEU H 248 -10.53 -41.02 65.13
C LEU H 248 -11.39 -40.56 66.30
N PRO H 249 -11.30 -39.28 66.68
CA PRO H 249 -12.11 -38.79 67.80
C PRO H 249 -13.60 -38.86 67.48
N THR H 250 -14.40 -39.01 68.53
CA THR H 250 -15.85 -39.01 68.38
C THR H 250 -16.40 -37.59 68.53
N PHE H 251 -17.61 -37.39 68.01
CA PHE H 251 -18.32 -36.12 68.11
C PHE H 251 -19.73 -36.41 68.56
N LYS H 252 -20.10 -35.88 69.74
CA LYS H 252 -21.38 -36.18 70.37
C LYS H 252 -21.56 -37.68 70.58
N GLY H 253 -20.48 -38.34 71.02
CA GLY H 253 -20.49 -39.76 71.31
C GLY H 253 -20.54 -40.67 70.10
N GLN H 254 -20.73 -40.13 68.90
CA GLN H 254 -20.80 -40.90 67.67
C GLN H 254 -19.43 -41.02 67.03
N PRO H 255 -19.14 -42.14 66.37
CA PRO H 255 -17.84 -42.28 65.69
C PRO H 255 -17.75 -41.38 64.47
N SER H 256 -16.61 -40.73 64.31
CA SER H 256 -16.31 -40.02 63.08
C SER H 256 -16.08 -41.03 61.97
N LYS H 257 -16.92 -40.99 60.93
CA LYS H 257 -17.00 -42.05 59.93
C LYS H 257 -16.13 -41.74 58.73
N PRO H 258 -14.98 -42.40 58.57
CA PRO H 258 -14.18 -42.19 57.36
C PRO H 258 -14.78 -42.89 56.16
N PHE H 259 -14.35 -42.44 54.98
CA PHE H 259 -14.69 -43.14 53.75
C PHE H 259 -13.77 -44.34 53.59
N VAL H 260 -14.34 -45.52 53.42
CA VAL H 260 -13.56 -46.71 53.17
C VAL H 260 -13.37 -46.83 51.66
N GLY H 261 -12.13 -46.67 51.22
CA GLY H 261 -11.81 -46.71 49.80
C GLY H 261 -10.90 -47.87 49.48
N VAL H 262 -10.97 -48.31 48.23
CA VAL H 262 -10.16 -49.42 47.73
C VAL H 262 -9.32 -48.88 46.57
N LEU H 263 -8.02 -48.78 46.77
CA LEU H 263 -7.12 -48.49 45.67
C LEU H 263 -7.23 -49.61 44.64
N SER H 264 -7.49 -49.24 43.39
CA SER H 264 -7.66 -50.22 42.32
C SER H 264 -6.91 -49.77 41.07
N ALA H 265 -6.72 -50.71 40.16
CA ALA H 265 -6.00 -50.48 38.92
C ALA H 265 -6.87 -50.89 37.75
N GLY H 266 -7.30 -49.92 36.95
CA GLY H 266 -8.03 -50.19 35.73
C GLY H 266 -7.15 -50.06 34.50
N ILE H 267 -7.58 -50.68 33.42
CA ILE H 267 -6.85 -50.69 32.16
C ILE H 267 -7.64 -49.91 31.12
N ASN H 268 -6.98 -48.98 30.45
CA ASN H 268 -7.64 -48.18 29.45
C ASN H 268 -8.17 -49.07 28.34
N ALA H 269 -9.41 -48.82 27.94
CA ALA H 269 -10.00 -49.66 26.91
C ALA H 269 -9.60 -49.24 25.52
N ALA H 270 -8.64 -48.33 25.37
CA ALA H 270 -8.06 -47.94 24.09
C ALA H 270 -6.58 -48.30 23.97
N SER H 271 -6.06 -49.09 24.89
CA SER H 271 -4.66 -49.48 24.96
C SER H 271 -4.44 -50.82 24.26
N PRO H 272 -3.32 -50.95 23.55
CA PRO H 272 -2.97 -52.23 22.91
C PRO H 272 -2.21 -53.19 23.82
N ASN H 273 -1.87 -52.78 25.03
CA ASN H 273 -1.12 -53.60 25.98
C ASN H 273 -2.00 -54.13 27.10
N LYS H 274 -3.24 -54.52 26.77
CA LYS H 274 -4.14 -55.03 27.79
C LYS H 274 -3.63 -56.35 28.36
N GLU H 275 -3.10 -57.22 27.51
CA GLU H 275 -2.58 -58.49 28.01
C GLU H 275 -1.29 -58.28 28.81
N LEU H 276 -0.46 -57.33 28.40
CA LEU H 276 0.76 -57.04 29.15
C LEU H 276 0.46 -56.30 30.45
N ALA H 277 -0.56 -55.43 30.44
CA ALA H 277 -1.00 -54.81 31.68
C ALA H 277 -1.57 -55.85 32.63
N LYS H 278 -2.36 -56.79 32.11
CA LYS H 278 -2.90 -57.85 32.94
C LYS H 278 -1.81 -58.73 33.52
N GLU H 279 -0.80 -59.07 32.71
CA GLU H 279 0.31 -59.88 33.20
C GLU H 279 1.09 -59.15 34.29
N PHE H 280 1.33 -57.85 34.10
CA PHE H 280 2.08 -57.09 35.10
C PHE H 280 1.31 -56.99 36.41
N LEU H 281 -0.01 -56.83 36.34
CA LEU H 281 -0.78 -56.60 37.56
C LEU H 281 -0.99 -57.88 38.36
N GLU H 282 -1.35 -58.97 37.69
CA GLU H 282 -1.71 -60.20 38.41
C GLU H 282 -0.49 -60.98 38.89
N ASN H 283 0.54 -61.08 38.06
CA ASN H 283 1.68 -61.94 38.37
C ASN H 283 2.87 -61.18 38.96
N TYR H 284 2.88 -59.84 38.97
CA TYR H 284 4.04 -59.05 39.37
C TYR H 284 3.75 -58.08 40.51
N LEU H 285 2.74 -57.22 40.39
CA LEU H 285 2.41 -56.29 41.48
C LEU H 285 1.58 -56.95 42.58
N LEU H 286 0.50 -57.65 42.22
CA LEU H 286 -0.35 -58.36 43.17
C LEU H 286 0.25 -59.69 43.63
N THR H 287 1.53 -59.65 44.02
CA THR H 287 2.27 -60.77 44.62
C THR H 287 2.85 -60.30 45.94
N ASP H 288 3.59 -61.19 46.59
CA ASP H 288 4.17 -60.83 47.89
C ASP H 288 5.21 -59.73 47.72
N GLU H 289 6.27 -60.00 46.95
CA GLU H 289 7.34 -59.02 46.79
C GLU H 289 6.91 -57.79 45.99
N GLY H 290 5.91 -57.92 45.11
CA GLY H 290 5.44 -56.76 44.37
C GLY H 290 4.71 -55.77 45.25
N LEU H 291 3.90 -56.27 46.18
CA LEU H 291 3.21 -55.39 47.10
C LEU H 291 4.14 -54.84 48.17
N GLU H 292 5.16 -55.61 48.56
CA GLU H 292 6.12 -55.10 49.56
C GLU H 292 6.97 -53.98 49.00
N ALA H 293 7.26 -53.98 47.70
CA ALA H 293 8.02 -52.89 47.11
C ALA H 293 7.24 -51.58 47.19
N VAL H 294 5.93 -51.64 46.92
CA VAL H 294 5.12 -50.44 46.97
C VAL H 294 4.81 -50.06 48.42
N ASN H 295 4.58 -51.06 49.28
CA ASN H 295 4.27 -50.77 50.68
C ASN H 295 5.48 -50.21 51.42
N LYS H 296 6.67 -50.74 51.16
CA LYS H 296 7.87 -50.22 51.81
C LYS H 296 8.14 -48.77 51.41
N ASP H 297 7.79 -48.41 50.18
CA ASP H 297 7.87 -47.03 49.73
C ASP H 297 6.94 -46.17 50.56
N LYS H 298 5.64 -46.24 50.27
CA LYS H 298 4.61 -45.61 51.08
C LYS H 298 3.54 -46.65 51.35
N PRO H 299 3.16 -46.88 52.60
CA PRO H 299 2.29 -48.02 52.93
C PRO H 299 0.96 -47.97 52.20
N LEU H 300 0.47 -49.16 51.83
CA LEU H 300 -0.78 -49.31 51.10
C LEU H 300 -1.99 -49.45 52.00
N GLY H 301 -1.80 -49.82 53.26
CA GLY H 301 -2.90 -50.13 54.16
C GLY H 301 -3.12 -51.61 54.25
N ALA H 302 -4.39 -52.04 54.27
CA ALA H 302 -4.74 -53.46 54.23
C ALA H 302 -4.70 -53.92 52.78
N VAL H 303 -3.73 -54.75 52.45
CA VAL H 303 -3.55 -55.19 51.06
C VAL H 303 -4.55 -56.30 50.74
N ALA H 304 -4.94 -56.37 49.47
CA ALA H 304 -5.98 -57.31 49.05
C ALA H 304 -5.47 -58.75 49.05
N LEU H 305 -4.18 -58.96 48.82
CA LEU H 305 -3.62 -60.30 48.76
C LEU H 305 -3.71 -60.94 50.15
N LYS H 306 -4.45 -62.06 50.24
CA LYS H 306 -4.61 -62.75 51.51
C LYS H 306 -3.27 -63.05 52.16
N SER H 307 -2.38 -63.71 51.42
CA SER H 307 -1.12 -64.19 52.01
C SER H 307 -0.28 -63.05 52.54
N TYR H 308 -0.30 -61.89 51.86
CA TYR H 308 0.51 -60.78 52.35
C TYR H 308 -0.20 -59.99 53.45
N GLU H 309 -1.52 -59.83 53.35
CA GLU H 309 -2.22 -59.11 54.41
C GLU H 309 -2.19 -59.88 55.72
N GLU H 310 -2.15 -61.22 55.67
CA GLU H 310 -1.99 -62.00 56.88
C GLU H 310 -0.72 -61.63 57.63
N GLU H 311 0.30 -61.14 56.93
CA GLU H 311 1.52 -60.68 57.56
C GLU H 311 1.42 -59.24 58.04
N LEU H 312 0.71 -58.39 57.31
CA LEU H 312 0.60 -56.97 57.65
C LEU H 312 -0.52 -56.68 58.63
N ALA H 313 -1.44 -57.61 58.84
CA ALA H 313 -2.51 -57.40 59.82
C ALA H 313 -1.98 -57.29 61.25
N LYS H 314 -0.72 -57.66 61.48
CA LYS H 314 -0.10 -57.54 62.79
C LYS H 314 0.30 -56.11 63.12
N ASP H 315 0.49 -55.26 62.11
CA ASP H 315 0.90 -53.88 62.33
C ASP H 315 -0.14 -53.14 63.15
N PRO H 316 0.24 -52.55 64.29
CA PRO H 316 -0.73 -51.74 65.05
C PRO H 316 -1.22 -50.52 64.29
N ARG H 317 -0.43 -50.00 63.35
CA ARG H 317 -0.92 -48.94 62.49
C ARG H 317 -2.03 -49.43 61.59
N ILE H 318 -1.91 -50.67 61.09
CA ILE H 318 -2.98 -51.25 60.29
C ILE H 318 -4.18 -51.58 61.17
N ALA H 319 -3.93 -52.02 62.40
CA ALA H 319 -5.03 -52.36 63.32
C ALA H 319 -5.89 -51.13 63.61
N ALA H 320 -5.25 -49.97 63.81
CA ALA H 320 -6.02 -48.73 64.00
C ALA H 320 -6.72 -48.32 62.72
N THR H 321 -6.07 -48.53 61.57
CA THR H 321 -6.72 -48.26 60.28
C THR H 321 -7.99 -49.09 60.13
N MET H 322 -7.96 -50.34 60.57
CA MET H 322 -9.11 -51.22 60.40
C MET H 322 -10.21 -50.93 61.39
N GLU H 323 -9.88 -50.45 62.59
CA GLU H 323 -10.92 -50.08 63.55
C GLU H 323 -11.67 -48.85 63.08
N ASN H 324 -10.96 -47.87 62.51
CA ASN H 324 -11.65 -46.72 61.94
C ASN H 324 -12.49 -47.12 60.75
N ALA H 325 -11.94 -47.94 59.85
CA ALA H 325 -12.69 -48.40 58.70
C ALA H 325 -13.93 -49.19 59.12
N GLN H 326 -13.83 -49.95 60.21
CA GLN H 326 -14.97 -50.70 60.71
C GLN H 326 -16.09 -49.78 61.17
N LYS H 327 -15.75 -48.61 61.69
CA LYS H 327 -16.74 -47.61 62.07
C LYS H 327 -17.12 -46.69 60.93
N GLY H 328 -16.54 -46.88 59.75
CA GLY H 328 -16.67 -45.95 58.64
C GLY H 328 -17.73 -46.36 57.63
N GLU H 329 -17.55 -45.88 56.41
CA GLU H 329 -18.53 -46.07 55.34
C GLU H 329 -17.80 -46.24 54.02
N ILE H 330 -18.19 -47.24 53.23
CA ILE H 330 -17.56 -47.51 51.95
C ILE H 330 -18.15 -46.60 50.88
N MET H 331 -17.28 -46.07 50.04
CA MET H 331 -17.73 -45.23 48.94
C MET H 331 -18.48 -46.06 47.91
N PRO H 332 -19.57 -45.54 47.34
CA PRO H 332 -20.15 -46.17 46.14
C PRO H 332 -19.29 -45.85 44.93
N ASN H 333 -19.64 -46.47 43.81
CA ASN H 333 -18.93 -46.24 42.55
C ASN H 333 -19.89 -45.93 41.41
N ILE H 334 -21.05 -45.39 41.74
CA ILE H 334 -22.05 -44.98 40.75
C ILE H 334 -21.44 -43.92 39.84
N PRO H 335 -21.89 -43.80 38.59
CA PRO H 335 -21.20 -42.93 37.62
C PRO H 335 -21.21 -41.45 37.97
N GLN H 336 -22.01 -41.00 38.94
CA GLN H 336 -22.04 -39.58 39.30
C GLN H 336 -21.55 -39.35 40.73
N MET H 337 -20.60 -40.16 41.18
CA MET H 337 -19.89 -39.84 42.42
C MET H 337 -19.06 -38.57 42.28
N SER H 338 -18.79 -38.14 41.04
CA SER H 338 -18.05 -36.91 40.83
CA SER H 338 -18.05 -36.91 40.83
C SER H 338 -18.84 -35.70 41.33
N ALA H 339 -20.11 -35.59 40.92
CA ALA H 339 -20.94 -34.48 41.36
C ALA H 339 -21.14 -34.49 42.87
N PHE H 340 -21.15 -35.68 43.48
CA PHE H 340 -21.27 -35.75 44.93
C PHE H 340 -20.06 -35.11 45.60
N TRP H 341 -18.86 -35.40 45.09
CA TRP H 341 -17.66 -34.82 45.69
C TRP H 341 -17.60 -33.32 45.46
N TYR H 342 -17.96 -32.85 44.26
CA TYR H 342 -17.91 -31.41 44.00
C TYR H 342 -18.89 -30.65 44.87
N ALA H 343 -20.10 -31.18 45.03
CA ALA H 343 -21.11 -30.48 45.83
C ALA H 343 -20.65 -30.31 47.27
N VAL H 344 -20.09 -31.36 47.86
CA VAL H 344 -19.65 -31.30 49.24
C VAL H 344 -18.34 -30.51 49.36
N ARG H 345 -17.42 -30.70 48.40
CA ARG H 345 -16.18 -29.92 48.39
C ARG H 345 -16.47 -28.43 48.48
N THR H 346 -17.40 -27.95 47.65
CA THR H 346 -17.72 -26.53 47.64
C THR H 346 -18.34 -26.10 48.96
N ALA H 347 -19.16 -26.96 49.57
CA ALA H 347 -19.91 -26.58 50.76
C ALA H 347 -18.98 -26.36 51.95
N VAL H 348 -18.04 -27.27 52.18
CA VAL H 348 -17.14 -27.13 53.31
C VAL H 348 -16.24 -25.91 53.12
N ILE H 349 -15.77 -25.68 51.89
CA ILE H 349 -14.90 -24.54 51.64
C ILE H 349 -15.67 -23.24 51.76
N ASN H 350 -16.90 -23.19 51.24
CA ASN H 350 -17.73 -22.00 51.37
C ASN H 350 -18.08 -21.73 52.83
N ALA H 351 -18.31 -22.79 53.60
CA ALA H 351 -18.65 -22.62 55.02
C ALA H 351 -17.44 -22.19 55.83
N ALA H 352 -16.29 -22.83 55.61
CA ALA H 352 -15.08 -22.51 56.36
C ALA H 352 -14.57 -21.11 56.08
N SER H 353 -14.92 -20.53 54.92
CA SER H 353 -14.47 -19.19 54.56
C SER H 353 -15.55 -18.13 54.76
N GLY H 354 -16.79 -18.53 55.03
CA GLY H 354 -17.85 -17.58 55.27
C GLY H 354 -18.63 -17.15 54.05
N ARG H 355 -18.31 -17.69 52.87
CA ARG H 355 -19.07 -17.32 51.67
C ARG H 355 -20.52 -17.73 51.78
N GLN H 356 -20.80 -18.78 52.56
CA GLN H 356 -22.15 -19.21 52.84
C GLN H 356 -22.23 -19.60 54.31
N THR H 357 -23.43 -19.47 54.88
CA THR H 357 -23.66 -19.96 56.22
C THR H 357 -23.63 -21.50 56.21
N VAL H 358 -23.61 -22.08 57.41
CA VAL H 358 -23.62 -23.54 57.51
C VAL H 358 -24.90 -24.12 56.91
N ASP H 359 -26.02 -23.41 57.10
CA ASP H 359 -27.27 -23.86 56.50
C ASP H 359 -27.23 -23.73 54.98
N GLU H 360 -26.83 -22.56 54.48
CA GLU H 360 -26.76 -22.36 53.03
C GLU H 360 -25.74 -23.28 52.38
N ALA H 361 -24.67 -23.63 53.11
CA ALA H 361 -23.65 -24.52 52.54
C ALA H 361 -24.20 -25.93 52.37
N LEU H 362 -24.83 -26.48 53.41
CA LEU H 362 -25.28 -27.86 53.35
C LEU H 362 -26.52 -28.03 52.48
N LYS H 363 -27.34 -26.98 52.35
CA LYS H 363 -28.52 -27.09 51.49
C LYS H 363 -28.11 -27.10 50.02
N ASP H 364 -27.19 -26.23 49.63
CA ASP H 364 -26.67 -26.27 48.27
C ASP H 364 -25.95 -27.58 48.00
N ALA H 365 -25.30 -28.15 49.01
CA ALA H 365 -24.60 -29.41 48.83
C ALA H 365 -25.57 -30.57 48.63
N GLN H 366 -26.68 -30.56 49.38
CA GLN H 366 -27.66 -31.65 49.25
C GLN H 366 -28.29 -31.66 47.87
N THR H 367 -28.75 -30.50 47.39
CA THR H 367 -29.42 -30.46 46.10
C THR H 367 -28.46 -30.81 44.97
N GLY H 368 -27.23 -30.31 45.03
CA GLY H 368 -26.26 -30.61 43.99
C GLY H 368 -25.82 -32.06 43.98
N SER H 369 -25.84 -32.71 45.14
CA SER H 369 -25.35 -34.09 45.22
C SER H 369 -26.32 -35.07 44.57
N ASP H 370 -27.62 -34.86 44.75
CA ASP H 370 -28.64 -35.80 44.29
C ASP H 370 -29.29 -35.39 42.97
N LEU H 371 -28.80 -34.33 42.33
CA LEU H 371 -29.53 -33.71 41.22
C LEU H 371 -29.81 -34.71 40.10
N TYR H 372 -28.78 -35.40 39.63
CA TYR H 372 -28.95 -36.34 38.51
C TYR H 372 -29.93 -37.45 38.88
N ARG H 373 -29.76 -38.04 40.05
CA ARG H 373 -30.65 -39.13 40.46
C ARG H 373 -32.07 -38.64 40.68
N GLN H 374 -32.23 -37.52 41.39
CA GLN H 374 -33.56 -37.00 41.66
C GLN H 374 -34.25 -36.55 40.38
N SER H 375 -33.50 -35.94 39.46
CA SER H 375 -34.10 -35.48 38.21
C SER H 375 -34.41 -36.65 37.29
N LEU H 376 -33.54 -37.66 37.24
CA LEU H 376 -33.83 -38.85 36.45
C LEU H 376 -35.11 -39.51 36.94
N GLU H 377 -35.29 -39.60 38.25
CA GLU H 377 -36.51 -40.21 38.78
C GLU H 377 -37.75 -39.41 38.40
N ILE H 378 -37.67 -38.08 38.46
CA ILE H 378 -38.83 -37.25 38.17
C ILE H 378 -39.16 -37.28 36.68
N ILE H 379 -38.13 -37.11 35.84
CA ILE H 379 -38.37 -36.97 34.40
C ILE H 379 -38.77 -38.31 33.79
N SER H 380 -38.08 -39.39 34.16
CA SER H 380 -38.44 -40.70 33.63
C SER H 380 -39.83 -41.13 34.05
N ARG H 381 -40.33 -40.61 35.18
CA ARG H 381 -41.67 -40.94 35.62
C ARG H 381 -42.72 -40.11 34.92
N TYR H 382 -42.38 -38.90 34.46
CA TYR H 382 -43.34 -38.09 33.72
C TYR H 382 -43.53 -38.63 32.32
N LEU H 383 -42.44 -39.05 31.67
CA LEU H 383 -42.53 -39.57 30.31
C LEU H 383 -43.25 -40.92 30.28
N ARG H 384 -43.20 -41.67 31.38
CA ARG H 384 -43.97 -42.91 31.47
C ARG H 384 -45.45 -42.62 31.70
N GLU H 385 -45.76 -41.70 32.61
CA GLU H 385 -47.15 -41.37 32.88
C GLU H 385 -47.82 -40.66 31.71
N GLN H 386 -47.05 -40.02 30.83
CA GLN H 386 -47.64 -39.39 29.66
C GLN H 386 -47.88 -40.39 28.54
N ALA H 387 -46.92 -41.30 28.32
CA ALA H 387 -47.08 -42.30 27.26
C ALA H 387 -48.03 -43.41 27.68
N THR H 388 -47.90 -43.90 28.91
CA THR H 388 -48.80 -44.91 29.45
C THR H 388 -49.94 -44.24 30.20
N GLY H 389 -51.15 -44.76 30.03
CA GLY H 389 -52.32 -44.18 30.65
C GLY H 389 -52.42 -44.42 32.14
N SER H 390 -51.39 -45.03 32.74
CA SER H 390 -51.38 -45.32 34.17
C SER H 390 -50.12 -44.74 34.80
N LYS H 391 -50.24 -44.37 36.06
CA LYS H 391 -49.12 -43.80 36.81
C LYS H 391 -48.30 -44.91 37.47
N ASP H 392 -46.99 -44.68 37.55
CA ASP H 392 -46.08 -45.62 38.21
C ASP H 392 -46.33 -45.60 39.71
N SER H 393 -46.94 -46.67 40.23
CA SER H 393 -47.32 -46.71 41.64
C SER H 393 -46.13 -46.89 42.58
N LYS H 394 -44.95 -47.17 42.05
CA LYS H 394 -43.78 -47.32 42.90
C LYS H 394 -43.48 -46.01 43.62
N PRO H 395 -42.95 -46.07 44.86
CA PRO H 395 -42.60 -44.89 45.64
C PRO H 395 -41.69 -43.92 44.90
N GLU H 398 -37.81 -38.73 47.24
CA GLU H 398 -37.72 -37.38 47.78
C GLU H 398 -38.42 -36.38 46.86
N ALA H 399 -39.40 -35.67 47.42
CA ALA H 399 -40.21 -34.70 46.68
C ALA H 399 -40.88 -35.35 45.47
N GLY H 400 -41.13 -36.65 45.56
CA GLY H 400 -41.80 -37.36 44.49
C GLY H 400 -43.30 -37.14 44.50
N ALA H 401 -43.91 -37.28 45.68
CA ALA H 401 -45.32 -36.94 45.82
C ALA H 401 -45.55 -35.45 45.59
N ALA H 402 -44.63 -34.61 46.08
CA ALA H 402 -44.66 -33.19 45.72
C ALA H 402 -44.43 -33.01 44.23
N GLY H 403 -43.57 -33.85 43.64
CA GLY H 403 -43.50 -33.91 42.19
C GLY H 403 -44.79 -34.38 41.57
N ARG H 404 -45.39 -35.44 42.14
CA ARG H 404 -46.64 -35.97 41.62
C ARG H 404 -47.72 -34.90 41.53
N ARG H 405 -47.71 -33.93 42.43
CA ARG H 405 -48.61 -32.79 42.30
C ARG H 405 -48.22 -31.93 41.11
N ALA H 406 -46.93 -31.65 40.96
CA ALA H 406 -46.45 -30.93 39.78
C ALA H 406 -46.48 -31.81 38.55
N LEU H 407 -46.39 -33.13 38.74
CA LEU H 407 -46.60 -34.07 37.63
C LEU H 407 -47.99 -33.92 37.04
N GLU H 408 -48.99 -33.77 37.90
CA GLU H 408 -50.38 -33.65 37.46
C GLU H 408 -50.77 -32.22 37.12
N THR H 409 -50.19 -31.24 37.80
CA THR H 409 -50.43 -29.83 37.49
C THR H 409 -50.00 -29.51 36.05
N VAL H 413 -52.27 -27.75 32.98
CA VAL H 413 -51.67 -26.55 32.41
C VAL H 413 -50.63 -26.95 31.38
N GLY H 414 -49.98 -28.09 31.61
CA GLY H 414 -49.05 -28.62 30.63
C GLY H 414 -49.72 -28.94 29.31
N ASP H 415 -51.01 -29.30 29.35
CA ASP H 415 -51.78 -29.49 28.13
C ASP H 415 -51.57 -28.32 27.17
N GLY H 416 -51.65 -27.09 27.69
CA GLY H 416 -51.30 -25.92 26.89
C GLY H 416 -49.83 -25.89 26.54
N VAL H 417 -48.96 -26.16 27.52
CA VAL H 417 -47.53 -26.23 27.23
C VAL H 417 -47.24 -27.26 26.14
N GLN H 418 -48.04 -28.33 26.09
CA GLN H 418 -47.98 -29.25 24.96
C GLN H 418 -48.82 -28.79 23.79
N ARG H 419 -49.65 -27.76 23.96
CA ARG H 419 -50.49 -27.22 22.90
C ARG H 419 -50.06 -25.85 22.41
N ASN H 420 -49.64 -24.94 23.30
CA ASN H 420 -49.02 -23.69 22.86
C ASN H 420 -47.86 -24.00 21.93
N HIS H 421 -47.00 -24.93 22.33
CA HIS H 421 -45.86 -25.36 21.54
C HIS H 421 -46.19 -26.53 20.64
N GLU H 422 -47.47 -26.88 20.48
CA GLU H 422 -47.85 -28.08 19.74
C GLU H 422 -47.34 -28.03 18.31
N THR H 423 -47.71 -26.98 17.57
CA THR H 423 -47.21 -26.83 16.21
C THR H 423 -45.68 -26.84 16.17
N ALA H 424 -45.05 -26.29 17.20
CA ALA H 424 -43.59 -26.35 17.29
C ALA H 424 -43.12 -27.75 17.62
N PHE H 425 -43.75 -28.39 18.61
CA PHE H 425 -43.35 -29.74 19.01
C PHE H 425 -43.49 -30.73 17.86
N GLN H 426 -44.46 -30.51 16.98
CA GLN H 426 -44.75 -31.48 15.91
C GLN H 426 -43.63 -31.49 14.88
N GLY H 427 -43.27 -30.32 14.34
CA GLY H 427 -42.24 -30.27 13.32
C GLY H 427 -40.86 -30.64 13.83
N MET H 428 -40.58 -30.32 15.09
CA MET H 428 -39.26 -30.63 15.65
C MET H 428 -39.03 -32.14 15.75
N LEU H 429 -40.10 -32.92 15.88
CA LEU H 429 -39.98 -34.38 15.95
C LEU H 429 -39.39 -34.96 14.66
N ARG H 430 -39.04 -34.09 13.72
CA ARG H 430 -38.34 -34.50 12.51
C ARG H 430 -36.85 -34.20 12.62
N ASP H 439 -30.22 -42.24 16.84
CA ASP H 439 -30.37 -40.79 16.90
C ASP H 439 -30.94 -40.39 18.25
N VAL H 440 -31.35 -41.39 19.05
CA VAL H 440 -31.95 -41.05 20.34
C VAL H 440 -30.88 -40.59 21.31
N LYS H 441 -29.72 -41.27 21.32
CA LYS H 441 -28.60 -40.71 22.08
C LYS H 441 -28.12 -39.40 21.46
N SER H 442 -28.33 -39.22 20.16
CA SER H 442 -27.85 -38.06 19.44
C SER H 442 -28.74 -36.83 19.60
N PHE H 443 -29.82 -36.90 20.38
CA PHE H 443 -30.59 -35.68 20.60
C PHE H 443 -29.80 -34.66 21.41
N SER H 444 -28.73 -35.08 22.10
CA SER H 444 -28.01 -34.21 23.00
C SER H 444 -27.53 -32.95 22.30
N ARG H 445 -26.86 -33.11 21.15
CA ARG H 445 -26.32 -31.96 20.43
C ARG H 445 -27.41 -30.97 20.06
N VAL H 446 -28.55 -31.46 19.59
CA VAL H 446 -29.63 -30.57 19.18
C VAL H 446 -30.24 -29.87 20.38
N MET H 447 -30.52 -30.63 21.45
CA MET H 447 -31.20 -30.03 22.59
C MET H 447 -30.28 -29.13 23.39
N VAL H 448 -28.97 -29.40 23.40
CA VAL H 448 -28.05 -28.47 24.05
C VAL H 448 -28.02 -27.14 23.30
N HIS H 449 -28.12 -27.18 21.98
CA HIS H 449 -28.10 -25.94 21.19
C HIS H 449 -29.24 -25.01 21.59
N VAL H 450 -30.45 -25.56 21.77
CA VAL H 450 -31.62 -24.74 22.08
C VAL H 450 -31.77 -24.47 23.58
N PHE H 451 -31.12 -25.25 24.43
CA PHE H 451 -31.33 -25.15 25.88
C PHE H 451 -30.20 -24.44 26.62
N LYS H 452 -29.07 -24.18 25.95
CA LYS H 452 -27.92 -23.60 26.63
C LYS H 452 -27.86 -22.08 26.54
N ASP H 453 -28.33 -21.50 25.44
CA ASP H 453 -28.25 -20.05 25.25
C ASP H 453 -29.56 -19.39 25.67
N GLY H 454 -29.44 -18.23 26.30
CA GLY H 454 -30.58 -17.45 26.72
C GLY H 454 -30.73 -17.43 28.23
N VAL H 455 -31.76 -16.71 28.67
CA VAL H 455 -32.04 -16.64 30.10
C VAL H 455 -32.66 -17.95 30.57
N THR H 456 -32.47 -18.27 31.84
CA THR H 456 -32.94 -19.51 32.41
C THR H 456 -34.11 -19.25 33.34
N ASN H 457 -35.06 -20.19 33.36
CA ASN H 457 -36.42 -19.92 33.79
C ASN H 457 -37.11 -21.27 33.99
N TRP H 458 -38.08 -21.30 34.91
CA TRP H 458 -38.72 -22.58 35.24
C TRP H 458 -39.56 -23.10 34.07
N GLY H 459 -40.25 -22.21 33.37
CA GLY H 459 -41.07 -22.63 32.25
C GLY H 459 -40.26 -23.22 31.12
N ARG H 460 -39.04 -22.73 30.90
CA ARG H 460 -38.16 -23.32 29.91
C ARG H 460 -37.86 -24.78 30.26
N ILE H 461 -37.62 -25.06 31.54
CA ILE H 461 -37.36 -26.42 31.98
C ILE H 461 -38.60 -27.29 31.79
N VAL H 462 -39.78 -26.74 32.08
CA VAL H 462 -41.03 -27.46 31.83
C VAL H 462 -41.18 -27.75 30.35
N THR H 463 -40.86 -26.78 29.49
CA THR H 463 -40.92 -27.01 28.05
C THR H 463 -39.95 -28.11 27.64
N LEU H 464 -38.79 -28.18 28.28
CA LEU H 464 -37.82 -29.23 27.98
C LEU H 464 -38.37 -30.60 28.29
N ILE H 465 -38.99 -30.76 29.46
CA ILE H 465 -39.56 -32.05 29.82
C ILE H 465 -40.85 -32.32 29.07
N SER H 466 -41.59 -31.26 28.70
CA SER H 466 -42.83 -31.45 27.96
C SER H 466 -42.56 -32.05 26.57
N PHE H 467 -41.57 -31.50 25.87
CA PHE H 467 -41.22 -32.05 24.55
C PHE H 467 -40.68 -33.47 24.68
N GLY H 468 -40.05 -33.80 25.80
CA GLY H 468 -39.66 -35.18 26.05
C GLY H 468 -40.88 -36.09 26.11
N ALA H 469 -41.95 -35.63 26.76
CA ALA H 469 -43.20 -36.38 26.76
C ALA H 469 -43.77 -36.47 25.36
N PHE H 470 -43.71 -35.36 24.60
CA PHE H 470 -44.22 -35.37 23.22
C PHE H 470 -43.49 -36.42 22.40
N VAL H 471 -42.17 -36.48 22.50
CA VAL H 471 -41.41 -37.53 21.83
C VAL H 471 -41.78 -38.90 22.39
N ALA H 472 -42.00 -38.98 23.71
CA ALA H 472 -42.29 -40.26 24.33
C ALA H 472 -43.62 -40.85 23.85
N LYS H 473 -44.59 -39.99 23.53
CA LYS H 473 -45.87 -40.51 23.05
C LYS H 473 -45.76 -41.02 21.62
N HIS H 474 -44.91 -40.40 20.80
CA HIS H 474 -44.62 -40.96 19.48
C HIS H 474 -43.86 -42.28 19.60
N LEU H 475 -43.15 -42.48 20.71
CA LEU H 475 -42.42 -43.74 20.89
C LEU H 475 -43.38 -44.91 21.02
N LYS H 476 -44.51 -44.71 21.71
CA LYS H 476 -45.50 -45.78 21.84
C LYS H 476 -46.34 -45.95 20.59
N SER H 477 -46.44 -44.93 19.74
CA SER H 477 -47.18 -45.07 18.49
C SER H 477 -46.46 -46.01 17.53
N VAL H 478 -45.14 -45.82 17.37
CA VAL H 478 -44.33 -46.79 16.62
C VAL H 478 -44.06 -48.05 17.43
N ASN H 479 -44.64 -48.16 18.63
CA ASN H 479 -44.65 -49.36 19.44
C ASN H 479 -43.27 -49.73 19.99
N GLN H 480 -42.22 -48.98 19.66
CA GLN H 480 -40.90 -49.24 20.22
C GLN H 480 -40.66 -48.48 21.51
N GLU H 481 -41.70 -48.49 22.35
CA GLU H 481 -41.71 -48.17 23.78
C GLU H 481 -40.34 -48.13 24.46
N SER H 482 -39.55 -49.20 24.28
CA SER H 482 -38.29 -49.27 25.00
C SER H 482 -37.26 -48.23 24.53
N PHE H 483 -37.60 -47.28 23.66
CA PHE H 483 -36.72 -46.14 23.40
C PHE H 483 -36.94 -45.01 24.38
N ILE H 484 -37.84 -45.18 25.35
CA ILE H 484 -38.13 -44.12 26.31
C ILE H 484 -36.97 -43.92 27.27
N GLU H 485 -36.35 -45.00 27.74
CA GLU H 485 -35.39 -44.87 28.82
C GLU H 485 -34.10 -44.17 28.42
N PRO H 486 -33.54 -44.36 27.21
CA PRO H 486 -32.35 -43.56 26.86
C PRO H 486 -32.68 -42.09 26.67
N LEU H 487 -33.90 -41.75 26.25
CA LEU H 487 -34.27 -40.36 26.07
C LEU H 487 -34.32 -39.62 27.40
N ALA H 488 -34.91 -40.23 28.42
CA ALA H 488 -34.96 -39.59 29.74
C ALA H 488 -33.56 -39.42 30.32
N GLU H 489 -32.67 -40.37 30.06
CA GLU H 489 -31.30 -40.27 30.58
C GLU H 489 -30.55 -39.11 29.92
N THR H 490 -30.76 -38.92 28.61
CA THR H 490 -30.06 -37.85 27.91
C THR H 490 -30.60 -36.48 28.28
N ILE H 491 -31.91 -36.38 28.53
CA ILE H 491 -32.49 -35.11 28.97
C ILE H 491 -31.92 -34.71 30.32
N THR H 492 -31.91 -35.64 31.28
CA THR H 492 -31.36 -35.36 32.60
C THR H 492 -29.87 -35.05 32.52
N ASP H 493 -29.15 -35.70 31.60
CA ASP H 493 -27.74 -35.36 31.40
C ASP H 493 -27.60 -33.92 30.93
N VAL H 494 -28.39 -33.52 29.93
CA VAL H 494 -28.34 -32.15 29.44
C VAL H 494 -28.86 -31.18 30.49
N LEU H 495 -29.80 -31.62 31.33
CA LEU H 495 -30.37 -30.74 32.35
C LEU H 495 -29.33 -30.36 33.39
N VAL H 496 -28.50 -31.32 33.82
CA VAL H 496 -27.53 -31.05 34.87
C VAL H 496 -26.26 -30.42 34.30
N ARG H 497 -25.86 -30.82 33.08
CA ARG H 497 -24.60 -30.34 32.53
C ARG H 497 -24.65 -28.87 32.14
N THR H 498 -25.85 -28.30 31.95
CA THR H 498 -25.98 -26.92 31.52
C THR H 498 -26.65 -26.03 32.55
N LYS H 499 -27.30 -26.58 33.57
CA LYS H 499 -28.03 -25.79 34.55
C LYS H 499 -27.73 -26.25 35.98
N ARG H 500 -26.55 -26.82 36.20
CA ARG H 500 -26.20 -27.30 37.54
C ARG H 500 -26.27 -26.17 38.55
N ASP H 501 -25.53 -25.10 38.33
CA ASP H 501 -25.47 -24.01 39.30
C ASP H 501 -26.80 -23.29 39.42
N TRP H 502 -27.54 -23.15 38.32
CA TRP H 502 -28.85 -22.50 38.39
C TRP H 502 -29.81 -23.31 39.25
N LEU H 503 -29.89 -24.62 39.02
CA LEU H 503 -30.82 -25.45 39.78
C LEU H 503 -30.48 -25.47 41.26
N VAL H 504 -29.18 -25.49 41.58
CA VAL H 504 -28.76 -25.46 42.98
C VAL H 504 -29.18 -24.13 43.62
N LYS H 505 -28.96 -23.03 42.90
CA LYS H 505 -29.33 -21.71 43.43
C LYS H 505 -30.84 -21.58 43.61
N GLN H 506 -31.63 -22.32 42.83
CA GLN H 506 -33.06 -22.40 43.03
C GLN H 506 -33.45 -23.49 44.04
N ARG H 507 -32.48 -23.96 44.82
CA ARG H 507 -32.68 -25.02 45.81
C ARG H 507 -33.40 -26.23 45.23
N GLY H 508 -32.93 -26.67 44.07
CA GLY H 508 -33.38 -27.91 43.46
C GLY H 508 -34.87 -27.93 43.16
N TRP H 509 -35.43 -29.15 43.16
CA TRP H 509 -36.82 -29.34 42.80
C TRP H 509 -37.80 -28.83 43.84
N ASP H 510 -37.32 -28.45 45.03
CA ASP H 510 -38.21 -27.85 46.02
C ASP H 510 -38.65 -26.46 45.56
N GLY H 511 -37.73 -25.65 45.04
CA GLY H 511 -38.11 -24.39 44.46
C GLY H 511 -39.05 -24.54 43.28
N PHE H 512 -38.95 -25.67 42.56
CA PHE H 512 -39.87 -25.96 41.47
C PHE H 512 -41.29 -26.17 42.01
N VAL H 513 -41.43 -26.81 43.17
CA VAL H 513 -42.74 -26.97 43.79
C VAL H 513 -43.23 -25.64 44.35
N GLU H 514 -42.30 -24.84 44.90
CA GLU H 514 -42.68 -23.55 45.49
C GLU H 514 -43.05 -22.52 44.42
N PHE H 515 -42.47 -22.64 43.23
CA PHE H 515 -42.70 -21.63 42.19
C PHE H 515 -44.16 -21.62 41.74
N PHE H 516 -44.78 -22.80 41.66
CA PHE H 516 -46.17 -22.89 41.26
C PHE H 516 -47.10 -22.92 42.47
C1 GLC I . 7.25 20.18 -5.07
C2 GLC I . 7.59 21.12 -6.26
C3 GLC I . 6.27 21.61 -6.89
C4 GLC I . 5.49 20.38 -7.41
C5 GLC I . 5.13 19.49 -6.20
C6 GLC I . 4.42 18.20 -6.62
O1 GLC I . 6.50 20.91 -4.09
O2 GLC I . 8.36 22.23 -5.77
O3 GLC I . 6.54 22.54 -7.94
O4 GLC I . 4.26 20.83 -8.05
O5 GLC I . 6.38 19.11 -5.53
O6 GLC I . 3.91 17.52 -5.48
C1 GLC I . 4.33 20.98 -9.49
C2 GLC I . 3.76 22.38 -9.89
C3 GLC I . 2.27 22.49 -9.50
C4 GLC I . 1.43 21.28 -9.96
C5 GLC I . 2.09 19.96 -9.52
C6 GLC I . 1.39 18.74 -10.12
O2 GLC I . 4.52 23.39 -9.22
O3 GLC I . 1.74 23.67 -10.11
O4 GLC I . 0.12 21.39 -9.40
O5 GLC I . 3.47 19.95 -10.03
O6 GLC I . 1.94 17.57 -9.54
C1 GLC J . -38.56 12.06 54.84
C2 GLC J . -37.07 11.92 54.41
C3 GLC J . -36.27 11.29 55.58
C4 GLC J . -36.40 12.17 56.83
C5 GLC J . -37.89 12.24 57.23
C6 GLC J . -38.13 13.15 58.43
O1 GLC J . -39.10 10.76 55.10
O2 GLC J . -36.99 11.10 53.24
O3 GLC J . -34.90 11.17 55.20
O4 GLC J . -35.66 11.53 57.91
O5 GLC J . -38.63 12.79 56.09
O6 GLC J . -39.49 13.11 58.85
C1 GLC J . -34.37 12.10 58.22
C2 GLC J . -33.34 10.96 58.39
C3 GLC J . -33.80 10.05 59.55
C4 GLC J . -33.93 10.87 60.84
C5 GLC J . -34.97 11.97 60.63
C6 GLC J . -35.06 12.90 61.85
O2 GLC J . -33.23 10.21 57.18
O3 GLC J . -32.85 9.00 59.73
O4 GLC J . -34.31 10.00 61.90
O5 GLC J . -34.53 12.79 59.48
O6 GLC J . -36.20 13.72 61.74
C1 GLC K . -12.90 -18.71 0.19
C2 GLC K . -14.40 -19.04 0.36
C3 GLC K . -15.18 -18.42 -0.81
C4 GLC K . -14.97 -16.90 -0.79
C5 GLC K . -13.48 -16.59 -1.00
C6 GLC K . -13.16 -15.10 -0.90
O1 GLC K . -12.43 -19.28 -1.04
O2 GLC K . -14.57 -20.47 0.39
O3 GLC K . -16.57 -18.74 -0.71
O4 GLC K . -15.72 -16.32 -1.90
O5 GLC K . -12.74 -17.27 0.08
O6 GLC K . -11.76 -14.87 -0.88
C1 GLC K . -16.97 -15.66 -1.55
C2 GLC K . -18.04 -16.01 -2.63
C3 GLC K . -17.50 -15.54 -4.00
C4 GLC K . -17.22 -14.03 -3.99
C5 GLC K . -16.19 -13.70 -2.88
C6 GLC K . -16.02 -12.19 -2.70
O2 GLC K . -18.28 -17.42 -2.65
O3 GLC K . -18.49 -15.83 -5.00
O4 GLC K . -16.73 -13.64 -5.25
O5 GLC K . -16.70 -14.25 -1.60
O6 GLC K . -14.79 -11.93 -2.06
C1 GLC L . -10.05 -12.75 -58.31
C2 GLC L . -10.53 -12.39 -56.87
C3 GLC L . -9.50 -12.93 -55.85
C4 GLC L . -9.35 -14.46 -56.03
C5 GLC L . -8.83 -14.73 -57.45
C6 GLC L . -8.71 -16.24 -57.74
O1 GLC L . -8.80 -12.10 -58.57
O2 GLC L . -10.66 -10.98 -56.76
O3 GLC L . -9.92 -12.60 -54.53
O4 GLC L . -8.36 -14.94 -55.07
O5 GLC L . -9.81 -14.18 -58.39
O6 GLC L . -8.10 -16.46 -59.00
C1 GLC L . -8.86 -15.59 -53.87
C2 GLC L . -8.43 -14.74 -52.65
C3 GLC L . -6.91 -14.56 -52.77
C4 GLC L . -6.24 -15.92 -52.58
C5 GLC L . -6.70 -16.84 -53.74
C6 GLC L . -6.22 -18.28 -53.53
O2 GLC L . -9.11 -13.48 -52.65
O3 GLC L . -6.44 -13.63 -51.80
O4 GLC L . -4.84 -15.77 -52.55
O5 GLC L . -8.18 -16.87 -53.79
O6 GLC L . -4.81 -18.33 -53.68
C1 GLC M . 44.21 -15.69 -50.93
C2 GLC M . 44.33 -15.25 -49.43
C3 GLC M . 44.96 -16.28 -48.44
C4 GLC M . 45.66 -17.49 -49.09
C5 GLC M . 46.14 -17.16 -50.51
C6 GLC M . 46.87 -18.31 -51.18
O1 GLC M . 44.83 -14.69 -51.74
O2 GLC M . 45.09 -14.03 -49.41
O3 GLC M . 43.94 -16.75 -47.55
O4 GLC M . 46.83 -17.79 -48.28
O5 GLC M . 44.90 -16.92 -51.25
O6 GLC M . 47.41 -17.94 -52.43
C1 GLC M . 46.70 -18.90 -47.36
C2 GLC M . 47.39 -18.52 -46.03
C3 GLC M . 48.88 -18.22 -46.29
C4 GLC M . 49.58 -19.38 -47.02
C5 GLC M . 48.83 -19.72 -48.32
C6 GLC M . 49.40 -20.98 -48.99
O2 GLC M . 46.76 -17.37 -45.46
O3 GLC M . 49.53 -18.03 -45.03
O4 GLC M . 50.92 -19.00 -47.29
O5 GLC M . 47.42 -19.99 -47.97
O6 GLC M . 49.22 -20.91 -50.39
C1 GLC N . 61.41 12.94 0.12
C2 GLC N . 61.91 14.33 -0.33
C3 GLC N . 60.90 14.95 -1.33
C4 GLC N . 60.66 14.01 -2.52
C5 GLC N . 60.18 12.64 -2.01
C6 GLC N . 60.06 11.61 -3.14
O1 GLC N . 60.14 13.08 0.78
O2 GLC N . 62.07 15.16 0.83
O3 GLC N . 61.39 16.22 -1.77
O4 GLC N . 59.59 14.58 -3.34
O5 GLC N . 61.17 12.13 -1.05
O6 GLC N . 59.61 10.36 -2.64
C1 GLC N . 59.97 15.40 -4.48
C2 GLC N . 58.84 16.43 -4.76
C3 GLC N . 57.55 15.66 -5.06
C4 GLC N . 57.74 14.78 -6.30
C5 GLC N . 58.86 13.76 -6.03
C6 GLC N . 59.19 13.00 -7.31
O2 GLC N . 58.68 17.29 -3.62
O3 GLC N . 56.48 16.56 -5.33
O4 GLC N . 56.52 14.12 -6.60
O5 GLC N . 60.07 14.49 -5.62
O6 GLC N . 59.21 11.60 -7.02
C1 GLC O . -44.45 40.92 9.61
C2 GLC O . -43.61 39.74 9.04
C3 GLC O . -42.47 39.34 10.01
C4 GLC O . -41.97 40.56 10.83
C5 GLC O . -43.12 41.09 11.72
C6 GLC O . -42.98 42.60 11.99
O1 GLC O . -45.81 40.73 9.23
O2 GLC O . -44.49 38.62 8.84
O3 GLC O . -41.41 38.77 9.24
O4 GLC O . -40.93 40.10 11.75
O5 GLC O . -44.40 40.87 11.05
O6 GLC O . -43.13 42.87 13.39
C1 GLC O . -39.57 40.06 11.28
C2 GLC O . -39.02 38.66 11.60
C3 GLC O . -39.24 38.39 13.09
C4 GLC O . -38.55 39.45 13.97
C5 GLC O . -38.93 40.88 13.55
C6 GLC O . -37.94 41.88 14.15
O2 GLC O . -39.71 37.67 10.81
O3 GLC O . -38.64 37.15 13.39
O4 GLC O . -38.88 39.21 15.33
O5 GLC O . -38.82 41.01 12.09
O6 GLC O . -38.13 43.14 13.53
C1 GLC P . -6.23 -40.16 49.10
C2 GLC P . -7.31 -41.27 48.99
C3 GLC P . -8.43 -40.84 48.00
C4 GLC P . -9.00 -39.48 48.41
C5 GLC P . -7.87 -38.44 48.39
C6 GLC P . -8.35 -37.04 48.82
O1 GLC P . -5.54 -40.05 47.84
O2 GLC P . -6.68 -42.48 48.54
O3 GLC P . -9.44 -41.85 47.98
O4 GLC P . -10.01 -39.07 47.45
O5 GLC P . -6.86 -38.88 49.35
O6 GLC P . -7.25 -36.22 49.18
C1 GLC P . -11.39 -39.45 47.71
C2 GLC P . -12.02 -39.96 46.39
C3 GLC P . -11.96 -38.84 45.33
C4 GLC P . -12.60 -37.53 45.84
C5 GLC P . -12.00 -37.10 47.20
C6 GLC P . -12.82 -35.96 47.81
O2 GLC P . -11.31 -41.12 45.93
O3 GLC P . -12.66 -39.28 44.18
O4 GLC P . -12.39 -36.52 44.87
O5 GLC P . -12.07 -38.24 48.12
O6 GLC P . -12.14 -35.46 48.95
C14 6AK Q . -34.59 29.53 -15.98
C11 6AK Q . -32.26 29.39 -16.89
C10 6AK Q . -28.40 31.93 -18.08
C12 6AK Q . -32.10 27.99 -16.52
C13 6AK Q . -34.41 27.66 -17.49
C01 6AK Q . -33.42 31.27 -17.40
C02 6AK Q . -34.40 32.25 -17.69
C03 6AK Q . -33.97 33.35 -18.46
CL 6AK Q . -35.11 34.56 -18.84
C04 6AK Q . -32.67 33.50 -18.94
C05 6AK Q . -31.73 32.51 -18.65
C06 6AK Q . -32.11 31.39 -17.88
C07 6AK Q . -31.34 30.26 -17.45
C08 6AK Q . -29.98 29.95 -17.98
C09 6AK Q . -28.90 30.75 -17.26
O01 6AK Q . -28.00 32.87 -17.09
O02 6AK Q . -31.08 27.58 -15.98
N01 6AK Q . -33.21 27.16 -16.85
N02 6AK Q . -33.44 30.07 -16.70
C15 6AK Q . -35.38 28.42 -16.63
N03 6AK Q . -37.91 31.72 -17.36
C16 6AK Q . -39.18 31.17 -17.76
C17 6AK Q . -36.72 31.55 -18.02
C18 6AK Q . -36.64 30.75 -19.27
C19 6AK Q . -35.78 32.24 -17.26
C20 6AK Q . -36.50 32.79 -16.18
C21 6AK Q . -36.00 33.63 -15.06
N04 6AK Q . -37.81 32.46 -16.24
C22 6AK Q . -26.49 36.64 -17.98
CL2 6AK Q . -25.87 38.22 -18.33
C23 6AK Q . -26.33 35.62 -18.92
C24 6AK Q . -25.62 35.89 -20.23
C25 6AK Q . -26.84 34.35 -18.63
C26 6AK Q . -27.49 34.08 -17.42
C27 6AK Q . -27.65 35.12 -16.49
C28 6AK Q . -27.15 36.42 -16.75
C29 6AK Q . -27.31 37.53 -15.74
C30 6AK Q . -33.18 23.10 -15.60
C31 6AK Q . -33.07 24.17 -14.70
C32 6AK Q . -32.93 23.92 -13.24
O03 6AK Q . -32.98 24.77 -12.36
O04 6AK Q . -32.74 22.62 -12.99
C33 6AK Q . -33.08 25.46 -15.17
C34 6AK Q . -33.20 25.76 -16.55
C35 6AK Q . -33.33 24.69 -17.48
C36 6AK Q . -33.30 23.38 -16.97
N05 6AK Q . -33.43 22.52 -18.05
C37 6AK Q . -33.45 21.09 -17.91
C38 6AK Q . -33.53 23.20 -19.23
C39 6AK Q . -33.46 24.55 -18.90
C14 6AK R . 21.56 28.09 -18.36
C11 6AK R . 21.22 28.74 -16.01
C10 6AK R . 22.84 28.60 -12.73
C12 6AK R . 21.60 30.11 -16.33
C13 6AK R . 23.58 29.13 -17.61
C01 6AK R . 20.51 26.68 -16.57
C02 6AK R . 20.10 25.50 -17.24
C03 6AK R . 19.28 24.62 -16.51
CL 6AK R . 18.75 23.18 -17.26
C04 6AK R . 18.88 24.86 -15.20
C05 6AK R . 19.29 26.04 -14.56
C06 6AK R . 20.11 26.95 -15.25
C07 6AK R . 20.67 28.20 -14.85
C08 6AK R . 20.43 28.87 -13.52
C09 6AK R . 21.37 28.38 -12.41
O01 6AK R . 23.24 27.45 -13.47
O02 6AK R . 20.94 31.08 -15.96
N01 6AK R . 22.77 30.24 -17.13
N02 6AK R . 21.29 27.76 -16.97
C15 6AK R . 22.99 28.36 -18.76
N03 6AK R . 20.22 24.86 -20.77
C16 6AK R . 19.68 24.80 -22.10
C17 6AK R . 19.54 25.26 -19.65
C18 6AK R . 18.12 25.67 -19.72
C19 6AK R . 20.46 25.14 -18.61
C20 6AK R . 21.66 24.69 -19.20
C21 6AK R . 22.97 24.41 -18.56
N04 6AK R . 21.50 24.51 -20.52
C22 6AK R . 26.86 27.31 -15.52
CL2 6AK R . 28.36 27.23 -16.38
C23 6AK R . 25.87 26.37 -15.84
C24 6AK R . 26.09 25.33 -16.91
C25 6AK R . 24.64 26.43 -15.14
C26 6AK R . 24.42 27.39 -14.15
C27 6AK R . 25.42 28.31 -13.84
C28 6AK R . 26.67 28.29 -14.52
C29 6AK R . 27.76 29.28 -14.21
C30 6AK R . 24.31 34.06 -18.20
C31 6AK R . 24.93 33.24 -17.26
C32 6AK R . 26.16 33.69 -16.59
O03 6AK R . 27.30 33.34 -16.85
O04 6AK R . 25.89 34.58 -15.61
C33 6AK R . 24.39 32.01 -16.93
C34 6AK R . 23.21 31.53 -17.54
C35 6AK R . 22.56 32.34 -18.52
C36 6AK R . 23.13 33.58 -18.82
N05 6AK R . 22.32 34.18 -19.78
C37 6AK R . 22.58 35.48 -20.34
C38 6AK R . 21.26 33.38 -20.10
C39 6AK R . 21.39 32.24 -19.34
C14 6AK S . -28.56 40.64 -4.96
C11 6AK S . -27.63 40.90 -7.22
C10 6AK S . -27.37 41.45 -11.14
C12 6AK S . -26.42 41.49 -6.64
C13 6AK S . -27.95 42.91 -5.15
C01 6AK S . -29.58 39.81 -7.06
C02 6AK S . -30.80 39.21 -6.62
C03 6AK S . -31.42 38.36 -7.56
CL 6AK S . -32.90 37.59 -7.14
C04 6AK S . -30.90 38.10 -8.84
C05 6AK S . -29.70 38.71 -9.22
C06 6AK S . -29.03 39.58 -8.33
C07 6AK S . -27.81 40.31 -8.47
C08 6AK S . -26.65 39.82 -9.29
C09 6AK S . -26.54 40.24 -10.77
O01 6AK S . -28.65 40.87 -11.34
O02 6AK S . -25.29 41.15 -6.96
N01 6AK S . -26.66 42.45 -5.63
N02 6AK S . -28.71 40.67 -6.41
C15 6AK S . -28.67 41.95 -4.24
N03 6AK S . -32.15 38.98 -3.27
C16 6AK S . -32.45 38.38 -1.97
C17 6AK S . -31.45 38.44 -4.33
C18 6AK S . -30.89 37.08 -4.29
C19 6AK S . -31.45 39.41 -5.33
C20 6AK S . -32.15 40.51 -4.79
C21 6AK S . -32.44 41.83 -5.41
N04 6AK S . -32.57 40.25 -3.52
C22 6AK S . -30.83 41.82 -14.73
CL2 6AK S . -31.74 42.23 -16.15
C23 6AK S . -30.16 40.58 -14.72
C24 6AK S . -30.23 39.63 -15.89
C25 6AK S . -29.41 40.25 -13.57
C26 6AK S . -29.34 41.11 -12.47
C27 6AK S . -30.01 42.33 -12.51
C28 6AK S . -30.75 42.71 -13.63
C29 6AK S . -31.42 44.05 -13.55
C30 6AK S . -23.36 44.36 -3.81
C31 6AK S . -24.32 45.07 -4.54
C32 6AK S . -24.21 46.54 -4.70
O03 6AK S . -24.49 47.16 -5.70
O04 6AK S . -23.77 47.13 -3.57
C33 6AK S . -25.38 44.43 -5.12
C34 6AK S . -25.54 43.02 -5.00
C35 6AK S . -24.57 42.27 -4.26
C36 6AK S . -23.50 42.96 -3.68
N05 6AK S . -22.71 42.02 -3.04
C37 6AK S . -21.51 42.36 -2.31
C38 6AK S . -23.22 40.76 -3.18
C39 6AK S . -24.37 40.89 -3.93
C14 6AK T . -22.01 16.35 43.38
C11 6AK T . -23.85 15.07 42.38
C10 6AK T . -26.99 14.47 40.19
C12 6AK T . -22.93 14.34 41.52
C13 6AK T . -21.76 16.56 41.05
C01 6AK T . -24.41 16.64 43.90
C02 6AK T . -24.46 17.75 44.78
C03 6AK T . -25.64 17.89 45.53
CL 6AK T . -25.77 19.22 46.60
C04 6AK T . -26.72 17.00 45.45
C05 6AK T . -26.63 15.91 44.58
C06 6AK T . -25.48 15.73 43.80
C07 6AK T . -25.12 14.73 42.84
C08 6AK T . -26.03 13.60 42.40
C09 6AK T . -27.27 14.05 41.63
O01 6AK T . -26.17 15.62 40.33
O02 6AK T . -23.00 13.12 41.37
N01 6AK T . -21.92 15.12 40.90
N02 6AK T . -23.43 16.19 43.05
C15 6AK T . -21.15 17.01 42.34
N03 6AK T . -21.71 19.78 45.83
C16 6AK T . -20.65 20.21 46.73
C17 6AK T . -22.58 18.76 46.05
C18 6AK T . -22.53 17.96 47.31
C19 6AK T . -23.40 18.73 44.93
C20 6AK T . -22.93 19.77 44.09
C21 6AK T . -23.43 20.18 42.75
N04 6AK T . -21.89 20.41 44.65
C22 6AK T . -25.10 18.21 37.25
CL2 6AK T . -24.65 19.30 35.99
C23 6AK T . -25.34 18.73 38.54
C24 6AK T . -25.24 20.21 38.83
C25 6AK T . -25.70 17.84 39.55
C26 6AK T . -25.82 16.48 39.32
C27 6AK T . -25.57 15.95 38.04
C28 6AK T . -25.20 16.83 36.98
C29 6AK T . -24.93 16.30 35.60
C30 6AK T . -19.09 13.35 38.29
C31 6AK T . -20.29 13.91 37.81
C32 6AK T . -20.59 13.92 36.37
O03 6AK T . -21.43 14.61 35.81
O04 6AK T . -19.82 13.05 35.70
C33 6AK T . -21.18 14.48 38.70
C34 6AK T . -20.93 14.51 40.09
C35 6AK T . -19.73 13.93 40.59
C36 6AK T . -18.83 13.36 39.67
N05 6AK T . -17.76 12.89 40.40
C37 6AK T . -16.63 12.23 39.78
C38 6AK T . -17.90 13.11 41.73
C39 6AK T . -19.11 13.76 41.88
C14 6AK U . -25.00 -7.41 92.35
C11 6AK U . -24.16 -5.94 90.50
C10 6AK U . -22.67 -5.60 85.84
C12 6AK U . -25.28 -5.02 90.65
C13 6AK U . -24.86 -5.16 93.16
C01 6AK U . -22.90 -7.76 91.03
C02 6AK U . -22.27 -8.91 91.60
C03 6AK U . -21.16 -9.42 90.92
CL 6AK U . -20.37 -10.79 91.57
C04 6AK U . -20.66 -8.87 89.73
C05 6AK U . -21.29 -7.76 89.19
C06 6AK U . -22.41 -7.20 89.83
C07 6AK U . -23.21 -6.07 89.48
C08 6AK U . -22.89 -5.11 88.36
C09 6AK U . -23.60 -5.42 87.04
O01 6AK U . -22.06 -6.86 86.07
O02 6AK U . -25.91 -4.61 89.68
N01 6AK U . -25.59 -4.66 91.99
N02 6AK U . -23.97 -6.98 91.39
C15 6AK U . -25.20 -6.57 93.58
N03 6AK U . -22.89 -9.85 94.99
C16 6AK U . -22.84 -9.67 96.43
C17 6AK U . -22.41 -8.99 94.06
C18 6AK U . -21.77 -7.70 94.46
C19 6AK U . -22.66 -9.58 92.83
C20 6AK U . -23.31 -10.82 93.14
C21 6AK U . -23.80 -11.87 92.22
N04 6AK U . -23.44 -10.97 94.47
C22 6AK U . -19.86 -9.06 83.28
CL2 6AK U . -18.96 -9.98 82.13
C23 6AK U . -19.53 -7.71 83.48
C24 6AK U . -18.41 -7.07 82.70
C25 6AK U . -20.27 -6.97 84.41
C26 6AK U . -21.32 -7.54 85.13
C27 6AK U . -21.63 -8.89 84.92
C28 6AK U . -20.91 -9.67 83.99
C29 6AK U . -21.25 -11.13 83.76
C30 6AK U . -29.10 -2.38 92.80
C31 6AK U . -29.13 -3.62 92.15
C32 6AK U . -30.40 -4.21 91.70
O03 6AK U . -30.54 -5.11 90.89
O04 6AK U . -31.44 -3.64 92.33
C33 6AK U . -27.94 -4.31 91.92
C34 6AK U . -26.68 -3.79 92.31
C35 6AK U . -26.63 -2.53 92.99
C36 6AK U . -27.85 -1.86 93.21
N05 6AK U . -27.55 -0.68 93.86
C37 6AK U . -28.57 0.26 94.25
C38 6AK U . -26.22 -0.55 94.08
C39 6AK U . -25.62 -1.68 93.55
C14 6AK V . -26.41 2.25 -36.88
C11 6AK V . -27.23 1.67 -34.62
C10 6AK V . -29.44 -1.73 -32.26
C12 6AK V . -26.00 2.10 -33.98
C13 6AK V . -26.09 4.17 -35.47
C01 6AK V . -28.63 1.20 -36.34
C02 6AK V . -29.31 1.05 -37.59
C03 6AK V . -30.46 0.25 -37.59
CL 6AK V . -31.32 0.04 -39.05
C04 6AK V . -30.95 -0.39 -36.45
C05 6AK V . -30.28 -0.23 -35.24
C06 6AK V . -29.11 0.56 -35.17
C07 6AK V . -28.25 0.88 -34.09
C08 6AK V . -28.50 0.56 -32.65
C09 6AK V . -28.18 -0.90 -32.33
O01 6AK V . -29.03 -3.09 -32.26
O02 6AK V . -25.45 1.42 -33.12
N01 6AK V . -25.47 3.34 -34.44
N02 6AK V . -27.49 1.88 -35.96
C15 6AK V . -25.94 3.68 -36.89
N03 6AK V . -28.47 3.34 -40.19
C16 6AK V . -28.36 4.67 -40.77
C17 6AK V . -28.95 3.05 -38.95
C18 6AK V . -29.42 4.13 -38.03
C19 6AK V . -28.87 1.67 -38.83
C20 6AK V . -28.33 1.22 -40.05
C21 6AK V . -28.02 -0.17 -40.48
N04 6AK V . -28.08 2.25 -40.88
C22 6AK V . -31.83 -6.13 -32.59
CL2 6AK V . -33.00 -7.39 -32.72
C23 6AK V . -32.02 -5.15 -31.61
C24 6AK V . -33.20 -5.20 -30.68
C25 6AK V . -31.07 -4.11 -31.49
C26 6AK V . -29.96 -4.07 -32.33
C27 6AK V . -29.79 -5.05 -33.31
C28 6AK V . -30.72 -6.10 -33.45
C29 6AK V . -30.53 -7.17 -34.51
C30 6AK V . -21.63 4.47 -33.02
C31 6AK V . -21.86 3.31 -33.77
C32 6AK V . -20.77 2.39 -34.12
O03 6AK V . -20.80 1.51 -34.97
O04 6AK V . -19.68 2.61 -33.36
C33 6AK V . -23.14 3.02 -34.19
C34 6AK V . -24.25 3.84 -33.89
C35 6AK V . -24.04 5.03 -33.14
C36 6AK V . -22.73 5.30 -32.72
N05 6AK V . -22.76 6.49 -32.00
C37 6AK V . -21.59 7.08 -31.42
C38 6AK V . -24.02 7.00 -31.94
C39 6AK V . -24.83 6.12 -32.63
C14 6AK W . -29.32 -25.15 10.82
C11 6AK W . -27.54 -26.70 10.14
C10 6AK W . -25.15 -29.24 10.67
C12 6AK W . -28.50 -27.80 10.05
C13 6AK W . -29.48 -27.01 12.27
C01 6AK W . -26.92 -24.58 10.60
C02 6AK W . -26.82 -23.24 11.06
C03 6AK W . -25.65 -22.54 10.69
CL 6AK W . -25.47 -20.93 11.21
C04 6AK W . -24.63 -23.11 9.92
C05 6AK W . -24.76 -24.43 9.48
C06 6AK W . -25.92 -25.17 9.83
C07 6AK W . -26.30 -26.51 9.53
C08 6AK W . -25.40 -27.50 8.86
C09 6AK W . -24.45 -28.19 9.83
O01 6AK W . -24.37 -29.44 11.83
O02 6AK W . -28.52 -28.57 9.09
N01 6AK W . -29.42 -27.90 11.12
N02 6AK W . -27.91 -25.52 10.76
C15 6AK W . -30.10 -25.66 12.01
N03 6AK W . -29.52 -21.30 12.37
C16 6AK W . -30.63 -20.37 12.31
C17 6AK W . -28.75 -21.69 11.32
C18 6AK W . -28.98 -21.18 9.95
C19 6AK W . -27.82 -22.57 11.87
C20 6AK W . -28.13 -22.66 13.25
C21 6AK W . -27.47 -23.46 14.31
N04 6AK W . -29.18 -21.87 13.55
C22 6AK W . -26.20 -29.42 15.56
CL2 6AK W . -26.97 -29.41 17.11
C23 6AK W . -25.57 -28.25 15.11
C24 6AK W . -25.54 -26.99 15.95
C25 6AK W . -24.95 -28.26 13.86
C26 6AK W . -24.96 -29.41 13.05
C27 6AK W . -25.60 -30.57 13.51
C28 6AK W . -26.23 -30.59 14.78
C29 6AK W . -26.92 -31.84 15.29
C30 6AK W . -32.32 -31.00 11.21
C31 6AK W . -31.09 -31.11 11.89
C32 6AK W . -30.77 -32.32 12.65
O03 6AK W . -29.80 -32.49 13.38
O04 6AK W . -31.70 -33.28 12.46
C33 6AK W . -30.17 -30.08 11.83
C34 6AK W . -30.44 -28.89 11.10
C35 6AK W . -31.67 -28.76 10.41
C36 6AK W . -32.59 -29.82 10.49
N05 6AK W . -33.70 -29.46 9.74
C37 6AK W . -34.86 -30.30 9.59
C38 6AK W . -33.56 -28.22 9.20
C39 6AK W . -32.31 -27.76 9.60
C14 6AK X . -25.17 -3.59 -41.24
C11 6AK X . -26.81 -5.24 -42.10
C10 6AK X . -26.61 -9.00 -42.83
C12 6AK X . -26.77 -4.57 -43.39
C13 6AK X . -24.25 -4.67 -43.17
C01 6AK X . -26.52 -5.20 -39.85
C02 6AK X . -26.21 -4.88 -38.49
C03 6AK X . -26.97 -5.53 -37.51
CL 6AK X . -26.65 -5.20 -35.86
C04 6AK X . -27.99 -6.45 -37.80
C05 6AK X . -28.28 -6.73 -39.14
C06 6AK X . -27.55 -6.11 -40.17
C07 6AK X . -27.62 -6.23 -41.58
C08 6AK X . -28.39 -7.28 -42.32
C09 6AK X . -27.85 -8.69 -42.03
O01 6AK X . -26.91 -8.60 -44.16
O02 6AK X . -27.81 -4.25 -43.98
N01 6AK X . -25.47 -4.31 -43.88
N02 6AK X . -26.02 -4.77 -41.07
C15 6AK X . -23.89 -3.76 -42.03
N03 6AK X . -23.13 -3.23 -37.79
C16 6AK X . -21.69 -3.11 -37.78
C17 6AK X . -23.84 -4.29 -38.27
C18 6AK X . -23.16 -5.46 -38.87
C19 6AK X . -25.18 -3.96 -38.07
C20 6AK X . -25.17 -2.68 -37.45
C21 6AK X . -26.32 -1.85 -37.00
N04 6AK X . -23.91 -2.24 -37.28
C22 6AK X . -23.93 -8.76 -47.06
CL2 6AK X . -22.67 -8.83 -48.25
C23 6AK X . -25.21 -8.31 -47.44
C24 6AK X . -25.49 -7.88 -48.86
C25 6AK X . -26.20 -8.26 -46.46
C26 6AK X . -25.96 -8.64 -45.14
C27 6AK X . -24.68 -9.09 -44.79
C28 6AK X . -23.64 -9.16 -45.74
C29 6AK X . -22.26 -9.64 -45.38
C30 6AK X . -25.01 -1.82 -47.29
C31 6AK X . -25.63 -1.42 -46.11
C32 6AK X . -26.18 -0.06 -45.95
O03 6AK X . -26.13 0.63 -44.94
O04 6AK X . -26.80 0.36 -47.07
C33 6AK X . -25.74 -2.30 -45.05
C34 6AK X . -25.25 -3.63 -45.11
C35 6AK X . -24.60 -4.06 -46.31
C36 6AK X . -24.51 -3.15 -47.37
N05 6AK X . -23.86 -3.78 -48.41
C37 6AK X . -23.58 -3.13 -49.67
C38 6AK X . -23.52 -5.06 -48.08
C39 6AK X . -23.97 -5.26 -46.79
C14 6AK Y . -24.79 -14.12 -40.89
C11 6AK Y . -25.36 -13.40 -38.58
C10 6AK Y . -28.96 -12.91 -37.65
C12 6AK Y . -25.31 -14.72 -37.95
C13 6AK Y . -23.27 -15.18 -39.40
C01 6AK Y . -24.56 -11.81 -39.94
C02 6AK Y . -23.77 -11.05 -40.84
C03 6AK Y . -23.84 -9.65 -40.67
CL 6AK Y . -22.91 -8.63 -41.71
C04 6AK Y . -24.62 -9.02 -39.70
C05 6AK Y . -25.38 -9.80 -38.84
C06 6AK Y . -25.35 -11.21 -38.94
C07 6AK Y . -26.01 -12.24 -38.21
C08 6AK Y . -26.65 -12.02 -36.86
C09 6AK Y . -28.16 -11.83 -36.91
O01 6AK Y . -29.41 -12.36 -38.89
O02 6AK Y . -26.13 -15.07 -37.10
N01 6AK Y . -24.25 -15.54 -38.40
N02 6AK Y . -24.75 -13.16 -39.79
C15 6AK Y . -23.76 -15.22 -40.83
N03 6AK Y . -20.98 -12.09 -42.83
C16 6AK Y . -19.55 -12.25 -43.08
C17 6AK Y . -21.52 -11.55 -41.70
C18 6AK Y . -20.65 -11.09 -40.59
C19 6AK Y . -22.90 -11.57 -41.89
C20 6AK Y . -23.10 -12.14 -43.17
C21 6AK Y . -24.36 -12.40 -43.88
N04 6AK Y . -21.91 -12.46 -43.74
C22 6AK Y . -31.82 -8.99 -39.50
CL2 6AK Y . -32.81 -7.60 -39.76
C23 6AK Y . -31.67 -9.46 -38.19
C24 6AK Y . -32.36 -8.80 -37.03
C25 6AK Y . -30.87 -10.60 -37.99
C26 6AK Y . -30.21 -11.26 -39.04
C27 6AK Y . -30.37 -10.75 -40.35
C28 6AK Y . -31.18 -9.61 -40.59
C29 6AK Y . -31.38 -9.06 -41.99
C30 6AK Y . -24.14 -19.58 -37.18
C31 6AK Y . -25.05 -19.09 -38.14
C32 6AK Y . -26.02 -19.98 -38.81
O03 6AK Y . -26.96 -19.61 -39.51
O04 6AK Y . -25.77 -21.27 -38.55
C33 6AK Y . -25.01 -17.76 -38.48
C34 6AK Y . -24.11 -16.85 -37.88
C35 6AK Y . -23.18 -17.33 -36.91
C36 6AK Y . -23.23 -18.69 -36.59
N05 6AK Y . -22.26 -18.92 -35.63
C37 6AK Y . -22.02 -20.22 -35.06
C38 6AK Y . -21.58 -17.77 -35.32
C39 6AK Y . -22.13 -16.77 -36.10
C14 6AK Z . 21.36 -31.99 -32.09
C11 6AK Z . 18.97 -31.29 -32.23
C10 6AK Z . 16.42 -27.39 -32.87
C12 6AK Z . 18.71 -32.20 -33.34
C13 6AK Z . 19.95 -33.95 -32.01
C01 6AK Z . 20.18 -30.37 -30.54
C02 6AK Z . 21.15 -30.00 -29.56
C03 6AK Z . 20.76 -29.03 -28.63
CL 6AK Z . 21.88 -28.55 -27.43
C04 6AK Z . 19.50 -28.42 -28.64
C05 6AK Z . 18.58 -28.79 -29.61
C06 6AK Z . 18.91 -29.77 -30.57
C07 6AK Z . 18.17 -30.32 -31.65
C08 6AK Z . 16.85 -29.78 -32.14
C09 6AK Z . 17.02 -28.74 -33.24
O01 6AK Z . 17.17 -26.95 -31.76
O02 6AK Z . 18.09 -31.84 -34.35
N01 6AK Z . 19.22 -33.50 -33.18
N02 6AK Z . 20.19 -31.27 -31.60
C15 6AK Z . 21.39 -33.49 -31.91
N03 6AK Z . 23.99 -32.04 -28.88
C16 6AK Z . 24.67 -33.20 -28.32
C17 6AK Z . 22.67 -31.78 -28.79
C18 6AK Z . 21.74 -32.71 -28.07
C19 6AK Z . 22.47 -30.58 -29.46
C20 6AK Z . 23.76 -30.20 -29.92
C21 6AK Z . 24.14 -28.99 -30.70
N04 6AK Z . 24.68 -31.10 -29.56
C22 6AK Z . 16.94 -23.09 -30.26
CL2 6AK Z . 16.87 -21.47 -29.65
C23 6AK Z . 15.84 -23.94 -30.09
C24 6AK Z . 14.61 -23.47 -29.37
C25 6AK Z . 15.93 -25.25 -30.60
C26 6AK Z . 17.06 -25.70 -31.26
C27 6AK Z . 18.16 -24.83 -31.43
C28 6AK Z . 18.12 -23.51 -30.94
C29 6AK Z . 19.27 -22.56 -31.11
C30 6AK Z . 19.04 -36.25 -36.42
C31 6AK Z . 19.88 -35.12 -36.42
C32 6AK Z . 20.74 -34.83 -37.57
O03 6AK Z . 21.70 -34.09 -37.59
O04 6AK Z . 20.34 -35.50 -38.66
C33 6AK Z . 19.87 -34.27 -35.33
C34 6AK Z . 19.07 -34.49 -34.19
C35 6AK Z . 18.22 -35.64 -34.16
C36 6AK Z . 18.23 -36.49 -35.28
N05 6AK Z . 17.34 -37.52 -35.03
C37 6AK Z . 17.08 -38.59 -35.97
C38 6AK Z . 16.74 -37.37 -33.81
C39 6AK Z . 17.28 -36.22 -33.25
C14 6AK AA . -17.09 -11.29 -36.38
C11 6AK AA . -17.78 -9.20 -37.57
C10 6AK AA . -18.88 -6.77 -40.69
C12 6AK AA . -16.41 -8.77 -37.82
C13 6AK AA . -16.04 -11.15 -38.60
C01 6AK AA . -19.46 -10.56 -36.89
C02 6AK AA . -20.31 -11.61 -36.41
C03 6AK AA . -21.68 -11.47 -36.66
CL 6AK AA . -22.75 -12.69 -36.11
C04 6AK AA . -22.25 -10.39 -37.35
C05 6AK AA . -21.40 -9.38 -37.81
C06 6AK AA . -20.01 -9.46 -37.59
C07 6AK AA . -18.96 -8.57 -37.95
C08 6AK AA . -19.18 -7.10 -38.18
C09 6AK AA . -19.85 -6.79 -39.51
O01 6AK AA . -19.70 -6.80 -41.85
O02 6AK AA . -16.02 -7.63 -37.60
N01 6AK AA . -15.57 -9.79 -38.33
N02 6AK AA . -18.10 -10.33 -36.85
C15 6AK AA . -16.25 -12.03 -37.40
N03 6AK AA . -19.14 -14.82 -35.28
C16 6AK AA . -18.60 -16.14 -35.42
C17 6AK AA . -19.39 -13.94 -36.29
C18 6AK AA . -19.11 -14.29 -37.71
C19 6AK AA . -19.91 -12.80 -35.67
C20 6AK AA . -19.93 -13.10 -34.29
C21 6AK AA . -20.37 -12.25 -33.16
N04 6AK AA . -19.46 -14.34 -34.05
C22 6AK AA . -17.93 -7.04 -45.61
CL2 6AK AA . -17.18 -7.15 -47.16
C23 6AK AA . -19.32 -6.89 -45.54
C24 6AK AA . -20.17 -6.81 -46.78
C25 6AK AA . -19.92 -6.80 -44.26
C26 6AK AA . -19.16 -6.88 -43.10
C27 6AK AA . -17.77 -7.03 -43.19
C28 6AK AA . -17.14 -7.11 -44.45
C29 6AK AA . -15.64 -7.28 -44.56
C30 6AK AA . -11.43 -9.01 -38.93
C31 6AK AA . -12.00 -9.08 -37.64
C32 6AK AA . -11.17 -8.88 -36.45
O03 6AK AA . -11.48 -9.12 -35.30
O04 6AK AA . -9.96 -8.39 -36.77
C33 6AK AA . -13.35 -9.33 -37.51
C34 6AK AA . -14.21 -9.53 -38.63
C35 6AK AA . -13.65 -9.46 -39.94
C36 6AK AA . -12.28 -9.20 -40.05
N05 6AK AA . -11.96 -9.18 -41.40
C37 6AK AA . -10.64 -8.93 -41.92
C38 6AK AA . -13.07 -9.41 -42.17
C39 6AK AA . -14.12 -9.59 -41.29
C14 6AK BA . 86.12 -21.72 -37.74
C11 6AK BA . 83.84 -22.63 -37.28
C10 6AK BA . 79.99 -21.82 -34.68
C12 6AK BA . 83.59 -23.07 -38.65
C13 6AK BA . 85.94 -23.99 -38.60
C01 6AK BA . 85.00 -21.88 -35.47
C02 6AK BA . 85.95 -21.43 -34.50
C03 6AK BA . 85.49 -21.31 -33.18
CL 6AK BA . 86.60 -20.78 -31.98
C04 6AK BA . 84.20 -21.62 -32.78
C05 6AK BA . 83.29 -22.06 -33.72
C06 6AK BA . 83.68 -22.20 -35.08
C07 6AK BA . 82.95 -22.63 -36.21
C08 6AK BA . 81.52 -23.08 -36.19
C09 6AK BA . 80.58 -21.91 -36.07
O01 6AK BA . 79.60 -20.46 -34.52
O02 6AK BA . 82.52 -22.87 -39.21
N01 6AK BA . 84.67 -23.75 -39.26
N02 6AK BA . 85.03 -22.13 -36.84
C15 6AK BA . 86.87 -22.79 -38.50
N03 6AK BA . 89.42 -21.46 -35.29
C16 6AK BA . 90.68 -22.10 -35.63
C17 6AK BA . 88.23 -22.09 -35.08
C18 6AK BA . 88.12 -23.57 -35.20
C19 6AK BA . 87.33 -21.08 -34.78
C20 6AK BA . 88.07 -19.87 -34.83
C21 6AK BA . 87.61 -18.48 -34.59
N04 6AK BA . 89.36 -20.12 -35.15
C22 6AK BA . 78.41 -19.16 -30.77
CL2 6AK BA . 77.91 -18.64 -29.21
C23 6AK BA . 78.07 -20.46 -31.18
C24 6AK BA . 77.27 -21.38 -30.28
C25 6AK BA . 78.47 -20.89 -32.45
C26 6AK BA . 79.19 -20.05 -33.29
C27 6AK BA . 79.55 -18.76 -32.88
C28 6AK BA . 79.15 -18.29 -31.61
C29 6AK BA . 79.50 -16.90 -31.13
C30 6AK BA . 84.34 -24.89 -43.35
C31 6AK BA . 84.37 -23.55 -42.94
C32 6AK BA . 84.28 -22.48 -43.94
O03 6AK BA . 84.33 -21.28 -43.73
O04 6AK BA . 84.15 -22.98 -45.18
C33 6AK BA . 84.48 -23.24 -41.60
C34 6AK BA . 84.56 -24.23 -40.59
C35 6AK BA . 84.53 -25.61 -40.99
C36 6AK BA . 84.42 -25.90 -42.36
N05 6AK BA . 84.42 -27.28 -42.49
C37 6AK BA . 84.32 -27.93 -43.77
C38 6AK BA . 84.52 -27.89 -41.28
C39 6AK BA . 84.59 -26.89 -40.34
C14 6AK CA . 30.20 -21.75 -36.15
C11 6AK CA . 30.55 -19.43 -36.92
C10 6AK CA . 28.59 -16.85 -38.32
C12 6AK CA . 30.13 -18.93 -35.62
C13 6AK CA . 28.17 -20.56 -35.73
C01 6AK CA . 31.08 -21.05 -38.39
C02 6AK CA . 31.31 -22.28 -39.08
C03 6AK CA . 32.04 -22.19 -40.28
CL 6AK CA . 32.35 -23.62 -41.16
C04 6AK CA . 32.51 -20.97 -40.80
C05 6AK CA . 32.27 -19.80 -40.10
C06 6AK CA . 31.55 -19.83 -38.88
C07 6AK CA . 31.16 -18.79 -37.99
C08 6AK CA . 31.09 -17.34 -38.39
C09 6AK CA . 29.84 -17.01 -39.19
O01 6AK CA . 27.49 -16.97 -39.19
O02 6AK CA . 30.76 -18.06 -35.00
N01 6AK CA . 28.96 -19.52 -35.09
N02 6AK CA . 30.44 -20.77 -37.21
C15 6AK CA . 28.77 -21.94 -35.69
N03 6AK CA . 30.95 -25.51 -37.59
C16 6AK CA . 31.39 -26.66 -36.83
C17 6AK CA . 31.70 -24.39 -37.86
C18 6AK CA . 33.09 -24.26 -37.37
C19 6AK CA . 30.86 -23.57 -38.62
C20 6AK CA . 29.64 -24.28 -38.73
C21 6AK CA . 28.39 -23.89 -39.43
N04 6AK CA . 29.70 -25.47 -38.10
C22 6AK CA . 24.36 -19.60 -38.37
CL2 6AK CA . 23.07 -20.69 -38.02
C23 6AK CA . 25.51 -20.11 -39.00
C24 6AK CA . 25.62 -21.56 -39.36
C25 6AK CA . 26.56 -19.22 -39.27
C26 6AK CA . 26.48 -17.87 -38.93
C27 6AK CA . 25.33 -17.37 -38.30
C28 6AK CA . 24.24 -18.24 -38.01
C29 6AK CA . 23.00 -17.72 -37.33
C30 6AK CA . 27.40 -18.28 -31.34
C31 6AK CA . 26.72 -18.03 -32.54
C32 6AK CA . 25.44 -17.32 -32.53
O03 6AK CA . 24.69 -17.16 -33.49
O04 6AK CA . 25.15 -16.84 -31.32
C33 6AK CA . 27.26 -18.44 -33.74
C34 6AK CA . 28.50 -19.13 -33.80
C35 6AK CA . 29.21 -19.40 -32.58
C36 6AK CA . 28.64 -18.96 -31.39
N05 6AK CA . 29.50 -19.34 -30.37
C37 6AK CA . 29.26 -19.05 -28.97
C38 6AK CA . 30.60 -19.99 -30.86
C39 6AK CA . 30.44 -20.04 -32.22
C14 6AK DA . 29.91 25.51 -29.54
C11 6AK DA . 32.29 25.73 -28.82
C10 6AK DA . 34.68 26.82 -25.16
C12 6AK DA . 32.51 24.30 -28.95
C13 6AK DA . 31.31 24.49 -31.17
C01 6AK DA . 31.11 27.67 -29.01
C02 6AK DA . 30.17 28.70 -29.30
C03 6AK DA . 30.53 30.00 -28.91
CL 6AK DA . 29.44 31.28 -29.23
C04 6AK DA . 31.74 30.30 -28.28
C05 6AK DA . 32.64 29.27 -28.01
C06 6AK DA . 32.33 27.94 -28.38
C07 6AK DA . 33.05 26.73 -28.23
C08 6AK DA . 34.46 26.64 -27.69
C09 6AK DA . 34.53 25.89 -26.36
O01 6AK DA . 33.98 28.01 -25.49
O02 6AK DA . 33.08 23.64 -28.07
N01 6AK DA . 32.01 23.72 -30.15
N02 6AK DA . 31.10 26.30 -29.23
C15 6AK DA . 29.87 24.82 -30.87
N03 6AK DA . 27.54 28.18 -31.65
C16 6AK DA . 27.02 27.98 -32.99
C17 6AK DA . 28.85 28.35 -31.34
C18 6AK DA . 29.91 28.35 -32.37
C19 6AK DA . 28.89 28.50 -29.96
C20 6AK DA . 27.54 28.40 -29.53
C21 6AK DA . 26.98 28.49 -28.16
N04 6AK DA . 26.72 28.21 -30.58
C22 6AK DA . 34.68 31.60 -23.52
CL2 6AK DA . 34.94 33.10 -22.68
C23 6AK DA . 35.70 31.07 -24.31
C24 6AK DA . 37.03 31.76 -24.45
C25 6AK DA . 35.46 29.85 -24.97
C26 6AK DA . 34.24 29.18 -24.86
C27 6AK DA . 33.23 29.73 -24.05
C28 6AK DA . 33.43 30.95 -23.37
C29 6AK DA . 32.36 31.56 -22.51
C30 6AK DA . 32.00 19.51 -30.64
C31 6AK DA . 31.28 20.16 -29.63
C32 6AK DA . 30.47 19.40 -28.67
O03 6AK DA . 29.57 19.82 -27.98
O04 6AK DA . 30.85 18.10 -28.64
C33 6AK DA . 31.33 21.53 -29.53
C34 6AK DA . 32.11 22.33 -30.42
C35 6AK DA . 32.83 21.69 -31.46
C36 6AK DA . 32.75 20.29 -31.54
N05 6AK DA . 33.53 19.89 -32.61
C37 6AK DA . 33.68 18.51 -32.98
C38 6AK DA . 34.11 20.96 -33.23
C39 6AK DA . 33.70 22.08 -32.55
C14 6AK EA . 69.02 31.35 -10.73
C11 6AK EA . 69.90 31.56 -8.40
C10 6AK EA . 71.79 30.83 -4.30
C12 6AK EA . 68.56 31.66 -7.86
C13 6AK EA . 68.01 29.68 -9.35
C01 6AK EA . 71.43 31.15 -10.02
C02 6AK EA . 72.13 30.79 -11.21
C03 6AK EA . 73.53 30.76 -11.11
CL 6AK EA . 74.40 30.34 -12.52
C04 6AK EA . 74.23 31.05 -9.94
C05 6AK EA . 73.53 31.40 -8.79
C06 6AK EA . 72.11 31.45 -8.83
C07 6AK EA . 71.15 31.76 -7.82
C08 6AK EA . 71.48 32.19 -6.42
C09 6AK EA . 70.82 31.31 -5.37
O01 6AK EA . 71.92 29.43 -4.48
O02 6AK EA . 68.25 32.52 -7.03
N01 6AK EA . 67.66 30.70 -8.37
N02 6AK EA . 70.09 31.29 -9.73
C15 6AK EA . 68.08 30.16 -10.77
N03 6AK EA . 70.59 29.22 -14.01
C16 6AK EA . 70.01 28.10 -14.73
C17 6AK EA . 71.09 29.17 -12.76
C18 6AK EA . 71.09 27.90 -11.99
C19 6AK EA . 71.53 30.47 -12.48
C20 6AK EA . 71.24 31.22 -13.64
C21 6AK EA . 71.50 32.66 -13.90
N04 6AK EA . 70.66 30.44 -14.59
C22 6AK EA . 69.89 26.53 -2.29
CL2 6AK EA . 69.08 25.31 -1.36
C23 6AK EA . 69.15 27.54 -2.90
C24 6AK EA . 67.65 27.59 -2.80
C25 6AK EA . 69.83 28.52 -3.65
C26 6AK EA . 71.22 28.50 -3.77
C27 6AK EA . 71.95 27.48 -3.13
C28 6AK EA . 71.29 26.48 -2.37
C29 6AK EA . 72.06 25.39 -1.68
C30 6AK EA . 63.56 30.90 -7.35
C31 6AK EA . 64.17 31.85 -8.18
C32 6AK EA . 63.41 32.97 -8.75
O03 6AK EA . 63.87 34.06 -9.08
O04 6AK EA . 62.12 32.67 -8.90
C33 6AK EA . 65.51 31.73 -8.47
C34 6AK EA . 66.30 30.67 -7.95
C35 6AK EA . 65.70 29.70 -7.11
C36 6AK EA . 64.34 29.84 -6.83
N05 6AK EA . 63.98 28.79 -6.00
C37 6AK EA . 62.65 28.61 -5.49
C38 6AK EA . 65.05 27.98 -5.73
C39 6AK EA . 66.13 28.52 -6.41
C14 6AK FA . 77.35 31.49 -1.59
C11 6AK FA . 78.73 29.71 -2.60
C10 6AK FA . 78.71 26.99 -5.10
C12 6AK FA . 78.61 28.93 -1.39
C13 6AK FA . 76.14 29.44 -1.49
C01 6AK FA . 78.57 31.63 -3.78
C02 6AK FA . 78.30 32.94 -4.28
C03 6AK FA . 79.04 33.37 -5.39
CL 6AK FA . 78.74 34.94 -6.00
C04 6AK FA . 80.01 32.57 -6.02
C05 6AK FA . 80.23 31.29 -5.53
C06 6AK FA . 79.52 30.81 -4.41
C07 6AK FA . 79.57 29.56 -3.70
C08 6AK FA . 80.47 28.41 -4.01
C09 6AK FA . 80.07 27.65 -5.27
O01 6AK FA . 78.90 25.97 -4.13
O02 6AK FA . 79.59 28.41 -0.84
N01 6AK FA . 77.30 28.82 -0.88
N02 6AK FA . 78.05 30.89 -2.74
C15 6AK FA . 76.01 30.92 -1.23
N03 6AK FA . 75.27 34.51 -3.30
C16 6AK FA . 73.83 34.58 -3.21
C17 6AK FA . 75.98 33.51 -3.89
C18 6AK FA . 75.29 32.35 -4.53
C19 6AK FA . 77.32 33.86 -3.73
C20 6AK FA . 77.31 35.08 -3.03
C21 6AK FA . 78.45 35.92 -2.58
N04 6AK FA . 76.04 35.48 -2.76
C22 6AK FA . 75.66 23.72 -2.79
CL2 6AK FA . 74.32 22.79 -2.25
C23 6AK FA . 76.90 23.57 -2.14
C24 6AK FA . 77.08 22.62 -0.99
C25 6AK FA . 77.99 24.33 -2.60
C26 6AK FA . 77.87 25.22 -3.67
C27 6AK FA . 76.62 25.36 -4.30
C28 6AK FA . 75.50 24.61 -3.88
C29 6AK FA . 74.17 24.75 -4.56
C30 6AK FA . 76.79 27.17 2.99
C31 6AK FA . 77.50 28.35 2.72
C32 6AK FA . 78.16 29.14 3.78
O03 6AK FA . 78.09 30.35 3.92
O04 6AK FA . 78.88 28.36 4.61
C33 6AK FA . 77.61 28.80 1.43
C34 6AK FA . 77.04 28.12 0.33
C35 6AK FA . 76.29 26.93 0.56
C36 6AK FA . 76.19 26.49 1.90
N05 6AK FA . 75.44 25.33 1.89
C37 6AK FA . 75.13 24.58 3.09
C38 6AK FA . 75.05 24.99 0.63
C39 6AK FA . 75.56 25.97 -0.21
C14 6AK GA . 76.39 26.10 -10.61
C11 6AK GA . 76.67 28.31 -11.65
C10 6AK GA . 80.32 27.70 -11.66
C12 6AK GA . 76.56 27.99 -13.02
C13 6AK GA . 75.19 25.92 -12.60
C01 6AK GA . 76.24 28.18 -9.54
C02 6AK GA . 75.62 27.86 -8.35
C03 6AK GA . 75.89 28.74 -7.34
CL 6AK GA . 75.20 28.55 -5.85
C04 6AK GA . 76.69 29.84 -7.47
C05 6AK GA . 77.27 30.10 -8.67
C06 6AK GA . 77.04 29.26 -9.72
C07 6AK GA . 77.46 29.22 -11.05
C08 6AK GA . 78.79 29.64 -11.52
C09 6AK GA . 79.40 28.60 -12.42
O01 6AK GA . 81.28 28.61 -11.30
O02 6AK GA . 77.10 28.68 -13.84
N01 6AK GA . 75.91 26.85 -13.39
N02 6AK GA . 76.19 27.52 -10.67
C15 6AK GA . 76.08 25.15 -11.72
N03 6AK GA . 73.14 25.35 -8.42
C16 6AK GA . 71.83 24.85 -8.56
C17 6AK GA . 73.47 26.62 -8.50
C18 6AK GA . 72.43 27.64 -8.73
C19 6AK GA . 74.82 26.65 -8.29
C20 6AK GA . 75.17 25.32 -8.14
C21 6AK GA . 76.50 24.76 -7.88
N04 6AK GA . 74.13 24.53 -8.20
C22 6AK GA . 83.33 28.14 -7.84
CL2 6AK GA . 84.17 27.94 -6.40
C23 6AK GA . 82.75 29.36 -8.07
C24 6AK GA . 82.89 30.45 -7.06
C25 6AK GA . 82.04 29.53 -9.26
C26 6AK GA . 81.94 28.49 -10.16
C27 6AK GA . 82.55 27.26 -9.91
C28 6AK GA . 83.26 27.08 -8.72
C29 6AK GA . 83.95 25.80 -8.37
C30 6AK GA . 75.64 25.69 -17.23
C31 6AK GA . 76.62 25.16 -16.43
C32 6AK GA . 77.55 24.20 -16.99
O03 6AK GA . 77.52 23.81 -18.13
O04 6AK GA . 78.47 23.78 -16.15
C33 6AK GA . 76.70 25.56 -15.14
C34 6AK GA . 75.80 26.49 -14.69
C35 6AK GA . 74.80 27.02 -15.44
C36 6AK GA . 74.72 26.61 -16.72
N05 6AK GA . 73.67 27.28 -17.26
C37 6AK GA . 73.22 27.17 -18.59
C38 6AK GA . 73.10 28.09 -16.37
C39 6AK GA . 73.78 27.94 -15.21
C14 6AK HA . -13.08 26.83 38.70
C11 6AK HA . -13.82 27.44 36.39
C10 6AK HA . -16.17 26.87 32.72
C12 6AK HA . -14.49 28.62 36.88
C13 6AK HA . -12.29 28.95 38.07
C01 6AK HA . -12.75 25.47 36.62
C02 6AK HA . -12.10 24.28 37.07
C03 6AK HA . -11.91 23.30 36.09
CL 6AK HA . -11.16 21.83 36.47
C04 6AK HA . -12.31 23.45 34.77
C05 6AK HA . -12.93 24.61 34.34
C06 6AK HA . -13.15 25.63 35.28
C07 6AK HA . -13.76 26.89 35.11
C08 6AK HA . -13.97 27.56 33.78
C09 6AK HA . -15.43 27.91 33.53
O01 6AK HA . -15.65 25.61 33.11
O02 6AK HA . -15.64 28.92 36.59
N01 6AK HA . -13.65 29.35 37.74
N02 6AK HA . -13.12 26.63 37.25
C15 6AK HA . -12.20 27.94 39.18
N03 6AK HA . -10.32 24.15 40.16
C16 6AK HA . -9.25 24.52 41.07
C17 6AK HA . -10.49 24.63 38.90
C18 6AK HA . -9.55 25.61 38.31
C19 6AK HA . -11.63 23.99 38.41
C20 6AK HA . -12.07 23.15 39.47
C21 6AK HA . -13.25 22.25 39.51
N04 6AK HA . -11.25 23.26 40.54
C22 6AK HA . -15.95 22.27 30.65
CL2 6AK HA . -16.10 20.88 29.62
C23 6AK HA . -15.48 23.47 30.09
C24 6AK HA . -15.10 23.56 28.64
C25 6AK HA . -15.38 24.59 30.94
C26 6AK HA . -15.73 24.53 32.28
C27 6AK HA . -16.21 23.32 32.82
C28 6AK HA . -16.33 22.17 32.00
C29 6AK HA . -16.83 20.86 32.56
C30 6AK HA . -15.00 32.71 39.92
C31 6AK HA . -15.67 31.46 39.96
C32 6AK HA . -16.89 31.21 40.76
O03 6AK HA . -17.31 30.12 41.09
O04 6AK HA . -17.51 32.36 41.10
C33 6AK HA . -15.18 30.41 39.22
C34 6AK HA . -14.04 30.54 38.41
C35 6AK HA . -13.33 31.77 38.36
C36 6AK HA . -13.83 32.83 39.12
N05 6AK HA . -12.97 33.89 38.89
C37 6AK HA . -13.12 35.20 39.47
C38 6AK HA . -11.96 33.56 38.03
C39 6AK HA . -12.16 32.25 37.69
C14 6AK IA . -26.95 33.83 -2.30
C11 6AK IA . -29.04 33.30 -3.53
C10 6AK IA . -33.28 33.21 -5.48
C12 6AK IA . -29.50 32.39 -2.49
C13 6AK IA . -28.90 34.22 -0.86
C01 6AK IA . -27.66 34.83 -4.51
C02 6AK IA . -26.66 35.79 -4.84
C03 6AK IA . -26.89 36.52 -6.02
CL 6AK IA . -25.73 37.70 -6.49
C04 6AK IA . -28.00 36.37 -6.84
C05 6AK IA . -28.96 35.43 -6.49
C06 6AK IA . -28.80 34.65 -5.32
C07 6AK IA . -29.62 33.64 -4.75
C08 6AK IA . -30.76 32.97 -5.45
C09 6AK IA . -32.04 33.01 -4.61
O01 6AK IA . -33.75 34.51 -5.16
O02 6AK IA . -29.93 31.26 -2.74
N01 6AK IA . -29.41 32.89 -1.17
N02 6AK IA . -27.81 33.93 -3.47
C15 6AK IA . -27.42 34.44 -0.99
N03 6AK IA . -24.11 37.01 -2.64
C16 6AK IA . -23.57 37.84 -1.60
C17 6AK IA . -25.40 37.03 -3.10
C18 6AK IA . -26.40 37.97 -2.53
C19 6AK IA . -25.44 36.06 -4.11
C20 6AK IA . -24.14 35.52 -4.17
C21 6AK IA . -23.62 34.45 -5.06
N04 6AK IA . -23.33 36.11 -3.27
C22 6AK IA . -37.01 35.24 -2.66
CL2 6AK IA . -38.37 35.57 -1.65
C23 6AK IA . -35.99 34.39 -2.20
C24 6AK IA . -36.06 33.74 -0.85
C25 6AK IA . -34.90 34.14 -3.05
C26 6AK IA . -34.80 34.72 -4.32
C27 6AK IA . -35.83 35.57 -4.75
C28 6AK IA . -36.94 35.85 -3.93
C29 6AK IA . -38.06 36.76 -4.38
C30 6AK IA . -30.27 30.37 2.16
C31 6AK IA . -29.10 30.23 1.39
C32 6AK IA . -28.12 29.19 1.71
O03 6AK IA . -27.38 28.60 0.93
O04 6AK IA . -28.09 28.95 3.04
C33 6AK IA . -28.88 31.08 0.32
C34 6AK IA . -29.80 32.10 -0.04
C35 6AK IA . -30.99 32.25 0.73
C36 6AK IA . -31.19 31.38 1.81
N05 6AK IA . -32.41 31.71 2.38
C37 6AK IA . -32.94 31.02 3.53
C38 6AK IA . -33.00 32.76 1.74
C39 6AK IA . -32.15 33.11 0.72
C14 6AK JA . -35.20 34.93 -11.27
C11 6AK JA . -34.99 37.35 -11.76
C10 6AK JA . -33.96 40.15 -9.96
C12 6AK JA . -36.44 37.47 -11.70
C13 6AK JA . -36.27 36.16 -9.53
C01 6AK JA . -33.14 36.10 -12.13
C02 6AK JA . -32.18 35.05 -12.33
C03 6AK JA . -31.00 35.41 -12.99
CL 6AK JA . -29.80 34.20 -13.27
C04 6AK JA . -30.73 36.71 -13.43
C05 6AK JA . -31.68 37.71 -13.22
C06 6AK JA . -32.90 37.42 -12.58
C07 6AK JA . -34.02 38.22 -12.22
C08 6AK JA . -34.17 39.70 -12.48
C09 6AK JA . -33.61 40.60 -11.37
O01 6AK JA . -34.88 41.11 -9.47
O02 6AK JA . -37.06 38.05 -12.58
N01 6AK JA . -37.04 36.87 -10.56
N02 6AK JA . -34.39 36.12 -11.54
C15 6AK JA . -35.79 34.79 -9.90
N03 6AK JA . -32.52 31.99 -10.52
C16 6AK JA . -32.56 31.19 -9.32
C17 6AK JA . -32.32 33.34 -10.57
C18 6AK JA . -32.10 34.13 -9.33
C19 6AK JA . -32.36 33.67 -11.92
C20 6AK JA . -32.60 32.45 -12.60
C21 6AK JA . -32.74 32.21 -14.06
N04 6AK JA . -32.70 31.43 -11.73
C22 6AK JA . -37.30 40.36 -6.15
CL2 6AK JA . -38.31 40.06 -4.78
C23 6AK JA . -37.85 41.02 -7.26
C24 6AK JA . -39.29 41.44 -7.29
C25 6AK JA . -37.02 41.24 -8.37
C26 6AK JA . -35.68 40.86 -8.38
C27 6AK JA . -35.14 40.21 -7.26
C28 6AK JA . -35.95 39.95 -6.12
C29 6AK JA . -35.39 39.25 -4.90
C30 6AK JA . -41.27 36.56 -10.39
C31 6AK JA . -40.52 36.21 -11.52
C32 6AK JA . -41.14 35.70 -12.75
O03 6AK JA . -40.60 34.98 -13.58
O04 6AK JA . -42.41 36.11 -12.87
C33 6AK JA . -39.14 36.34 -11.48
C34 6AK JA . -38.44 36.84 -10.35
C35 6AK JA . -39.19 37.20 -9.19
C36 6AK JA . -40.58 37.05 -9.26
N05 6AK JA . -41.11 37.46 -8.05
C37 6AK JA . -42.52 37.45 -7.76
C38 6AK JA . -40.12 37.87 -7.19
C39 6AK JA . -38.93 37.71 -7.88
C14 6AK KA . -38.09 -22.73 22.18
C11 6AK KA . -37.45 -24.33 23.98
C10 6AK KA . -34.83 -27.59 24.98
C12 6AK KA . -36.75 -23.29 24.70
C13 6AK KA . -38.81 -21.85 24.29
C01 6AK KA . -38.57 -25.21 22.22
C02 6AK KA . -39.27 -25.48 21.00
C03 6AK KA . -39.53 -26.83 20.72
CL 6AK KA . -40.34 -27.24 19.28
C04 6AK KA . -39.13 -27.88 21.55
C05 6AK KA . -38.46 -27.59 22.73
C06 6AK KA . -38.18 -26.25 23.07
C07 6AK KA . -37.51 -25.70 24.21
C08 6AK KA . -37.11 -26.49 25.42
C09 6AK KA . -35.61 -26.48 25.69
O01 6AK KA . -35.76 -28.26 24.14
O02 6AK KA . -35.62 -23.44 25.15
N01 6AK KA . -37.47 -22.07 24.81
N02 6AK KA . -38.15 -24.05 22.83
C15 6AK KA . -38.90 -21.62 22.80
N03 6AK KA . -40.99 -22.83 19.33
C16 6AK KA . -42.03 -21.83 19.20
C17 6AK KA . -40.83 -23.68 20.38
C18 6AK KA . -41.75 -23.63 21.54
C19 6AK KA . -39.72 -24.46 20.06
C20 6AK KA . -39.28 -23.99 18.80
C21 6AK KA . -38.14 -24.46 17.98
N04 6AK KA . -40.07 -23.00 18.35
C22 6AK KA . -35.18 -32.21 22.95
CL2 6AK KA . -34.94 -33.85 22.44
C23 6AK KA . -35.69 -31.96 24.22
C24 6AK KA . -36.03 -33.09 25.17
C25 6AK KA . -35.88 -30.62 24.62
C26 6AK KA . -35.58 -29.55 23.77
C27 6AK KA . -35.08 -29.82 22.49
C28 6AK KA . -34.86 -31.15 22.06
C29 6AK KA . -34.32 -31.45 20.68
C30 6AK KA . -35.49 -18.72 26.51
C31 6AK KA . -35.01 -19.39 25.37
C32 6AK KA . -33.78 -18.98 24.66
O03 6AK KA . -33.31 -19.52 23.68
O04 6AK KA . -33.23 -17.90 25.23
C33 6AK KA . -35.71 -20.47 24.87
C34 6AK KA . -36.89 -20.95 25.47
C35 6AK KA . -37.40 -20.29 26.63
C36 6AK KA . -36.69 -19.20 27.11
N05 6AK KA . -37.38 -18.76 28.23
C37 6AK KA . -36.97 -17.63 29.03
C38 6AK KA . -38.50 -19.50 28.48
C39 6AK KA . -38.54 -20.46 27.49
C14 6AK LA . -23.22 -52.31 58.07
C11 6AK LA . -24.18 -53.95 59.55
C10 6AK LA . -23.28 -58.05 62.41
C12 6AK LA . -25.39 -53.13 59.49
C13 6AK LA . -23.92 -51.05 59.86
C01 6AK LA . -22.23 -54.49 58.55
C02 6AK LA . -21.07 -54.54 57.73
C03 6AK LA . -20.51 -55.79 57.45
CL 6AK LA . -19.11 -55.89 56.48
C04 6AK LA . -21.07 -56.97 57.93
C05 6AK LA . -22.22 -56.90 58.73
C06 6AK LA . -22.82 -55.67 59.05
C07 6AK LA . -23.96 -55.31 59.84
C08 6AK LA . -24.29 -56.05 61.12
C09 6AK LA . -23.09 -56.62 61.89
O01 6AK LA . -22.00 -58.66 62.42
O02 6AK LA . -26.49 -53.62 59.27
N01 6AK LA . -25.21 -51.72 59.64
N02 6AK LA . -23.02 -53.45 58.98
C15 6AK LA . -23.08 -50.93 58.63
N03 6AK LA . -19.87 -51.72 55.88
C16 6AK LA . -19.64 -50.91 54.72
C17 6AK LA . -20.51 -52.92 55.91
C18 6AK LA . -21.06 -53.52 54.66
C19 6AK LA . -20.45 -53.32 57.23
C20 6AK LA . -19.78 -52.28 57.92
C21 6AK LA . -19.47 -52.18 59.37
N04 6AK LA . -19.42 -51.30 57.09
C22 6AK LA . -20.58 -60.59 65.85
CL2 6AK LA . -20.07 -61.38 67.29
C23 6AK LA . -19.71 -60.52 64.75
C24 6AK LA . -18.33 -61.13 64.84
C25 6AK LA . -20.19 -59.86 63.59
C26 6AK LA . -21.49 -59.31 63.52
C27 6AK LA . -22.33 -59.41 64.64
C28 6AK LA . -21.88 -60.06 65.81
C29 6AK LA . -22.76 -60.19 67.03
C30 6AK LA . -28.32 -48.82 59.51
C31 6AK LA . -27.46 -48.95 60.62
C32 6AK LA . -27.63 -48.05 61.79
O03 6AK LA . -28.64 -47.44 62.09
O04 6AK LA . -26.49 -47.99 62.51
C33 6AK LA . -26.47 -49.90 60.63
C34 6AK LA . -26.28 -50.80 59.53
C35 6AK LA . -27.13 -50.66 58.39
C36 6AK LA . -28.13 -49.68 58.42
N05 6AK LA . -28.82 -49.77 57.22
C37 6AK LA . -29.94 -48.92 56.88
C38 6AK LA . -28.32 -50.75 56.42
C39 6AK LA . -27.27 -51.32 57.12
C14 6AK MA . -16.86 -60.40 56.26
C11 6AK MA . -16.98 -59.17 58.39
C10 6AK MA . -16.96 -55.77 60.62
C12 6AK MA . -15.53 -59.17 58.43
C13 6AK MA . -15.65 -58.36 56.03
C01 6AK MA . -18.86 -60.22 57.75
C02 6AK MA . -19.84 -61.09 57.15
C03 6AK MA . -21.00 -61.31 57.91
CL 6AK MA . -22.21 -62.34 57.27
C04 6AK MA . -21.23 -60.73 59.16
C05 6AK MA . -20.27 -59.88 59.71
C06 6AK MA . -19.07 -59.62 59.00
C07 6AK MA . -17.94 -58.82 59.32
C08 6AK MA . -17.73 -58.20 60.68
C09 6AK MA . -18.14 -56.73 60.77
O01 6AK MA . -17.17 -55.13 59.38
O02 6AK MA . -14.89 -59.53 59.42
N01 6AK MA . -14.91 -58.77 57.22
N02 6AK MA . -17.62 -59.77 57.33
C15 6AK MA . -16.25 -59.49 55.23
N03 6AK MA . -19.60 -61.87 53.67
C16 6AK MA . -19.56 -61.54 52.26
C17 6AK MA . -19.74 -60.99 54.70
C18 6AK MA . -19.87 -59.53 54.44
C19 6AK MA . -19.72 -61.75 55.86
C20 6AK MA . -19.56 -63.09 55.43
C21 6AK MA . -19.48 -64.33 56.23
N04 6AK MA . -19.49 -63.15 54.09
C22 6AK MA . -14.30 -52.94 57.29
CL2 6AK MA . -13.13 -52.02 56.42
C23 6AK MA . -13.93 -53.53 58.51
C24 6AK MA . -12.53 -53.39 59.06
C25 6AK MA . -14.90 -54.27 59.21
C26 6AK MA . -16.20 -54.42 58.73
C27 6AK MA . -16.55 -53.82 57.52
C28 6AK MA . -15.61 -53.07 56.78
C29 6AK MA . -15.99 -52.41 55.48
C30 6AK MA . -10.71 -59.19 56.67
C31 6AK MA . -11.58 -60.27 56.86
C32 6AK MA . -11.06 -61.65 56.87
O03 6AK MA . -11.55 -62.61 56.29
O04 6AK MA . -9.96 -61.76 57.62
C33 6AK MA . -12.92 -60.05 57.03
C34 6AK MA . -13.49 -58.75 57.04
C35 6AK MA . -12.63 -57.62 56.85
C36 6AK MA . -11.26 -57.88 56.67
N05 6AK MA . -10.63 -56.66 56.51
C37 6AK MA . -9.21 -56.54 56.30
C38 6AK MA . -11.52 -55.63 56.58
C39 6AK MA . -12.77 -56.20 56.78
C14 6AK NA . -24.63 -53.24 50.62
C11 6AK NA . -22.70 -54.81 50.67
C10 6AK NA . -18.88 -56.96 51.37
C12 6AK NA . -22.32 -54.46 49.31
C13 6AK NA . -22.68 -52.03 49.95
C01 6AK NA . -23.87 -54.58 52.61
C02 6AK NA . -24.69 -54.16 53.68
C03 6AK NA . -24.61 -54.92 54.87
CL 6AK NA . -25.58 -54.47 56.20
C04 6AK NA . -23.79 -56.04 55.01
C05 6AK NA . -22.98 -56.43 53.93
C06 6AK NA . -23.01 -55.70 52.72
C07 6AK NA . -22.32 -55.87 51.50
C08 6AK NA . -21.43 -57.05 51.19
C09 6AK NA . -20.11 -56.68 50.51
O01 6AK NA . -18.57 -55.73 51.99
O02 6AK NA . -22.02 -55.31 48.45
N01 6AK NA . -22.34 -53.08 48.99
N02 6AK NA . -23.67 -54.10 51.33
C15 6AK NA . -24.15 -51.86 50.25
N03 6AK NA . -26.14 -50.89 53.79
C16 6AK NA . -26.09 -49.46 53.97
C17 6AK NA . -25.08 -51.73 53.90
C18 6AK NA . -23.73 -51.22 54.24
C19 6AK NA . -25.59 -53.02 53.65
C20 6AK NA . -26.96 -52.82 53.38
C21 6AK NA . -28.00 -53.83 53.04
N04 6AK NA . -27.29 -51.52 53.47
C22 6AK NA . -15.12 -53.55 51.13
CL2 6AK NA . -13.69 -52.65 50.79
C23 6AK NA . -16.19 -53.52 50.21
C24 6AK NA . -16.13 -52.70 48.96
C25 6AK NA . -17.35 -54.24 50.51
C26 6AK NA . -17.46 -55.00 51.68
C27 6AK NA . -16.38 -55.03 52.59
C28 6AK NA . -15.20 -54.31 52.31
C29 6AK NA . -14.03 -54.33 53.26
C30 6AK NA . -21.62 -51.77 45.01
C31 6AK NA . -22.83 -52.34 45.41
C32 6AK NA . -23.92 -52.50 44.42
O03 6AK NA . -24.73 -53.41 44.37
O04 6AK NA . -23.93 -51.48 43.55
C33 6AK NA . -23.01 -52.75 46.71
C34 6AK NA . -21.99 -52.61 47.70
C35 6AK NA . -20.74 -52.04 47.32
C36 6AK NA . -20.60 -51.63 45.99
N05 6AK NA . -19.32 -51.11 45.86
C37 6AK NA . -18.79 -50.59 44.62
C38 6AK NA . -18.64 -51.16 47.04
C39 6AK NA . -19.50 -51.73 47.96
#